data_7VY3
#
_entry.id   7VY3
#
_cell.length_a   1.00
_cell.length_b   1.00
_cell.length_c   1.00
_cell.angle_alpha   90.00
_cell.angle_beta   90.00
_cell.angle_gamma   90.00
#
_symmetry.space_group_name_H-M   'P 1'
#
loop_
_entity.id
_entity.type
_entity.pdbx_description
1 polymer 'Photosynthetic reaction center L subunit'
2 polymer 'Reaction center protein M chain'
3 polymer 'Photosynthetic reaction center subunit H'
4 polymer 'Antenna pigment protein alpha chain'
5 polymer 'Antenna pigment protein beta chain'
6 polymer PufX
7 non-polymer 'BACTERIOCHLOROPHYLL A'
8 non-polymer 'BACTERIOPHEOPHYTIN A'
9 non-polymer UBIQUINONE-10
10 non-polymer '(1R)-2-{[{[(2S)-2,3-DIHYDROXYPROPYL]OXY}(HYDROXY)PHOSPHORYL]OXY}-1-[(PALMITOYLOXY)METHYL]ETHYL (11E)-OCTADEC-11-ENOATE'
11 non-polymer 'LAURYL DIMETHYLAMINE-N-OXIDE'
12 non-polymer DODECYL-BETA-D-MALTOSIDE
13 non-polymer 'FE (III) ION'
14 non-polymer SPHEROIDENE
15 non-polymer CARDIOLIPIN
16 non-polymer PHOSPHATIDYLETHANOLAMINE
#
loop_
_entity_poly.entity_id
_entity_poly.type
_entity_poly.pdbx_seq_one_letter_code
_entity_poly.pdbx_strand_id
1 'polypeptide(L)'
;ALLSFERKYRVPGGTLVGGNLFDFWVGPFYVGFFGVATFFFAALGIILIAWSAVLQGTWNPQLISVYPPALEYGLGGAPL
AKGGLWQIITICATGAFVSWALREVEICRKLGIGYHIPFAFAFAILAYLTLVLFRPVMMGAWGYAFPYGIWTHLDWVSNT
GYTYGNFHYNPAHMIAITFFFTNALALALHGALVLSAANPEKGKEMRTPDHEDTFFRDLVGYSIGTLGIHRLGLLLSLSA
VFFSALCMIITGTIWFDQWVDWWQWWVKLPWWANIPGGING
;
L
2 'polypeptide(L)'
;AEYQNIFTQVQVRGPADLGMTEDVNLANRSGVGPFSTLLGWFGNAQLGPIYLGSLGVLSLFSGLMWFFTIGIWFWYQAGW
NPAVFLRDLFFFSLEPPAPEYGLSFAAPLKEGGLWLIASFFMFVAVWSWWGRTYLRAQALGMGKHTAWAFLSAIWLWMVL
GFIRPILMGSWSEAVPYGIFSHLDWTNNFSLVHGNLFYNPFHGLSIAFLYGSALLFAMHGATILAVSRFGGERELEQIAD
RGTAAERAALFWRWTMGFNATMEGIHRWAIWMAVLVTLTGGIGILLSGTVVDNWYVWGQNHGMAPLN
;
M
3 'polypeptide(L)'
;MVGVTAFGNFDLASLAIYSFWIFLAGLIYYLQTENMREGYPLENEDGTPAANQGPFPLPKPKTFILPHGRGTLTVPGPES
EDRPIALARTAVSEGFPHAPTGDPMKDGVGPASWVARRDLPELDGHGHNKIKPMKAAAGFYVSAGKNPIGLPVRGCDLEI
AGKVVDIWVDIPEQMARFLEVELKDGSTRLLPMQMVKVQSNRVHVNALSSDLFAGIPTIKSPTEVTLLEEDKICGYVAGG
LMYAAPKRKSVVAAMLAEYA
;
H
4 'polypeptide(L)' (FME)SKFYKIWMIFDPRRVFVAQGVFLFLLAVMIHLILLSTPSYNWLEISAAKYNRV A,D,F,I,K,O,Q,S,V,Y,1
5 'polypeptide(L)' ADKSDLGYTGLTDEQAQELHSVYMSGLWLFSAVAIVAHLAVYIWRPWF B,E,G,J,N,P,R,T,W,Z
6 'polypeptide(L)'
;ADKTIFNDHLNTNPKTNLRLWVAFQMMKGAGWAGGVFFGTLLLIGFFRVVGRMLPIDENPAPAPNITGALETGIELIKHL
V
;
X
#
loop_
_chem_comp.id
_chem_comp.type
_chem_comp.name
_chem_comp.formula
BCL non-polymer 'BACTERIOCHLOROPHYLL A' 'C55 H74 Mg N4 O6'
BPH non-polymer 'BACTERIOPHEOPHYTIN A' 'C55 H76 N4 O6'
CDL non-polymer CARDIOLIPIN 'C81 H156 O17 P2 -2'
FE non-polymer 'FE (III) ION' 'Fe 3'
LDA non-polymer 'LAURYL DIMETHYLAMINE-N-OXIDE' 'C14 H31 N O'
LMT D-saccharide DODECYL-BETA-D-MALTOSIDE 'C24 H46 O11'
PGV non-polymer '(1R)-2-{[{[(2S)-2,3-DIHYDROXYPROPYL]OXY}(HYDROXY)PHOSPHORYL]OXY}-1-[(PALMITOYLOXY)METHYL]ETHYL (11E)-OCTADEC-11-ENOATE' 'C40 H77 O10 P'
PTY non-polymer PHOSPHATIDYLETHANOLAMINE 'C40 H80 N O8 P'
SPO non-polymer SPHEROIDENE 'C41 H60 O'
U10 non-polymer UBIQUINONE-10 'C59 H90 O4'
#
# COMPACT_ATOMS: atom_id res chain seq x y z
N ALA A 1 -16.70 9.18 -22.07
CA ALA A 1 -16.35 10.04 -20.96
C ALA A 1 -14.85 10.23 -20.88
N LEU A 2 -14.35 11.21 -21.61
CA LEU A 2 -12.92 11.49 -21.68
C LEU A 2 -12.50 12.44 -20.56
N LEU A 3 -11.21 12.43 -20.26
CA LEU A 3 -10.65 13.46 -19.42
C LEU A 3 -10.69 14.80 -20.15
N SER A 4 -10.53 15.89 -19.40
CA SER A 4 -10.62 17.22 -20.00
C SER A 4 -9.55 17.43 -21.07
N PHE A 5 -8.37 16.84 -20.89
CA PHE A 5 -7.26 17.00 -21.81
C PHE A 5 -7.05 15.81 -22.73
N GLU A 6 -7.91 14.80 -22.67
CA GLU A 6 -7.64 13.53 -23.32
C GLU A 6 -7.85 13.57 -24.83
N ARG A 7 -8.76 14.42 -25.31
CA ARG A 7 -9.25 14.29 -26.69
C ARG A 7 -8.13 14.42 -27.72
N LYS A 8 -7.20 15.35 -27.50
CA LYS A 8 -6.16 15.59 -28.50
C LYS A 8 -5.19 14.42 -28.65
N TYR A 9 -5.20 13.46 -27.73
CA TYR A 9 -4.32 12.30 -27.82
C TYR A 9 -4.97 11.09 -28.49
N ARG A 10 -6.29 11.12 -28.71
CA ARG A 10 -6.99 9.97 -29.30
C ARG A 10 -6.90 10.03 -30.82
N VAL A 11 -5.72 9.69 -31.31
CA VAL A 11 -5.44 9.72 -32.75
C VAL A 11 -5.20 8.29 -33.23
N PRO A 12 -5.40 8.00 -34.52
CA PRO A 12 -5.13 6.64 -35.01
C PRO A 12 -3.64 6.37 -35.10
N GLY A 13 -3.32 5.09 -35.21
CA GLY A 13 -1.94 4.65 -35.39
C GLY A 13 -1.31 4.18 -34.10
N GLY A 14 -0.09 3.67 -34.24
CA GLY A 14 0.66 3.14 -33.12
C GLY A 14 0.50 1.66 -32.90
N THR A 15 -0.43 1.00 -33.60
CA THR A 15 -0.69 -0.41 -33.41
C THR A 15 0.39 -1.27 -34.08
N LEU A 16 0.51 -2.49 -33.58
CA LEU A 16 1.44 -3.47 -34.15
C LEU A 16 0.76 -4.45 -35.09
N VAL A 17 -0.50 -4.79 -34.84
CA VAL A 17 -1.26 -5.72 -35.67
C VAL A 17 -2.59 -5.06 -36.01
N GLY A 18 -2.99 -5.16 -37.29
CA GLY A 18 -4.18 -4.49 -37.76
C GLY A 18 -3.91 -3.04 -38.11
N GLY A 19 -4.51 -2.12 -37.36
CA GLY A 19 -4.27 -0.71 -37.54
C GLY A 19 -5.51 0.14 -37.46
N ASN A 20 -6.63 -0.40 -37.93
CA ASN A 20 -7.94 0.21 -37.68
C ASN A 20 -9.01 -0.82 -37.37
N LEU A 21 -8.74 -2.11 -37.53
CA LEU A 21 -9.74 -3.13 -37.27
C LEU A 21 -10.15 -3.13 -35.80
N PHE A 22 -9.20 -2.99 -34.90
CA PHE A 22 -9.47 -2.94 -33.46
C PHE A 22 -9.00 -1.64 -32.82
N ASP A 23 -8.63 -0.63 -33.61
CA ASP A 23 -8.06 0.60 -33.08
C ASP A 23 -9.17 1.54 -32.62
N PHE A 24 -9.76 1.17 -31.48
CA PHE A 24 -10.80 1.98 -30.87
C PHE A 24 -10.78 1.78 -29.36
N TRP A 25 -11.65 2.50 -28.66
CA TRP A 25 -11.75 2.44 -27.21
C TRP A 25 -13.12 1.91 -26.80
N VAL A 26 -13.15 1.20 -25.68
CA VAL A 26 -14.38 0.85 -24.99
C VAL A 26 -14.33 1.56 -23.65
N GLY A 27 -15.04 2.67 -23.54
CA GLY A 27 -14.92 3.54 -22.39
C GLY A 27 -13.52 4.09 -22.26
N PRO A 28 -12.92 3.93 -21.08
CA PRO A 28 -11.53 4.37 -20.90
C PRO A 28 -10.53 3.43 -21.54
N PHE A 29 -10.83 2.14 -21.54
CA PHE A 29 -9.86 1.14 -21.98
C PHE A 29 -9.59 1.26 -23.47
N TYR A 30 -8.32 1.30 -23.85
CA TYR A 30 -7.97 1.16 -25.25
C TYR A 30 -8.08 -0.30 -25.65
N VAL A 31 -8.74 -0.54 -26.78
CA VAL A 31 -8.82 -1.87 -27.37
C VAL A 31 -7.88 -1.90 -28.57
N GLY A 32 -7.12 -2.98 -28.68
CA GLY A 32 -6.31 -3.20 -29.86
C GLY A 32 -6.48 -4.63 -30.31
N PHE A 33 -5.56 -5.12 -31.15
CA PHE A 33 -5.56 -6.54 -31.46
C PHE A 33 -5.31 -7.37 -30.21
N PHE A 34 -4.38 -6.92 -29.37
CA PHE A 34 -4.09 -7.62 -28.13
C PHE A 34 -5.07 -7.28 -27.03
N GLY A 35 -5.84 -6.20 -27.16
CA GLY A 35 -6.94 -5.97 -26.25
C GLY A 35 -8.04 -6.99 -26.42
N VAL A 36 -8.32 -7.38 -27.67
CA VAL A 36 -9.25 -8.47 -27.93
C VAL A 36 -8.70 -9.77 -27.36
N ALA A 37 -7.41 -10.04 -27.57
CA ALA A 37 -6.81 -11.27 -27.08
C ALA A 37 -6.75 -11.29 -25.56
N THR A 38 -6.38 -10.17 -24.93
CA THR A 38 -6.29 -10.14 -23.49
C THR A 38 -7.64 -10.43 -22.85
N PHE A 39 -8.70 -9.84 -23.38
CA PHE A 39 -10.03 -10.07 -22.82
C PHE A 39 -10.44 -11.53 -22.95
N PHE A 40 -10.16 -12.16 -24.10
CA PHE A 40 -10.56 -13.54 -24.30
C PHE A 40 -9.82 -14.46 -23.33
N PHE A 41 -8.50 -14.30 -23.23
CA PHE A 41 -7.73 -15.16 -22.32
C PHE A 41 -8.13 -14.92 -20.86
N ALA A 42 -8.32 -13.65 -20.49
CA ALA A 42 -8.71 -13.35 -19.12
C ALA A 42 -10.10 -13.90 -18.82
N ALA A 43 -11.09 -13.62 -19.69
CA ALA A 43 -12.44 -14.10 -19.45
C ALA A 43 -12.49 -15.62 -19.41
N LEU A 44 -11.79 -16.29 -20.33
CA LEU A 44 -11.75 -17.74 -20.32
C LEU A 44 -11.07 -18.26 -19.04
N GLY A 45 -9.99 -17.60 -18.61
CA GLY A 45 -9.30 -18.04 -17.42
C GLY A 45 -10.15 -17.95 -16.17
N ILE A 46 -10.93 -16.87 -16.04
CA ILE A 46 -11.78 -16.71 -14.87
C ILE A 46 -12.84 -17.80 -14.85
N ILE A 47 -13.49 -18.03 -15.99
CA ILE A 47 -14.59 -18.98 -16.04
C ILE A 47 -14.09 -20.41 -15.87
N LEU A 48 -12.87 -20.71 -16.30
CA LEU A 48 -12.31 -22.03 -16.06
C LEU A 48 -11.93 -22.22 -14.59
N ILE A 49 -11.53 -21.15 -13.91
CA ILE A 49 -11.35 -21.22 -12.46
C ILE A 49 -12.71 -21.43 -11.79
N ALA A 50 -13.73 -20.72 -12.25
CA ALA A 50 -15.08 -20.92 -11.71
C ALA A 50 -15.58 -22.33 -12.00
N TRP A 51 -15.31 -22.84 -13.19
CA TRP A 51 -15.69 -24.22 -13.50
C TRP A 51 -14.88 -25.22 -12.69
N SER A 52 -13.60 -24.92 -12.45
CA SER A 52 -12.80 -25.80 -11.61
C SER A 52 -13.30 -25.83 -10.17
N ALA A 53 -13.96 -24.75 -9.73
CA ALA A 53 -14.53 -24.75 -8.39
C ALA A 53 -15.69 -25.74 -8.26
N VAL A 54 -16.56 -25.81 -9.27
CA VAL A 54 -17.69 -26.74 -9.19
C VAL A 54 -17.19 -28.17 -9.24
N LEU A 55 -16.09 -28.43 -9.96
CA LEU A 55 -15.50 -29.77 -9.94
C LEU A 55 -14.83 -30.06 -8.61
N GLN A 56 -14.21 -29.04 -8.00
CA GLN A 56 -13.64 -29.21 -6.67
C GLN A 56 -14.72 -29.43 -5.62
N GLY A 57 -15.87 -28.79 -5.78
CA GLY A 57 -16.96 -28.92 -4.82
C GLY A 57 -17.01 -27.84 -3.77
N THR A 58 -16.54 -26.63 -4.10
CA THR A 58 -16.53 -25.54 -3.14
C THR A 58 -16.92 -24.25 -3.86
N TRP A 59 -17.39 -23.28 -3.07
CA TRP A 59 -17.66 -21.95 -3.57
C TRP A 59 -17.01 -20.87 -2.72
N ASN A 60 -16.32 -21.24 -1.65
CA ASN A 60 -15.54 -20.27 -0.90
C ASN A 60 -14.35 -19.85 -1.76
N PRO A 61 -14.20 -18.56 -2.07
CA PRO A 61 -13.08 -18.15 -2.93
C PRO A 61 -11.72 -18.45 -2.33
N GLN A 62 -11.63 -18.54 -1.01
CA GLN A 62 -10.37 -18.84 -0.34
C GLN A 62 -10.05 -20.33 -0.33
N LEU A 63 -11.00 -21.19 -0.68
CA LEU A 63 -10.75 -22.62 -0.77
C LEU A 63 -10.61 -23.12 -2.20
N ILE A 64 -11.03 -22.32 -3.19
CA ILE A 64 -10.89 -22.73 -4.58
C ILE A 64 -9.42 -22.88 -4.92
N SER A 65 -9.05 -24.04 -5.46
CA SER A 65 -7.67 -24.31 -5.81
C SER A 65 -7.63 -25.19 -7.05
N VAL A 66 -6.89 -24.75 -8.06
CA VAL A 66 -6.68 -25.51 -9.29
C VAL A 66 -5.29 -26.13 -9.19
N TYR A 67 -5.24 -27.45 -9.08
CA TYR A 67 -3.92 -28.03 -8.91
C TYR A 67 -3.31 -28.46 -10.24
N PRO A 68 -1.99 -28.36 -10.36
CA PRO A 68 -1.32 -28.88 -11.55
C PRO A 68 -1.37 -30.40 -11.57
N PRO A 69 -1.16 -31.02 -12.73
CA PRO A 69 -1.18 -32.49 -12.78
C PRO A 69 -0.13 -33.10 -11.87
N ALA A 70 -0.47 -34.27 -11.33
CA ALA A 70 0.44 -34.98 -10.44
C ALA A 70 1.75 -35.31 -11.16
N LEU A 71 2.77 -35.61 -10.37
CA LEU A 71 4.09 -35.92 -10.90
C LEU A 71 4.08 -37.14 -11.82
N GLU A 72 3.09 -38.02 -11.69
CA GLU A 72 3.03 -39.20 -12.55
C GLU A 72 2.85 -38.84 -14.02
N TYR A 73 2.25 -37.69 -14.31
CA TYR A 73 1.99 -37.29 -15.68
C TYR A 73 3.20 -36.66 -16.36
N GLY A 74 4.23 -36.29 -15.60
CA GLY A 74 5.41 -35.69 -16.19
C GLY A 74 5.07 -34.38 -16.87
N LEU A 75 5.60 -34.21 -18.08
CA LEU A 75 5.37 -33.00 -18.87
C LEU A 75 4.25 -33.17 -19.88
N GLY A 76 3.50 -34.26 -19.82
CA GLY A 76 2.40 -34.50 -20.73
C GLY A 76 1.08 -33.92 -20.22
N GLY A 77 0.05 -34.09 -21.04
CA GLY A 77 -1.27 -33.62 -20.65
C GLY A 77 -1.89 -34.47 -19.57
N ALA A 78 -2.90 -33.91 -18.93
CA ALA A 78 -3.64 -34.55 -17.85
C ALA A 78 -5.12 -34.34 -18.04
N PRO A 79 -5.96 -35.21 -17.45
CA PRO A 79 -7.41 -35.00 -17.53
C PRO A 79 -7.79 -33.65 -16.94
N LEU A 80 -8.85 -33.07 -17.49
CA LEU A 80 -9.25 -31.70 -17.13
C LEU A 80 -9.50 -31.58 -15.63
N ALA A 81 -10.25 -32.52 -15.05
CA ALA A 81 -10.55 -32.46 -13.63
C ALA A 81 -9.34 -32.81 -12.77
N LYS A 82 -8.41 -33.58 -13.32
CA LYS A 82 -7.23 -33.98 -12.55
C LYS A 82 -6.18 -32.87 -12.55
N GLY A 83 -5.58 -32.60 -13.70
CA GLY A 83 -4.64 -31.50 -13.81
C GLY A 83 -4.72 -30.74 -15.12
N GLY A 84 -5.65 -31.14 -15.99
CA GLY A 84 -5.73 -30.52 -17.29
C GLY A 84 -6.19 -29.08 -17.25
N LEU A 85 -7.15 -28.77 -16.37
CA LEU A 85 -7.65 -27.39 -16.28
C LEU A 85 -6.55 -26.44 -15.84
N TRP A 86 -5.62 -26.89 -15.00
CA TRP A 86 -4.49 -26.05 -14.62
C TRP A 86 -3.65 -25.69 -15.84
N GLN A 87 -3.42 -26.66 -16.73
CA GLN A 87 -2.61 -26.40 -17.91
C GLN A 87 -3.25 -25.37 -18.82
N ILE A 88 -4.57 -25.48 -19.04
CA ILE A 88 -5.26 -24.55 -19.92
C ILE A 88 -5.31 -23.16 -19.31
N ILE A 89 -5.53 -23.07 -17.99
CA ILE A 89 -5.52 -21.77 -17.33
C ILE A 89 -4.13 -21.15 -17.38
N THR A 90 -3.10 -21.97 -17.24
CA THR A 90 -1.73 -21.47 -17.38
C THR A 90 -1.47 -20.93 -18.78
N ILE A 91 -1.94 -21.64 -19.80
CA ILE A 91 -1.85 -21.13 -21.17
C ILE A 91 -2.68 -19.88 -21.33
N CYS A 92 -3.88 -19.86 -20.77
CA CYS A 92 -4.70 -18.65 -20.80
C CYS A 92 -4.02 -17.51 -20.03
N ALA A 93 -3.44 -17.80 -18.87
CA ALA A 93 -2.74 -16.77 -18.11
C ALA A 93 -1.53 -16.26 -18.88
N THR A 94 -0.76 -17.16 -19.50
CA THR A 94 0.40 -16.75 -20.26
C THR A 94 0.00 -15.87 -21.45
N GLY A 95 -1.04 -16.28 -22.17
CA GLY A 95 -1.53 -15.46 -23.26
C GLY A 95 -2.07 -14.13 -22.79
N ALA A 96 -2.79 -14.13 -21.66
CA ALA A 96 -3.34 -12.88 -21.13
C ALA A 96 -2.24 -11.92 -20.70
N PHE A 97 -1.20 -12.42 -20.03
CA PHE A 97 -0.13 -11.54 -19.59
C PHE A 97 0.65 -10.98 -20.77
N VAL A 98 0.99 -11.83 -21.73
CA VAL A 98 1.77 -11.39 -22.88
C VAL A 98 0.96 -10.44 -23.74
N SER A 99 -0.34 -10.70 -23.91
CA SER A 99 -1.19 -9.78 -24.67
C SER A 99 -1.35 -8.45 -23.93
N TRP A 100 -1.39 -8.49 -22.60
CA TRP A 100 -1.46 -7.26 -21.83
C TRP A 100 -0.21 -6.41 -22.00
N ALA A 101 0.96 -7.06 -22.05
CA ALA A 101 2.21 -6.32 -22.27
C ALA A 101 2.26 -5.75 -23.68
N LEU A 102 1.82 -6.52 -24.68
CA LEU A 102 1.82 -6.02 -26.05
C LEU A 102 0.79 -4.90 -26.22
N ARG A 103 -0.33 -4.99 -25.52
CA ARG A 103 -1.33 -3.92 -25.56
C ARG A 103 -0.76 -2.62 -25.02
N GLU A 104 0.06 -2.71 -23.97
CA GLU A 104 0.75 -1.52 -23.46
C GLU A 104 1.73 -0.96 -24.48
N VAL A 105 2.36 -1.83 -25.28
CA VAL A 105 3.29 -1.37 -26.30
C VAL A 105 2.57 -0.47 -27.31
N GLU A 106 1.40 -0.90 -27.77
CA GLU A 106 0.63 -0.09 -28.70
C GLU A 106 0.21 1.23 -28.07
N ILE A 107 -0.20 1.19 -26.80
CA ILE A 107 -0.55 2.42 -26.09
C ILE A 107 0.67 3.32 -25.94
N CYS A 108 1.84 2.71 -25.70
CA CYS A 108 3.08 3.50 -25.64
C CYS A 108 3.35 4.20 -26.96
N ARG A 109 3.19 3.48 -28.07
CA ARG A 109 3.48 4.07 -29.38
C ARG A 109 2.49 5.16 -29.74
N LYS A 110 1.23 5.00 -29.33
CA LYS A 110 0.21 6.00 -29.66
C LYS A 110 0.45 7.30 -28.91
N LEU A 111 0.93 7.22 -27.67
CA LEU A 111 1.21 8.40 -26.87
C LEU A 111 2.63 8.91 -27.04
N GLY A 112 3.47 8.20 -27.79
CA GLY A 112 4.83 8.66 -28.04
C GLY A 112 5.73 8.69 -26.83
N ILE A 113 5.56 7.74 -25.91
CA ILE A 113 6.40 7.64 -24.73
C ILE A 113 7.33 6.43 -24.89
N GLY A 114 8.28 6.31 -23.97
CA GLY A 114 9.18 5.19 -24.00
C GLY A 114 8.49 3.89 -23.62
N TYR A 115 9.15 2.77 -23.95
CA TYR A 115 8.61 1.44 -23.72
C TYR A 115 9.06 0.86 -22.38
N HIS A 116 9.32 1.70 -21.38
CA HIS A 116 9.79 1.19 -20.10
C HIS A 116 8.74 0.33 -19.41
N ILE A 117 7.48 0.75 -19.45
CA ILE A 117 6.43 0.05 -18.70
C ILE A 117 6.21 -1.38 -19.20
N PRO A 118 6.01 -1.63 -20.50
CA PRO A 118 5.90 -3.03 -20.94
C PRO A 118 7.15 -3.84 -20.67
N PHE A 119 8.32 -3.21 -20.75
CA PHE A 119 9.57 -3.90 -20.45
C PHE A 119 9.63 -4.31 -18.98
N ALA A 120 9.21 -3.42 -18.08
CA ALA A 120 9.21 -3.76 -16.66
C ALA A 120 8.17 -4.83 -16.35
N PHE A 121 7.03 -4.80 -17.04
CA PHE A 121 6.03 -5.85 -16.86
C PHE A 121 6.54 -7.19 -17.35
N ALA A 122 7.40 -7.19 -18.36
CA ALA A 122 7.96 -8.44 -18.86
C ALA A 122 8.78 -9.16 -17.79
N PHE A 123 9.39 -8.41 -16.87
CA PHE A 123 10.11 -9.03 -15.77
C PHE A 123 9.18 -9.82 -14.86
N ALA A 124 8.00 -9.28 -14.58
CA ALA A 124 7.01 -10.02 -13.81
C ALA A 124 6.53 -11.26 -14.55
N ILE A 125 6.37 -11.15 -15.87
CA ILE A 125 5.92 -12.28 -16.67
C ILE A 125 6.96 -13.40 -16.65
N LEU A 126 8.24 -13.04 -16.74
CA LEU A 126 9.28 -14.07 -16.73
C LEU A 126 9.45 -14.71 -15.37
N ALA A 127 9.18 -13.96 -14.29
CA ALA A 127 9.14 -14.57 -12.96
C ALA A 127 7.99 -15.56 -12.86
N TYR A 128 6.82 -15.20 -13.39
CA TYR A 128 5.70 -16.14 -13.42
C TYR A 128 6.02 -17.36 -14.27
N LEU A 129 6.62 -17.14 -15.45
CA LEU A 129 6.95 -18.25 -16.33
C LEU A 129 8.05 -19.13 -15.74
N THR A 130 8.91 -18.56 -14.90
CA THR A 130 9.92 -19.37 -14.24
C THR A 130 9.30 -20.42 -13.34
N LEU A 131 8.22 -20.07 -12.64
CA LEU A 131 7.63 -20.97 -11.66
C LEU A 131 6.67 -21.97 -12.29
N VAL A 132 6.02 -21.62 -13.39
CA VAL A 132 5.01 -22.51 -13.97
C VAL A 132 5.53 -23.23 -15.20
N LEU A 133 6.50 -22.64 -15.91
CA LEU A 133 6.96 -23.20 -17.17
C LEU A 133 8.42 -23.62 -17.12
N PHE A 134 9.34 -22.72 -16.77
CA PHE A 134 10.76 -23.02 -16.92
C PHE A 134 11.22 -24.05 -15.89
N ARG A 135 11.02 -23.75 -14.61
CA ARG A 135 11.42 -24.70 -13.57
C ARG A 135 10.70 -26.04 -13.67
N PRO A 136 9.37 -26.10 -13.87
CA PRO A 136 8.74 -27.42 -14.03
C PRO A 136 9.25 -28.22 -15.22
N VAL A 137 9.54 -27.57 -16.34
CA VAL A 137 10.07 -28.29 -17.49
C VAL A 137 11.49 -28.79 -17.21
N MET A 138 12.29 -27.97 -16.53
CA MET A 138 13.64 -28.41 -16.17
C MET A 138 13.58 -29.60 -15.21
N MET A 139 12.67 -29.57 -14.25
CA MET A 139 12.50 -30.68 -13.32
C MET A 139 11.71 -31.84 -13.92
N GLY A 140 11.06 -31.64 -15.06
CA GLY A 140 10.45 -32.72 -15.79
C GLY A 140 9.03 -33.09 -15.41
N ALA A 141 8.29 -32.20 -14.72
CA ALA A 141 6.90 -32.48 -14.40
C ALA A 141 6.18 -31.16 -14.16
N TRP A 142 4.94 -31.07 -14.65
CA TRP A 142 4.11 -29.90 -14.38
C TRP A 142 3.73 -29.79 -12.91
N GLY A 143 3.84 -30.87 -12.15
CA GLY A 143 3.44 -30.87 -10.75
C GLY A 143 4.36 -30.13 -9.82
N TYR A 144 5.47 -29.58 -10.31
CA TYR A 144 6.34 -28.74 -9.50
C TYR A 144 5.96 -27.27 -9.57
N ALA A 145 4.94 -26.93 -10.33
CA ALA A 145 4.42 -25.57 -10.37
C ALA A 145 3.37 -25.36 -9.29
N PHE A 146 3.12 -24.11 -8.96
CA PHE A 146 2.21 -23.82 -7.87
C PHE A 146 0.75 -23.91 -8.32
N PRO A 147 -0.15 -24.28 -7.43
CA PRO A 147 -1.57 -24.33 -7.78
C PRO A 147 -2.20 -22.94 -7.78
N TYR A 148 -3.37 -22.86 -8.42
CA TYR A 148 -4.08 -21.58 -8.55
C TYR A 148 -5.14 -21.53 -7.45
N GLY A 149 -4.68 -21.20 -6.25
CA GLY A 149 -5.57 -21.03 -5.12
C GLY A 149 -4.99 -19.99 -4.18
N ILE A 150 -5.86 -19.26 -3.50
CA ILE A 150 -5.42 -18.10 -2.72
C ILE A 150 -4.51 -18.54 -1.59
N TRP A 151 -4.88 -19.61 -0.88
CA TRP A 151 -4.08 -20.08 0.24
C TRP A 151 -3.35 -21.39 -0.04
N THR A 152 -3.74 -22.12 -1.09
CA THR A 152 -3.03 -23.35 -1.44
C THR A 152 -1.72 -23.05 -2.15
N HIS A 153 -1.63 -21.92 -2.85
CA HIS A 153 -0.36 -21.57 -3.49
C HIS A 153 0.66 -21.07 -2.49
N LEU A 154 0.22 -20.68 -1.29
CA LEU A 154 1.16 -20.47 -0.19
C LEU A 154 1.66 -21.78 0.39
N ASP A 155 0.82 -22.82 0.39
CA ASP A 155 1.28 -24.14 0.78
C ASP A 155 2.36 -24.64 -0.15
N TRP A 156 2.25 -24.33 -1.44
CA TRP A 156 3.33 -24.65 -2.37
C TRP A 156 4.60 -23.91 -2.01
N VAL A 157 4.49 -22.64 -1.63
CA VAL A 157 5.68 -21.87 -1.25
C VAL A 157 6.34 -22.49 -0.03
N SER A 158 5.54 -22.85 0.97
CA SER A 158 6.07 -23.46 2.19
C SER A 158 6.70 -24.82 1.90
N ASN A 159 5.98 -25.68 1.17
CA ASN A 159 6.48 -27.02 0.89
C ASN A 159 7.75 -26.97 0.04
N THR A 160 7.76 -26.11 -0.98
CA THR A 160 8.96 -25.97 -1.80
C THR A 160 10.12 -25.40 -0.99
N GLY A 161 9.85 -24.40 -0.15
CA GLY A 161 10.91 -23.79 0.63
C GLY A 161 11.52 -24.75 1.63
N TYR A 162 10.69 -25.52 2.33
CA TYR A 162 11.19 -26.42 3.36
C TYR A 162 11.77 -27.72 2.81
N THR A 163 11.65 -27.97 1.51
CA THR A 163 12.36 -29.09 0.90
C THR A 163 13.86 -28.92 1.02
N TYR A 164 14.33 -27.67 1.09
CA TYR A 164 15.74 -27.33 1.15
C TYR A 164 16.11 -26.72 2.49
N GLY A 165 15.47 -27.17 3.57
CA GLY A 165 15.72 -26.60 4.88
C GLY A 165 15.08 -25.24 5.00
N ASN A 166 15.74 -24.36 5.74
CA ASN A 166 15.34 -22.96 5.81
C ASN A 166 15.77 -22.28 4.51
N PHE A 167 14.79 -21.85 3.71
CA PHE A 167 15.07 -21.25 2.41
C PHE A 167 15.73 -19.88 2.53
N HIS A 168 15.83 -19.33 3.74
CA HIS A 168 16.52 -18.06 3.93
C HIS A 168 17.97 -18.13 3.50
N TYR A 169 18.57 -19.32 3.52
CA TYR A 169 19.99 -19.47 3.24
C TYR A 169 20.31 -19.55 1.75
N ASN A 170 19.31 -19.53 0.90
CA ASN A 170 19.54 -19.39 -0.53
C ASN A 170 20.18 -18.03 -0.78
N PRO A 171 21.39 -17.96 -1.35
CA PRO A 171 22.07 -16.66 -1.47
C PRO A 171 21.40 -15.72 -2.46
N ALA A 172 20.85 -16.23 -3.56
CA ALA A 172 20.10 -15.37 -4.46
C ALA A 172 18.79 -14.91 -3.83
N HIS A 173 18.23 -15.73 -2.95
CA HIS A 173 17.04 -15.33 -2.18
C HIS A 173 17.36 -14.15 -1.26
N MET A 174 18.52 -14.19 -0.60
CA MET A 174 18.92 -13.09 0.26
C MET A 174 19.12 -11.80 -0.53
N ILE A 175 19.72 -11.89 -1.71
CA ILE A 175 19.91 -10.72 -2.55
C ILE A 175 18.57 -10.16 -2.99
N ALA A 176 17.65 -11.05 -3.42
CA ALA A 176 16.35 -10.59 -3.88
C ALA A 176 15.56 -9.93 -2.76
N ILE A 177 15.67 -10.45 -1.54
CA ILE A 177 14.96 -9.86 -0.41
C ILE A 177 15.50 -8.47 -0.10
N THR A 178 16.82 -8.30 -0.17
CA THR A 178 17.41 -6.99 0.08
C THR A 178 16.88 -5.94 -0.90
N PHE A 179 16.74 -6.32 -2.17
CA PHE A 179 16.15 -5.40 -3.14
C PHE A 179 14.67 -5.14 -2.83
N PHE A 180 13.94 -6.18 -2.42
CA PHE A 180 12.52 -6.00 -2.10
C PHE A 180 12.34 -5.07 -0.90
N PHE A 181 13.13 -5.26 0.15
CA PHE A 181 13.02 -4.41 1.32
C PHE A 181 13.50 -3.00 1.03
N THR A 182 14.57 -2.86 0.25
CA THR A 182 15.07 -1.54 -0.10
C THR A 182 14.10 -0.81 -1.03
N ASN A 183 13.44 -1.54 -1.93
CA ASN A 183 12.45 -0.91 -2.80
C ASN A 183 11.29 -0.34 -2.01
N ALA A 184 10.80 -1.08 -1.01
CA ALA A 184 9.73 -0.58 -0.17
C ALA A 184 10.18 0.59 0.68
N LEU A 185 11.45 0.58 1.12
CA LEU A 185 12.02 1.74 1.79
C LEU A 185 12.10 2.94 0.85
N ALA A 186 12.55 2.71 -0.39
CA ALA A 186 12.71 3.81 -1.33
C ALA A 186 11.36 4.38 -1.75
N LEU A 187 10.36 3.52 -1.91
CA LEU A 187 9.02 4.00 -2.27
C LEU A 187 8.44 4.86 -1.16
N ALA A 188 8.63 4.45 0.09
CA ALA A 188 8.15 5.26 1.21
C ALA A 188 8.86 6.60 1.27
N LEU A 189 10.18 6.59 1.06
CA LEU A 189 10.95 7.85 1.07
C LEU A 189 10.56 8.74 -0.10
N HIS A 190 10.35 8.15 -1.29
CA HIS A 190 10.04 8.96 -2.46
C HIS A 190 8.64 9.55 -2.37
N GLY A 191 7.66 8.73 -2.01
CA GLY A 191 6.32 9.26 -1.82
C GLY A 191 6.26 10.34 -0.77
N ALA A 192 6.96 10.14 0.34
CA ALA A 192 6.94 11.12 1.43
C ALA A 192 7.63 12.42 1.01
N LEU A 193 8.78 12.32 0.34
CA LEU A 193 9.54 13.52 0.00
C LEU A 193 8.78 14.41 -0.98
N VAL A 194 8.17 13.81 -2.00
CA VAL A 194 7.41 14.59 -2.97
C VAL A 194 6.20 15.24 -2.32
N LEU A 195 5.47 14.48 -1.49
CA LEU A 195 4.28 15.01 -0.85
C LEU A 195 4.63 16.12 0.14
N SER A 196 5.70 15.95 0.91
CA SER A 196 6.09 16.98 1.87
C SER A 196 6.53 18.26 1.18
N ALA A 197 7.07 18.15 -0.05
CA ALA A 197 7.36 19.34 -0.83
C ALA A 197 6.10 19.96 -1.40
N ALA A 198 5.18 19.14 -1.91
CA ALA A 198 3.94 19.65 -2.48
C ALA A 198 2.95 20.08 -1.41
N ASN A 199 3.10 19.61 -0.19
CA ASN A 199 2.21 19.93 0.92
C ASN A 199 3.05 20.42 2.09
N PRO A 200 3.42 21.70 2.10
CA PRO A 200 4.29 22.22 3.17
C PRO A 200 3.58 22.33 4.50
N GLU A 201 4.25 22.94 5.49
CA GLU A 201 3.77 22.91 6.87
C GLU A 201 2.33 23.40 7.00
N LYS A 202 2.09 24.67 6.73
CA LYS A 202 0.74 25.21 6.66
C LYS A 202 0.75 26.62 6.08
N GLY A 203 -0.08 26.87 5.08
CA GLY A 203 -0.13 28.20 4.49
C GLY A 203 1.19 28.68 3.92
N LYS A 204 2.02 27.77 3.44
CA LYS A 204 3.32 28.10 2.90
C LYS A 204 3.37 27.79 1.41
N GLU A 205 4.37 28.37 0.75
CA GLU A 205 4.57 28.14 -0.67
C GLU A 205 5.01 26.71 -0.92
N MET A 206 4.55 26.13 -2.03
CA MET A 206 4.98 24.80 -2.41
C MET A 206 6.49 24.77 -2.56
N ARG A 207 7.11 23.70 -2.07
CA ARG A 207 8.56 23.64 -2.02
C ARG A 207 9.14 23.22 -3.37
N THR A 208 10.33 23.74 -3.65
CA THR A 208 11.03 23.46 -4.90
C THR A 208 11.78 22.14 -4.80
N PRO A 209 12.16 21.55 -5.94
CA PRO A 209 13.02 20.36 -5.88
C PRO A 209 14.37 20.63 -5.24
N ASP A 210 14.78 21.88 -5.12
CA ASP A 210 16.00 22.20 -4.39
C ASP A 210 15.86 21.84 -2.92
N HIS A 211 14.67 22.05 -2.34
CA HIS A 211 14.44 21.63 -0.97
C HIS A 211 14.46 20.12 -0.82
N GLU A 212 13.99 19.40 -1.83
CA GLU A 212 14.06 17.93 -1.79
C GLU A 212 15.51 17.45 -1.72
N ASP A 213 16.39 18.05 -2.52
CA ASP A 213 17.81 17.74 -2.42
C ASP A 213 18.37 18.13 -1.07
N THR A 214 17.95 19.28 -0.56
CA THR A 214 18.48 19.75 0.72
C THR A 214 18.04 18.84 1.87
N PHE A 215 16.80 18.35 1.83
CA PHE A 215 16.30 17.53 2.92
C PHE A 215 17.12 16.26 3.08
N PHE A 216 17.43 15.58 1.97
CA PHE A 216 18.13 14.31 2.07
C PHE A 216 19.64 14.48 2.20
N ARG A 217 20.20 15.58 1.72
CA ARG A 217 21.59 15.88 2.05
C ARG A 217 21.73 16.24 3.52
N ASP A 218 20.77 16.98 4.08
CA ASP A 218 20.80 17.27 5.51
C ASP A 218 20.58 16.01 6.33
N LEU A 219 19.80 15.06 5.82
CA LEU A 219 19.46 13.86 6.60
C LEU A 219 20.58 12.83 6.54
N VAL A 220 20.88 12.32 5.34
CA VAL A 220 21.85 11.24 5.18
C VAL A 220 23.10 11.66 4.44
N GLY A 221 23.21 12.93 4.03
CA GLY A 221 24.38 13.41 3.36
C GLY A 221 24.44 13.19 1.87
N TYR A 222 23.37 12.66 1.27
CA TYR A 222 23.36 12.41 -0.17
C TYR A 222 21.94 12.49 -0.69
N SER A 223 21.82 13.00 -1.91
CA SER A 223 20.54 13.06 -2.63
C SER A 223 20.77 12.54 -4.04
N ILE A 224 20.00 11.51 -4.42
CA ILE A 224 20.19 10.90 -5.73
C ILE A 224 19.54 11.70 -6.85
N GLY A 225 18.57 12.56 -6.53
CA GLY A 225 17.96 13.44 -7.51
C GLY A 225 16.64 12.91 -8.02
N THR A 226 15.91 13.82 -8.67
CA THR A 226 14.57 13.49 -9.17
C THR A 226 14.61 12.40 -10.23
N LEU A 227 15.60 12.46 -11.13
CA LEU A 227 15.74 11.41 -12.13
C LEU A 227 16.32 10.14 -11.53
N GLY A 228 17.25 10.29 -10.59
CA GLY A 228 17.91 9.12 -10.02
C GLY A 228 16.96 8.22 -9.25
N ILE A 229 16.03 8.82 -8.50
CA ILE A 229 15.14 8.03 -7.64
C ILE A 229 14.21 7.17 -8.48
N HIS A 230 13.75 7.69 -9.62
CA HIS A 230 12.86 6.91 -10.48
C HIS A 230 13.63 5.79 -11.19
N ARG A 231 14.87 6.06 -11.59
CA ARG A 231 15.73 4.99 -12.09
C ARG A 231 15.98 3.95 -11.00
N LEU A 232 16.26 4.41 -9.77
CA LEU A 232 16.53 3.49 -8.68
C LEU A 232 15.31 2.64 -8.36
N GLY A 233 14.13 3.25 -8.29
CA GLY A 233 12.92 2.50 -8.01
C GLY A 233 12.65 1.44 -9.06
N LEU A 234 12.83 1.79 -10.34
CA LEU A 234 12.67 0.81 -11.40
C LEU A 234 13.71 -0.30 -11.29
N LEU A 235 14.95 0.05 -10.98
CA LEU A 235 16.01 -0.96 -10.89
C LEU A 235 15.81 -1.88 -9.70
N LEU A 236 15.46 -1.31 -8.54
CA LEU A 236 15.28 -2.13 -7.35
C LEU A 236 14.14 -3.13 -7.53
N SER A 237 13.05 -2.71 -8.18
CA SER A 237 11.92 -3.61 -8.38
C SER A 237 12.27 -4.73 -9.37
N LEU A 238 12.98 -4.40 -10.44
CA LEU A 238 13.34 -5.42 -11.42
C LEU A 238 14.46 -6.33 -10.92
N SER A 239 15.43 -5.77 -10.20
CA SER A 239 16.50 -6.59 -9.66
C SER A 239 15.99 -7.59 -8.64
N ALA A 240 15.04 -7.17 -7.81
CA ALA A 240 14.42 -8.08 -6.85
C ALA A 240 13.71 -9.23 -7.56
N VAL A 241 12.99 -8.91 -8.64
CA VAL A 241 12.29 -9.95 -9.40
C VAL A 241 13.28 -10.81 -10.17
N PHE A 242 14.33 -10.19 -10.73
CA PHE A 242 15.34 -10.96 -11.44
C PHE A 242 16.03 -11.98 -10.53
N PHE A 243 16.43 -11.54 -9.34
CA PHE A 243 17.08 -12.47 -8.42
C PHE A 243 16.10 -13.45 -7.82
N SER A 244 14.81 -13.08 -7.74
CA SER A 244 13.79 -14.02 -7.31
C SER A 244 13.69 -15.19 -8.29
N ALA A 245 13.59 -14.88 -9.59
CA ALA A 245 13.55 -15.93 -10.59
C ALA A 245 14.86 -16.71 -10.62
N LEU A 246 15.98 -16.05 -10.31
CA LEU A 246 17.26 -16.74 -10.29
C LEU A 246 17.36 -17.69 -9.10
N CYS A 247 16.84 -17.29 -7.94
CA CYS A 247 16.92 -18.15 -6.76
C CYS A 247 16.05 -19.40 -6.89
N MET A 248 15.03 -19.35 -7.74
CA MET A 248 14.18 -20.52 -7.94
C MET A 248 14.63 -21.38 -9.11
N ILE A 249 15.20 -20.78 -10.16
CA ILE A 249 15.63 -21.57 -11.31
C ILE A 249 16.81 -22.45 -10.95
N ILE A 250 17.65 -22.02 -10.00
CA ILE A 250 18.77 -22.84 -9.55
C ILE A 250 18.39 -23.78 -8.43
N THR A 251 17.17 -23.67 -7.91
CA THR A 251 16.72 -24.50 -6.80
C THR A 251 16.00 -25.72 -7.35
N GLY A 252 16.46 -26.91 -6.96
CA GLY A 252 15.92 -28.14 -7.47
C GLY A 252 16.48 -28.59 -8.80
N THR A 253 17.24 -27.74 -9.48
CA THR A 253 17.84 -28.06 -10.77
C THR A 253 19.36 -28.10 -10.73
N ILE A 254 19.98 -27.19 -9.98
CA ILE A 254 21.42 -27.19 -9.78
C ILE A 254 21.77 -27.48 -8.33
N TRP A 255 21.02 -26.92 -7.39
CA TRP A 255 21.21 -27.18 -5.97
C TRP A 255 20.10 -28.09 -5.48
N PHE A 256 20.48 -29.11 -4.71
CA PHE A 256 19.53 -30.13 -4.28
C PHE A 256 19.47 -30.37 -2.78
N ASP A 257 20.47 -29.93 -2.01
CA ASP A 257 20.52 -30.20 -0.58
C ASP A 257 20.03 -28.98 0.19
N GLN A 258 20.15 -29.04 1.52
CA GLN A 258 19.78 -27.92 2.36
C GLN A 258 20.68 -26.72 2.07
N TRP A 259 20.06 -25.54 1.90
CA TRP A 259 20.82 -24.36 1.53
C TRP A 259 21.78 -23.89 2.60
N VAL A 260 21.65 -24.38 3.84
CA VAL A 260 22.63 -24.06 4.87
C VAL A 260 23.99 -24.66 4.51
N ASP A 261 23.98 -25.85 3.92
CA ASP A 261 25.23 -26.54 3.61
C ASP A 261 26.07 -25.75 2.61
N TRP A 262 25.43 -24.90 1.79
CA TRP A 262 26.17 -24.13 0.80
C TRP A 262 27.15 -23.17 1.47
N TRP A 263 26.76 -22.57 2.59
CA TRP A 263 27.59 -21.59 3.26
C TRP A 263 28.79 -22.21 3.95
N GLN A 264 28.90 -23.53 3.97
CA GLN A 264 30.09 -24.18 4.51
C GLN A 264 31.32 -23.96 3.64
N TRP A 265 31.17 -23.47 2.42
CA TRP A 265 32.36 -23.21 1.60
C TRP A 265 33.19 -22.07 2.17
N TRP A 266 32.55 -21.12 2.83
CA TRP A 266 33.28 -20.00 3.41
C TRP A 266 34.04 -20.42 4.66
N VAL A 267 33.41 -21.21 5.53
CA VAL A 267 34.07 -21.63 6.76
C VAL A 267 35.19 -22.61 6.46
N LYS A 268 35.05 -23.43 5.43
CA LYS A 268 36.03 -24.45 5.11
C LYS A 268 37.18 -23.91 4.25
N LEU A 269 37.28 -22.60 4.09
CA LEU A 269 38.40 -22.04 3.37
C LEU A 269 39.70 -22.40 4.09
N PRO A 270 40.75 -22.78 3.35
CA PRO A 270 41.90 -23.42 4.01
C PRO A 270 42.56 -22.59 5.09
N TRP A 271 42.65 -21.27 4.92
CA TRP A 271 43.46 -20.47 5.84
C TRP A 271 42.82 -20.28 7.20
N TRP A 272 41.56 -20.68 7.39
CA TRP A 272 40.95 -20.62 8.72
C TRP A 272 40.06 -21.81 9.03
N ALA A 273 40.06 -22.85 8.20
CA ALA A 273 39.13 -23.96 8.37
C ALA A 273 39.39 -24.77 9.63
N ASN A 274 40.61 -24.73 10.16
CA ASN A 274 41.01 -25.62 11.25
C ASN A 274 41.56 -24.83 12.43
N ILE A 275 40.86 -23.78 12.83
CA ILE A 275 41.24 -22.96 13.97
C ILE A 275 40.21 -23.17 15.07
N PRO A 276 40.62 -23.61 16.27
CA PRO A 276 39.64 -23.81 17.34
C PRO A 276 39.03 -22.50 17.82
N GLY A 277 37.82 -22.61 18.35
CA GLY A 277 37.10 -21.47 18.85
C GLY A 277 36.04 -20.98 17.88
N GLY A 278 35.25 -20.01 18.34
CA GLY A 278 34.18 -19.47 17.53
C GLY A 278 32.98 -20.40 17.47
N ILE A 279 32.22 -20.24 16.39
CA ILE A 279 31.00 -21.02 16.20
C ILE A 279 31.30 -22.33 15.50
N ASN A 280 31.92 -22.28 14.33
CA ASN A 280 32.12 -23.46 13.51
C ASN A 280 33.48 -24.12 13.73
N GLY A 281 34.34 -23.52 14.53
CA GLY A 281 35.64 -24.12 14.85
C GLY A 281 35.71 -24.57 16.29
N ALA B 1 16.81 0.62 -29.71
CA ALA B 1 18.09 1.11 -30.19
C ALA B 1 18.28 2.57 -29.80
N GLU B 2 17.22 3.16 -29.26
CA GLU B 2 17.24 4.56 -28.85
C GLU B 2 17.64 4.68 -27.38
N TYR B 3 17.90 5.92 -26.96
CA TYR B 3 18.30 6.18 -25.59
C TYR B 3 17.17 5.85 -24.62
N GLN B 4 17.53 5.18 -23.52
CA GLN B 4 16.55 4.68 -22.57
C GLN B 4 16.54 5.45 -21.26
N ASN B 5 17.43 6.43 -21.09
CA ASN B 5 17.45 7.29 -19.90
C ASN B 5 17.60 6.47 -18.62
N ILE B 6 18.44 5.43 -18.68
CA ILE B 6 18.72 4.61 -17.50
C ILE B 6 20.07 5.03 -16.93
N PHE B 7 20.98 5.47 -17.80
CA PHE B 7 22.24 6.05 -17.38
C PHE B 7 22.44 7.38 -18.11
N THR B 8 23.14 8.30 -17.46
CA THR B 8 23.42 9.57 -18.09
C THR B 8 24.46 9.41 -19.19
N GLN B 9 24.32 10.18 -20.25
CA GLN B 9 25.27 10.15 -21.35
C GLN B 9 26.41 11.15 -21.13
N VAL B 10 26.07 12.37 -20.73
CA VAL B 10 27.05 13.42 -20.48
C VAL B 10 26.84 13.93 -19.07
N GLN B 11 27.88 13.84 -18.25
CA GLN B 11 27.85 14.38 -16.89
C GLN B 11 28.35 15.82 -16.91
N VAL B 12 27.63 16.71 -16.23
CA VAL B 12 27.96 18.12 -16.15
C VAL B 12 28.07 18.51 -14.69
N ARG B 13 29.19 19.12 -14.32
CA ARG B 13 29.48 19.46 -12.94
C ARG B 13 29.70 20.96 -12.82
N GLY B 14 29.02 21.58 -11.85
CA GLY B 14 29.18 22.99 -11.58
C GLY B 14 29.61 23.23 -10.15
N PRO B 15 29.44 24.45 -9.67
CA PRO B 15 29.74 24.74 -8.26
C PRO B 15 28.88 23.88 -7.35
N ALA B 16 29.47 23.46 -6.22
CA ALA B 16 28.78 22.57 -5.30
C ALA B 16 27.57 23.26 -4.69
N ASP B 17 26.42 22.60 -4.77
CA ASP B 17 25.18 23.14 -4.23
C ASP B 17 25.19 23.02 -2.72
N LEU B 18 25.03 24.14 -2.03
CA LEU B 18 25.07 24.17 -0.58
C LEU B 18 23.71 23.94 0.07
N GLY B 19 22.63 23.92 -0.72
CA GLY B 19 21.31 23.63 -0.20
C GLY B 19 20.58 24.88 0.24
N MET B 20 19.28 24.70 0.48
CA MET B 20 18.41 25.80 0.87
C MET B 20 18.52 26.06 2.35
N THR B 21 18.72 27.33 2.72
CA THR B 21 18.76 27.76 4.11
C THR B 21 17.43 28.40 4.46
N GLU B 22 16.42 27.56 4.68
CA GLU B 22 15.10 28.06 5.03
C GLU B 22 15.03 28.50 6.48
N ASP B 23 15.20 27.55 7.41
CA ASP B 23 15.34 27.85 8.83
C ASP B 23 16.44 26.98 9.45
N VAL B 24 17.37 26.51 8.64
CA VAL B 24 18.39 25.57 9.07
C VAL B 24 19.56 26.33 9.68
N ASN B 25 20.00 25.88 10.86
CA ASN B 25 21.20 26.44 11.46
C ASN B 25 22.41 26.04 10.61
N LEU B 26 22.96 27.00 9.86
CA LEU B 26 24.02 26.71 8.92
C LEU B 26 25.32 26.31 9.61
N ALA B 27 25.50 26.67 10.89
CA ALA B 27 26.70 26.28 11.59
C ALA B 27 26.75 24.77 11.84
N ASN B 28 25.59 24.13 11.98
CA ASN B 28 25.54 22.68 12.16
C ASN B 28 25.78 21.93 10.86
N ARG B 29 25.43 22.53 9.73
CA ARG B 29 25.61 21.89 8.44
C ARG B 29 27.08 21.93 8.04
N SER B 30 27.60 20.79 7.61
CA SER B 30 29.01 20.68 7.24
C SER B 30 29.24 21.25 5.85
N GLY B 31 30.43 20.99 5.30
CA GLY B 31 30.72 21.40 3.94
C GLY B 31 30.45 20.29 2.94
N VAL B 32 30.53 20.66 1.66
CA VAL B 32 30.29 19.70 0.59
C VAL B 32 31.46 18.74 0.49
N GLY B 33 31.16 17.45 0.37
CA GLY B 33 32.18 16.44 0.20
C GLY B 33 32.60 16.30 -1.25
N PRO B 34 33.26 15.20 -1.57
CA PRO B 34 33.75 15.00 -2.94
C PRO B 34 32.61 14.70 -3.91
N PHE B 35 32.89 14.94 -5.19
CA PHE B 35 31.97 14.59 -6.25
C PHE B 35 32.34 13.21 -6.79
N SER B 36 31.39 12.28 -6.74
CA SER B 36 31.61 10.91 -7.17
C SER B 36 31.10 10.77 -8.61
N THR B 37 32.02 10.59 -9.55
CA THR B 37 31.64 10.39 -10.93
C THR B 37 30.90 9.07 -11.13
N LEU B 38 31.23 8.05 -10.32
CA LEU B 38 30.54 6.78 -10.43
C LEU B 38 29.06 6.93 -10.10
N LEU B 39 28.74 7.67 -9.05
CA LEU B 39 27.34 7.93 -8.74
C LEU B 39 26.68 8.83 -9.78
N GLY B 40 27.47 9.65 -10.47
CA GLY B 40 26.92 10.57 -11.45
C GLY B 40 26.39 9.91 -12.70
N TRP B 41 26.77 8.66 -12.96
CA TRP B 41 26.20 7.94 -14.11
C TRP B 41 24.76 7.52 -13.86
N PHE B 42 24.34 7.46 -12.60
CA PHE B 42 23.00 7.01 -12.24
C PHE B 42 22.18 8.13 -11.62
N GLY B 43 22.67 8.75 -10.55
CA GLY B 43 22.00 9.88 -9.94
C GLY B 43 22.89 11.09 -9.86
N ASN B 44 22.78 11.86 -8.78
CA ASN B 44 23.64 13.01 -8.59
C ASN B 44 25.06 12.56 -8.22
N ALA B 45 26.02 13.42 -8.52
CA ALA B 45 27.41 13.15 -8.18
C ALA B 45 27.83 13.79 -6.86
N GLN B 46 27.13 14.82 -6.40
CA GLN B 46 27.55 15.57 -5.23
C GLN B 46 27.31 14.75 -3.96
N LEU B 47 28.33 14.69 -3.11
CA LEU B 47 28.21 14.09 -1.79
C LEU B 47 28.26 15.19 -0.75
N GLY B 48 27.31 15.19 0.18
CA GLY B 48 27.22 16.21 1.19
C GLY B 48 26.61 17.49 0.64
N PRO B 49 26.51 18.52 1.49
CA PRO B 49 26.85 18.50 2.91
C PRO B 49 25.80 17.78 3.76
N ILE B 50 26.20 17.29 4.92
CA ILE B 50 25.29 16.62 5.85
C ILE B 50 25.09 17.52 7.06
N TYR B 51 23.87 17.54 7.57
CA TYR B 51 23.54 18.29 8.78
C TYR B 51 23.75 17.38 9.99
N LEU B 52 24.42 17.91 11.01
CA LEU B 52 24.65 17.18 12.26
C LEU B 52 24.36 18.12 13.43
N GLY B 53 23.15 18.02 13.96
CA GLY B 53 22.71 18.82 15.08
C GLY B 53 22.75 18.04 16.38
N SER B 54 21.89 18.42 17.32
CA SER B 54 21.85 17.77 18.61
C SER B 54 21.34 16.33 18.49
N LEU B 55 20.23 16.14 17.78
CA LEU B 55 19.72 14.79 17.56
C LEU B 55 20.62 13.98 16.64
N GLY B 56 21.42 14.62 15.79
CA GLY B 56 22.39 13.89 15.00
C GLY B 56 23.49 13.28 15.85
N VAL B 57 24.00 14.04 16.82
CA VAL B 57 25.02 13.52 17.71
C VAL B 57 24.47 12.41 18.58
N LEU B 58 23.26 12.61 19.13
CA LEU B 58 22.65 11.59 19.97
C LEU B 58 22.42 10.29 19.21
N SER B 59 21.92 10.40 17.98
CA SER B 59 21.68 9.20 17.19
C SER B 59 22.98 8.55 16.74
N LEU B 60 23.97 9.36 16.33
CA LEU B 60 25.25 8.81 15.91
C LEU B 60 25.95 8.09 17.06
N PHE B 61 25.94 8.68 18.26
CA PHE B 61 26.65 8.08 19.37
C PHE B 61 25.91 6.85 19.90
N SER B 62 24.58 6.95 20.07
CA SER B 62 23.82 5.81 20.57
C SER B 62 23.90 4.63 19.62
N GLY B 63 23.73 4.88 18.32
CA GLY B 63 23.82 3.79 17.37
C GLY B 63 25.21 3.21 17.25
N LEU B 64 26.23 4.06 17.37
CA LEU B 64 27.60 3.57 17.37
C LEU B 64 27.86 2.66 18.55
N MET B 65 27.35 3.02 19.73
CA MET B 65 27.46 2.14 20.89
C MET B 65 26.72 0.83 20.66
N TRP B 66 25.53 0.89 20.05
CA TRP B 66 24.81 -0.33 19.71
C TRP B 66 25.62 -1.18 18.74
N PHE B 67 26.18 -0.55 17.70
CA PHE B 67 26.98 -1.28 16.73
C PHE B 67 28.23 -1.86 17.37
N PHE B 68 28.89 -1.08 18.22
CA PHE B 68 30.13 -1.53 18.85
C PHE B 68 29.87 -2.61 19.88
N THR B 69 28.75 -2.50 20.61
CA THR B 69 28.42 -3.50 21.63
C THR B 69 28.23 -4.88 21.01
N ILE B 70 27.51 -4.95 19.88
CA ILE B 70 27.35 -6.22 19.19
C ILE B 70 28.68 -6.71 18.66
N GLY B 71 29.48 -5.79 18.11
CA GLY B 71 30.77 -6.19 17.54
C GLY B 71 31.75 -6.70 18.57
N ILE B 72 31.76 -6.09 19.76
CA ILE B 72 32.66 -6.55 20.81
C ILE B 72 32.24 -7.91 21.30
N TRP B 73 30.94 -8.15 21.43
CA TRP B 73 30.46 -9.48 21.77
C TRP B 73 30.82 -10.48 20.68
N PHE B 74 30.77 -10.05 19.41
CA PHE B 74 31.20 -10.92 18.32
C PHE B 74 32.68 -11.24 18.43
N TRP B 75 33.50 -10.24 18.80
CA TRP B 75 34.92 -10.51 19.05
C TRP B 75 35.11 -11.46 20.22
N TYR B 76 34.29 -11.31 21.27
CA TYR B 76 34.37 -12.23 22.40
C TYR B 76 34.04 -13.65 21.98
N GLN B 77 33.00 -13.82 21.15
CA GLN B 77 32.66 -15.15 20.66
C GLN B 77 33.72 -15.70 19.72
N ALA B 78 34.51 -14.84 19.09
CA ALA B 78 35.62 -15.28 18.24
C ALA B 78 36.89 -15.55 19.02
N GLY B 79 36.88 -15.35 20.33
CA GLY B 79 38.08 -15.48 21.13
C GLY B 79 39.15 -14.46 20.77
N TRP B 80 38.74 -13.27 20.32
CA TRP B 80 39.64 -12.19 19.92
C TRP B 80 40.57 -12.61 18.79
N ASN B 81 40.17 -13.63 18.01
CA ASN B 81 40.97 -14.11 16.89
C ASN B 81 40.41 -13.52 15.60
N PRO B 82 41.14 -12.67 14.88
CA PRO B 82 40.60 -12.08 13.66
C PRO B 82 40.22 -13.10 12.59
N ALA B 83 40.96 -14.20 12.50
CA ALA B 83 40.63 -15.23 11.51
C ALA B 83 39.28 -15.85 11.81
N VAL B 84 39.01 -16.15 13.08
CA VAL B 84 37.71 -16.70 13.46
C VAL B 84 36.61 -15.65 13.33
N PHE B 85 36.95 -14.38 13.55
CA PHE B 85 35.96 -13.32 13.46
C PHE B 85 35.37 -13.22 12.05
N LEU B 86 36.22 -13.28 11.03
CA LEU B 86 35.73 -13.24 9.67
C LEU B 86 35.09 -14.56 9.24
N ARG B 87 35.63 -15.68 9.73
CA ARG B 87 35.10 -16.99 9.33
C ARG B 87 33.66 -17.17 9.80
N ASP B 88 33.36 -16.79 11.04
CA ASP B 88 32.05 -17.00 11.63
C ASP B 88 31.28 -15.70 11.80
N LEU B 89 31.52 -14.72 10.93
CA LEU B 89 30.91 -13.41 11.08
C LEU B 89 29.39 -13.49 11.02
N PHE B 90 28.85 -14.30 10.10
CA PHE B 90 27.41 -14.44 9.99
C PHE B 90 26.83 -15.40 11.02
N PHE B 91 27.68 -16.11 11.77
CA PHE B 91 27.22 -17.09 12.75
C PHE B 91 27.16 -16.55 14.17
N PHE B 92 27.86 -15.46 14.45
CA PHE B 92 27.80 -14.84 15.76
C PHE B 92 26.42 -14.25 16.01
N SER B 93 26.04 -14.20 17.28
CA SER B 93 24.75 -13.61 17.64
C SER B 93 24.79 -13.14 19.08
N LEU B 94 24.05 -12.08 19.35
CA LEU B 94 23.83 -11.56 20.69
C LEU B 94 22.39 -11.91 21.05
N GLU B 95 22.21 -13.03 21.73
CA GLU B 95 20.88 -13.56 22.03
C GLU B 95 20.23 -12.79 23.17
N PRO B 96 18.90 -12.66 23.13
CA PRO B 96 18.18 -12.09 24.27
C PRO B 96 18.19 -13.04 25.46
N PRO B 97 17.97 -12.53 26.66
CA PRO B 97 18.04 -13.40 27.85
C PRO B 97 17.00 -14.51 27.82
N ALA B 98 17.33 -15.61 28.50
CA ALA B 98 16.54 -16.83 28.46
C ALA B 98 15.14 -16.59 29.04
N PRO B 99 14.16 -17.39 28.62
CA PRO B 99 12.78 -17.16 29.10
C PRO B 99 12.61 -17.33 30.59
N GLU B 100 13.53 -18.00 31.28
CA GLU B 100 13.43 -18.16 32.72
C GLU B 100 13.52 -16.83 33.46
N TYR B 101 14.17 -15.82 32.87
CA TYR B 101 14.27 -14.51 33.49
C TYR B 101 13.07 -13.62 33.18
N GLY B 102 12.22 -14.01 32.24
CA GLY B 102 11.05 -13.20 31.92
C GLY B 102 11.45 -11.82 31.45
N LEU B 103 10.78 -10.81 32.00
CA LEU B 103 11.06 -9.42 31.67
C LEU B 103 12.03 -8.76 32.63
N SER B 104 12.62 -9.52 33.54
CA SER B 104 13.53 -8.95 34.52
C SER B 104 14.82 -8.47 33.86
N PHE B 105 15.51 -7.59 34.55
CA PHE B 105 16.82 -7.10 34.12
C PHE B 105 17.95 -7.73 34.91
N ALA B 106 17.66 -8.75 35.70
CA ALA B 106 18.65 -9.47 36.50
C ALA B 106 19.22 -10.66 35.74
N ALA B 107 19.70 -10.42 34.53
CA ALA B 107 20.27 -11.46 33.70
C ALA B 107 21.74 -11.20 33.47
N PRO B 108 22.59 -12.23 33.56
CA PRO B 108 24.03 -12.03 33.38
C PRO B 108 24.34 -11.48 31.99
N LEU B 109 25.44 -10.71 31.92
CA LEU B 109 25.81 -10.06 30.67
C LEU B 109 26.03 -11.08 29.56
N LYS B 110 26.63 -12.22 29.88
CA LYS B 110 26.84 -13.25 28.87
C LYS B 110 25.55 -13.96 28.47
N GLU B 111 24.51 -13.89 29.30
CA GLU B 111 23.29 -14.64 29.09
C GLU B 111 22.10 -13.72 28.86
N GLY B 112 22.30 -12.66 28.09
CA GLY B 112 21.24 -11.73 27.74
C GLY B 112 21.37 -10.36 28.34
N GLY B 113 22.29 -10.15 29.30
CA GLY B 113 22.47 -8.82 29.85
C GLY B 113 23.03 -7.84 28.83
N LEU B 114 23.94 -8.31 27.97
CA LEU B 114 24.46 -7.46 26.91
C LEU B 114 23.41 -7.18 25.85
N TRP B 115 22.47 -8.09 25.65
CA TRP B 115 21.39 -7.84 24.69
C TRP B 115 20.54 -6.67 25.14
N LEU B 116 20.27 -6.56 26.45
CA LEU B 116 19.49 -5.44 26.95
C LEU B 116 20.25 -4.12 26.81
N ILE B 117 21.55 -4.13 27.11
CA ILE B 117 22.35 -2.92 26.96
C ILE B 117 22.40 -2.48 25.51
N ALA B 118 22.62 -3.43 24.60
CA ALA B 118 22.65 -3.10 23.18
C ALA B 118 21.29 -2.66 22.68
N SER B 119 20.21 -3.29 23.19
CA SER B 119 18.87 -2.91 22.77
C SER B 119 18.52 -1.50 23.22
N PHE B 120 18.99 -1.09 24.41
CA PHE B 120 18.75 0.27 24.87
C PHE B 120 19.41 1.29 23.95
N PHE B 121 20.65 1.03 23.53
CA PHE B 121 21.31 1.93 22.60
C PHE B 121 20.57 1.99 21.27
N MET B 122 20.09 0.84 20.78
CA MET B 122 19.33 0.82 19.55
C MET B 122 18.01 1.58 19.70
N PHE B 123 17.38 1.48 20.86
CA PHE B 123 16.14 2.21 21.10
C PHE B 123 16.36 3.71 21.00
N VAL B 124 17.46 4.21 21.58
CA VAL B 124 17.73 5.63 21.55
C VAL B 124 18.10 6.08 20.14
N ALA B 125 18.90 5.28 19.44
CA ALA B 125 19.38 5.67 18.12
C ALA B 125 18.23 5.80 17.12
N VAL B 126 17.30 4.84 17.13
CA VAL B 126 16.22 4.85 16.16
C VAL B 126 15.26 6.00 16.43
N TRP B 127 14.88 6.20 17.69
CA TRP B 127 13.96 7.27 18.01
C TRP B 127 14.61 8.64 17.87
N SER B 128 15.90 8.75 18.20
CA SER B 128 16.61 10.01 17.96
C SER B 128 16.66 10.33 16.48
N TRP B 129 16.86 9.31 15.65
CA TRP B 129 16.85 9.53 14.21
C TRP B 129 15.47 9.93 13.71
N TRP B 130 14.41 9.40 14.31
CA TRP B 130 13.06 9.79 13.91
C TRP B 130 12.82 11.27 14.16
N GLY B 131 13.24 11.76 15.34
CA GLY B 131 13.14 13.18 15.60
C GLY B 131 14.00 14.00 14.65
N ARG B 132 15.17 13.47 14.31
CA ARG B 132 16.02 14.13 13.32
C ARG B 132 15.31 14.22 11.97
N THR B 133 14.59 13.17 11.59
CA THR B 133 13.78 13.22 10.38
C THR B 133 12.70 14.28 10.48
N TYR B 134 12.02 14.35 11.63
CA TYR B 134 10.98 15.36 11.83
C TYR B 134 11.56 16.76 11.80
N LEU B 135 12.69 16.98 12.47
CA LEU B 135 13.21 18.34 12.62
C LEU B 135 13.87 18.83 11.34
N ARG B 136 14.45 17.94 10.53
CA ARG B 136 15.01 18.37 9.26
C ARG B 136 13.91 18.88 8.32
N ALA B 137 12.77 18.19 8.29
CA ALA B 137 11.65 18.66 7.48
C ALA B 137 11.10 19.97 8.03
N GLN B 138 11.03 20.10 9.36
CA GLN B 138 10.51 21.32 9.96
C GLN B 138 11.41 22.52 9.69
N ALA B 139 12.73 22.32 9.71
CA ALA B 139 13.65 23.42 9.47
C ALA B 139 13.57 23.92 8.03
N LEU B 140 13.16 23.06 7.10
CA LEU B 140 13.00 23.43 5.70
C LEU B 140 11.57 23.80 5.35
N GLY B 141 10.67 23.82 6.33
CA GLY B 141 9.28 24.17 6.08
C GLY B 141 8.47 23.11 5.38
N MET B 142 9.04 21.92 5.20
CA MET B 142 8.38 20.87 4.46
C MET B 142 7.37 20.14 5.34
N GLY B 143 6.54 19.33 4.71
CA GLY B 143 5.62 18.49 5.45
C GLY B 143 6.34 17.42 6.23
N LYS B 144 5.63 16.82 7.17
CA LYS B 144 6.20 15.79 8.03
C LYS B 144 5.94 14.39 7.52
N HIS B 145 5.63 14.24 6.23
CA HIS B 145 5.29 12.93 5.67
C HIS B 145 6.41 11.93 5.88
N THR B 146 7.66 12.38 5.77
CA THR B 146 8.80 11.47 5.95
C THR B 146 8.82 10.89 7.35
N ALA B 147 8.59 11.72 8.36
CA ALA B 147 8.63 11.26 9.74
C ALA B 147 7.51 10.26 10.03
N TRP B 148 6.32 10.49 9.50
CA TRP B 148 5.21 9.59 9.76
C TRP B 148 5.32 8.28 8.98
N ALA B 149 5.92 8.32 7.80
CA ALA B 149 6.23 7.08 7.10
C ALA B 149 7.31 6.29 7.83
N PHE B 150 8.27 6.99 8.44
CA PHE B 150 9.26 6.33 9.27
C PHE B 150 8.63 5.72 10.51
N LEU B 151 7.61 6.37 11.07
CA LEU B 151 6.95 5.86 12.26
C LEU B 151 6.30 4.50 12.01
N SER B 152 5.83 4.27 10.78
CA SER B 152 5.27 2.96 10.46
C SER B 152 6.34 1.86 10.53
N ALA B 153 7.53 2.15 10.02
CA ALA B 153 8.62 1.18 10.10
C ALA B 153 9.09 0.99 11.55
N ILE B 154 9.07 2.05 12.34
CA ILE B 154 9.41 1.95 13.75
C ILE B 154 8.39 1.09 14.49
N TRP B 155 7.11 1.17 14.08
CA TRP B 155 6.07 0.40 14.74
C TRP B 155 6.34 -1.10 14.65
N LEU B 156 6.69 -1.60 13.47
CA LEU B 156 7.07 -3.01 13.35
C LEU B 156 8.33 -3.30 14.15
N TRP B 157 9.32 -2.40 14.08
CA TRP B 157 10.54 -2.58 14.84
C TRP B 157 10.26 -2.57 16.35
N MET B 158 9.38 -1.69 16.80
CA MET B 158 9.03 -1.63 18.22
C MET B 158 8.27 -2.88 18.64
N VAL B 159 7.40 -3.39 17.78
CA VAL B 159 6.64 -4.60 18.12
C VAL B 159 7.56 -5.80 18.23
N LEU B 160 8.52 -5.94 17.31
CA LEU B 160 9.38 -7.10 17.29
C LEU B 160 10.25 -7.17 18.54
N GLY B 161 10.88 -6.06 18.90
CA GLY B 161 11.86 -6.08 19.97
C GLY B 161 11.36 -5.61 21.32
N PHE B 162 10.34 -4.76 21.35
CA PHE B 162 9.89 -4.16 22.61
C PHE B 162 8.46 -4.51 22.96
N ILE B 163 7.48 -4.25 22.08
CA ILE B 163 6.08 -4.30 22.50
C ILE B 163 5.63 -5.74 22.71
N ARG B 164 5.91 -6.61 21.73
CA ARG B 164 5.52 -8.02 21.88
C ARG B 164 6.25 -8.73 23.01
N PRO B 165 7.57 -8.57 23.21
CA PRO B 165 8.19 -9.21 24.38
C PRO B 165 7.57 -8.81 25.70
N ILE B 166 7.15 -7.55 25.84
CA ILE B 166 6.44 -7.13 27.05
C ILE B 166 5.10 -7.85 27.15
N LEU B 167 4.36 -7.89 26.04
CA LEU B 167 3.05 -8.55 26.05
C LEU B 167 3.20 -10.05 26.24
N MET B 168 4.23 -10.65 25.66
CA MET B 168 4.49 -12.07 25.87
C MET B 168 5.11 -12.37 27.23
N GLY B 169 5.69 -11.36 27.88
CA GLY B 169 6.18 -11.52 29.23
C GLY B 169 7.62 -11.96 29.38
N SER B 170 8.41 -11.94 28.31
CA SER B 170 9.82 -12.29 28.42
C SER B 170 10.58 -11.65 27.28
N TRP B 171 11.85 -11.31 27.55
CA TRP B 171 12.71 -10.78 26.51
C TRP B 171 13.14 -11.85 25.51
N SER B 172 13.01 -13.13 25.86
CA SER B 172 13.42 -14.21 24.97
C SER B 172 12.57 -14.28 23.70
N GLU B 173 11.44 -13.59 23.67
CA GLU B 173 10.59 -13.55 22.48
C GLU B 173 11.11 -12.58 21.42
N ALA B 174 12.20 -11.86 21.70
CA ALA B 174 12.67 -10.81 20.81
C ALA B 174 13.72 -11.35 19.84
N VAL B 175 14.15 -10.49 18.93
CA VAL B 175 15.03 -10.85 17.83
C VAL B 175 16.49 -10.77 18.26
N PRO B 176 17.29 -11.81 18.02
CA PRO B 176 18.72 -11.74 18.34
C PRO B 176 19.47 -10.87 17.34
N TYR B 177 20.63 -10.40 17.78
CA TYR B 177 21.50 -9.54 16.97
C TYR B 177 22.53 -10.42 16.27
N GLY B 178 22.18 -10.90 15.09
CA GLY B 178 23.08 -11.72 14.29
C GLY B 178 22.58 -11.86 12.87
N ILE B 179 23.48 -12.08 11.92
CA ILE B 179 23.08 -12.17 10.52
C ILE B 179 22.22 -13.40 10.27
N PHE B 180 22.80 -14.58 10.45
CA PHE B 180 22.04 -15.81 10.28
C PHE B 180 21.12 -16.10 11.45
N SER B 181 21.40 -15.52 12.62
CA SER B 181 20.62 -15.82 13.80
C SER B 181 19.21 -15.25 13.72
N HIS B 182 19.09 -14.00 13.26
CA HIS B 182 17.77 -13.41 13.14
C HIS B 182 17.00 -13.95 11.95
N LEU B 183 17.66 -14.65 11.04
CA LEU B 183 16.95 -15.45 10.05
C LEU B 183 16.43 -16.74 10.64
N ASP B 184 17.12 -17.29 11.64
CA ASP B 184 16.60 -18.47 12.34
C ASP B 184 15.46 -18.08 13.26
N TRP B 185 15.53 -16.90 13.87
CA TRP B 185 14.41 -16.40 14.65
C TRP B 185 13.17 -16.24 13.79
N THR B 186 13.35 -15.70 12.58
CA THR B 186 12.23 -15.53 11.67
C THR B 186 11.61 -16.88 11.29
N ASN B 187 12.45 -17.87 11.00
CA ASN B 187 11.94 -19.18 10.63
C ASN B 187 11.30 -19.88 11.81
N ASN B 188 11.95 -19.83 12.98
CA ASN B 188 11.39 -20.45 14.18
C ASN B 188 10.08 -19.80 14.59
N PHE B 189 9.95 -18.49 14.39
CA PHE B 189 8.70 -17.80 14.73
C PHE B 189 7.52 -18.39 13.95
N SER B 190 7.72 -18.64 12.66
CA SER B 190 6.64 -19.22 11.85
C SER B 190 6.30 -20.63 12.29
N LEU B 191 7.31 -21.46 12.56
CA LEU B 191 7.07 -22.83 12.99
C LEU B 191 6.39 -22.88 14.35
N VAL B 192 6.83 -22.03 15.28
CA VAL B 192 6.25 -22.01 16.62
C VAL B 192 4.78 -21.58 16.57
N HIS B 193 4.47 -20.56 15.76
CA HIS B 193 3.12 -20.04 15.68
C HIS B 193 2.29 -20.68 14.58
N GLY B 194 2.68 -21.87 14.12
CA GLY B 194 1.89 -22.62 13.17
C GLY B 194 1.72 -21.99 11.80
N ASN B 195 2.81 -21.91 11.03
CA ASN B 195 2.74 -21.50 9.63
C ASN B 195 2.19 -20.08 9.45
N LEU B 196 3.01 -19.08 9.78
CA LEU B 196 2.65 -17.66 9.69
C LEU B 196 2.11 -17.25 8.32
N PHE B 197 2.22 -18.13 7.31
CA PHE B 197 1.57 -17.87 6.03
C PHE B 197 0.07 -17.64 6.19
N TYR B 198 -0.54 -18.26 7.19
CA TYR B 198 -1.97 -18.15 7.42
C TYR B 198 -2.34 -17.03 8.38
N ASN B 199 -1.37 -16.20 8.75
CA ASN B 199 -1.67 -14.95 9.43
C ASN B 199 -2.23 -13.97 8.41
N PRO B 200 -3.47 -13.49 8.57
CA PRO B 200 -4.04 -12.58 7.56
C PRO B 200 -3.27 -11.29 7.40
N PHE B 201 -2.71 -10.76 8.49
CA PHE B 201 -1.94 -9.53 8.38
C PHE B 201 -0.55 -9.78 7.81
N HIS B 202 0.00 -10.98 8.01
CA HIS B 202 1.21 -11.35 7.28
C HIS B 202 0.94 -11.44 5.79
N GLY B 203 -0.21 -11.99 5.41
CA GLY B 203 -0.58 -12.03 4.00
C GLY B 203 -0.84 -10.66 3.43
N LEU B 204 -1.49 -9.78 4.19
CA LEU B 204 -1.68 -8.41 3.75
C LEU B 204 -0.36 -7.66 3.67
N SER B 205 0.52 -7.88 4.65
CA SER B 205 1.84 -7.25 4.62
C SER B 205 2.59 -7.63 3.36
N ILE B 206 2.50 -8.89 2.95
CA ILE B 206 3.15 -9.33 1.72
C ILE B 206 2.47 -8.72 0.51
N ALA B 207 1.14 -8.60 0.55
CA ALA B 207 0.42 -7.98 -0.56
C ALA B 207 0.87 -6.55 -0.80
N PHE B 208 1.14 -5.81 0.27
CA PHE B 208 1.62 -4.43 0.11
C PHE B 208 3.11 -4.37 -0.23
N LEU B 209 3.90 -5.31 0.30
CA LEU B 209 5.31 -5.39 -0.09
C LEU B 209 5.45 -5.75 -1.56
N TYR B 210 4.66 -6.73 -2.02
CA TYR B 210 4.59 -7.02 -3.45
C TYR B 210 4.08 -5.81 -4.23
N GLY B 211 3.06 -5.14 -3.69
CA GLY B 211 2.51 -3.97 -4.35
C GLY B 211 3.45 -2.78 -4.36
N SER B 212 4.35 -2.70 -3.37
CA SER B 212 5.36 -1.66 -3.38
C SER B 212 6.32 -1.85 -4.54
N ALA B 213 6.75 -3.09 -4.78
CA ALA B 213 7.60 -3.37 -5.93
C ALA B 213 6.85 -3.17 -7.24
N LEU B 214 5.59 -3.59 -7.29
CA LEU B 214 4.77 -3.35 -8.47
C LEU B 214 4.58 -1.86 -8.73
N LEU B 215 4.28 -1.09 -7.68
CA LEU B 215 3.98 0.33 -7.87
C LEU B 215 5.24 1.12 -8.19
N PHE B 216 6.37 0.77 -7.59
CA PHE B 216 7.60 1.48 -7.90
C PHE B 216 8.11 1.12 -9.30
N ALA B 217 7.90 -0.12 -9.73
CA ALA B 217 8.19 -0.47 -11.12
C ALA B 217 7.27 0.28 -12.07
N MET B 218 5.98 0.38 -11.74
CA MET B 218 5.06 1.15 -12.57
C MET B 218 5.43 2.62 -12.60
N HIS B 219 5.62 3.23 -11.42
CA HIS B 219 5.89 4.66 -11.36
C HIS B 219 7.28 4.98 -11.90
N GLY B 220 8.29 4.17 -11.55
CA GLY B 220 9.62 4.41 -12.06
C GLY B 220 9.69 4.31 -13.57
N ALA B 221 9.04 3.29 -14.14
CA ALA B 221 9.01 3.14 -15.60
C ALA B 221 8.16 4.21 -16.26
N THR B 222 7.10 4.66 -15.59
CA THR B 222 6.25 5.70 -16.17
C THR B 222 6.98 7.03 -16.26
N ILE B 223 7.74 7.39 -15.23
CA ILE B 223 8.45 8.66 -15.23
C ILE B 223 9.59 8.62 -16.24
N LEU B 224 10.30 7.49 -16.33
CA LEU B 224 11.35 7.37 -17.33
C LEU B 224 10.78 7.35 -18.75
N ALA B 225 9.53 6.90 -18.90
CA ALA B 225 8.90 6.91 -20.22
C ALA B 225 8.44 8.30 -20.63
N VAL B 226 8.15 9.18 -19.67
CA VAL B 226 7.75 10.55 -19.96
C VAL B 226 8.82 11.55 -19.58
N SER B 227 10.03 11.08 -19.24
CA SER B 227 11.11 12.00 -18.91
C SER B 227 11.60 12.77 -20.13
N ARG B 228 11.24 12.31 -21.33
CA ARG B 228 11.51 13.07 -22.54
C ARG B 228 10.67 14.34 -22.62
N PHE B 229 9.67 14.49 -21.76
CA PHE B 229 8.87 15.70 -21.65
C PHE B 229 9.11 16.44 -20.35
N GLY B 230 10.16 16.08 -19.61
CA GLY B 230 10.38 16.68 -18.31
C GLY B 230 9.61 16.05 -17.17
N GLY B 231 9.20 14.80 -17.32
CA GLY B 231 8.41 14.14 -16.30
C GLY B 231 9.12 13.94 -14.98
N GLU B 232 10.47 13.86 -15.01
CA GLU B 232 11.22 13.71 -13.77
C GLU B 232 11.06 14.91 -12.84
N ARG B 233 10.72 16.08 -13.40
CA ARG B 233 10.46 17.28 -12.60
C ARG B 233 9.02 17.25 -12.11
N GLU B 234 8.78 16.38 -11.13
CA GLU B 234 7.42 16.11 -10.68
C GLU B 234 6.79 17.28 -9.97
N LEU B 235 7.59 18.10 -9.27
CA LEU B 235 7.03 19.22 -8.52
C LEU B 235 6.44 20.28 -9.45
N GLU B 236 7.11 20.58 -10.56
CA GLU B 236 6.57 21.54 -11.50
C GLU B 236 5.46 20.96 -12.37
N GLN B 237 5.37 19.63 -12.45
CA GLN B 237 4.22 19.02 -13.11
C GLN B 237 2.98 19.08 -12.23
N ILE B 238 3.16 19.08 -10.91
CA ILE B 238 2.04 19.27 -10.00
C ILE B 238 1.52 20.70 -10.07
N ALA B 239 2.43 21.68 -10.06
CA ALA B 239 2.02 23.08 -10.05
C ALA B 239 1.56 23.55 -11.42
N ASP B 240 2.18 23.06 -12.49
CA ASP B 240 1.83 23.45 -13.86
C ASP B 240 1.85 22.18 -14.70
N ARG B 241 0.69 21.53 -14.81
CA ARG B 241 0.57 20.24 -15.48
C ARG B 241 0.98 20.33 -16.94
N GLY B 242 2.06 19.64 -17.30
CA GLY B 242 2.55 19.61 -18.66
C GLY B 242 2.06 18.38 -19.41
N THR B 243 2.62 18.19 -20.61
CA THR B 243 2.24 17.06 -21.43
C THR B 243 2.79 15.74 -20.89
N ALA B 244 3.84 15.79 -20.05
CA ALA B 244 4.35 14.57 -19.44
C ALA B 244 3.31 13.97 -18.50
N ALA B 245 2.65 14.80 -17.70
CA ALA B 245 1.65 14.31 -16.76
C ALA B 245 0.42 13.77 -17.48
N GLU B 246 0.06 14.37 -18.62
CA GLU B 246 -1.12 13.92 -19.33
C GLU B 246 -0.88 12.58 -20.03
N ARG B 247 0.28 12.42 -20.65
CA ARG B 247 0.61 11.14 -21.28
C ARG B 247 0.74 10.03 -20.24
N ALA B 248 1.35 10.35 -19.10
CA ALA B 248 1.46 9.36 -18.03
C ALA B 248 0.09 8.94 -17.53
N ALA B 249 -0.82 9.89 -17.37
CA ALA B 249 -2.18 9.57 -16.94
C ALA B 249 -2.93 8.79 -18.01
N LEU B 250 -2.76 9.15 -19.28
CA LEU B 250 -3.55 8.51 -20.33
C LEU B 250 -3.06 7.10 -20.63
N PHE B 251 -1.78 6.82 -20.42
CA PHE B 251 -1.32 5.45 -20.59
C PHE B 251 -2.05 4.50 -19.65
N TRP B 252 -2.12 4.87 -18.38
CA TRP B 252 -2.74 3.99 -17.39
C TRP B 252 -4.25 4.01 -17.46
N ARG B 253 -4.85 5.15 -17.83
CA ARG B 253 -6.29 5.18 -18.06
C ARG B 253 -6.68 4.27 -19.22
N TRP B 254 -5.89 4.28 -20.29
CA TRP B 254 -6.17 3.41 -21.42
C TRP B 254 -5.84 1.95 -21.11
N THR B 255 -4.90 1.71 -20.18
CA THR B 255 -4.57 0.37 -19.77
C THR B 255 -5.51 -0.15 -18.69
N MET B 256 -5.53 0.51 -17.53
CA MET B 256 -6.28 0.02 -16.37
C MET B 256 -7.72 0.51 -16.31
N GLY B 257 -8.08 1.53 -17.07
CA GLY B 257 -9.36 2.16 -16.91
C GLY B 257 -9.39 3.26 -15.88
N PHE B 258 -8.29 3.49 -15.18
CA PHE B 258 -8.20 4.57 -14.21
C PHE B 258 -6.74 4.97 -14.09
N ASN B 259 -6.50 6.15 -13.53
CA ASN B 259 -5.16 6.70 -13.49
C ASN B 259 -4.97 7.48 -12.20
N ALA B 260 -3.77 8.00 -12.03
CA ALA B 260 -3.40 8.86 -10.93
C ALA B 260 -3.03 10.24 -11.46
N THR B 261 -2.70 11.14 -10.55
CA THR B 261 -2.12 12.43 -10.90
C THR B 261 -0.65 12.46 -10.52
N MET B 262 0.02 13.54 -10.88
CA MET B 262 1.44 13.65 -10.55
C MET B 262 1.66 13.74 -9.05
N GLU B 263 0.71 14.29 -8.30
CA GLU B 263 0.82 14.33 -6.86
C GLU B 263 0.18 13.14 -6.17
N GLY B 264 -0.97 12.69 -6.67
CA GLY B 264 -1.69 11.60 -6.03
C GLY B 264 -1.02 10.26 -6.16
N ILE B 265 -0.19 10.07 -7.20
CA ILE B 265 0.55 8.82 -7.33
C ILE B 265 1.48 8.62 -6.15
N HIS B 266 2.00 9.72 -5.58
CA HIS B 266 2.87 9.63 -4.42
C HIS B 266 2.09 9.42 -3.13
N ARG B 267 0.78 9.66 -3.14
CA ARG B 267 -0.06 9.22 -2.02
C ARG B 267 -0.30 7.72 -2.09
N TRP B 268 -0.53 7.19 -3.29
CA TRP B 268 -0.52 5.74 -3.48
C TRP B 268 0.82 5.16 -3.06
N ALA B 269 1.91 5.86 -3.38
CA ALA B 269 3.24 5.34 -3.10
C ALA B 269 3.52 5.25 -1.60
N ILE B 270 3.26 6.34 -0.87
CA ILE B 270 3.61 6.34 0.55
C ILE B 270 2.72 5.37 1.32
N TRP B 271 1.45 5.24 0.92
CA TRP B 271 0.55 4.33 1.64
C TRP B 271 0.84 2.87 1.32
N MET B 272 1.16 2.56 0.06
CA MET B 272 1.51 1.19 -0.29
C MET B 272 2.70 0.71 0.53
N ALA B 273 3.64 1.60 0.83
CA ALA B 273 4.85 1.22 1.55
C ALA B 273 4.64 1.16 3.05
N VAL B 274 3.95 2.16 3.63
CA VAL B 274 3.77 2.15 5.08
C VAL B 274 2.82 1.05 5.52
N LEU B 275 1.90 0.62 4.66
CA LEU B 275 1.02 -0.48 5.01
C LEU B 275 1.76 -1.79 5.15
N VAL B 276 2.98 -1.89 4.61
CA VAL B 276 3.78 -3.10 4.78
C VAL B 276 4.09 -3.33 6.25
N THR B 277 4.59 -2.30 6.92
CA THR B 277 4.99 -2.42 8.31
C THR B 277 3.85 -2.16 9.29
N LEU B 278 2.89 -1.33 8.91
CA LEU B 278 1.72 -1.12 9.77
C LEU B 278 0.91 -2.40 9.89
N THR B 279 0.56 -3.01 8.77
CA THR B 279 -0.13 -4.30 8.80
C THR B 279 0.78 -5.40 9.35
N GLY B 280 2.06 -5.36 9.00
CA GLY B 280 2.99 -6.34 9.51
C GLY B 280 3.15 -6.30 11.02
N GLY B 281 3.14 -5.09 11.59
CA GLY B 281 3.24 -4.97 13.04
C GLY B 281 2.05 -5.56 13.76
N ILE B 282 0.84 -5.35 13.21
CA ILE B 282 -0.36 -5.92 13.80
C ILE B 282 -0.31 -7.44 13.78
N GLY B 283 0.11 -8.01 12.65
CA GLY B 283 0.14 -9.47 12.53
C GLY B 283 1.12 -10.12 13.50
N ILE B 284 2.30 -9.53 13.66
CA ILE B 284 3.26 -10.04 14.62
C ILE B 284 2.72 -9.88 16.04
N LEU B 285 2.10 -8.75 16.33
CA LEU B 285 1.56 -8.51 17.67
C LEU B 285 0.45 -9.50 18.01
N LEU B 286 -0.30 -9.95 17.01
CA LEU B 286 -1.36 -10.93 17.24
C LEU B 286 -0.85 -12.35 17.39
N SER B 287 0.42 -12.60 17.08
CA SER B 287 0.99 -13.95 17.16
C SER B 287 1.49 -14.20 18.57
N GLY B 288 1.03 -15.30 19.18
CA GLY B 288 1.36 -15.64 20.53
C GLY B 288 0.50 -14.96 21.59
N THR B 289 0.08 -13.73 21.33
CA THR B 289 -0.78 -13.00 22.26
C THR B 289 -2.26 -13.30 22.05
N VAL B 290 -2.69 -13.56 20.82
CA VAL B 290 -4.07 -13.87 20.50
C VAL B 290 -4.19 -15.22 19.81
N VAL B 291 -3.32 -15.49 18.83
CA VAL B 291 -3.35 -16.72 18.06
C VAL B 291 -1.99 -17.38 18.18
N ASP B 292 -1.97 -18.67 18.53
CA ASP B 292 -0.75 -19.44 18.62
C ASP B 292 -0.61 -20.46 17.50
N ASN B 293 -1.66 -20.73 16.75
CA ASN B 293 -1.61 -21.66 15.61
C ASN B 293 -2.41 -21.01 14.48
N TRP B 294 -1.70 -20.35 13.56
CA TRP B 294 -2.37 -19.61 12.50
C TRP B 294 -3.03 -20.53 11.49
N TYR B 295 -2.49 -21.74 11.29
CA TYR B 295 -3.12 -22.67 10.36
C TYR B 295 -4.43 -23.19 10.93
N VAL B 296 -4.46 -23.54 12.22
CA VAL B 296 -5.71 -23.91 12.88
C VAL B 296 -6.67 -22.74 12.88
N TRP B 297 -6.17 -21.54 13.18
CA TRP B 297 -6.99 -20.34 13.06
C TRP B 297 -7.50 -20.16 11.65
N GLY B 298 -6.64 -20.44 10.65
CA GLY B 298 -7.08 -20.36 9.28
C GLY B 298 -8.23 -21.32 9.00
N GLN B 299 -8.11 -22.57 9.44
CA GLN B 299 -9.13 -23.58 9.18
C GLN B 299 -10.49 -23.19 9.73
N ASN B 300 -10.52 -22.49 10.87
CA ASN B 300 -11.77 -22.06 11.47
C ASN B 300 -12.31 -20.78 10.85
N HIS B 301 -11.63 -20.23 9.85
CA HIS B 301 -12.04 -18.98 9.21
C HIS B 301 -12.08 -19.09 7.69
N GLY B 302 -12.23 -20.30 7.16
CA GLY B 302 -12.06 -20.52 5.74
C GLY B 302 -10.61 -20.84 5.45
N MET B 303 -10.05 -20.29 4.38
CA MET B 303 -8.60 -20.14 4.23
C MET B 303 -7.85 -21.45 4.18
N ALA B 304 -8.51 -22.56 4.45
CA ALA B 304 -7.86 -23.87 4.55
C ALA B 304 -8.92 -24.95 4.66
N PRO B 305 -8.76 -26.08 3.99
CA PRO B 305 -9.75 -27.15 4.09
C PRO B 305 -9.79 -27.74 5.49
N LEU B 306 -10.98 -28.18 5.89
CA LEU B 306 -11.18 -28.76 7.21
C LEU B 306 -10.51 -30.11 7.34
N MET C 1 -2.50 -15.67 26.71
CA MET C 1 -3.08 -15.49 25.38
C MET C 1 -4.57 -15.21 25.50
N VAL C 2 -5.07 -14.25 24.72
CA VAL C 2 -6.47 -13.87 24.81
C VAL C 2 -7.33 -14.93 24.13
N GLY C 3 -7.17 -15.08 22.81
CA GLY C 3 -7.75 -16.19 22.07
C GLY C 3 -9.25 -16.40 22.20
N VAL C 4 -9.93 -15.54 22.93
CA VAL C 4 -11.34 -15.72 23.25
C VAL C 4 -12.19 -15.02 22.20
N THR C 5 -13.20 -15.71 21.69
CA THR C 5 -14.13 -15.14 20.72
C THR C 5 -15.30 -14.49 21.43
N ALA C 6 -15.67 -13.29 20.98
CA ALA C 6 -16.88 -12.66 21.48
C ALA C 6 -18.11 -13.41 21.01
N PHE C 7 -18.11 -13.88 19.78
CA PHE C 7 -19.21 -14.63 19.19
C PHE C 7 -18.67 -15.45 18.04
N GLY C 8 -19.25 -16.63 17.83
CA GLY C 8 -18.80 -17.49 16.75
C GLY C 8 -17.32 -17.78 16.86
N ASN C 9 -16.57 -17.53 15.79
CA ASN C 9 -15.12 -17.60 15.80
C ASN C 9 -14.48 -16.22 15.80
N PHE C 10 -15.26 -15.18 16.11
CA PHE C 10 -14.82 -13.79 15.99
C PHE C 10 -13.99 -13.43 17.22
N ASP C 11 -12.69 -13.68 17.13
CA ASP C 11 -11.75 -13.34 18.19
C ASP C 11 -11.12 -11.99 17.92
N LEU C 12 -10.09 -11.65 18.70
CA LEU C 12 -9.42 -10.37 18.52
C LEU C 12 -8.76 -10.25 17.15
N ALA C 13 -8.26 -11.37 16.60
CA ALA C 13 -7.69 -11.34 15.25
C ALA C 13 -8.77 -11.12 14.19
N SER C 14 -10.00 -11.56 14.45
CA SER C 14 -11.09 -11.31 13.51
C SER C 14 -11.52 -9.84 13.57
N LEU C 15 -11.52 -9.24 14.76
CA LEU C 15 -11.81 -7.82 14.86
C LEU C 15 -10.80 -6.99 14.10
N ALA C 16 -9.51 -7.35 14.21
CA ALA C 16 -8.47 -6.59 13.53
C ALA C 16 -8.60 -6.68 12.01
N ILE C 17 -8.85 -7.89 11.49
CA ILE C 17 -8.86 -8.06 10.03
C ILE C 17 -10.06 -7.36 9.41
N TYR C 18 -11.22 -7.43 10.07
CA TYR C 18 -12.40 -6.72 9.55
C TYR C 18 -12.24 -5.21 9.70
N SER C 19 -11.62 -4.76 10.79
CA SER C 19 -11.35 -3.34 10.95
C SER C 19 -10.46 -2.83 9.83
N PHE C 20 -9.48 -3.63 9.42
CA PHE C 20 -8.59 -3.20 8.35
C PHE C 20 -9.33 -3.11 7.01
N TRP C 21 -10.26 -4.03 6.76
CA TRP C 21 -11.03 -3.96 5.52
C TRP C 21 -11.82 -2.67 5.43
N ILE C 22 -12.41 -2.24 6.55
CA ILE C 22 -13.11 -0.96 6.58
C ILE C 22 -12.14 0.18 6.35
N PHE C 23 -10.98 0.15 7.01
CA PHE C 23 -9.97 1.17 6.80
C PHE C 23 -9.45 1.16 5.37
N LEU C 24 -9.24 -0.04 4.82
CA LEU C 24 -8.72 -0.13 3.46
C LEU C 24 -9.69 0.47 2.44
N ALA C 25 -10.98 0.18 2.60
CA ALA C 25 -11.97 0.80 1.72
C ALA C 25 -12.00 2.31 1.89
N GLY C 26 -11.90 2.78 3.13
CA GLY C 26 -11.82 4.22 3.35
C GLY C 26 -10.54 4.83 2.80
N LEU C 27 -9.44 4.08 2.88
CA LEU C 27 -8.17 4.57 2.32
C LEU C 27 -8.22 4.61 0.80
N ILE C 28 -8.77 3.57 0.18
CA ILE C 28 -8.85 3.54 -1.28
C ILE C 28 -9.74 4.66 -1.78
N TYR C 29 -10.86 4.92 -1.09
CA TYR C 29 -11.73 6.03 -1.46
C TYR C 29 -10.98 7.36 -1.37
N TYR C 30 -10.20 7.54 -0.29
CA TYR C 30 -9.43 8.77 -0.15
C TYR C 30 -8.40 8.91 -1.27
N LEU C 31 -7.69 7.82 -1.57
CA LEU C 31 -6.65 7.87 -2.60
C LEU C 31 -7.24 8.16 -3.97
N GLN C 32 -8.37 7.54 -4.30
CA GLN C 32 -8.96 7.74 -5.62
C GLN C 32 -9.49 9.15 -5.79
N THR C 33 -10.14 9.70 -4.76
CA THR C 33 -10.66 11.06 -4.88
C THR C 33 -9.55 12.09 -4.90
N GLU C 34 -8.46 11.85 -4.17
CA GLU C 34 -7.30 12.74 -4.25
C GLU C 34 -6.64 12.70 -5.63
N ASN C 35 -6.87 11.65 -6.41
CA ASN C 35 -6.29 11.53 -7.72
C ASN C 35 -7.23 11.98 -8.83
N MET C 36 -8.33 12.64 -8.47
CA MET C 36 -9.28 13.18 -9.43
C MET C 36 -9.27 14.70 -9.46
N ARG C 37 -8.14 15.30 -9.06
CA ARG C 37 -8.00 16.74 -9.08
C ARG C 37 -7.56 17.29 -10.42
N GLU C 38 -7.19 16.44 -11.37
CA GLU C 38 -6.85 16.84 -12.72
C GLU C 38 -7.71 16.08 -13.72
N GLY C 39 -8.21 16.79 -14.72
CA GLY C 39 -8.94 16.16 -15.81
C GLY C 39 -10.39 15.85 -15.55
N TYR C 40 -10.99 16.42 -14.50
CA TYR C 40 -12.38 16.15 -14.19
C TYR C 40 -13.16 17.46 -14.13
N PRO C 41 -14.47 17.43 -14.41
CA PRO C 41 -15.31 16.27 -14.77
C PRO C 41 -15.03 15.70 -16.14
N LEU C 42 -15.54 14.49 -16.40
CA LEU C 42 -15.41 13.87 -17.70
C LEU C 42 -16.23 14.61 -18.74
N GLU C 43 -15.80 14.52 -20.00
CA GLU C 43 -16.42 15.22 -21.10
C GLU C 43 -16.74 14.22 -22.21
N ASN C 44 -17.57 14.67 -23.14
CA ASN C 44 -17.81 13.92 -24.36
C ASN C 44 -16.80 14.36 -25.41
N GLU C 45 -16.92 13.83 -26.63
CA GLU C 45 -16.02 14.21 -27.70
C GLU C 45 -16.23 15.65 -28.15
N ASP C 46 -17.37 16.24 -27.81
CA ASP C 46 -17.66 17.62 -28.20
C ASP C 46 -17.22 18.64 -27.14
N GLY C 47 -16.77 18.17 -25.98
CA GLY C 47 -16.37 19.06 -24.89
C GLY C 47 -17.42 19.25 -23.82
N THR C 48 -18.67 18.89 -24.07
CA THR C 48 -19.71 19.03 -23.07
C THR C 48 -19.50 17.99 -21.96
N PRO C 49 -19.97 18.28 -20.74
CA PRO C 49 -19.83 17.31 -19.65
C PRO C 49 -20.52 15.99 -19.99
N ALA C 50 -19.85 14.89 -19.66
CA ALA C 50 -20.40 13.58 -19.91
C ALA C 50 -21.52 13.27 -18.93
N ALA C 51 -22.46 12.44 -19.39
CA ALA C 51 -23.56 12.02 -18.51
C ALA C 51 -23.04 11.22 -17.33
N ASN C 52 -22.05 10.37 -17.57
CA ASN C 52 -21.45 9.54 -16.55
C ASN C 52 -20.21 10.23 -15.99
N GLN C 53 -20.11 10.26 -14.66
CA GLN C 53 -18.98 10.85 -13.98
C GLN C 53 -18.27 9.92 -13.03
N GLY C 54 -18.77 8.69 -12.86
CA GLY C 54 -18.12 7.71 -12.03
C GLY C 54 -18.68 7.63 -10.63
N PRO C 55 -18.35 6.54 -9.93
CA PRO C 55 -18.86 6.38 -8.56
C PRO C 55 -18.24 7.34 -7.56
N PHE C 56 -17.04 7.85 -7.82
CA PHE C 56 -16.35 8.70 -6.87
C PHE C 56 -16.64 10.17 -7.15
N PRO C 57 -17.10 10.93 -6.16
CA PRO C 57 -17.30 12.37 -6.37
C PRO C 57 -15.97 13.11 -6.44
N LEU C 58 -16.03 14.32 -6.97
CA LEU C 58 -14.85 15.17 -7.00
C LEU C 58 -14.48 15.60 -5.58
N PRO C 59 -13.19 15.72 -5.29
CA PRO C 59 -12.77 16.13 -3.95
C PRO C 59 -13.03 17.60 -3.71
N LYS C 60 -12.98 17.99 -2.44
CA LYS C 60 -13.01 19.39 -2.09
C LYS C 60 -11.75 20.07 -2.62
N PRO C 61 -11.86 21.28 -3.15
CA PRO C 61 -10.69 21.94 -3.75
C PRO C 61 -9.60 22.20 -2.72
N LYS C 62 -8.35 22.14 -3.18
CA LYS C 62 -7.20 22.53 -2.38
C LYS C 62 -6.42 23.58 -3.15
N THR C 63 -5.77 24.48 -2.40
CA THR C 63 -5.03 25.59 -2.98
C THR C 63 -3.54 25.38 -2.80
N PHE C 64 -2.80 25.52 -3.89
CA PHE C 64 -1.34 25.51 -3.85
C PHE C 64 -0.82 26.94 -3.95
N ILE C 65 0.13 27.28 -3.09
CA ILE C 65 0.78 28.58 -3.13
C ILE C 65 2.10 28.41 -3.86
N LEU C 66 2.23 29.07 -5.01
CA LEU C 66 3.43 28.90 -5.82
C LEU C 66 4.62 29.61 -5.18
N PRO C 67 5.83 29.08 -5.37
CA PRO C 67 6.97 29.50 -4.53
C PRO C 67 7.59 30.84 -4.86
N HIS C 68 7.32 31.45 -6.01
CA HIS C 68 8.03 32.66 -6.41
C HIS C 68 7.06 33.73 -6.91
N GLY C 69 5.97 33.92 -6.17
CA GLY C 69 4.97 34.89 -6.59
C GLY C 69 4.31 34.53 -7.90
N ARG C 70 4.15 33.24 -8.19
CA ARG C 70 3.55 32.77 -9.42
C ARG C 70 2.05 32.56 -9.31
N GLY C 71 1.45 32.90 -8.17
CA GLY C 71 0.01 32.82 -8.03
C GLY C 71 -0.47 31.69 -7.13
N THR C 72 -1.63 31.13 -7.47
CA THR C 72 -2.24 30.09 -6.67
C THR C 72 -2.96 29.11 -7.58
N LEU C 73 -2.74 27.81 -7.35
CA LEU C 73 -3.39 26.75 -8.11
C LEU C 73 -4.46 26.10 -7.24
N THR C 74 -5.70 26.13 -7.70
CA THR C 74 -6.82 25.50 -7.00
C THR C 74 -7.28 24.30 -7.82
N VAL C 75 -7.22 23.12 -7.20
CA VAL C 75 -7.60 21.88 -7.88
C VAL C 75 -8.48 21.05 -6.96
N PRO C 76 -9.56 20.43 -7.46
CA PRO C 76 -10.00 20.57 -8.85
C PRO C 76 -10.70 21.92 -9.09
N GLY C 77 -10.49 22.47 -10.27
CA GLY C 77 -11.07 23.75 -10.61
C GLY C 77 -11.48 23.81 -12.06
N PRO C 78 -11.68 25.02 -12.58
CA PRO C 78 -11.97 25.17 -14.00
C PRO C 78 -10.82 24.64 -14.84
N GLU C 79 -11.16 23.97 -15.94
CA GLU C 79 -10.17 23.38 -16.83
C GLU C 79 -10.58 23.62 -18.27
N SER C 80 -9.60 23.92 -19.11
CA SER C 80 -9.86 24.16 -20.52
C SER C 80 -8.55 24.07 -21.29
N GLU C 81 -8.65 23.57 -22.52
CA GLU C 81 -7.53 23.62 -23.45
C GLU C 81 -7.55 24.97 -24.15
N ASP C 82 -6.60 25.83 -23.80
CA ASP C 82 -6.57 27.18 -24.36
C ASP C 82 -6.33 27.15 -25.86
N ARG C 83 -5.46 26.26 -26.32
CA ARG C 83 -5.19 26.12 -27.73
C ARG C 83 -6.36 25.43 -28.44
N PRO C 84 -6.52 25.65 -29.73
CA PRO C 84 -7.44 24.83 -30.52
C PRO C 84 -6.80 23.50 -30.89
N ILE C 85 -7.66 22.49 -31.07
CA ILE C 85 -7.22 21.13 -31.37
C ILE C 85 -7.64 20.80 -32.80
N ALA C 86 -6.65 20.56 -33.66
CA ALA C 86 -6.90 20.30 -35.08
C ALA C 86 -7.12 18.81 -35.28
N LEU C 87 -8.30 18.35 -34.88
CA LEU C 87 -8.70 16.96 -35.05
C LEU C 87 -10.13 16.90 -35.55
N ALA C 88 -10.42 15.88 -36.35
CA ALA C 88 -11.77 15.58 -36.79
C ALA C 88 -12.08 14.13 -36.43
N ARG C 89 -13.24 13.91 -35.81
CA ARG C 89 -13.61 12.56 -35.42
C ARG C 89 -13.90 11.71 -36.64
N THR C 90 -13.41 10.47 -36.61
CA THR C 90 -13.60 9.54 -37.72
C THR C 90 -14.96 8.84 -37.68
N ALA C 91 -15.73 9.01 -36.61
CA ALA C 91 -17.02 8.34 -36.49
C ALA C 91 -17.94 9.16 -35.62
N VAL C 92 -19.24 8.99 -35.84
CA VAL C 92 -20.24 9.66 -35.00
C VAL C 92 -20.23 9.08 -33.59
N SER C 93 -20.03 7.77 -33.48
CA SER C 93 -20.05 7.11 -32.19
CA SER C 93 -20.06 7.11 -32.18
C SER C 93 -18.79 7.41 -31.39
N GLU C 94 -18.93 7.40 -30.07
CA GLU C 94 -17.80 7.57 -29.17
C GLU C 94 -16.86 6.38 -29.24
N GLY C 95 -15.62 6.60 -28.83
CA GLY C 95 -14.65 5.53 -28.72
C GLY C 95 -13.77 5.31 -29.92
N PHE C 96 -13.81 6.19 -30.90
CA PHE C 96 -12.99 6.05 -32.10
C PHE C 96 -11.95 7.16 -32.20
N PRO C 97 -10.86 6.95 -32.94
CA PRO C 97 -9.81 7.96 -33.02
C PRO C 97 -10.28 9.21 -33.76
N HIS C 98 -9.60 10.31 -33.48
CA HIS C 98 -9.83 11.59 -34.15
C HIS C 98 -8.65 11.88 -35.07
N ALA C 99 -8.90 11.91 -36.37
CA ALA C 99 -7.81 12.03 -37.34
C ALA C 99 -7.31 13.47 -37.41
N PRO C 100 -6.00 13.66 -37.53
CA PRO C 100 -5.47 15.02 -37.71
C PRO C 100 -5.86 15.59 -39.06
N THR C 101 -6.36 16.83 -39.06
CA THR C 101 -6.69 17.54 -40.29
C THR C 101 -5.56 18.51 -40.65
N GLY C 102 -4.46 17.93 -41.08
CA GLY C 102 -3.31 18.72 -41.48
C GLY C 102 -2.02 18.00 -41.12
N ASP C 103 -1.05 18.76 -40.61
CA ASP C 103 0.23 18.20 -40.19
C ASP C 103 0.22 18.11 -38.67
N PRO C 104 0.05 16.91 -38.10
CA PRO C 104 -0.08 16.81 -36.63
C PRO C 104 1.13 17.31 -35.87
N MET C 105 2.34 17.16 -36.41
CA MET C 105 3.52 17.67 -35.73
C MET C 105 3.49 19.19 -35.64
N LYS C 106 3.09 19.86 -36.73
CA LYS C 106 2.94 21.31 -36.69
C LYS C 106 1.81 21.73 -35.78
N ASP C 107 0.67 21.04 -35.85
CA ASP C 107 -0.49 21.42 -35.04
C ASP C 107 -0.28 21.07 -33.57
N GLY C 108 0.40 19.96 -33.29
CA GLY C 108 0.60 19.53 -31.92
C GLY C 108 -0.55 18.69 -31.40
N VAL C 109 -0.88 17.62 -32.12
CA VAL C 109 -1.92 16.68 -31.71
C VAL C 109 -1.33 15.28 -31.72
N GLY C 110 -2.00 14.38 -31.01
CA GLY C 110 -1.54 13.03 -30.86
C GLY C 110 -0.25 12.95 -30.08
N PRO C 111 0.68 12.11 -30.54
CA PRO C 111 2.00 12.05 -29.88
C PRO C 111 2.80 13.33 -30.00
N ALA C 112 2.38 14.28 -30.83
CA ALA C 112 3.03 15.58 -30.93
C ALA C 112 2.40 16.62 -30.02
N SER C 113 1.47 16.22 -29.17
CA SER C 113 0.69 17.17 -28.38
C SER C 113 1.57 17.92 -27.38
N TRP C 114 1.18 19.16 -27.11
CA TRP C 114 1.81 19.98 -26.09
C TRP C 114 0.72 20.66 -25.27
N VAL C 115 1.07 21.01 -24.04
CA VAL C 115 0.16 21.67 -23.11
C VAL C 115 0.51 23.15 -23.05
N ALA C 116 -0.52 23.99 -23.08
CA ALA C 116 -0.33 25.44 -22.99
C ALA C 116 0.05 25.78 -21.55
N ARG C 117 1.30 25.51 -21.21
CA ARG C 117 1.81 25.78 -19.88
C ARG C 117 2.10 27.28 -19.72
N ARG C 118 2.44 27.66 -18.50
CA ARG C 118 2.81 29.04 -18.22
C ARG C 118 4.05 29.43 -19.02
N ASP C 119 3.99 30.59 -19.67
CA ASP C 119 5.06 31.03 -20.54
C ASP C 119 6.18 31.72 -19.75
N LEU C 120 6.67 31.06 -18.72
CA LEU C 120 7.75 31.59 -17.89
C LEU C 120 8.74 30.47 -17.61
N PRO C 121 10.01 30.78 -17.44
CA PRO C 121 10.99 29.76 -17.09
C PRO C 121 10.70 29.18 -15.72
N GLU C 122 11.00 27.89 -15.56
CA GLU C 122 10.97 27.29 -14.24
C GLU C 122 12.09 27.89 -13.40
N LEU C 123 11.77 28.25 -12.18
CA LEU C 123 12.72 28.88 -11.28
C LEU C 123 13.24 27.89 -10.24
N ASP C 124 14.51 28.03 -9.89
CA ASP C 124 15.10 27.21 -8.84
C ASP C 124 14.70 27.77 -7.48
N GLY C 125 15.30 27.23 -6.41
CA GLY C 125 14.96 27.69 -5.09
C GLY C 125 15.34 29.14 -4.83
N HIS C 126 16.45 29.58 -5.41
CA HIS C 126 16.94 30.94 -5.19
C HIS C 126 16.29 31.97 -6.10
N GLY C 127 15.39 31.56 -6.98
CA GLY C 127 14.68 32.48 -7.84
C GLY C 127 15.28 32.68 -9.22
N HIS C 128 16.34 31.94 -9.56
CA HIS C 128 16.96 32.06 -10.87
C HIS C 128 16.35 31.05 -11.85
N ASN C 129 16.63 31.26 -13.14
CA ASN C 129 16.18 30.32 -14.15
C ASN C 129 16.81 28.96 -13.92
N LYS C 130 15.96 27.93 -13.86
CA LYS C 130 16.44 26.59 -13.55
C LYS C 130 17.34 26.05 -14.65
N ILE C 131 17.00 26.31 -15.91
CA ILE C 131 17.75 25.80 -17.06
C ILE C 131 18.34 26.98 -17.82
N LYS C 132 19.65 26.94 -18.04
CA LYS C 132 20.34 27.98 -18.80
C LYS C 132 21.47 27.32 -19.58
N PRO C 133 21.90 27.95 -20.69
CA PRO C 133 23.00 27.37 -21.46
C PRO C 133 24.30 27.31 -20.67
N MET C 134 25.11 26.29 -20.98
CA MET C 134 26.31 26.04 -20.19
C MET C 134 27.31 27.18 -20.32
N LYS C 135 27.46 27.74 -21.52
CA LYS C 135 28.37 28.87 -21.69
C LYS C 135 27.88 30.12 -20.96
N ALA C 136 26.59 30.19 -20.61
CA ALA C 136 26.09 31.26 -19.76
C ALA C 136 26.17 30.90 -18.29
N ALA C 137 26.07 29.61 -17.96
CA ALA C 137 26.28 29.18 -16.59
C ALA C 137 27.76 29.33 -16.21
N ALA C 138 28.00 29.76 -14.98
CA ALA C 138 29.34 30.00 -14.49
C ALA C 138 29.86 28.77 -13.76
N GLY C 139 31.07 28.35 -14.10
CA GLY C 139 31.69 27.20 -13.46
C GLY C 139 31.19 25.86 -13.90
N PHE C 140 30.42 25.78 -14.97
CA PHE C 140 29.87 24.52 -15.44
C PHE C 140 30.70 23.98 -16.59
N TYR C 141 30.87 22.66 -16.61
CA TYR C 141 31.68 21.99 -17.61
C TYR C 141 31.22 20.54 -17.72
N VAL C 142 31.63 19.89 -18.80
CA VAL C 142 31.35 18.46 -18.99
C VAL C 142 32.34 17.67 -18.14
N SER C 143 31.82 16.96 -17.13
CA SER C 143 32.66 16.26 -16.18
C SER C 143 33.02 14.84 -16.61
N ALA C 144 32.12 14.15 -17.29
CA ALA C 144 32.39 12.79 -17.73
C ALA C 144 31.56 12.49 -18.97
N GLY C 145 31.93 11.42 -19.66
CA GLY C 145 31.28 11.06 -20.90
C GLY C 145 31.81 11.86 -22.08
N LYS C 146 31.45 11.42 -23.28
CA LYS C 146 31.84 12.13 -24.48
C LYS C 146 31.24 13.52 -24.49
N ASN C 147 32.07 14.52 -24.73
CA ASN C 147 31.59 15.89 -24.82
C ASN C 147 30.92 16.08 -26.16
N PRO C 148 29.60 16.31 -26.22
CA PRO C 148 28.89 16.40 -27.50
C PRO C 148 28.86 17.81 -28.07
N ILE C 149 30.02 18.46 -28.14
CA ILE C 149 30.11 19.81 -28.68
C ILE C 149 30.99 19.76 -29.92
N GLY C 150 30.45 20.21 -31.05
CA GLY C 150 31.09 20.06 -32.34
C GLY C 150 30.70 18.81 -33.09
N LEU C 151 29.94 17.92 -32.46
CA LEU C 151 29.51 16.69 -33.12
C LEU C 151 28.39 16.97 -34.10
N PRO C 152 28.44 16.41 -35.31
CA PRO C 152 27.31 16.53 -36.22
C PRO C 152 26.08 15.81 -35.69
N VAL C 153 24.92 16.32 -36.05
CA VAL C 153 23.64 15.77 -35.62
C VAL C 153 23.02 15.05 -36.80
N ARG C 154 22.73 13.77 -36.62
CA ARG C 154 22.16 12.93 -37.67
C ARG C 154 20.74 12.54 -37.31
N GLY C 155 19.84 12.64 -38.29
CA GLY C 155 18.45 12.28 -38.10
C GLY C 155 18.20 10.82 -38.40
N CYS C 156 16.91 10.45 -38.40
CA CYS C 156 16.55 9.07 -38.67
C CYS C 156 16.73 8.70 -40.13
N ASP C 157 16.80 9.69 -41.03
CA ASP C 157 17.09 9.43 -42.44
C ASP C 157 18.59 9.39 -42.72
N LEU C 158 19.43 9.28 -41.69
CA LEU C 158 20.87 9.14 -41.82
C LEU C 158 21.50 10.33 -42.52
N GLU C 159 20.90 11.52 -42.35
CA GLU C 159 21.44 12.75 -42.90
C GLU C 159 21.76 13.72 -41.78
N ILE C 160 22.69 14.63 -42.04
CA ILE C 160 23.19 15.55 -41.03
C ILE C 160 22.30 16.78 -40.99
N ALA C 161 21.68 17.02 -39.83
CA ALA C 161 20.81 18.18 -39.64
C ALA C 161 21.53 19.39 -39.05
N GLY C 162 22.77 19.22 -38.62
CA GLY C 162 23.52 20.34 -38.05
C GLY C 162 24.61 19.84 -37.12
N LYS C 163 25.06 20.74 -36.26
CA LYS C 163 26.08 20.43 -35.28
C LYS C 163 25.66 20.99 -33.92
N VAL C 164 26.16 20.36 -32.86
CA VAL C 164 25.82 20.78 -31.50
C VAL C 164 26.72 21.94 -31.10
N VAL C 165 26.10 23.01 -30.60
CA VAL C 165 26.83 24.21 -30.20
C VAL C 165 26.99 24.30 -28.70
N ASP C 166 25.93 24.03 -27.94
CA ASP C 166 25.97 24.24 -26.51
C ASP C 166 25.16 23.15 -25.80
N ILE C 167 25.22 23.17 -24.47
CA ILE C 167 24.46 22.27 -23.62
C ILE C 167 23.68 23.13 -22.63
N TRP C 168 22.39 22.85 -22.50
CA TRP C 168 21.54 23.53 -21.53
C TRP C 168 21.41 22.65 -20.30
N VAL C 169 21.83 23.17 -19.16
CA VAL C 169 21.94 22.38 -17.93
C VAL C 169 20.92 22.84 -16.92
N ASP C 170 20.54 21.90 -16.04
CA ASP C 170 19.66 22.18 -14.90
C ASP C 170 20.56 22.58 -13.74
N ILE C 171 20.58 23.87 -13.43
CA ILE C 171 21.57 24.38 -12.45
C ILE C 171 21.41 23.75 -11.07
N PRO C 172 20.23 23.75 -10.44
CA PRO C 172 20.14 23.13 -9.11
C PRO C 172 20.40 21.64 -9.13
N GLU C 173 20.01 20.94 -10.20
CA GLU C 173 20.17 19.49 -10.26
C GLU C 173 21.42 19.04 -10.99
N GLN C 174 22.13 19.96 -11.65
CA GLN C 174 23.39 19.68 -12.34
C GLN C 174 23.27 18.50 -13.30
N MET C 175 22.43 18.67 -14.32
CA MET C 175 22.28 17.66 -15.34
C MET C 175 21.98 18.32 -16.66
N ALA C 176 22.51 17.74 -17.74
CA ALA C 176 22.27 18.26 -19.08
C ALA C 176 20.82 18.01 -19.48
N ARG C 177 20.12 19.08 -19.84
CA ARG C 177 18.71 19.00 -20.24
C ARG C 177 18.55 19.01 -21.75
N PHE C 178 19.08 20.04 -22.41
CA PHE C 178 18.89 20.22 -23.84
C PHE C 178 20.24 20.37 -24.53
N LEU C 179 20.25 20.03 -25.82
CA LEU C 179 21.38 20.29 -26.71
C LEU C 179 20.98 21.38 -27.68
N GLU C 180 21.76 22.46 -27.73
CA GLU C 180 21.51 23.52 -28.69
C GLU C 180 22.17 23.15 -30.01
N VAL C 181 21.35 22.98 -31.05
CA VAL C 181 21.80 22.46 -32.33
C VAL C 181 21.66 23.55 -33.38
N GLU C 182 22.76 23.87 -34.06
CA GLU C 182 22.76 24.88 -35.11
C GLU C 182 22.47 24.21 -36.44
N LEU C 183 21.45 24.71 -37.14
CA LEU C 183 21.07 24.15 -38.42
C LEU C 183 21.90 24.79 -39.53
N LYS C 184 21.67 24.34 -40.77
CA LYS C 184 22.40 24.90 -41.91
C LYS C 184 22.04 26.36 -42.14
N ASP C 185 20.81 26.76 -41.80
CA ASP C 185 20.42 28.16 -41.95
C ASP C 185 21.15 29.07 -40.98
N GLY C 186 21.67 28.54 -39.88
CA GLY C 186 22.36 29.32 -38.88
C GLY C 186 21.56 29.53 -37.61
N SER C 187 20.26 29.28 -37.62
CA SER C 187 19.47 29.33 -36.40
C SER C 187 19.79 28.13 -35.52
N THR C 188 19.41 28.24 -34.25
CA THR C 188 19.67 27.19 -33.27
C THR C 188 18.34 26.60 -32.79
N ARG C 189 18.32 25.29 -32.61
CA ARG C 189 17.19 24.56 -32.07
C ARG C 189 17.61 23.82 -30.81
N LEU C 190 16.64 23.53 -29.97
CA LEU C 190 16.87 22.78 -28.74
C LEU C 190 16.38 21.35 -28.91
N LEU C 191 17.15 20.40 -28.41
CA LEU C 191 16.80 18.98 -28.45
C LEU C 191 16.94 18.41 -27.05
N PRO C 192 15.87 17.84 -26.47
CA PRO C 192 16.00 17.24 -25.14
C PRO C 192 17.02 16.12 -25.12
N MET C 193 17.80 16.06 -24.04
CA MET C 193 18.86 15.07 -23.92
C MET C 193 18.33 13.65 -23.85
N GLN C 194 17.06 13.46 -23.48
CA GLN C 194 16.48 12.14 -23.41
C GLN C 194 16.09 11.60 -24.78
N MET C 195 16.12 12.42 -25.82
CA MET C 195 15.71 12.03 -27.16
C MET C 195 16.88 11.95 -28.13
N VAL C 196 18.12 12.01 -27.64
CA VAL C 196 19.29 11.92 -28.48
C VAL C 196 20.19 10.80 -27.95
N LYS C 197 21.02 10.27 -28.85
CA LYS C 197 22.04 9.28 -28.52
C LYS C 197 23.40 9.89 -28.81
N VAL C 198 24.19 10.11 -27.76
CA VAL C 198 25.50 10.72 -27.92
C VAL C 198 26.52 9.65 -28.26
N GLN C 199 26.70 9.40 -29.55
CA GLN C 199 27.64 8.40 -30.01
C GLN C 199 29.07 8.96 -29.99
N SER C 200 30.04 8.14 -30.40
CA SER C 200 31.44 8.51 -30.28
C SER C 200 31.77 9.73 -31.13
N ASN C 201 31.27 9.78 -32.36
CA ASN C 201 31.61 10.86 -33.29
C ASN C 201 30.38 11.58 -33.84
N ARG C 202 29.18 11.27 -33.35
CA ARG C 202 27.98 11.95 -33.80
C ARG C 202 26.94 11.92 -32.70
N VAL C 203 25.91 12.76 -32.86
CA VAL C 203 24.71 12.72 -32.04
C VAL C 203 23.57 12.28 -32.95
N HIS C 204 22.99 11.13 -32.66
CA HIS C 204 21.94 10.56 -33.49
C HIS C 204 20.58 10.81 -32.86
N VAL C 205 19.68 11.40 -33.64
CA VAL C 205 18.30 11.63 -33.21
C VAL C 205 17.42 10.66 -33.97
N ASN C 206 16.84 9.70 -33.25
CA ASN C 206 15.99 8.71 -33.88
C ASN C 206 14.60 9.24 -34.21
N ALA C 207 14.14 10.24 -33.45
CA ALA C 207 12.76 10.69 -33.57
C ALA C 207 12.53 11.55 -34.81
N LEU C 208 13.49 12.39 -35.18
CA LEU C 208 13.32 13.35 -36.26
C LEU C 208 14.23 13.00 -37.44
N SER C 209 13.78 13.37 -38.63
CA SER C 209 14.57 13.25 -39.84
C SER C 209 15.24 14.58 -40.14
N SER C 210 16.07 14.61 -41.19
CA SER C 210 16.85 15.80 -41.49
C SER C 210 15.97 16.99 -41.83
N ASP C 211 14.93 16.79 -42.63
CA ASP C 211 14.05 17.89 -42.99
C ASP C 211 12.88 18.00 -42.02
N LEU C 212 13.20 17.96 -40.73
CA LEU C 212 12.25 18.29 -39.68
C LEU C 212 12.85 19.10 -38.55
N PHE C 213 14.19 19.19 -38.46
CA PHE C 213 14.82 20.03 -37.46
C PHE C 213 14.47 21.50 -37.66
N ALA C 214 14.07 21.89 -38.87
CA ALA C 214 13.60 23.25 -39.09
C ALA C 214 12.28 23.51 -38.38
N GLY C 215 11.44 22.49 -38.24
CA GLY C 215 10.13 22.64 -37.65
C GLY C 215 10.08 22.65 -36.15
N ILE C 216 11.22 22.47 -35.48
CA ILE C 216 11.23 22.49 -34.01
C ILE C 216 10.86 23.88 -33.52
N PRO C 217 9.93 24.02 -32.57
CA PRO C 217 9.58 25.34 -32.07
C PRO C 217 10.80 26.04 -31.47
N THR C 218 10.92 27.33 -31.76
CA THR C 218 12.07 28.11 -31.34
C THR C 218 11.81 28.77 -29.98
N ILE C 219 12.89 29.21 -29.35
CA ILE C 219 12.82 29.92 -28.08
C ILE C 219 12.93 31.42 -28.35
N LYS C 220 12.07 32.20 -27.72
CA LYS C 220 12.02 33.63 -27.96
C LYS C 220 13.24 34.38 -27.43
N SER C 221 14.04 33.74 -26.57
CA SER C 221 15.21 34.38 -26.00
C SER C 221 16.36 33.37 -26.03
N PRO C 222 17.54 33.77 -26.51
CA PRO C 222 18.62 32.81 -26.73
C PRO C 222 19.16 32.16 -25.45
N THR C 223 18.96 32.76 -24.28
CA THR C 223 19.48 32.24 -23.03
C THR C 223 18.39 31.95 -22.01
N GLU C 224 17.19 31.62 -22.49
CA GLU C 224 16.05 31.44 -21.61
C GLU C 224 15.00 30.60 -22.31
N VAL C 225 14.53 29.55 -21.65
CA VAL C 225 13.49 28.69 -22.19
C VAL C 225 12.37 28.60 -21.16
N THR C 226 11.13 28.68 -21.64
CA THR C 226 9.96 28.68 -20.77
C THR C 226 9.30 27.32 -20.76
N LEU C 227 8.40 27.12 -19.79
CA LEU C 227 7.68 25.85 -19.70
C LEU C 227 6.81 25.62 -20.93
N LEU C 228 6.25 26.69 -21.49
CA LEU C 228 5.48 26.54 -22.73
C LEU C 228 6.37 26.10 -23.88
N GLU C 229 7.57 26.65 -23.96
CA GLU C 229 8.47 26.31 -25.06
C GLU C 229 9.09 24.93 -24.88
N GLU C 230 9.38 24.53 -23.64
CA GLU C 230 9.86 23.17 -23.41
C GLU C 230 8.80 22.15 -23.81
N ASP C 231 7.54 22.41 -23.47
CA ASP C 231 6.47 21.49 -23.83
C ASP C 231 6.32 21.37 -25.34
N LYS C 232 6.41 22.50 -26.05
CA LYS C 232 6.30 22.48 -27.50
C LYS C 232 7.46 21.73 -28.15
N ILE C 233 8.68 21.96 -27.64
CA ILE C 233 9.85 21.28 -28.21
C ILE C 233 9.78 19.79 -27.93
N CYS C 234 9.52 19.41 -26.68
CA CYS C 234 9.50 18.00 -26.32
C CYS C 234 8.36 17.26 -27.01
N GLY C 235 7.20 17.93 -27.16
CA GLY C 235 6.10 17.31 -27.88
C GLY C 235 6.40 17.13 -29.36
N TYR C 236 7.01 18.14 -29.99
CA TYR C 236 7.30 18.06 -31.42
C TYR C 236 8.29 16.95 -31.72
N VAL C 237 9.36 16.86 -30.93
CA VAL C 237 10.38 15.85 -31.17
C VAL C 237 9.80 14.45 -30.98
N ALA C 238 9.04 14.25 -29.91
CA ALA C 238 8.45 12.93 -29.67
C ALA C 238 7.35 12.58 -30.66
N GLY C 239 6.73 13.58 -31.29
CA GLY C 239 5.78 13.31 -32.35
C GLY C 239 6.39 12.71 -33.59
N GLY C 240 7.70 12.87 -33.76
CA GLY C 240 8.37 12.30 -34.92
C GLY C 240 8.37 10.78 -34.92
N LEU C 241 8.38 10.16 -33.74
CA LEU C 241 8.40 8.70 -33.67
C LEU C 241 7.25 8.08 -34.43
N MET C 242 6.11 8.76 -34.51
CA MET C 242 4.96 8.26 -35.26
C MET C 242 4.78 8.93 -36.61
N TYR C 243 4.99 10.25 -36.69
CA TYR C 243 4.72 11.00 -37.91
C TYR C 243 5.95 11.23 -38.77
N ALA C 244 7.11 10.67 -38.41
CA ALA C 244 8.33 10.86 -39.18
C ALA C 244 9.00 9.53 -39.52
N ALA C 245 8.23 8.44 -39.56
CA ALA C 245 8.75 7.12 -39.92
C ALA C 245 7.86 6.52 -41.00
N PRO C 246 7.90 7.06 -42.22
CA PRO C 246 7.06 6.52 -43.29
C PRO C 246 7.57 5.18 -43.80
N FME D 1 -28.70 -12.87 -46.09
CN FME D 1 -28.06 -11.75 -45.76
O1 FME D 1 -28.61 -10.69 -45.45
CA FME D 1 -28.00 -14.08 -46.47
CB FME D 1 -28.99 -15.20 -46.78
CG FME D 1 -28.53 -16.56 -46.30
SD FME D 1 -26.97 -17.11 -47.04
CE FME D 1 -26.78 -18.71 -46.25
C FME D 1 -27.09 -13.80 -47.68
O FME D 1 -25.89 -14.10 -47.61
N SER D 2 -27.66 -13.25 -48.75
CA SER D 2 -26.89 -12.95 -49.95
C SER D 2 -26.19 -11.60 -49.84
N LYS D 3 -26.42 -10.91 -48.73
CA LYS D 3 -25.79 -9.62 -48.48
C LYS D 3 -24.71 -9.70 -47.39
N PHE D 4 -24.15 -10.89 -47.16
CA PHE D 4 -23.05 -11.03 -46.22
C PHE D 4 -21.76 -10.39 -46.73
N TYR D 5 -21.69 -10.03 -48.01
CA TYR D 5 -20.51 -9.38 -48.54
C TYR D 5 -20.30 -7.99 -47.94
N LYS D 6 -21.34 -7.38 -47.39
CA LYS D 6 -21.24 -6.02 -46.87
C LYS D 6 -20.40 -5.95 -45.60
N ILE D 7 -20.00 -7.09 -45.05
CA ILE D 7 -19.08 -7.11 -43.92
C ILE D 7 -17.74 -6.48 -44.30
N TRP D 8 -17.38 -6.51 -45.58
CA TRP D 8 -16.14 -5.90 -46.03
C TRP D 8 -16.25 -4.40 -46.19
N MET D 9 -17.44 -3.83 -46.04
CA MET D 9 -17.64 -2.40 -45.92
C MET D 9 -17.66 -1.95 -44.46
N ILE D 10 -17.57 -2.89 -43.52
CA ILE D 10 -17.50 -2.57 -42.11
C ILE D 10 -16.10 -2.80 -41.56
N PHE D 11 -15.43 -3.87 -42.00
CA PHE D 11 -14.10 -4.20 -41.53
C PHE D 11 -13.13 -4.24 -42.70
N ASP D 12 -11.92 -3.77 -42.46
CA ASP D 12 -10.89 -3.74 -43.50
C ASP D 12 -10.54 -5.16 -43.90
N PRO D 13 -10.71 -5.54 -45.17
CA PRO D 13 -10.42 -6.93 -45.58
C PRO D 13 -8.99 -7.36 -45.31
N ARG D 14 -8.02 -6.47 -45.51
CA ARG D 14 -6.62 -6.84 -45.30
C ARG D 14 -6.32 -7.08 -43.83
N ARG D 15 -6.97 -6.34 -42.93
CA ARG D 15 -6.77 -6.55 -41.51
C ARG D 15 -7.50 -7.80 -41.02
N VAL D 16 -8.65 -8.13 -41.61
CA VAL D 16 -9.37 -9.33 -41.21
C VAL D 16 -8.60 -10.58 -41.58
N PHE D 17 -8.03 -10.62 -42.78
CA PHE D 17 -7.36 -11.82 -43.25
C PHE D 17 -6.16 -12.17 -42.39
N VAL D 18 -5.36 -11.17 -42.02
CA VAL D 18 -4.22 -11.43 -41.14
C VAL D 18 -4.71 -11.93 -39.79
N ALA D 19 -5.71 -11.26 -39.22
CA ALA D 19 -6.25 -11.68 -37.93
C ALA D 19 -6.96 -13.03 -38.04
N GLN D 20 -7.64 -13.27 -39.16
CA GLN D 20 -8.30 -14.56 -39.36
C GLN D 20 -7.27 -15.68 -39.51
N GLY D 21 -6.15 -15.39 -40.18
CA GLY D 21 -5.09 -16.38 -40.26
C GLY D 21 -4.51 -16.72 -38.90
N VAL D 22 -4.38 -15.71 -38.03
CA VAL D 22 -3.93 -15.97 -36.66
C VAL D 22 -4.92 -16.86 -35.93
N PHE D 23 -6.21 -16.56 -36.05
CA PHE D 23 -7.23 -17.31 -35.33
C PHE D 23 -7.27 -18.76 -35.79
N LEU D 24 -7.23 -18.99 -37.10
CA LEU D 24 -7.37 -20.34 -37.62
C LEU D 24 -6.18 -21.20 -37.25
N PHE D 25 -4.97 -20.62 -37.26
CA PHE D 25 -3.79 -21.40 -36.86
C PHE D 25 -3.82 -21.72 -35.38
N LEU D 26 -4.17 -20.76 -34.54
CA LEU D 26 -4.25 -21.02 -33.11
C LEU D 26 -5.37 -22.01 -32.78
N LEU D 27 -6.47 -21.98 -33.53
CA LEU D 27 -7.50 -22.98 -33.35
C LEU D 27 -7.01 -24.37 -33.71
N ALA D 28 -6.29 -24.50 -34.83
CA ALA D 28 -5.76 -25.80 -35.24
C ALA D 28 -4.74 -26.32 -34.24
N VAL D 29 -3.90 -25.44 -33.72
CA VAL D 29 -2.90 -25.85 -32.73
C VAL D 29 -3.59 -26.33 -31.45
N MET D 30 -4.64 -25.63 -31.03
CA MET D 30 -5.33 -26.02 -29.81
C MET D 30 -5.96 -27.40 -29.95
N ILE D 31 -6.60 -27.67 -31.09
CA ILE D 31 -7.24 -28.97 -31.29
C ILE D 31 -6.20 -30.07 -31.41
N HIS D 32 -5.09 -29.78 -32.08
CA HIS D 32 -4.02 -30.77 -32.17
C HIS D 32 -3.48 -31.13 -30.79
N LEU D 33 -3.27 -30.13 -29.94
CA LEU D 33 -2.78 -30.40 -28.60
C LEU D 33 -3.78 -31.21 -27.78
N ILE D 34 -5.06 -30.89 -27.90
CA ILE D 34 -6.09 -31.68 -27.22
C ILE D 34 -6.10 -33.10 -27.76
N LEU D 35 -6.00 -33.25 -29.08
CA LEU D 35 -5.98 -34.58 -29.69
C LEU D 35 -4.68 -35.31 -29.38
N LEU D 36 -3.56 -34.60 -29.39
CA LEU D 36 -2.27 -35.21 -29.07
C LEU D 36 -2.17 -35.63 -27.61
N SER D 37 -3.06 -35.13 -26.76
CA SER D 37 -3.03 -35.45 -25.34
C SER D 37 -3.84 -36.69 -25.00
N THR D 38 -4.84 -37.03 -25.81
CA THR D 38 -5.63 -38.24 -25.57
C THR D 38 -4.85 -39.46 -26.07
N PRO D 39 -4.69 -40.49 -25.24
CA PRO D 39 -3.94 -41.68 -25.69
C PRO D 39 -4.54 -42.36 -26.90
N SER D 40 -5.87 -42.33 -27.05
CA SER D 40 -6.50 -43.01 -28.17
C SER D 40 -6.26 -42.32 -29.50
N TYR D 41 -5.82 -41.07 -29.50
CA TYR D 41 -5.58 -40.34 -30.74
C TYR D 41 -4.20 -39.73 -30.87
N ASN D 42 -3.30 -39.98 -29.93
CA ASN D 42 -1.93 -39.48 -30.05
C ASN D 42 -1.22 -40.24 -31.15
N TRP D 43 -0.94 -39.57 -32.27
CA TRP D 43 -0.29 -40.20 -33.41
C TRP D 43 1.22 -40.24 -33.31
N LEU D 44 1.82 -39.49 -32.38
CA LEU D 44 3.27 -39.53 -32.22
C LEU D 44 3.71 -40.82 -31.52
N GLU D 45 2.97 -41.23 -30.49
CA GLU D 45 3.29 -42.46 -29.77
C GLU D 45 3.11 -43.68 -30.66
N ASP E 5 -22.83 2.15 -48.89
CA ASP E 5 -23.83 2.41 -47.84
C ASP E 5 -23.14 2.89 -46.56
N LEU E 6 -22.94 1.97 -45.62
CA LEU E 6 -22.25 2.32 -44.38
C LEU E 6 -20.82 2.77 -44.66
N GLY E 7 -20.07 1.95 -45.39
CA GLY E 7 -18.74 2.31 -45.85
C GLY E 7 -17.78 2.80 -44.79
N TYR E 8 -17.36 1.92 -43.88
CA TYR E 8 -16.42 2.28 -42.84
C TYR E 8 -14.97 2.10 -43.25
N THR E 9 -14.70 1.58 -44.45
CA THR E 9 -13.33 1.29 -44.86
C THR E 9 -12.99 1.70 -46.28
N GLY E 10 -13.93 2.29 -47.01
CA GLY E 10 -13.67 2.79 -48.35
C GLY E 10 -13.97 1.83 -49.47
N LEU E 11 -14.27 0.57 -49.18
CA LEU E 11 -14.67 -0.36 -50.22
C LEU E 11 -16.05 0.00 -50.75
N THR E 12 -16.21 -0.06 -52.07
CA THR E 12 -17.50 0.19 -52.67
C THR E 12 -18.33 -1.09 -52.69
N ASP E 13 -19.58 -0.95 -53.13
CA ASP E 13 -20.48 -2.10 -53.17
C ASP E 13 -19.97 -3.16 -54.13
N GLU E 14 -19.44 -2.75 -55.28
CA GLU E 14 -18.96 -3.72 -56.27
C GLU E 14 -17.64 -4.36 -55.82
N GLN E 15 -16.77 -3.59 -55.17
CA GLN E 15 -15.51 -4.14 -54.69
C GLN E 15 -15.74 -5.13 -53.54
N ALA E 16 -16.75 -4.90 -52.72
CA ALA E 16 -17.05 -5.84 -51.65
C ALA E 16 -17.65 -7.14 -52.17
N GLN E 17 -18.45 -7.06 -53.24
CA GLN E 17 -18.97 -8.28 -53.84
C GLN E 17 -17.86 -9.11 -54.47
N GLU E 18 -16.89 -8.46 -55.11
CA GLU E 18 -15.82 -9.18 -55.77
C GLU E 18 -14.92 -9.87 -54.75
N LEU E 19 -14.50 -9.14 -53.72
CA LEU E 19 -13.60 -9.71 -52.72
C LEU E 19 -14.30 -10.81 -51.92
N HIS E 20 -15.58 -10.64 -51.62
CA HIS E 20 -16.32 -11.67 -50.89
C HIS E 20 -16.41 -12.95 -51.69
N SER E 21 -16.65 -12.84 -53.00
CA SER E 21 -16.73 -14.02 -53.84
C SER E 21 -15.40 -14.78 -53.85
N VAL E 22 -14.28 -14.06 -53.90
CA VAL E 22 -12.98 -14.69 -53.77
C VAL E 22 -12.82 -15.31 -52.38
N TYR E 23 -13.28 -14.59 -51.35
CA TYR E 23 -13.15 -15.09 -49.98
C TYR E 23 -13.96 -16.38 -49.79
N MET E 24 -15.15 -16.45 -50.38
CA MET E 24 -15.98 -17.64 -50.22
C MET E 24 -15.46 -18.81 -51.03
N SER E 25 -14.85 -18.54 -52.20
CA SER E 25 -14.32 -19.62 -53.01
C SER E 25 -13.20 -20.37 -52.28
N GLY E 26 -12.34 -19.63 -51.58
CA GLY E 26 -11.34 -20.27 -50.76
C GLY E 26 -11.89 -20.81 -49.45
N LEU E 27 -12.95 -20.20 -48.94
CA LEU E 27 -13.59 -20.72 -47.72
C LEU E 27 -14.17 -22.11 -47.98
N TRP E 28 -14.86 -22.28 -49.10
CA TRP E 28 -15.41 -23.58 -49.44
C TRP E 28 -14.31 -24.59 -49.75
N LEU E 29 -13.27 -24.16 -50.47
CA LEU E 29 -12.15 -25.05 -50.74
C LEU E 29 -11.45 -25.46 -49.45
N PHE E 30 -11.24 -24.51 -48.54
CA PHE E 30 -10.64 -24.83 -47.26
C PHE E 30 -11.53 -25.77 -46.46
N SER E 31 -12.85 -25.55 -46.50
CA SER E 31 -13.76 -26.46 -45.85
C SER E 31 -13.69 -27.87 -46.46
N ALA E 32 -13.62 -27.95 -47.79
CA ALA E 32 -13.59 -29.24 -48.47
C ALA E 32 -12.35 -30.03 -48.10
N VAL E 33 -11.19 -29.37 -48.05
CA VAL E 33 -9.96 -30.06 -47.65
C VAL E 33 -10.06 -30.54 -46.22
N ALA E 34 -10.71 -29.76 -45.35
CA ALA E 34 -10.88 -30.17 -43.97
C ALA E 34 -11.88 -31.31 -43.85
N ILE E 35 -12.89 -31.36 -44.73
CA ILE E 35 -13.82 -32.49 -44.72
C ILE E 35 -13.10 -33.77 -45.09
N VAL E 36 -12.23 -33.72 -46.10
CA VAL E 36 -11.49 -34.90 -46.51
C VAL E 36 -10.56 -35.35 -45.38
N ALA E 37 -9.88 -34.41 -44.73
CA ALA E 37 -9.01 -34.76 -43.61
C ALA E 37 -9.81 -35.38 -42.46
N HIS E 38 -10.99 -34.85 -42.18
CA HIS E 38 -11.85 -35.45 -41.17
C HIS E 38 -12.30 -36.84 -41.59
N LEU E 39 -12.65 -37.01 -42.87
CA LEU E 39 -13.01 -38.33 -43.36
C LEU E 39 -11.86 -39.31 -43.23
N ALA E 40 -10.65 -38.87 -43.58
CA ALA E 40 -9.48 -39.74 -43.48
C ALA E 40 -9.25 -40.18 -42.03
N VAL E 41 -9.35 -39.24 -41.09
CA VAL E 41 -9.18 -39.59 -39.68
C VAL E 41 -10.34 -40.44 -39.20
N TYR E 42 -11.56 -40.14 -39.67
CA TYR E 42 -12.71 -40.92 -39.25
C TYR E 42 -12.62 -42.36 -39.73
N ILE E 43 -12.16 -42.57 -40.97
CA ILE E 43 -11.99 -43.94 -41.47
C ILE E 43 -10.93 -44.66 -40.67
N TRP E 44 -9.80 -43.99 -40.41
CA TRP E 44 -8.75 -44.59 -39.62
C TRP E 44 -9.20 -44.85 -38.19
N ARG E 45 -9.94 -43.91 -37.60
CA ARG E 45 -10.28 -44.02 -36.19
C ARG E 45 -11.51 -43.17 -35.87
N PRO E 46 -12.72 -43.72 -36.00
CA PRO E 46 -13.92 -42.92 -35.74
C PRO E 46 -14.02 -42.51 -34.29
N TRP E 47 -14.54 -41.31 -34.06
CA TRP E 47 -14.70 -40.77 -32.72
C TRP E 47 -16.15 -40.80 -32.23
N PHE E 48 -17.04 -41.42 -32.99
CA PHE E 48 -18.41 -41.64 -32.52
C PHE E 48 -18.72 -43.13 -32.44
N FME F 1 -40.80 -6.10 -30.97
CN FME F 1 -40.94 -4.81 -30.66
O1 FME F 1 -40.13 -3.92 -30.91
CA FME F 1 -39.61 -6.60 -31.63
CB FME F 1 -39.58 -8.13 -31.60
CG FME F 1 -40.81 -8.78 -32.20
SD FME F 1 -40.73 -10.59 -32.11
CE FME F 1 -42.30 -11.02 -32.87
C FME F 1 -39.53 -6.11 -33.09
O FME F 1 -38.54 -6.45 -33.77
N SER F 2 -40.52 -5.36 -33.57
CA SER F 2 -40.53 -4.87 -34.94
C SER F 2 -39.53 -3.73 -35.13
N LYS F 3 -38.96 -3.23 -34.04
CA LYS F 3 -38.00 -2.13 -34.12
C LYS F 3 -36.80 -2.40 -33.23
N PHE F 4 -36.38 -3.67 -33.14
CA PHE F 4 -35.09 -3.97 -32.56
C PHE F 4 -33.94 -3.51 -33.45
N TYR F 5 -34.22 -3.13 -34.69
CA TYR F 5 -33.17 -2.62 -35.58
C TYR F 5 -32.55 -1.33 -35.05
N LYS F 6 -33.22 -0.65 -34.13
CA LYS F 6 -32.73 0.60 -33.59
C LYS F 6 -31.59 0.42 -32.60
N ILE F 7 -31.20 -0.83 -32.30
CA ILE F 7 -29.99 -1.04 -31.51
C ILE F 7 -28.77 -0.55 -32.25
N TRP F 8 -28.84 -0.54 -33.59
CA TRP F 8 -27.72 -0.09 -34.41
C TRP F 8 -27.64 1.42 -34.52
N MET F 9 -28.64 2.14 -34.04
CA MET F 9 -28.54 3.58 -33.85
C MET F 9 -28.11 3.94 -32.44
N ILE F 10 -27.81 2.94 -31.61
CA ILE F 10 -27.24 3.13 -30.29
C ILE F 10 -25.80 2.66 -30.21
N PHE F 11 -25.48 1.56 -30.89
CA PHE F 11 -24.16 0.96 -30.84
C PHE F 11 -23.57 0.84 -32.24
N ASP F 12 -22.34 1.28 -32.39
CA ASP F 12 -21.66 1.21 -33.69
C ASP F 12 -21.39 -0.25 -34.04
N PRO F 13 -21.73 -0.68 -35.26
CA PRO F 13 -21.57 -2.10 -35.60
C PRO F 13 -20.14 -2.62 -35.48
N ARG F 14 -19.14 -1.77 -35.67
CA ARG F 14 -17.75 -2.23 -35.65
C ARG F 14 -17.37 -2.78 -34.28
N ARG F 15 -17.74 -2.06 -33.22
CA ARG F 15 -17.43 -2.55 -31.88
C ARG F 15 -18.37 -3.68 -31.44
N VAL F 16 -19.59 -3.70 -31.96
CA VAL F 16 -20.53 -4.76 -31.59
C VAL F 16 -20.08 -6.09 -32.14
N PHE F 17 -19.70 -6.14 -33.42
CA PHE F 17 -19.32 -7.40 -34.05
C PHE F 17 -18.05 -7.97 -33.42
N VAL F 18 -17.12 -7.10 -33.04
CA VAL F 18 -15.92 -7.56 -32.35
C VAL F 18 -16.28 -8.16 -30.99
N ALA F 19 -17.14 -7.46 -30.25
CA ALA F 19 -17.57 -7.98 -28.95
C ALA F 19 -18.34 -9.29 -29.10
N GLN F 20 -19.23 -9.36 -30.09
CA GLN F 20 -20.02 -10.56 -30.30
C GLN F 20 -19.13 -11.74 -30.71
N GLY F 21 -18.16 -11.51 -31.57
CA GLY F 21 -17.28 -12.59 -31.98
C GLY F 21 -16.43 -13.12 -30.84
N VAL F 22 -15.94 -12.24 -29.98
CA VAL F 22 -15.24 -12.69 -28.78
C VAL F 22 -16.17 -13.48 -27.88
N PHE F 23 -17.39 -12.97 -27.69
CA PHE F 23 -18.35 -13.62 -26.81
C PHE F 23 -18.75 -14.99 -27.33
N LEU F 24 -18.97 -15.12 -28.65
CA LEU F 24 -19.45 -16.39 -29.19
C LEU F 24 -18.36 -17.45 -29.16
N PHE F 25 -17.12 -17.07 -29.46
CA PHE F 25 -16.02 -18.02 -29.34
C PHE F 25 -15.78 -18.40 -27.89
N LEU F 26 -15.88 -17.43 -26.98
CA LEU F 26 -15.68 -17.71 -25.57
C LEU F 26 -16.72 -18.69 -25.05
N LEU F 27 -17.99 -18.46 -25.40
CA LEU F 27 -19.05 -19.36 -24.95
C LEU F 27 -18.89 -20.75 -25.55
N ALA F 28 -18.60 -20.84 -26.84
CA ALA F 28 -18.49 -22.13 -27.50
C ALA F 28 -17.31 -22.94 -26.95
N VAL F 29 -16.17 -22.29 -26.74
CA VAL F 29 -15.02 -22.98 -26.17
C VAL F 29 -15.31 -23.42 -24.74
N MET F 30 -16.05 -22.59 -23.99
CA MET F 30 -16.37 -22.92 -22.60
C MET F 30 -17.25 -24.17 -22.51
N ILE F 31 -18.23 -24.30 -23.40
CA ILE F 31 -19.13 -25.45 -23.34
C ILE F 31 -18.41 -26.72 -23.77
N HIS F 32 -17.64 -26.66 -24.86
CA HIS F 32 -16.85 -27.82 -25.27
C HIS F 32 -15.90 -28.24 -24.16
N LEU F 33 -15.26 -27.26 -23.51
CA LEU F 33 -14.35 -27.57 -22.41
C LEU F 33 -15.07 -28.19 -21.23
N ILE F 34 -16.27 -27.70 -20.91
CA ILE F 34 -17.06 -28.29 -19.84
C ILE F 34 -17.44 -29.73 -20.18
N LEU F 35 -17.84 -29.98 -21.42
CA LEU F 35 -18.22 -31.34 -21.81
C LEU F 35 -17.04 -32.29 -21.79
N LEU F 36 -15.85 -31.80 -22.13
CA LEU F 36 -14.66 -32.64 -22.04
C LEU F 36 -14.30 -32.95 -20.59
N SER F 37 -14.55 -32.01 -19.67
CA SER F 37 -14.26 -32.25 -18.27
C SER F 37 -15.15 -33.33 -17.68
N THR F 38 -16.36 -33.48 -18.19
CA THR F 38 -17.27 -34.50 -17.69
C THR F 38 -16.98 -35.83 -18.36
N PRO F 39 -16.72 -36.90 -17.61
CA PRO F 39 -16.52 -38.21 -18.25
C PRO F 39 -17.76 -38.72 -18.97
N SER F 40 -18.95 -38.23 -18.63
CA SER F 40 -20.17 -38.70 -19.27
C SER F 40 -20.41 -38.07 -20.64
N TYR F 41 -19.69 -37.01 -20.99
CA TYR F 41 -19.84 -36.39 -22.30
C TYR F 41 -18.51 -36.08 -22.97
N ASN F 42 -17.41 -36.60 -22.46
CA ASN F 42 -16.12 -36.48 -23.14
C ASN F 42 -16.14 -37.43 -24.34
N TRP F 43 -16.44 -36.88 -25.51
CA TRP F 43 -16.63 -37.72 -26.70
C TRP F 43 -15.35 -38.43 -27.10
N LEU F 44 -14.19 -37.87 -26.76
CA LEU F 44 -12.92 -38.51 -27.12
C LEU F 44 -12.71 -39.80 -26.34
N GLU F 45 -13.07 -39.81 -25.06
CA GLU F 45 -12.89 -41.01 -24.25
C GLU F 45 -14.09 -41.94 -24.27
N ILE F 46 -15.26 -41.46 -24.69
CA ILE F 46 -16.37 -42.36 -24.97
C ILE F 46 -16.01 -43.29 -26.12
N SER F 47 -15.40 -42.72 -27.17
CA SER F 47 -15.02 -43.50 -28.34
C SER F 47 -13.95 -44.54 -27.98
N ALA F 48 -12.97 -44.16 -27.15
CA ALA F 48 -11.94 -45.10 -26.76
C ALA F 48 -12.53 -46.27 -25.97
N ALA F 49 -13.47 -45.99 -25.08
CA ALA F 49 -14.13 -47.06 -24.34
C ALA F 49 -15.07 -47.86 -25.24
N LYS F 50 -15.72 -47.19 -26.19
CA LYS F 50 -16.68 -47.87 -27.05
C LYS F 50 -16.00 -48.92 -27.93
N TYR F 51 -14.82 -48.60 -28.45
CA TYR F 51 -14.11 -49.50 -29.36
C TYR F 51 -13.07 -50.34 -28.67
N ASN F 52 -13.08 -50.39 -27.33
CA ASN F 52 -12.12 -51.17 -26.55
C ASN F 52 -10.69 -50.82 -26.93
N ARG F 53 -10.43 -49.53 -27.09
CA ARG F 53 -9.13 -49.05 -27.53
C ARG F 53 -8.09 -49.05 -26.42
N VAL F 54 -8.48 -49.27 -25.18
CA VAL F 54 -7.55 -49.28 -24.06
C VAL F 54 -6.72 -50.56 -24.07
N LEU G 6 -31.10 8.46 -29.37
CA LEU G 6 -31.36 8.43 -30.80
C LEU G 6 -30.26 9.12 -31.59
N GLY G 7 -29.87 8.52 -32.71
CA GLY G 7 -28.82 9.06 -33.56
C GLY G 7 -27.45 9.08 -32.93
N TYR G 8 -27.07 7.99 -32.24
CA TYR G 8 -25.77 7.91 -31.59
C TYR G 8 -24.67 7.40 -32.52
N THR G 9 -25.02 6.79 -33.65
CA THR G 9 -24.05 6.12 -34.50
C THR G 9 -23.96 6.70 -35.91
N GLY G 10 -24.83 7.62 -36.29
CA GLY G 10 -24.80 8.21 -37.61
C GLY G 10 -25.55 7.42 -38.67
N LEU G 11 -26.07 6.24 -38.33
CA LEU G 11 -26.86 5.46 -39.28
C LEU G 11 -28.30 5.96 -39.27
N THR G 12 -28.86 6.13 -40.47
CA THR G 12 -30.26 6.49 -40.59
C THR G 12 -31.12 5.24 -40.33
N ASP G 13 -32.45 5.43 -40.39
CA ASP G 13 -33.36 4.31 -40.18
C ASP G 13 -33.20 3.25 -41.25
N GLU G 14 -33.09 3.66 -42.52
CA GLU G 14 -32.95 2.69 -43.59
C GLU G 14 -31.65 1.91 -43.48
N GLN G 15 -30.56 2.59 -43.13
CA GLN G 15 -29.29 1.89 -42.92
C GLN G 15 -29.37 0.97 -41.70
N ALA G 16 -30.05 1.41 -40.65
CA ALA G 16 -30.24 0.55 -39.48
C ALA G 16 -31.07 -0.67 -39.83
N GLN G 17 -32.18 -0.48 -40.56
CA GLN G 17 -33.00 -1.61 -40.99
C GLN G 17 -32.24 -2.51 -41.94
N GLU G 18 -31.44 -1.92 -42.84
CA GLU G 18 -30.69 -2.72 -43.80
C GLU G 18 -29.66 -3.60 -43.10
N LEU G 19 -28.89 -3.02 -42.18
CA LEU G 19 -27.88 -3.78 -41.48
C LEU G 19 -28.50 -4.81 -40.54
N HIS G 20 -29.57 -4.44 -39.84
CA HIS G 20 -30.22 -5.39 -38.94
C HIS G 20 -30.88 -6.54 -39.67
N SER G 21 -31.26 -6.34 -40.94
CA SER G 21 -31.79 -7.43 -41.73
C SER G 21 -30.71 -8.44 -42.08
N VAL G 22 -29.51 -7.96 -42.40
CA VAL G 22 -28.40 -8.86 -42.67
C VAL G 22 -27.90 -9.52 -41.39
N TYR G 23 -27.90 -8.78 -40.28
CA TYR G 23 -27.48 -9.35 -39.01
C TYR G 23 -28.40 -10.48 -38.58
N MET G 24 -29.71 -10.27 -38.70
CA MET G 24 -30.67 -11.32 -38.32
C MET G 24 -30.57 -12.51 -39.24
N SER G 25 -30.33 -12.28 -40.54
CA SER G 25 -30.13 -13.38 -41.47
C SER G 25 -28.92 -14.22 -41.06
N GLY G 26 -27.86 -13.56 -40.60
CA GLY G 26 -26.72 -14.29 -40.06
C GLY G 26 -27.05 -15.00 -38.77
N LEU G 27 -27.87 -14.37 -37.92
CA LEU G 27 -28.23 -14.97 -36.64
C LEU G 27 -29.04 -16.24 -36.84
N TRP G 28 -30.04 -16.21 -37.73
CA TRP G 28 -30.84 -17.40 -37.98
C TRP G 28 -30.02 -18.52 -38.60
N LEU G 29 -29.11 -18.17 -39.51
CA LEU G 29 -28.23 -19.17 -40.10
C LEU G 29 -27.34 -19.81 -39.03
N PHE G 30 -26.82 -19.00 -38.11
CA PHE G 30 -26.04 -19.54 -37.00
C PHE G 30 -26.91 -20.40 -36.08
N SER G 31 -28.14 -19.95 -35.82
CA SER G 31 -29.05 -20.73 -34.98
C SER G 31 -29.48 -22.02 -35.66
N ALA G 32 -29.70 -21.97 -36.97
CA ALA G 32 -30.15 -23.16 -37.69
C ALA G 32 -29.10 -24.27 -37.65
N VAL G 33 -27.83 -23.91 -37.80
CA VAL G 33 -26.77 -24.90 -37.71
C VAL G 33 -26.64 -25.42 -36.28
N ALA G 34 -26.83 -24.55 -35.29
CA ALA G 34 -26.81 -24.97 -33.90
C ALA G 34 -27.97 -25.92 -33.60
N ILE G 35 -29.15 -25.64 -34.15
CA ILE G 35 -30.30 -26.51 -33.93
C ILE G 35 -30.05 -27.89 -34.52
N VAL G 36 -29.47 -27.95 -35.72
CA VAL G 36 -29.10 -29.23 -36.31
C VAL G 36 -28.01 -29.91 -35.48
N ALA G 37 -27.01 -29.13 -35.04
CA ALA G 37 -25.94 -29.69 -34.23
C ALA G 37 -26.46 -30.28 -32.93
N HIS G 38 -27.38 -29.57 -32.27
CA HIS G 38 -27.98 -30.09 -31.04
C HIS G 38 -28.84 -31.32 -31.32
N LEU G 39 -29.56 -31.31 -32.44
CA LEU G 39 -30.39 -32.46 -32.79
C LEU G 39 -29.53 -33.70 -33.03
N ALA G 40 -28.39 -33.53 -33.70
CA ALA G 40 -27.49 -34.66 -33.94
C ALA G 40 -26.92 -35.19 -32.62
N VAL G 41 -26.50 -34.29 -31.73
CA VAL G 41 -25.96 -34.72 -30.45
C VAL G 41 -27.02 -35.39 -29.61
N TYR G 42 -28.25 -34.86 -29.64
CA TYR G 42 -29.31 -35.42 -28.83
C TYR G 42 -29.65 -36.85 -29.24
N ILE G 43 -29.67 -37.12 -30.55
CA ILE G 43 -29.86 -38.49 -31.02
C ILE G 43 -28.69 -39.36 -30.59
N TRP G 44 -27.47 -38.85 -30.71
CA TRP G 44 -26.28 -39.63 -30.35
C TRP G 44 -26.23 -39.89 -28.85
N ARG G 45 -26.50 -38.88 -28.04
CA ARG G 45 -26.38 -39.01 -26.59
C ARG G 45 -27.27 -37.98 -25.90
N PRO G 46 -28.55 -38.30 -25.66
CA PRO G 46 -29.46 -37.32 -25.08
C PRO G 46 -29.12 -36.99 -23.63
N TRP G 47 -29.17 -35.71 -23.31
CA TRP G 47 -28.89 -35.23 -21.96
C TRP G 47 -30.13 -35.07 -21.11
N PHE G 48 -31.29 -35.43 -21.64
CA PHE G 48 -32.54 -35.36 -20.88
C PHE G 48 -33.20 -36.73 -20.80
N FME H 1 -44.75 4.47 -12.32
CN FME H 1 -44.44 5.70 -12.70
O1 FME H 1 -44.31 6.67 -11.95
CA FME H 1 -45.00 3.38 -13.24
CB FME H 1 -46.36 2.76 -12.99
CG FME H 1 -46.62 1.52 -13.82
SD FME H 1 -45.49 0.17 -13.40
CE FME H 1 -45.83 0.00 -11.64
C FME H 1 -44.89 3.84 -14.71
O FME H 1 -43.97 3.36 -15.41
N SER H 2 -45.81 4.70 -15.16
CA SER H 2 -45.84 5.14 -16.55
C SER H 2 -44.76 6.17 -16.87
N LYS H 3 -44.00 6.58 -15.84
CA LYS H 3 -42.92 7.52 -16.02
C LYS H 3 -41.55 6.90 -15.79
N PHE H 4 -41.46 5.57 -15.85
CA PHE H 4 -40.17 4.90 -15.73
C PHE H 4 -39.26 5.21 -16.91
N TYR H 5 -39.81 5.66 -18.03
CA TYR H 5 -39.00 5.98 -19.20
C TYR H 5 -38.01 7.10 -18.93
N LYS H 6 -38.25 7.92 -17.90
CA LYS H 6 -37.36 9.02 -17.59
C LYS H 6 -36.04 8.58 -17.02
N ILE H 7 -35.87 7.29 -16.73
CA ILE H 7 -34.56 6.77 -16.33
C ILE H 7 -33.55 6.96 -17.46
N TRP H 8 -34.02 7.01 -18.70
CA TRP H 8 -33.13 7.23 -19.83
C TRP H 8 -32.72 8.68 -19.98
N MET H 9 -33.41 9.61 -19.31
CA MET H 9 -32.94 10.98 -19.21
C MET H 9 -31.91 11.16 -18.11
N ILE H 10 -31.65 10.12 -17.32
CA ILE H 10 -30.65 10.15 -16.28
C ILE H 10 -29.45 9.28 -16.63
N PHE H 11 -29.68 8.08 -17.15
CA PHE H 11 -28.63 7.14 -17.50
C PHE H 11 -28.50 7.02 -19.01
N ASP H 12 -27.27 6.93 -19.48
CA ASP H 12 -27.02 6.80 -20.91
C ASP H 12 -27.39 5.41 -21.38
N PRO H 13 -28.19 5.27 -22.44
CA PRO H 13 -28.57 3.93 -22.91
C PRO H 13 -27.39 3.08 -23.32
N ARG H 14 -26.31 3.69 -23.82
CA ARG H 14 -25.18 2.90 -24.28
C ARG H 14 -24.43 2.24 -23.12
N ARG H 15 -24.29 2.95 -22.00
CA ARG H 15 -23.58 2.37 -20.87
C ARG H 15 -24.44 1.37 -20.11
N VAL H 16 -25.75 1.64 -20.02
CA VAL H 16 -26.63 0.71 -19.31
C VAL H 16 -26.72 -0.62 -20.05
N PHE H 17 -26.86 -0.57 -21.38
CA PHE H 17 -27.01 -1.81 -22.14
C PHE H 17 -25.78 -2.70 -22.02
N VAL H 18 -24.58 -2.10 -22.08
CA VAL H 18 -23.36 -2.88 -21.86
C VAL H 18 -23.33 -3.40 -20.43
N ALA H 19 -23.67 -2.56 -19.46
CA ALA H 19 -23.71 -3.00 -18.07
C ALA H 19 -24.73 -4.11 -17.88
N GLN H 20 -25.91 -3.96 -18.47
CA GLN H 20 -26.94 -4.99 -18.39
C GLN H 20 -26.53 -6.25 -19.13
N GLY H 21 -25.85 -6.11 -20.25
CA GLY H 21 -25.36 -7.29 -20.96
C GLY H 21 -24.36 -8.08 -20.15
N VAL H 22 -23.40 -7.38 -19.52
CA VAL H 22 -22.42 -8.06 -18.69
C VAL H 22 -23.09 -8.69 -17.48
N PHE H 23 -24.00 -7.95 -16.83
CA PHE H 23 -24.65 -8.45 -15.63
C PHE H 23 -25.47 -9.69 -15.93
N LEU H 24 -26.26 -9.67 -17.01
CA LEU H 24 -27.15 -10.78 -17.30
C LEU H 24 -26.37 -12.04 -17.67
N PHE H 25 -25.30 -11.90 -18.43
CA PHE H 25 -24.51 -13.08 -18.80
C PHE H 25 -23.79 -13.66 -17.60
N LEU H 26 -23.18 -12.82 -16.76
CA LEU H 26 -22.50 -13.31 -15.58
C LEU H 26 -23.48 -13.97 -14.61
N LEU H 27 -24.66 -13.39 -14.46
CA LEU H 27 -25.67 -14.00 -13.61
C LEU H 27 -26.11 -15.36 -14.15
N ALA H 28 -26.35 -15.45 -15.46
CA ALA H 28 -26.79 -16.70 -16.05
C ALA H 28 -25.73 -17.78 -15.95
N VAL H 29 -24.46 -17.41 -16.18
CA VAL H 29 -23.36 -18.36 -16.00
C VAL H 29 -23.28 -18.80 -14.54
N MET H 30 -23.44 -17.85 -13.61
CA MET H 30 -23.35 -18.16 -12.19
C MET H 30 -24.41 -19.17 -11.77
N ILE H 31 -25.65 -19.01 -12.25
CA ILE H 31 -26.70 -19.94 -11.86
C ILE H 31 -26.48 -21.30 -12.51
N HIS H 32 -26.12 -21.33 -13.80
CA HIS H 32 -25.82 -22.59 -14.45
C HIS H 32 -24.69 -23.33 -13.74
N LEU H 33 -23.69 -22.59 -13.24
CA LEU H 33 -22.61 -23.22 -12.49
C LEU H 33 -23.09 -23.73 -11.13
N ILE H 34 -23.98 -22.99 -10.48
CA ILE H 34 -24.52 -23.43 -9.19
C ILE H 34 -25.31 -24.72 -9.37
N LEU H 35 -26.13 -24.80 -10.42
CA LEU H 35 -26.88 -26.02 -10.68
C LEU H 35 -25.94 -27.18 -11.02
N LEU H 36 -24.92 -26.93 -11.82
CA LEU H 36 -23.91 -27.95 -12.09
C LEU H 36 -23.13 -28.33 -10.84
N SER H 37 -23.05 -27.43 -9.86
CA SER H 37 -22.33 -27.73 -8.62
C SER H 37 -23.12 -28.65 -7.72
N THR H 38 -24.44 -28.53 -7.71
CA THR H 38 -25.27 -29.42 -6.90
C THR H 38 -25.46 -30.74 -7.64
N PRO H 39 -25.14 -31.87 -7.02
CA PRO H 39 -25.30 -33.16 -7.71
C PRO H 39 -26.74 -33.45 -8.13
N SER H 40 -27.73 -32.94 -7.40
CA SER H 40 -29.12 -33.22 -7.71
C SER H 40 -29.64 -32.48 -8.93
N TYR H 41 -28.91 -31.47 -9.43
CA TYR H 41 -29.35 -30.72 -10.59
C TYR H 41 -28.30 -30.66 -11.70
N ASN H 42 -27.20 -31.38 -11.57
CA ASN H 42 -26.23 -31.48 -12.66
C ASN H 42 -26.84 -32.34 -13.76
N TRP H 43 -27.41 -31.68 -14.79
CA TRP H 43 -28.12 -32.41 -15.82
C TRP H 43 -27.20 -33.30 -16.65
N LEU H 44 -25.89 -33.05 -16.62
CA LEU H 44 -24.96 -33.94 -17.31
C LEU H 44 -24.79 -35.24 -16.54
N GLU H 45 -24.71 -35.16 -15.21
CA GLU H 45 -24.62 -36.36 -14.38
C GLU H 45 -25.96 -37.07 -14.26
N ILE H 46 -27.06 -36.32 -14.28
CA ILE H 46 -28.38 -36.93 -14.15
C ILE H 46 -28.67 -37.83 -15.35
N SER H 47 -28.37 -37.35 -16.56
CA SER H 47 -28.56 -38.18 -17.74
C SER H 47 -27.59 -39.35 -17.78
N ALA H 48 -26.42 -39.21 -17.16
CA ALA H 48 -25.46 -40.31 -17.12
C ALA H 48 -26.02 -41.49 -16.33
N ALA H 49 -26.56 -41.21 -15.14
CA ALA H 49 -27.12 -42.29 -14.33
C ALA H 49 -28.42 -42.81 -14.91
N LYS H 50 -29.20 -41.93 -15.55
CA LYS H 50 -30.49 -42.36 -16.10
C LYS H 50 -30.32 -43.37 -17.23
N TYR H 51 -29.32 -43.18 -18.09
CA TYR H 51 -29.10 -44.04 -19.23
C TYR H 51 -27.97 -45.04 -19.00
N ASN H 52 -27.47 -45.15 -17.76
CA ASN H 52 -26.41 -46.09 -17.40
C ASN H 52 -25.20 -45.91 -18.31
N ARG H 53 -24.61 -44.72 -18.23
CA ARG H 53 -23.46 -44.36 -19.04
C ARG H 53 -22.19 -44.20 -18.20
N VAL H 54 -22.21 -44.71 -16.98
CA VAL H 54 -21.03 -44.63 -16.12
C VAL H 54 -20.08 -45.78 -16.41
N SER I 4 -29.15 18.93 -12.71
CA SER I 4 -30.05 19.26 -13.80
C SER I 4 -30.84 18.02 -14.24
N ASP I 5 -32.03 17.85 -13.65
CA ASP I 5 -32.87 16.70 -13.94
C ASP I 5 -33.64 16.84 -15.24
N LEU I 6 -33.55 18.00 -15.90
CA LEU I 6 -34.16 18.15 -17.22
C LEU I 6 -33.39 17.39 -18.30
N GLY I 7 -32.43 16.57 -17.87
CA GLY I 7 -31.69 15.72 -18.77
C GLY I 7 -30.20 15.73 -18.52
N TYR I 8 -29.62 14.56 -18.27
CA TYR I 8 -28.17 14.42 -18.23
C TYR I 8 -27.59 13.79 -19.50
N THR I 9 -28.40 13.02 -20.23
CA THR I 9 -27.93 12.29 -21.39
C THR I 9 -28.17 13.03 -22.70
N GLY I 10 -28.88 14.16 -22.67
CA GLY I 10 -29.25 14.86 -23.88
C GLY I 10 -30.45 14.32 -24.60
N LEU I 11 -30.95 13.16 -24.19
CA LEU I 11 -32.18 12.62 -24.76
C LEU I 11 -33.37 13.49 -24.41
N THR I 12 -34.21 13.77 -25.38
CA THR I 12 -35.44 14.50 -25.11
C THR I 12 -36.48 13.56 -24.51
N ASP I 13 -37.58 14.14 -24.04
CA ASP I 13 -38.60 13.35 -23.36
C ASP I 13 -39.22 12.33 -24.30
N GLU I 14 -39.56 12.73 -25.53
CA GLU I 14 -40.17 11.79 -26.46
C GLU I 14 -39.16 10.79 -27.01
N GLN I 15 -37.87 11.13 -27.02
CA GLN I 15 -36.85 10.15 -27.38
C GLN I 15 -36.73 9.08 -26.31
N ALA I 16 -36.77 9.47 -25.04
CA ALA I 16 -36.73 8.49 -23.95
C ALA I 16 -37.96 7.61 -23.95
N GLN I 17 -39.12 8.15 -24.33
CA GLN I 17 -40.33 7.34 -24.41
C GLN I 17 -40.20 6.25 -25.46
N GLU I 18 -39.66 6.58 -26.62
CA GLU I 18 -39.52 5.60 -27.69
C GLU I 18 -38.47 4.55 -27.34
N LEU I 19 -37.34 4.98 -26.77
CA LEU I 19 -36.30 4.04 -26.38
C LEU I 19 -36.81 3.09 -25.30
N HIS I 20 -37.56 3.61 -24.33
CA HIS I 20 -38.09 2.76 -23.28
C HIS I 20 -39.12 1.78 -23.81
N SER I 21 -39.90 2.18 -24.82
CA SER I 21 -40.88 1.28 -25.39
C SER I 21 -40.22 0.06 -26.03
N VAL I 22 -39.13 0.29 -26.77
CA VAL I 22 -38.41 -0.82 -27.37
C VAL I 22 -37.68 -1.63 -26.29
N TYR I 23 -37.11 -0.95 -25.30
CA TYR I 23 -36.41 -1.65 -24.23
C TYR I 23 -37.35 -2.56 -23.46
N MET I 24 -38.55 -2.08 -23.14
CA MET I 24 -39.50 -2.92 -22.42
C MET I 24 -39.95 -4.11 -23.25
N SER I 25 -40.05 -3.94 -24.57
CA SER I 25 -40.36 -5.06 -25.44
C SER I 25 -39.26 -6.11 -25.39
N GLY I 26 -38.01 -5.69 -25.38
CA GLY I 26 -36.92 -6.64 -25.20
C GLY I 26 -36.93 -7.30 -23.84
N LEU I 27 -37.34 -6.55 -22.81
CA LEU I 27 -37.44 -7.12 -21.47
C LEU I 27 -38.57 -8.14 -21.39
N TRP I 28 -39.70 -7.87 -22.05
CA TRP I 28 -40.80 -8.82 -22.01
C TRP I 28 -40.49 -10.06 -22.85
N LEU I 29 -39.82 -9.89 -23.98
CA LEU I 29 -39.40 -11.03 -24.77
C LEU I 29 -38.40 -11.88 -24.02
N PHE I 30 -37.43 -11.23 -23.36
CA PHE I 30 -36.44 -11.96 -22.58
C PHE I 30 -37.10 -12.70 -21.42
N SER I 31 -38.03 -12.04 -20.73
CA SER I 31 -38.74 -12.68 -19.64
C SER I 31 -39.59 -13.83 -20.12
N ALA I 32 -40.28 -13.66 -21.26
CA ALA I 32 -41.17 -14.71 -21.76
C ALA I 32 -40.40 -15.98 -22.06
N VAL I 33 -39.22 -15.87 -22.67
CA VAL I 33 -38.37 -17.04 -22.89
C VAL I 33 -37.93 -17.63 -21.56
N ALA I 34 -37.56 -16.77 -20.61
CA ALA I 34 -37.15 -17.24 -19.30
C ALA I 34 -38.29 -17.95 -18.58
N ILE I 35 -39.51 -17.43 -18.71
CA ILE I 35 -40.67 -18.07 -18.08
C ILE I 35 -40.91 -19.45 -18.69
N VAL I 36 -40.82 -19.56 -20.02
CA VAL I 36 -41.01 -20.86 -20.66
C VAL I 36 -39.88 -21.82 -20.26
N ALA I 37 -38.65 -21.32 -20.20
CA ALA I 37 -37.53 -22.17 -19.79
C ALA I 37 -37.68 -22.63 -18.36
N HIS I 38 -38.21 -21.78 -17.49
CA HIS I 38 -38.44 -22.18 -16.10
C HIS I 38 -39.58 -23.18 -16.00
N LEU I 39 -40.59 -23.05 -16.85
CA LEU I 39 -41.70 -24.00 -16.84
C LEU I 39 -41.23 -25.39 -17.25
N ALA I 40 -40.38 -25.47 -18.28
CA ALA I 40 -39.88 -26.77 -18.73
C ALA I 40 -39.04 -27.44 -17.66
N VAL I 41 -38.19 -26.68 -16.98
CA VAL I 41 -37.37 -27.25 -15.92
C VAL I 41 -38.23 -27.72 -14.77
N TYR I 42 -39.25 -26.94 -14.39
CA TYR I 42 -40.09 -27.31 -13.26
C TYR I 42 -40.88 -28.58 -13.56
N ILE I 43 -41.36 -28.73 -14.79
CA ILE I 43 -42.02 -29.98 -15.18
C ILE I 43 -41.04 -31.14 -15.16
N TRP I 44 -39.82 -30.90 -15.64
CA TRP I 44 -38.82 -31.97 -15.71
C TRP I 44 -38.30 -32.34 -14.32
N ARG I 45 -37.99 -31.34 -13.50
CA ARG I 45 -37.38 -31.59 -12.20
C ARG I 45 -37.68 -30.44 -11.26
N PRO I 46 -38.84 -30.45 -10.59
CA PRO I 46 -39.23 -29.31 -9.76
C PRO I 46 -38.32 -29.14 -8.55
N TRP I 47 -38.19 -27.89 -8.12
CA TRP I 47 -37.41 -27.54 -6.94
C TRP I 47 -38.27 -27.08 -5.78
N PHE I 48 -39.57 -27.34 -5.84
CA PHE I 48 -40.48 -26.94 -4.77
C PHE I 48 -41.40 -28.11 -4.39
N FME J 1 -41.40 13.75 6.51
CN FME J 1 -40.44 14.62 6.20
O1 FME J 1 -39.85 14.68 5.12
CA FME J 1 -41.89 12.72 5.61
CB FME J 1 -43.00 11.91 6.28
CG FME J 1 -43.50 10.74 5.45
SD FME J 1 -44.81 11.18 4.28
CE FME J 1 -46.09 11.76 5.40
C FME J 1 -42.37 13.35 4.29
O FME J 1 -42.06 12.80 3.22
N SER J 2 -43.08 14.47 4.37
CA SER J 2 -43.62 15.14 3.19
C SER J 2 -42.54 15.83 2.37
N LYS J 3 -41.35 15.97 2.96
CA LYS J 3 -40.24 16.66 2.32
C LYS J 3 -39.05 15.75 2.03
N PHE J 4 -39.27 14.43 2.01
CA PHE J 4 -38.20 13.51 1.67
C PHE J 4 -37.71 13.67 0.25
N TYR J 5 -38.50 14.30 -0.62
CA TYR J 5 -38.08 14.53 -2.00
C TYR J 5 -36.86 15.42 -2.08
N LYS J 6 -36.61 16.24 -1.06
CA LYS J 6 -35.49 17.17 -1.09
C LYS J 6 -34.13 16.50 -0.95
N ILE J 7 -34.08 15.17 -0.84
CA ILE J 7 -32.80 14.47 -0.87
C ILE J 7 -32.18 14.57 -2.25
N TRP J 8 -32.99 14.69 -3.29
CA TRP J 8 -32.48 14.81 -4.65
C TRP J 8 -31.94 16.20 -4.96
N MET J 9 -32.21 17.18 -4.09
CA MET J 9 -31.52 18.45 -4.14
C MET J 9 -30.20 18.42 -3.39
N ILE J 10 -29.91 17.32 -2.70
CA ILE J 10 -28.67 17.14 -1.98
C ILE J 10 -27.73 16.18 -2.70
N PHE J 11 -28.22 15.00 -3.05
CA PHE J 11 -27.41 13.96 -3.65
C PHE J 11 -27.65 13.86 -5.15
N ASP J 12 -26.58 13.61 -5.90
CA ASP J 12 -26.69 13.46 -7.34
C ASP J 12 -27.47 12.19 -7.67
N PRO J 13 -28.55 12.29 -8.45
CA PRO J 13 -29.36 11.09 -8.74
C PRO J 13 -28.59 9.99 -9.46
N ARG J 14 -27.61 10.35 -10.30
CA ARG J 14 -26.89 9.34 -11.05
C ARG J 14 -26.06 8.43 -10.15
N ARG J 15 -25.42 9.00 -9.13
CA ARG J 15 -24.63 8.18 -8.22
C ARG J 15 -25.50 7.41 -7.23
N VAL J 16 -26.65 7.97 -6.85
CA VAL J 16 -27.53 7.28 -5.90
C VAL J 16 -28.06 5.99 -6.50
N PHE J 17 -28.51 6.03 -7.75
CA PHE J 17 -29.10 4.85 -8.35
C PHE J 17 -28.07 3.76 -8.60
N VAL J 18 -26.87 4.14 -9.06
CA VAL J 18 -25.81 3.16 -9.26
C VAL J 18 -25.41 2.53 -7.94
N ALA J 19 -25.25 3.35 -6.91
CA ALA J 19 -24.93 2.82 -5.58
C ALA J 19 -26.07 1.96 -5.06
N GLN J 20 -27.31 2.39 -5.26
CA GLN J 20 -28.46 1.61 -4.79
C GLN J 20 -28.56 0.29 -5.55
N GLY J 21 -28.36 0.31 -6.86
CA GLY J 21 -28.43 -0.92 -7.63
C GLY J 21 -27.35 -1.92 -7.23
N VAL J 22 -26.13 -1.44 -7.04
CA VAL J 22 -25.06 -2.31 -6.55
C VAL J 22 -25.39 -2.83 -5.16
N PHE J 23 -25.87 -1.95 -4.28
CA PHE J 23 -26.20 -2.36 -2.92
C PHE J 23 -27.34 -3.37 -2.90
N LEU J 24 -28.40 -3.13 -3.67
CA LEU J 24 -29.54 -4.03 -3.64
C LEU J 24 -29.19 -5.41 -4.16
N PHE J 25 -28.39 -5.49 -5.23
CA PHE J 25 -28.01 -6.79 -5.77
C PHE J 25 -27.09 -7.53 -4.81
N LEU J 26 -26.10 -6.84 -4.25
CA LEU J 26 -25.18 -7.48 -3.31
C LEU J 26 -25.92 -7.94 -2.06
N LEU J 27 -26.87 -7.13 -1.57
CA LEU J 27 -27.68 -7.56 -0.43
C LEU J 27 -28.51 -8.78 -0.77
N ALA J 28 -29.12 -8.81 -1.96
CA ALA J 28 -29.94 -9.96 -2.34
C ALA J 28 -29.08 -11.21 -2.52
N VAL J 29 -27.89 -11.07 -3.12
CA VAL J 29 -27.00 -12.20 -3.26
C VAL J 29 -26.55 -12.70 -1.89
N MET J 30 -26.27 -11.77 -0.97
CA MET J 30 -25.85 -12.14 0.37
C MET J 30 -26.93 -12.97 1.08
N ILE J 31 -28.18 -12.54 0.99
CA ILE J 31 -29.26 -13.27 1.66
C ILE J 31 -29.53 -14.59 0.97
N HIS J 32 -29.51 -14.62 -0.37
CA HIS J 32 -29.65 -15.88 -1.08
C HIS J 32 -28.52 -16.84 -0.73
N LEU J 33 -27.30 -16.32 -0.60
CA LEU J 33 -26.16 -17.16 -0.22
C LEU J 33 -26.29 -17.68 1.20
N ILE J 34 -26.81 -16.86 2.11
CA ILE J 34 -26.97 -17.29 3.51
C ILE J 34 -27.96 -18.44 3.58
N LEU J 35 -29.08 -18.35 2.86
CA LEU J 35 -30.07 -19.42 2.87
C LEU J 35 -29.52 -20.71 2.28
N LEU J 36 -28.65 -20.62 1.27
CA LEU J 36 -28.02 -21.81 0.73
C LEU J 36 -27.02 -22.42 1.70
N SER J 37 -26.41 -21.60 2.56
CA SER J 37 -25.49 -22.12 3.56
C SER J 37 -26.22 -23.00 4.57
N THR J 38 -27.39 -22.57 5.03
CA THR J 38 -28.16 -23.38 5.97
C THR J 38 -28.76 -24.58 5.23
N PRO J 39 -28.54 -25.80 5.71
CA PRO J 39 -29.23 -26.95 5.11
C PRO J 39 -30.74 -26.87 5.21
N SER J 40 -31.26 -26.24 6.27
CA SER J 40 -32.70 -26.16 6.47
C SER J 40 -33.39 -25.27 5.45
N TYR J 41 -32.66 -24.34 4.83
CA TYR J 41 -33.24 -23.44 3.84
C TYR J 41 -32.55 -23.52 2.48
N ASN J 42 -31.75 -24.54 2.25
CA ASN J 42 -31.14 -24.76 0.93
C ASN J 42 -32.17 -25.45 0.06
N TRP J 43 -32.90 -24.66 -0.73
CA TRP J 43 -34.03 -25.20 -1.49
C TRP J 43 -33.60 -26.19 -2.56
N LEU J 44 -32.34 -26.19 -2.96
CA LEU J 44 -31.87 -27.20 -3.90
C LEU J 44 -31.70 -28.55 -3.22
N GLU J 45 -31.34 -28.55 -1.93
CA GLU J 45 -31.23 -29.80 -1.17
C GLU J 45 -32.54 -30.20 -0.52
N ILE J 46 -33.42 -29.24 -0.24
CA ILE J 46 -34.74 -29.60 0.28
C ILE J 46 -35.53 -30.39 -0.75
N SER J 47 -35.52 -29.93 -2.01
CA SER J 47 -36.24 -30.65 -3.06
C SER J 47 -35.61 -32.01 -3.34
N ALA J 48 -34.28 -32.10 -3.28
CA ALA J 48 -33.62 -33.38 -3.49
C ALA J 48 -34.03 -34.40 -2.44
N ALA J 49 -34.08 -33.98 -1.17
CA ALA J 49 -34.53 -34.88 -0.11
C ALA J 49 -36.01 -35.19 -0.26
N LYS J 50 -36.81 -34.21 -0.66
CA LYS J 50 -38.25 -34.42 -0.79
C LYS J 50 -38.57 -35.41 -1.89
N TYR J 51 -37.84 -35.36 -3.00
CA TYR J 51 -38.14 -36.18 -4.17
C TYR J 51 -37.22 -37.40 -4.29
N ASN J 52 -36.35 -37.64 -3.31
CA ASN J 52 -35.48 -38.82 -3.28
C ASN J 52 -34.59 -38.87 -4.52
N ARG J 53 -33.80 -37.82 -4.69
CA ARG J 53 -32.91 -37.68 -5.83
C ARG J 53 -31.47 -38.03 -5.51
N VAL J 54 -31.16 -38.38 -4.26
CA VAL J 54 -29.80 -38.74 -3.88
C VAL J 54 -29.50 -40.17 -4.30
N LEU K 6 -32.29 25.23 -1.07
CA LEU K 6 -31.01 24.55 -0.94
C LEU K 6 -30.77 23.59 -2.10
N GLY K 7 -29.58 23.64 -2.68
CA GLY K 7 -29.23 22.76 -3.76
C GLY K 7 -27.75 22.52 -3.93
N TYR K 8 -27.36 21.24 -4.01
CA TYR K 8 -26.00 20.86 -4.32
C TYR K 8 -25.86 20.25 -5.70
N THR K 9 -26.96 19.90 -6.36
CA THR K 9 -26.93 19.19 -7.63
C THR K 9 -27.50 19.97 -8.79
N GLY K 10 -28.07 21.15 -8.56
CA GLY K 10 -28.66 21.93 -9.61
C GLY K 10 -30.08 21.55 -9.98
N LEU K 11 -30.67 20.58 -9.29
CA LEU K 11 -32.07 20.25 -9.52
C LEU K 11 -32.98 21.29 -8.89
N THR K 12 -34.05 21.61 -9.58
CA THR K 12 -35.03 22.54 -9.03
C THR K 12 -35.97 21.79 -8.09
N ASP K 13 -36.83 22.56 -7.40
CA ASP K 13 -37.76 21.95 -6.45
C ASP K 13 -38.76 21.04 -7.15
N GLU K 14 -39.30 21.48 -8.30
CA GLU K 14 -40.27 20.67 -9.01
C GLU K 14 -39.63 19.53 -9.79
N GLN K 15 -38.33 19.61 -10.05
CA GLN K 15 -37.62 18.45 -10.60
C GLN K 15 -37.35 17.41 -9.52
N ALA K 16 -37.06 17.85 -8.30
CA ALA K 16 -36.88 16.92 -7.20
C ALA K 16 -38.19 16.20 -6.88
N GLN K 17 -39.31 16.93 -6.90
CA GLN K 17 -40.61 16.29 -6.68
C GLN K 17 -40.93 15.31 -7.80
N GLU K 18 -40.61 15.67 -9.05
CA GLU K 18 -40.86 14.78 -10.17
C GLU K 18 -39.98 13.53 -10.08
N LEU K 19 -38.70 13.71 -9.77
CA LEU K 19 -37.79 12.58 -9.65
C LEU K 19 -38.18 11.68 -8.49
N HIS K 20 -38.57 12.28 -7.35
CA HIS K 20 -38.94 11.49 -6.19
C HIS K 20 -40.21 10.68 -6.43
N SER K 21 -41.17 11.26 -7.16
CA SER K 21 -42.43 10.57 -7.40
C SER K 21 -42.22 9.30 -8.21
N VAL K 22 -41.36 9.36 -9.23
CA VAL K 22 -41.04 8.16 -10.00
C VAL K 22 -40.20 7.19 -9.17
N TYR K 23 -39.27 7.72 -8.38
CA TYR K 23 -38.44 6.86 -7.53
C TYR K 23 -39.28 6.09 -6.53
N MET K 24 -40.20 6.78 -5.85
CA MET K 24 -41.06 6.11 -4.88
C MET K 24 -41.99 5.11 -5.55
N SER K 25 -42.41 5.38 -6.78
CA SER K 25 -43.23 4.42 -7.51
C SER K 25 -42.43 3.15 -7.81
N GLY K 26 -41.14 3.29 -8.13
CA GLY K 26 -40.30 2.13 -8.32
C GLY K 26 -39.93 1.43 -7.03
N LEU K 27 -39.90 2.19 -5.93
CA LEU K 27 -39.62 1.58 -4.63
C LEU K 27 -40.80 0.76 -4.13
N TRP K 28 -42.02 1.28 -4.29
CA TRP K 28 -43.20 0.54 -3.86
C TRP K 28 -43.43 -0.69 -4.73
N LEU K 29 -43.18 -0.57 -6.03
CA LEU K 29 -43.28 -1.74 -6.91
C LEU K 29 -42.27 -2.80 -6.53
N PHE K 30 -41.04 -2.38 -6.23
CA PHE K 30 -40.03 -3.33 -5.78
C PHE K 30 -40.41 -3.96 -4.44
N SER K 31 -40.96 -3.15 -3.53
CA SER K 31 -41.39 -3.68 -2.24
C SER K 31 -42.62 -4.56 -2.37
N ALA K 32 -43.51 -4.25 -3.32
CA ALA K 32 -44.69 -5.10 -3.52
C ALA K 32 -44.31 -6.51 -3.95
N VAL K 33 -43.33 -6.63 -4.84
CA VAL K 33 -42.87 -7.95 -5.27
C VAL K 33 -42.15 -8.65 -4.12
N ALA K 34 -41.34 -7.93 -3.36
CA ALA K 34 -40.61 -8.54 -2.26
C ALA K 34 -41.55 -9.02 -1.16
N ILE K 35 -42.67 -8.33 -0.94
CA ILE K 35 -43.64 -8.79 0.04
C ILE K 35 -44.33 -10.06 -0.44
N VAL K 36 -44.71 -10.11 -1.72
CA VAL K 36 -45.30 -11.31 -2.28
C VAL K 36 -44.30 -12.46 -2.24
N ALA K 37 -43.03 -12.18 -2.52
CA ALA K 37 -42.01 -13.21 -2.46
C ALA K 37 -41.83 -13.73 -1.04
N HIS K 38 -41.88 -12.84 -0.04
CA HIS K 38 -41.76 -13.28 1.34
C HIS K 38 -42.98 -14.06 1.79
N LEU K 39 -44.18 -13.61 1.37
CA LEU K 39 -45.40 -14.32 1.74
C LEU K 39 -45.40 -15.73 1.16
N ALA K 40 -44.99 -15.89 -0.09
CA ALA K 40 -44.94 -17.21 -0.70
C ALA K 40 -43.93 -18.11 0.00
N VAL K 41 -42.76 -17.58 0.34
CA VAL K 41 -41.76 -18.37 1.04
C VAL K 41 -42.22 -18.69 2.45
N TYR K 42 -42.89 -17.76 3.10
CA TYR K 42 -43.35 -17.99 4.47
C TYR K 42 -44.44 -19.06 4.51
N ILE K 43 -45.35 -19.05 3.52
CA ILE K 43 -46.33 -20.13 3.42
C ILE K 43 -45.65 -21.45 3.13
N TRP K 44 -44.68 -21.44 2.22
CA TRP K 44 -43.96 -22.66 1.87
C TRP K 44 -43.15 -23.19 3.04
N ARG K 45 -42.47 -22.31 3.77
CA ARG K 45 -41.56 -22.73 4.83
C ARG K 45 -41.35 -21.59 5.82
N PRO K 46 -42.24 -21.43 6.80
CA PRO K 46 -42.12 -20.30 7.72
C PRO K 46 -40.85 -20.37 8.56
N TRP K 47 -40.26 -19.20 8.82
CA TRP K 47 -39.03 -19.10 9.58
C TRP K 47 -39.24 -18.60 11.00
N PHE K 48 -40.49 -18.42 11.41
CA PHE K 48 -40.79 -17.99 12.78
C PHE K 48 -41.65 -19.03 13.49
N FME L 1 -31.04 21.19 23.02
CN FME L 1 -30.10 22.01 22.57
O1 FME L 1 -29.65 22.02 21.42
CA FME L 1 -31.65 20.17 22.18
CB FME L 1 -32.50 19.20 23.02
CG FME L 1 -33.48 19.90 23.96
SD FME L 1 -34.98 20.52 23.14
CE FME L 1 -35.86 21.21 24.53
C FME L 1 -32.53 20.81 21.08
O FME L 1 -32.98 20.07 20.19
N SER L 2 -32.74 22.12 21.13
CA SER L 2 -33.53 22.82 20.12
C SER L 2 -32.60 23.49 19.11
N LYS L 3 -31.33 23.64 19.49
CA LYS L 3 -30.34 24.26 18.64
C LYS L 3 -29.49 23.22 17.89
N PHE L 4 -29.88 21.95 17.94
CA PHE L 4 -29.11 20.90 17.28
C PHE L 4 -29.07 21.07 15.76
N TYR L 5 -29.95 21.88 15.20
CA TYR L 5 -29.96 22.09 13.75
C TYR L 5 -28.73 22.85 13.27
N LYS L 6 -27.95 23.44 14.16
CA LYS L 6 -26.76 24.17 13.76
C LYS L 6 -25.62 23.27 13.33
N ILE L 7 -25.75 21.95 13.54
CA ILE L 7 -24.69 21.04 13.11
C ILE L 7 -24.58 21.03 11.59
N TRP L 8 -25.66 21.37 10.89
CA TRP L 8 -25.63 21.44 9.44
C TRP L 8 -25.00 22.72 8.92
N MET L 9 -24.73 23.68 9.79
CA MET L 9 -23.89 24.82 9.47
C MET L 9 -22.42 24.55 9.72
N ILE L 10 -22.09 23.40 10.30
CA ILE L 10 -20.72 22.98 10.54
C ILE L 10 -20.29 21.90 9.55
N PHE L 11 -21.13 20.88 9.37
CA PHE L 11 -20.75 19.70 8.60
C PHE L 11 -21.48 19.66 7.27
N ASP L 12 -20.78 19.15 6.26
CA ASP L 12 -21.36 18.96 4.94
C ASP L 12 -22.50 17.95 5.05
N PRO L 13 -23.72 18.31 4.66
CA PRO L 13 -24.83 17.34 4.76
C PRO L 13 -24.59 16.08 3.95
N ARG L 14 -23.96 16.19 2.78
CA ARG L 14 -23.72 15.02 1.94
C ARG L 14 -22.78 14.04 2.62
N ARG L 15 -21.68 14.54 3.19
CA ARG L 15 -20.71 13.66 3.82
C ARG L 15 -21.29 13.02 5.08
N VAL L 16 -22.11 13.76 5.83
CA VAL L 16 -22.74 13.20 7.02
C VAL L 16 -23.69 12.07 6.64
N PHE L 17 -24.50 12.30 5.59
CA PHE L 17 -25.48 11.28 5.19
C PHE L 17 -24.78 10.03 4.64
N VAL L 18 -23.72 10.22 3.85
CA VAL L 18 -22.98 9.07 3.33
C VAL L 18 -22.33 8.30 4.47
N ALA L 19 -21.67 9.02 5.38
CA ALA L 19 -21.03 8.35 6.51
C ALA L 19 -22.05 7.64 7.38
N GLN L 20 -23.20 8.27 7.61
CA GLN L 20 -24.25 7.66 8.42
C GLN L 20 -24.86 6.45 7.73
N GLY L 21 -25.11 6.54 6.42
CA GLY L 21 -25.69 5.42 5.71
C GLY L 21 -24.78 4.20 5.71
N VAL L 22 -23.48 4.42 5.50
CA VAL L 22 -22.52 3.32 5.60
C VAL L 22 -22.47 2.78 7.02
N PHE L 23 -22.48 3.67 8.00
CA PHE L 23 -22.38 3.26 9.40
C PHE L 23 -23.59 2.42 9.81
N LEU L 24 -24.79 2.87 9.44
CA LEU L 24 -26.00 2.15 9.86
C LEU L 24 -26.09 0.78 9.21
N PHE L 25 -25.66 0.67 7.94
CA PHE L 25 -25.71 -0.63 7.27
C PHE L 25 -24.71 -1.60 7.88
N LEU L 26 -23.48 -1.14 8.12
CA LEU L 26 -22.47 -2.02 8.67
C LEU L 26 -22.80 -2.41 10.10
N LEU L 27 -23.36 -1.48 10.88
CA LEU L 27 -23.81 -1.82 12.22
C LEU L 27 -24.92 -2.86 12.19
N ALA L 28 -25.88 -2.70 11.27
CA ALA L 28 -26.98 -3.65 11.17
C ALA L 28 -26.49 -5.02 10.72
N VAL L 29 -25.57 -5.06 9.75
CA VAL L 29 -25.01 -6.33 9.30
C VAL L 29 -24.26 -7.01 10.43
N MET L 30 -23.48 -6.23 11.20
CA MET L 30 -22.71 -6.80 12.30
C MET L 30 -23.62 -7.46 13.33
N ILE L 31 -24.72 -6.79 13.70
CA ILE L 31 -25.60 -7.34 14.72
C ILE L 31 -26.34 -8.56 14.20
N HIS L 32 -26.81 -8.51 12.95
CA HIS L 32 -27.48 -9.68 12.38
C HIS L 32 -26.54 -10.87 12.30
N LEU L 33 -25.28 -10.63 11.92
CA LEU L 33 -24.29 -11.71 11.88
C LEU L 33 -23.98 -12.24 13.26
N ILE L 34 -23.97 -11.38 14.28
CA ILE L 34 -23.76 -11.82 15.65
C ILE L 34 -24.88 -12.76 16.08
N LEU L 35 -26.13 -12.39 15.78
CA LEU L 35 -27.26 -13.25 16.13
C LEU L 35 -27.21 -14.56 15.36
N LEU L 36 -26.82 -14.52 14.09
CA LEU L 36 -26.71 -15.76 13.31
C LEU L 36 -25.64 -16.67 13.89
N SER L 37 -24.55 -16.10 14.40
CA SER L 37 -23.45 -16.91 14.93
C SER L 37 -23.73 -17.44 16.33
N THR L 38 -24.76 -16.95 17.02
CA THR L 38 -25.16 -17.52 18.30
C THR L 38 -26.30 -18.48 18.07
N PRO L 39 -26.16 -19.76 18.42
CA PRO L 39 -27.23 -20.73 18.13
C PRO L 39 -28.54 -20.45 18.86
N SER L 40 -28.50 -19.73 19.98
CA SER L 40 -29.74 -19.43 20.69
C SER L 40 -30.58 -18.38 19.99
N TYR L 41 -29.99 -17.60 19.08
CA TYR L 41 -30.73 -16.55 18.38
C TYR L 41 -30.66 -16.67 16.87
N ASN L 42 -30.15 -17.77 16.34
CA ASN L 42 -30.14 -17.99 14.90
C ASN L 42 -31.54 -18.42 14.49
N TRP L 43 -32.32 -17.49 13.93
CA TRP L 43 -33.71 -17.76 13.62
C TRP L 43 -33.89 -18.80 12.53
N LEU L 44 -32.87 -19.02 11.69
CA LEU L 44 -32.97 -20.07 10.68
C LEU L 44 -32.82 -21.45 11.30
N GLU L 45 -32.03 -21.56 12.37
CA GLU L 45 -31.88 -22.84 13.07
C GLU L 45 -32.95 -23.04 14.13
N ILE L 46 -33.48 -21.97 14.70
CA ILE L 46 -34.57 -22.09 15.66
C ILE L 46 -35.81 -22.67 14.99
N SER L 47 -36.13 -22.18 13.79
CA SER L 47 -37.27 -22.70 13.05
C SER L 47 -37.02 -24.12 12.55
N ALA L 48 -35.77 -24.45 12.22
CA ALA L 48 -35.45 -25.81 11.78
C ALA L 48 -35.72 -26.82 12.88
N ALA L 49 -35.32 -26.49 14.11
CA ALA L 49 -35.59 -27.37 15.24
C ALA L 49 -37.07 -27.38 15.59
N LYS L 50 -37.73 -26.23 15.53
CA LYS L 50 -39.13 -26.14 15.92
C LYS L 50 -40.02 -26.98 15.01
N TYR L 51 -39.75 -26.95 13.70
CA TYR L 51 -40.53 -27.70 12.72
C TYR L 51 -39.90 -29.04 12.38
N ASN L 52 -38.82 -29.42 13.05
CA ASN L 52 -38.14 -30.70 12.86
C ASN L 52 -37.78 -30.89 11.38
N ARG L 53 -36.90 -30.01 10.90
CA ARG L 53 -36.52 -29.98 9.50
C ARG L 53 -35.17 -30.60 9.21
N VAL L 54 -34.31 -30.73 10.23
CA VAL L 54 -33.01 -31.37 10.04
C VAL L 54 -32.81 -32.46 11.09
N LEU M 6 -17.60 29.56 11.99
CA LEU M 6 -18.89 28.99 11.61
C LEU M 6 -19.19 29.22 10.14
N GLY M 7 -20.21 28.52 9.64
CA GLY M 7 -20.55 28.60 8.22
C GLY M 7 -19.52 27.99 7.32
N TYR M 8 -18.94 26.84 7.70
CA TYR M 8 -17.97 26.17 6.85
C TYR M 8 -18.62 25.47 5.66
N THR M 9 -19.94 25.39 5.62
CA THR M 9 -20.65 24.72 4.55
C THR M 9 -21.52 25.65 3.72
N GLY M 10 -21.65 26.90 4.11
CA GLY M 10 -22.46 27.85 3.36
C GLY M 10 -23.96 27.58 3.38
N LEU M 11 -24.48 27.18 4.53
CA LEU M 11 -25.92 27.01 4.71
C LEU M 11 -26.45 28.15 5.56
N THR M 12 -27.53 28.78 5.10
CA THR M 12 -28.21 29.78 5.91
C THR M 12 -28.94 29.11 7.06
N ASP M 13 -29.35 29.92 8.04
CA ASP M 13 -30.11 29.39 9.15
C ASP M 13 -31.46 28.85 8.69
N GLU M 14 -32.05 29.47 7.66
CA GLU M 14 -33.28 28.95 7.08
C GLU M 14 -33.05 27.58 6.47
N GLN M 15 -31.93 27.40 5.76
CA GLN M 15 -31.64 26.12 5.13
C GLN M 15 -31.18 25.07 6.13
N ALA M 16 -30.58 25.50 7.24
CA ALA M 16 -30.10 24.53 8.23
C ALA M 16 -31.26 23.90 9.00
N GLN M 17 -32.22 24.71 9.44
CA GLN M 17 -33.30 24.19 10.25
C GLN M 17 -34.31 23.40 9.43
N GLU M 18 -34.44 23.71 8.13
CA GLU M 18 -35.32 22.91 7.29
C GLU M 18 -34.67 21.56 6.96
N LEU M 19 -33.36 21.57 6.69
CA LEU M 19 -32.65 20.31 6.47
C LEU M 19 -32.68 19.44 7.72
N HIS M 20 -32.52 20.05 8.90
CA HIS M 20 -32.59 19.29 10.14
C HIS M 20 -34.01 18.81 10.41
N SER M 21 -35.02 19.55 9.95
CA SER M 21 -36.40 19.11 10.12
C SER M 21 -36.67 17.83 9.34
N VAL M 22 -36.21 17.76 8.09
CA VAL M 22 -36.41 16.55 7.30
C VAL M 22 -35.53 15.42 7.80
N TYR M 23 -34.33 15.74 8.28
CA TYR M 23 -33.45 14.71 8.82
C TYR M 23 -34.04 14.07 10.08
N MET M 24 -34.59 14.89 10.97
CA MET M 24 -35.17 14.34 12.20
C MET M 24 -36.40 13.49 11.90
N SER M 25 -37.18 13.86 10.88
CA SER M 25 -38.32 13.04 10.50
C SER M 25 -37.87 11.67 10.03
N GLY M 26 -36.77 11.60 9.28
CA GLY M 26 -36.22 10.31 8.90
C GLY M 26 -35.66 9.55 10.09
N LEU M 27 -35.06 10.26 11.05
CA LEU M 27 -34.52 9.60 12.23
C LEU M 27 -35.62 8.96 13.06
N TRP M 28 -36.72 9.69 13.30
CA TRP M 28 -37.81 9.14 14.09
C TRP M 28 -38.51 7.99 13.37
N LEU M 29 -38.66 8.11 12.05
CA LEU M 29 -39.26 7.01 11.29
C LEU M 29 -38.37 5.77 11.34
N PHE M 30 -37.05 5.95 11.22
CA PHE M 30 -36.14 4.83 11.38
C PHE M 30 -36.21 4.27 12.80
N SER M 31 -36.26 5.14 13.80
CA SER M 31 -36.33 4.69 15.19
C SER M 31 -37.65 3.99 15.47
N ALA M 32 -38.76 4.50 14.92
CA ALA M 32 -40.06 3.88 15.17
C ALA M 32 -40.11 2.45 14.66
N VAL M 33 -39.57 2.21 13.46
CA VAL M 33 -39.49 0.85 12.93
C VAL M 33 -38.61 0.00 13.82
N ALA M 34 -37.50 0.55 14.30
CA ALA M 34 -36.57 -0.21 15.13
C ALA M 34 -37.17 -0.51 16.49
N ILE M 35 -37.94 0.42 17.06
CA ILE M 35 -38.60 0.17 18.33
C ILE M 35 -39.61 -0.97 18.19
N VAL M 36 -40.40 -0.94 17.12
CA VAL M 36 -41.37 -2.00 16.89
C VAL M 36 -40.67 -3.32 16.58
N ALA M 37 -39.56 -3.26 15.83
CA ALA M 37 -38.81 -4.48 15.54
C ALA M 37 -38.26 -5.11 16.81
N HIS M 38 -37.72 -4.30 17.71
CA HIS M 38 -37.21 -4.82 18.97
C HIS M 38 -38.33 -5.36 19.85
N LEU M 39 -39.49 -4.71 19.83
CA LEU M 39 -40.63 -5.19 20.59
C LEU M 39 -41.09 -6.56 20.09
N ALA M 40 -41.14 -6.75 18.77
CA ALA M 40 -41.55 -8.03 18.22
C ALA M 40 -40.57 -9.13 18.57
N VAL M 41 -39.27 -8.83 18.53
CA VAL M 41 -38.27 -9.84 18.85
C VAL M 41 -38.28 -10.16 20.34
N TYR M 42 -38.47 -9.14 21.18
CA TYR M 42 -38.47 -9.38 22.63
C TYR M 42 -39.64 -10.26 23.04
N ILE M 43 -40.80 -10.07 22.41
CA ILE M 43 -41.93 -10.96 22.68
C ILE M 43 -41.63 -12.36 22.16
N TRP M 44 -41.03 -12.44 20.97
CA TRP M 44 -40.69 -13.74 20.38
C TRP M 44 -39.66 -14.49 21.21
N ARG M 45 -38.62 -13.80 21.66
CA ARG M 45 -37.49 -14.46 22.30
C ARG M 45 -36.70 -13.44 23.12
N PRO M 46 -37.16 -13.10 24.32
CA PRO M 46 -36.51 -12.03 25.09
C PRO M 46 -35.07 -12.37 25.44
N TRP M 47 -34.21 -11.35 25.41
CA TRP M 47 -32.81 -11.51 25.72
C TRP M 47 -32.46 -11.11 27.15
N PHE M 48 -33.46 -10.75 27.95
CA PHE M 48 -33.24 -10.48 29.36
C PHE M 48 -34.13 -11.39 30.21
N FME N 1 -14.85 26.23 34.56
CN FME N 1 -13.91 27.00 34.02
O1 FME N 1 -13.03 27.59 34.65
CA FME N 1 -15.89 25.61 33.76
CB FME N 1 -16.71 24.61 34.59
CG FME N 1 -17.30 25.24 35.85
SD FME N 1 -16.03 25.70 37.05
CE FME N 1 -15.36 24.08 37.45
C FME N 1 -16.82 26.67 33.14
O FME N 1 -17.62 26.29 32.25
N SER N 2 -16.75 27.91 33.58
CA SER N 2 -17.54 28.98 33.01
C SER N 2 -16.91 29.48 31.72
N LYS N 3 -15.61 29.22 31.55
CA LYS N 3 -14.88 29.65 30.37
C LYS N 3 -14.42 28.48 29.51
N PHE N 4 -14.99 27.29 29.74
CA PHE N 4 -14.65 26.14 28.90
C PHE N 4 -15.04 26.33 27.45
N TYR N 5 -15.97 27.25 27.16
CA TYR N 5 -16.43 27.45 25.79
C TYR N 5 -15.32 27.93 24.87
N LYS N 6 -14.25 28.50 25.41
CA LYS N 6 -13.17 29.02 24.57
C LYS N 6 -12.28 27.92 24.00
N ILE N 7 -12.60 26.65 24.24
CA ILE N 7 -11.87 25.56 23.58
C ILE N 7 -12.12 25.59 22.08
N TRP N 8 -13.29 26.07 21.67
CA TRP N 8 -13.64 26.10 20.26
C TRP N 8 -12.95 27.23 19.51
N MET N 9 -12.38 28.20 20.21
CA MET N 9 -11.51 29.17 19.56
C MET N 9 -10.19 28.55 19.13
N ILE N 10 -9.74 27.54 19.85
CA ILE N 10 -8.44 26.92 19.58
C ILE N 10 -8.56 25.75 18.61
N PHE N 11 -9.62 24.96 18.72
CA PHE N 11 -9.77 23.75 17.92
C PHE N 11 -10.96 23.88 16.97
N ASP N 12 -10.77 23.44 15.73
CA ASP N 12 -11.86 23.42 14.78
C ASP N 12 -12.94 22.45 15.25
N PRO N 13 -14.19 22.89 15.37
CA PRO N 13 -15.27 21.94 15.72
C PRO N 13 -15.41 20.80 14.73
N ARG N 14 -15.15 21.04 13.45
CA ARG N 14 -15.23 19.97 12.46
C ARG N 14 -14.24 18.86 12.75
N ARG N 15 -13.02 19.22 13.19
CA ARG N 15 -12.00 18.22 13.47
C ARG N 15 -12.30 17.48 14.76
N VAL N 16 -12.75 18.20 15.79
CA VAL N 16 -13.00 17.59 17.09
C VAL N 16 -14.15 16.58 17.01
N PHE N 17 -15.24 16.95 16.34
CA PHE N 17 -16.43 16.11 16.35
C PHE N 17 -16.18 14.79 15.62
N VAL N 18 -15.46 14.82 14.50
CA VAL N 18 -15.12 13.60 13.80
C VAL N 18 -14.26 12.70 14.67
N ALA N 19 -13.25 13.29 15.32
CA ALA N 19 -12.39 12.52 16.22
C ALA N 19 -13.17 12.00 17.42
N GLN N 20 -14.05 12.84 17.97
CA GLN N 20 -14.85 12.41 19.11
C GLN N 20 -15.80 11.29 18.73
N GLY N 21 -16.43 11.38 17.57
CA GLY N 21 -17.35 10.34 17.14
C GLY N 21 -16.65 9.02 16.86
N VAL N 22 -15.48 9.07 16.22
CA VAL N 22 -14.71 7.85 15.99
C VAL N 22 -14.27 7.25 17.32
N PHE N 23 -13.78 8.09 18.24
CA PHE N 23 -13.35 7.60 19.54
C PHE N 23 -14.51 7.00 20.32
N LEU N 24 -15.68 7.65 20.29
CA LEU N 24 -16.82 7.18 21.07
C LEU N 24 -17.34 5.84 20.55
N PHE N 25 -17.37 5.66 19.23
CA PHE N 25 -17.91 4.42 18.69
C PHE N 25 -16.92 3.27 18.88
N LEU N 26 -15.63 3.52 18.66
CA LEU N 26 -14.64 2.46 18.84
C LEU N 26 -14.58 2.02 20.30
N LEU N 27 -14.65 2.96 21.23
CA LEU N 27 -14.67 2.61 22.65
C LEU N 27 -15.90 1.78 22.99
N ALA N 28 -17.08 2.21 22.52
CA ALA N 28 -18.30 1.51 22.86
C ALA N 28 -18.33 0.09 22.28
N VAL N 29 -17.85 -0.06 21.04
CA VAL N 29 -17.79 -1.39 20.44
C VAL N 29 -16.84 -2.28 21.21
N MET N 30 -15.69 -1.74 21.61
CA MET N 30 -14.71 -2.54 22.33
C MET N 30 -15.26 -3.02 23.67
N ILE N 31 -15.97 -2.15 24.40
CA ILE N 31 -16.51 -2.54 25.69
C ILE N 31 -17.62 -3.57 25.52
N HIS N 32 -18.48 -3.38 24.52
CA HIS N 32 -19.52 -4.39 24.25
C HIS N 32 -18.89 -5.73 23.89
N LEU N 33 -17.78 -5.71 23.14
CA LEU N 33 -17.10 -6.94 22.78
C LEU N 33 -16.42 -7.59 23.97
N ILE N 34 -15.86 -6.78 24.88
CA ILE N 34 -15.23 -7.32 26.08
C ILE N 34 -16.24 -8.05 26.94
N LEU N 35 -17.43 -7.47 27.09
CA LEU N 35 -18.49 -8.13 27.86
C LEU N 35 -18.98 -9.39 27.16
N LEU N 36 -19.02 -9.40 25.83
CA LEU N 36 -19.41 -10.60 25.11
C LEU N 36 -18.38 -11.70 25.25
N SER N 37 -17.09 -11.33 25.29
CA SER N 37 -16.04 -12.33 25.48
C SER N 37 -16.13 -12.98 26.86
N THR N 38 -16.47 -12.20 27.88
CA THR N 38 -16.59 -12.75 29.23
C THR N 38 -17.92 -13.47 29.38
N PRO N 39 -17.94 -14.77 29.67
CA PRO N 39 -19.22 -15.47 29.82
C PRO N 39 -20.07 -14.95 30.97
N SER N 40 -19.46 -14.30 31.96
CA SER N 40 -20.23 -13.76 33.08
C SER N 40 -21.16 -12.63 32.63
N TYR N 41 -20.84 -11.95 31.53
CA TYR N 41 -21.64 -10.82 31.07
C TYR N 41 -22.11 -10.96 29.63
N ASN N 42 -21.94 -12.12 29.01
CA ASN N 42 -22.47 -12.34 27.67
C ASN N 42 -23.98 -12.47 27.76
N TRP N 43 -24.70 -11.37 27.54
CA TRP N 43 -26.15 -11.36 27.71
C TRP N 43 -26.87 -12.29 26.75
N LEU N 44 -26.21 -12.70 25.66
CA LEU N 44 -26.80 -13.70 24.78
C LEU N 44 -26.72 -15.10 25.38
N GLU N 45 -25.59 -15.41 26.03
CA GLU N 45 -25.45 -16.72 26.68
C GLU N 45 -26.31 -16.79 27.94
N ILE N 46 -26.38 -15.70 28.70
CA ILE N 46 -27.15 -15.69 29.94
C ILE N 46 -28.63 -15.92 29.65
N SER N 47 -29.14 -15.32 28.57
CA SER N 47 -30.52 -15.56 28.18
C SER N 47 -30.75 -17.01 27.81
N ALA N 48 -29.80 -17.62 27.10
CA ALA N 48 -29.95 -19.01 26.70
C ALA N 48 -29.98 -19.94 27.91
N ALA N 49 -29.09 -19.70 28.88
CA ALA N 49 -29.10 -20.50 30.10
C ALA N 49 -30.39 -20.29 30.90
N LYS N 50 -30.84 -19.04 31.01
CA LYS N 50 -32.04 -18.74 31.78
C LYS N 50 -33.29 -19.35 31.15
N TYR N 51 -33.40 -19.29 29.83
CA TYR N 51 -34.60 -19.73 29.13
C TYR N 51 -34.45 -21.12 28.51
N ASN N 52 -33.38 -21.85 28.85
CA ASN N 52 -33.20 -23.24 28.44
C ASN N 52 -33.30 -23.40 26.92
N ARG N 53 -32.59 -22.53 26.21
CA ARG N 53 -32.60 -22.52 24.75
C ARG N 53 -31.46 -23.31 24.14
N VAL N 54 -30.66 -23.99 24.95
CA VAL N 54 -29.55 -24.78 24.43
C VAL N 54 -29.75 -26.26 24.75
N LEU O 6 -7.84 36.10 19.60
CA LEU O 6 -7.68 34.72 19.19
C LEU O 6 -8.36 34.48 17.84
N GLY O 7 -7.65 33.84 16.92
CA GLY O 7 -8.16 33.64 15.59
C GLY O 7 -7.86 32.28 14.98
N TYR O 8 -7.66 31.27 15.82
CA TYR O 8 -7.33 29.94 15.31
C TYR O 8 -8.48 29.34 14.51
N THR O 9 -9.72 29.60 14.93
CA THR O 9 -10.89 29.04 14.27
C THR O 9 -11.85 30.10 13.76
N GLY O 10 -11.62 31.37 14.06
CA GLY O 10 -12.49 32.42 13.58
C GLY O 10 -13.80 32.57 14.33
N LEU O 11 -13.93 31.95 15.49
CA LEU O 11 -15.15 32.09 16.28
C LEU O 11 -15.03 33.32 17.17
N THR O 12 -16.09 34.13 17.19
CA THR O 12 -16.04 35.48 17.74
C THR O 12 -16.56 35.56 19.17
N ASP O 13 -16.35 34.50 19.96
CA ASP O 13 -16.70 34.46 21.38
C ASP O 13 -18.22 34.45 21.59
N GLU O 14 -18.97 34.59 20.51
CA GLU O 14 -20.41 34.33 20.53
C GLU O 14 -20.78 33.08 19.77
N GLN O 15 -20.07 32.77 18.68
CA GLN O 15 -20.22 31.47 18.04
C GLN O 15 -19.60 30.37 18.89
N ALA O 16 -18.58 30.71 19.68
CA ALA O 16 -17.99 29.73 20.59
C ALA O 16 -18.91 29.49 21.79
N GLN O 17 -19.51 30.56 22.33
CA GLN O 17 -20.49 30.36 23.40
C GLN O 17 -21.72 29.63 22.90
N GLU O 18 -22.11 29.87 21.65
CA GLU O 18 -23.27 29.18 21.10
C GLU O 18 -22.94 27.71 20.80
N LEU O 19 -21.78 27.45 20.20
CA LEU O 19 -21.42 26.07 19.86
C LEU O 19 -21.20 25.23 21.10
N HIS O 20 -20.57 25.80 22.13
CA HIS O 20 -20.37 25.07 23.37
C HIS O 20 -21.70 24.76 24.05
N SER O 21 -22.65 25.71 24.00
CA SER O 21 -23.95 25.48 24.61
C SER O 21 -24.67 24.32 23.96
N VAL O 22 -24.61 24.22 22.63
CA VAL O 22 -25.22 23.10 21.93
C VAL O 22 -24.43 21.82 22.17
N TYR O 23 -23.10 21.92 22.19
CA TYR O 23 -22.27 20.75 22.42
C TYR O 23 -22.49 20.17 23.80
N MET O 24 -22.51 21.03 24.83
CA MET O 24 -22.73 20.54 26.19
C MET O 24 -24.14 19.99 26.37
N SER O 25 -25.12 20.55 25.65
CA SER O 25 -26.45 19.97 25.67
C SER O 25 -26.44 18.55 25.15
N GLY O 26 -25.71 18.30 24.06
CA GLY O 26 -25.57 16.94 23.57
C GLY O 26 -24.79 16.05 24.53
N LEU O 27 -23.75 16.61 25.16
CA LEU O 27 -22.95 15.81 26.08
C LEU O 27 -23.75 15.37 27.29
N TRP O 28 -24.58 16.26 27.85
CA TRP O 28 -25.39 15.89 29.01
C TRP O 28 -26.48 14.91 28.62
N LEU O 29 -27.08 15.08 27.44
CA LEU O 29 -28.06 14.11 26.97
C LEU O 29 -27.44 12.74 26.77
N PHE O 30 -26.24 12.69 26.18
CA PHE O 30 -25.54 11.43 26.01
C PHE O 30 -25.15 10.82 27.36
N SER O 31 -24.67 11.66 28.29
CA SER O 31 -24.27 11.15 29.60
C SER O 31 -25.48 10.71 30.42
N ALA O 32 -26.61 11.40 30.28
CA ALA O 32 -27.81 11.01 31.01
C ALA O 32 -28.30 9.64 30.55
N VAL O 33 -28.28 9.38 29.23
CA VAL O 33 -28.66 8.08 28.72
C VAL O 33 -27.70 7.00 29.21
N ALA O 34 -26.39 7.29 29.17
CA ALA O 34 -25.40 6.32 29.61
C ALA O 34 -25.55 6.01 31.10
N ILE O 35 -25.90 7.02 31.90
CA ILE O 35 -26.12 6.81 33.33
C ILE O 35 -27.27 5.84 33.55
N VAL O 36 -28.38 6.04 32.83
CA VAL O 36 -29.51 5.15 32.95
C VAL O 36 -29.16 3.75 32.47
N ALA O 37 -28.33 3.66 31.44
CA ALA O 37 -27.89 2.35 30.96
C ALA O 37 -27.05 1.64 32.02
N HIS O 38 -26.11 2.37 32.65
CA HIS O 38 -25.26 1.74 33.67
C HIS O 38 -26.06 1.40 34.91
N LEU O 39 -27.03 2.24 35.28
CA LEU O 39 -27.89 1.94 36.41
C LEU O 39 -28.70 0.68 36.17
N ALA O 40 -29.27 0.54 34.97
CA ALA O 40 -30.08 -0.64 34.66
C ALA O 40 -29.23 -1.91 34.67
N VAL O 41 -28.02 -1.84 34.13
CA VAL O 41 -27.16 -3.02 34.10
C VAL O 41 -26.67 -3.38 35.50
N TYR O 42 -26.32 -2.36 36.30
CA TYR O 42 -25.86 -2.64 37.66
C TYR O 42 -26.95 -3.25 38.52
N ILE O 43 -28.21 -2.90 38.26
CA ILE O 43 -29.32 -3.56 38.94
C ILE O 43 -29.48 -4.98 38.42
N TRP O 44 -29.35 -5.17 37.11
CA TRP O 44 -29.47 -6.50 36.51
C TRP O 44 -28.42 -7.45 37.09
N ARG O 45 -27.15 -7.15 36.87
CA ARG O 45 -26.09 -7.87 37.59
C ARG O 45 -24.91 -6.95 37.86
N PRO O 46 -24.68 -6.58 39.12
CA PRO O 46 -23.60 -5.65 39.44
C PRO O 46 -22.23 -6.26 39.18
N TRP O 47 -21.27 -5.37 38.90
CA TRP O 47 -19.91 -5.79 38.58
C TRP O 47 -18.92 -5.47 39.70
N PHE O 48 -19.41 -5.23 40.91
CA PHE O 48 -18.54 -5.05 42.06
C PHE O 48 -18.88 -6.05 43.16
N FME P 1 5.64 29.40 41.19
CN FME P 1 6.70 29.78 40.48
O1 FME P 1 6.86 29.57 39.28
CA FME P 1 4.54 28.66 40.58
CB FME P 1 4.20 27.42 41.41
CG FME P 1 3.94 27.74 42.87
SD FME P 1 3.66 26.24 43.86
CE FME P 1 2.26 25.53 42.99
C FME P 1 3.32 29.57 40.40
O FME P 1 2.19 29.10 40.63
N SER P 2 3.55 30.82 40.02
CA SER P 2 2.47 31.73 39.63
C SER P 2 2.78 32.24 38.24
N LYS P 3 4.00 31.95 37.78
CA LYS P 3 4.44 32.29 36.44
C LYS P 3 4.40 31.10 35.49
N PHE P 4 3.77 29.99 35.91
CA PHE P 4 3.65 28.82 35.05
C PHE P 4 2.81 29.09 33.82
N TYR P 5 2.05 30.18 33.79
CA TYR P 5 1.24 30.52 32.62
C TYR P 5 2.09 30.77 31.39
N LYS P 6 3.37 31.12 31.58
CA LYS P 6 4.25 31.44 30.46
C LYS P 6 4.54 30.23 29.57
N ILE P 7 4.21 29.01 30.01
CA ILE P 7 4.39 27.85 29.15
C ILE P 7 3.59 27.99 27.86
N TRP P 8 2.50 28.73 27.91
CA TRP P 8 1.67 28.96 26.73
C TRP P 8 2.22 30.08 25.84
N MET P 9 3.21 30.83 26.30
CA MET P 9 3.92 31.78 25.45
C MET P 9 5.11 31.14 24.75
N ILE P 10 5.32 29.84 24.96
CA ILE P 10 6.37 29.10 24.26
C ILE P 10 5.78 28.04 23.34
N PHE P 11 4.69 27.40 23.76
CA PHE P 11 4.15 26.24 23.07
C PHE P 11 2.76 26.53 22.52
N ASP P 12 2.45 25.87 21.41
CA ASP P 12 1.17 26.05 20.77
C ASP P 12 0.07 25.35 21.57
N PRO P 13 -0.99 26.06 21.97
CA PRO P 13 -2.10 25.38 22.66
C PRO P 13 -2.71 24.24 21.86
N ARG P 14 -2.75 24.36 20.53
CA ARG P 14 -3.29 23.28 19.70
C ARG P 14 -2.48 22.00 19.88
N ARG P 15 -1.16 22.09 19.74
CA ARG P 15 -0.33 20.90 19.77
C ARG P 15 -0.30 20.28 21.17
N VAL P 16 -0.18 21.10 22.22
CA VAL P 16 -0.08 20.57 23.57
C VAL P 16 -1.37 19.88 23.97
N PHE P 17 -2.52 20.48 23.67
CA PHE P 17 -3.79 19.87 24.03
C PHE P 17 -3.99 18.54 23.32
N VAL P 18 -3.62 18.46 22.04
CA VAL P 18 -3.68 17.19 21.33
C VAL P 18 -2.70 16.20 21.93
N ALA P 19 -1.46 16.63 22.16
CA ALA P 19 -0.46 15.74 22.74
C ALA P 19 -0.85 15.29 24.14
N GLN P 20 -1.55 16.15 24.88
CA GLN P 20 -2.04 15.75 26.20
C GLN P 20 -3.20 14.77 26.08
N GLY P 21 -4.08 14.99 25.10
CA GLY P 21 -5.22 14.09 24.95
C GLY P 21 -4.81 12.70 24.52
N VAL P 22 -3.90 12.61 23.55
CA VAL P 22 -3.39 11.31 23.12
C VAL P 22 -2.64 10.63 24.26
N PHE P 23 -1.82 11.40 24.98
CA PHE P 23 -1.07 10.84 26.10
C PHE P 23 -2.01 10.35 27.20
N LEU P 24 -2.99 11.17 27.59
CA LEU P 24 -3.87 10.82 28.70
C LEU P 24 -4.69 9.58 28.37
N PHE P 25 -5.19 9.48 27.14
CA PHE P 25 -6.00 8.33 26.76
C PHE P 25 -5.16 7.06 26.68
N LEU P 26 -3.98 7.15 26.06
CA LEU P 26 -3.14 5.96 25.92
C LEU P 26 -2.67 5.46 27.29
N LEU P 27 -2.40 6.39 28.21
CA LEU P 27 -2.00 5.98 29.56
C LEU P 27 -3.13 5.28 30.29
N ALA P 28 -4.34 5.84 30.22
CA ALA P 28 -5.47 5.26 30.93
C ALA P 28 -5.84 3.88 30.38
N VAL P 29 -5.78 3.72 29.06
CA VAL P 29 -6.08 2.41 28.46
C VAL P 29 -5.03 1.39 28.89
N MET P 30 -3.75 1.79 28.88
CA MET P 30 -2.69 0.88 29.30
C MET P 30 -2.88 0.43 30.74
N ILE P 31 -3.21 1.37 31.64
CA ILE P 31 -3.40 1.01 33.04
C ILE P 31 -4.66 0.17 33.21
N HIS P 32 -5.75 0.54 32.55
CA HIS P 32 -6.96 -0.28 32.58
C HIS P 32 -6.70 -1.68 32.03
N LEU P 33 -5.83 -1.78 31.02
CA LEU P 33 -5.50 -3.10 30.45
C LEU P 33 -4.53 -3.88 31.33
N ILE P 34 -3.60 -3.20 32.00
CA ILE P 34 -2.69 -3.90 32.91
C ILE P 34 -3.48 -4.51 34.07
N LEU P 35 -4.47 -3.79 34.58
CA LEU P 35 -5.31 -4.33 35.65
C LEU P 35 -6.17 -5.48 35.14
N LEU P 36 -6.65 -5.39 33.91
CA LEU P 36 -7.45 -6.46 33.34
C LEU P 36 -6.62 -7.71 33.12
N SER P 37 -5.32 -7.55 32.86
CA SER P 37 -4.43 -8.70 32.67
C SER P 37 -4.11 -9.39 33.98
N THR P 38 -3.89 -8.64 35.04
CA THR P 38 -3.62 -9.24 36.34
C THR P 38 -4.89 -9.87 36.88
N PRO P 39 -4.91 -11.17 37.18
CA PRO P 39 -6.15 -11.80 37.67
C PRO P 39 -6.60 -11.27 39.01
N SER P 40 -5.70 -10.70 39.81
CA SER P 40 -6.08 -10.19 41.13
C SER P 40 -6.88 -8.89 41.03
N TYR P 41 -6.88 -8.23 39.87
CA TYR P 41 -7.60 -6.97 39.71
C TYR P 41 -8.54 -6.97 38.51
N ASN P 42 -8.79 -8.13 37.90
CA ASN P 42 -9.78 -8.23 36.84
C ASN P 42 -11.17 -8.11 37.44
N TRP P 43 -11.75 -6.91 37.37
CA TRP P 43 -13.01 -6.66 38.04
C TRP P 43 -14.17 -7.44 37.43
N LEU P 44 -14.03 -7.92 36.20
CA LEU P 44 -15.07 -8.76 35.63
C LEU P 44 -15.06 -10.16 36.23
N GLU P 45 -13.87 -10.75 36.38
CA GLU P 45 -13.75 -12.09 36.96
C GLU P 45 -13.94 -12.06 38.48
N ILE P 46 -13.57 -10.96 39.13
CA ILE P 46 -13.83 -10.82 40.56
C ILE P 46 -15.32 -10.82 40.84
N SER P 47 -16.08 -10.08 40.02
CA SER P 47 -17.53 -10.04 40.20
C SER P 47 -18.16 -11.40 39.91
N ALA P 48 -17.64 -12.12 38.91
CA ALA P 48 -18.17 -13.45 38.61
C ALA P 48 -17.95 -14.40 39.77
N ALA P 49 -16.77 -14.35 40.38
CA ALA P 49 -16.47 -15.23 41.52
C ALA P 49 -17.29 -14.85 42.74
N LYS P 50 -17.50 -13.56 42.98
CA LYS P 50 -18.21 -13.12 44.18
C LYS P 50 -19.67 -13.57 44.16
N TYR P 51 -20.33 -13.46 43.02
CA TYR P 51 -21.73 -13.85 42.90
C TYR P 51 -21.91 -15.25 42.34
N ASN P 52 -20.82 -15.97 42.08
CA ASN P 52 -20.85 -17.35 41.61
C ASN P 52 -21.74 -17.49 40.36
N ARG P 53 -21.34 -16.78 39.31
CA ARG P 53 -22.07 -16.77 38.05
C ARG P 53 -21.55 -17.78 37.05
N VAL P 54 -20.54 -18.57 37.41
CA VAL P 54 -20.00 -19.58 36.51
C VAL P 54 -20.53 -20.95 36.89
N LEU Q 6 9.89 34.05 24.29
CA LEU Q 6 8.62 34.77 24.34
C LEU Q 6 8.01 34.93 22.96
N GLY Q 7 6.67 35.00 22.92
CA GLY Q 7 5.97 35.27 21.68
C GLY Q 7 6.24 34.27 20.57
N TYR Q 8 6.37 33.00 20.92
CA TYR Q 8 6.61 31.96 19.93
C TYR Q 8 5.34 31.52 19.21
N THR Q 9 4.16 31.86 19.74
CA THR Q 9 2.90 31.44 19.15
C THR Q 9 2.04 32.61 18.70
N GLY Q 10 1.95 33.67 19.50
CA GLY Q 10 1.10 34.79 19.18
C GLY Q 10 0.27 35.24 20.36
N LEU Q 11 0.26 34.43 21.41
CA LEU Q 11 -0.45 34.79 22.63
C LEU Q 11 0.29 35.91 23.35
N THR Q 12 -0.48 36.80 23.96
CA THR Q 12 0.07 37.88 24.76
C THR Q 12 0.16 37.43 26.21
N ASP Q 13 0.43 38.39 27.12
CA ASP Q 13 0.41 38.06 28.54
C ASP Q 13 -1.01 37.88 29.04
N GLU Q 14 -1.96 38.67 28.52
CA GLU Q 14 -3.34 38.57 28.96
C GLU Q 14 -4.00 37.29 28.46
N GLN Q 15 -3.76 36.93 27.20
CA GLN Q 15 -4.36 35.72 26.65
C GLN Q 15 -3.79 34.46 27.31
N ALA Q 16 -2.48 34.45 27.58
CA ALA Q 16 -1.88 33.31 28.25
C ALA Q 16 -2.42 33.16 29.67
N GLN Q 17 -2.64 34.28 30.36
CA GLN Q 17 -3.24 34.22 31.69
C GLN Q 17 -4.64 33.62 31.63
N GLU Q 18 -5.44 34.05 30.65
CA GLU Q 18 -6.78 33.47 30.50
C GLU Q 18 -6.72 32.01 30.10
N LEU Q 19 -5.79 31.65 29.21
CA LEU Q 19 -5.67 30.26 28.79
C LEU Q 19 -5.24 29.36 29.93
N HIS Q 20 -4.20 29.77 30.67
CA HIS Q 20 -3.68 28.93 31.74
C HIS Q 20 -4.67 28.80 32.89
N SER Q 21 -5.44 29.85 33.17
CA SER Q 21 -6.43 29.76 34.24
C SER Q 21 -7.49 28.72 33.90
N VAL Q 22 -7.96 28.71 32.65
CA VAL Q 22 -8.97 27.74 32.24
C VAL Q 22 -8.34 26.35 32.12
N TYR Q 23 -7.09 26.27 31.66
CA TYR Q 23 -6.43 24.97 31.56
C TYR Q 23 -6.26 24.34 32.94
N MET Q 24 -5.89 25.14 33.94
CA MET Q 24 -5.76 24.60 35.29
C MET Q 24 -7.12 24.26 35.88
N SER Q 25 -8.18 24.99 35.48
CA SER Q 25 -9.51 24.66 35.94
C SER Q 25 -9.93 23.27 35.47
N GLY Q 26 -9.64 22.95 34.21
CA GLY Q 26 -9.90 21.61 33.71
C GLY Q 26 -9.00 20.57 34.35
N LEU Q 27 -7.73 20.93 34.58
CA LEU Q 27 -6.79 19.98 35.17
C LEU Q 27 -7.20 19.59 36.58
N TRP Q 28 -7.63 20.56 37.39
CA TRP Q 28 -8.05 20.24 38.75
C TRP Q 28 -9.30 19.37 38.75
N LEU Q 29 -10.25 19.65 37.85
CA LEU Q 29 -11.45 18.84 37.76
C LEU Q 29 -11.13 17.41 37.30
N PHE Q 30 -10.24 17.27 36.32
CA PHE Q 30 -9.80 15.93 35.92
C PHE Q 30 -9.09 15.23 37.07
N SER Q 31 -8.27 15.96 37.81
CA SER Q 31 -7.60 15.37 38.97
C SER Q 31 -8.59 15.07 40.09
N ALA Q 32 -9.55 15.97 40.32
CA ALA Q 32 -10.48 15.79 41.43
C ALA Q 32 -11.35 14.55 41.22
N VAL Q 33 -11.74 14.28 39.97
CA VAL Q 33 -12.49 13.07 39.68
C VAL Q 33 -11.60 11.83 39.84
N ALA Q 34 -10.35 11.92 39.38
CA ALA Q 34 -9.44 10.77 39.48
C ALA Q 34 -9.08 10.45 40.91
N ILE Q 35 -9.08 11.46 41.80
CA ILE Q 35 -8.82 11.20 43.21
C ILE Q 35 -9.96 10.39 43.83
N VAL Q 36 -11.20 10.81 43.56
CA VAL Q 36 -12.35 10.05 44.03
C VAL Q 36 -12.38 8.66 43.41
N ALA Q 37 -11.93 8.55 42.15
CA ALA Q 37 -11.86 7.25 41.50
C ALA Q 37 -10.87 6.34 42.23
N HIS Q 38 -9.69 6.86 42.58
CA HIS Q 38 -8.72 6.07 43.32
C HIS Q 38 -9.19 5.78 44.74
N LEU Q 39 -9.85 6.74 45.37
CA LEU Q 39 -10.39 6.52 46.71
C LEU Q 39 -11.42 5.40 46.70
N ALA Q 40 -12.32 5.40 45.71
CA ALA Q 40 -13.32 4.34 45.62
C ALA Q 40 -12.69 2.98 45.36
N VAL Q 41 -11.67 2.93 44.52
CA VAL Q 41 -11.02 1.65 44.21
C VAL Q 41 -10.20 1.17 45.42
N TYR Q 42 -9.51 2.08 46.10
CA TYR Q 42 -8.70 1.68 47.25
C TYR Q 42 -9.58 1.17 48.38
N ILE Q 43 -10.73 1.80 48.61
CA ILE Q 43 -11.66 1.29 49.61
C ILE Q 43 -12.24 -0.04 49.16
N TRP Q 44 -12.47 -0.21 47.85
CA TRP Q 44 -13.02 -1.46 47.34
C TRP Q 44 -11.98 -2.57 47.34
N ARG Q 45 -10.74 -2.26 46.95
CA ARG Q 45 -9.70 -3.28 46.83
C ARG Q 45 -8.32 -2.63 46.90
N PRO Q 46 -7.80 -2.39 48.10
CA PRO Q 46 -6.52 -1.67 48.22
C PRO Q 46 -5.35 -2.45 47.64
N TRP Q 47 -4.38 -1.72 47.10
CA TRP Q 47 -3.18 -2.29 46.50
C TRP Q 47 -1.95 -2.07 47.36
N PHE Q 48 -2.12 -1.76 48.64
CA PHE Q 48 -1.00 -1.57 49.56
C PHE Q 48 -1.22 -2.36 50.84
N FME R 1 27.47 28.99 40.28
CN FME R 1 28.33 29.18 39.28
O1 FME R 1 29.32 29.91 39.31
CA FME R 1 26.32 28.12 40.16
CB FME R 1 26.30 27.08 41.29
C FME R 1 25.02 28.94 40.15
O FME R 1 23.93 28.33 40.09
N SER R 2 25.13 30.26 40.22
CA SER R 2 23.97 31.14 40.17
C SER R 2 23.91 31.87 38.84
N LYS R 3 24.50 31.25 37.81
CA LYS R 3 24.52 31.82 36.47
C LYS R 3 24.19 30.76 35.43
N PHE R 4 23.35 29.79 35.78
CA PHE R 4 22.97 28.73 34.86
C PHE R 4 21.99 29.19 33.79
N TYR R 5 21.37 30.36 33.94
CA TYR R 5 20.33 30.80 33.01
C TYR R 5 20.86 30.98 31.60
N LYS R 6 22.16 31.23 31.44
CA LYS R 6 22.72 31.50 30.12
C LYS R 6 22.68 30.28 29.20
N ILE R 7 22.38 29.10 29.72
CA ILE R 7 22.22 27.93 28.86
C ILE R 7 20.97 28.04 28.00
N TRP R 8 19.99 28.84 28.43
CA TRP R 8 18.78 29.01 27.63
C TRP R 8 19.06 29.83 26.37
N MET R 9 19.99 30.79 26.45
CA MET R 9 20.40 31.51 25.26
C MET R 9 21.17 30.64 24.28
N ILE R 10 21.64 29.47 24.72
CA ILE R 10 22.37 28.56 23.85
C ILE R 10 21.44 27.56 23.18
N PHE R 11 20.55 26.92 23.95
CA PHE R 11 19.65 25.91 23.44
C PHE R 11 18.24 26.46 23.36
N ASP R 12 17.54 26.13 22.29
CA ASP R 12 16.19 26.64 22.06
C ASP R 12 15.23 26.02 23.07
N PRO R 13 14.53 26.82 23.89
CA PRO R 13 13.69 26.25 24.94
C PRO R 13 12.59 25.34 24.43
N ARG R 14 12.05 25.60 23.24
CA ARG R 14 10.96 24.77 22.73
C ARG R 14 11.40 23.33 22.54
N ARG R 15 12.61 23.12 22.03
CA ARG R 15 13.11 21.76 21.88
C ARG R 15 13.54 21.16 23.21
N VAL R 16 14.00 21.99 24.15
CA VAL R 16 14.48 21.48 25.43
C VAL R 16 13.33 20.90 26.24
N PHE R 17 12.21 21.64 26.34
CA PHE R 17 11.09 21.16 27.13
C PHE R 17 10.48 19.89 26.52
N VAL R 18 10.41 19.82 25.20
CA VAL R 18 10.01 18.58 24.56
C VAL R 18 11.01 17.48 24.85
N ALA R 19 12.31 17.81 24.80
CA ALA R 19 13.33 16.83 25.11
C ALA R 19 13.22 16.35 26.55
N GLN R 20 13.00 17.27 27.48
CA GLN R 20 12.84 16.88 28.88
C GLN R 20 11.57 16.07 29.10
N GLY R 21 10.47 16.48 28.48
CA GLY R 21 9.21 15.76 28.67
C GLY R 21 9.28 14.33 28.20
N VAL R 22 9.84 14.10 27.01
CA VAL R 22 10.01 12.75 26.51
C VAL R 22 10.99 11.98 27.39
N PHE R 23 12.10 12.62 27.78
CA PHE R 23 13.11 11.94 28.58
C PHE R 23 12.56 11.58 29.97
N LEU R 24 11.85 12.51 30.62
CA LEU R 24 11.33 12.24 31.95
C LEU R 24 10.28 11.15 31.94
N PHE R 25 9.40 11.15 30.93
CA PHE R 25 8.34 10.15 30.88
C PHE R 25 8.89 8.76 30.59
N LEU R 26 9.84 8.66 29.66
CA LEU R 26 10.44 7.38 29.37
C LEU R 26 11.18 6.82 30.57
N LEU R 27 11.92 7.67 31.29
CA LEU R 27 12.62 7.22 32.48
C LEU R 27 11.66 6.73 33.55
N ALA R 28 10.57 7.47 33.78
CA ALA R 28 9.58 7.04 34.77
C ALA R 28 8.90 5.76 34.35
N VAL R 29 8.54 5.64 33.07
CA VAL R 29 7.93 4.40 32.59
C VAL R 29 8.91 3.25 32.64
N MET R 30 10.17 3.51 32.30
CA MET R 30 11.19 2.46 32.35
C MET R 30 11.40 1.96 33.77
N ILE R 31 11.47 2.86 34.75
CA ILE R 31 11.69 2.45 36.13
C ILE R 31 10.48 1.72 36.68
N HIS R 32 9.28 2.22 36.41
CA HIS R 32 8.07 1.49 36.80
C HIS R 32 8.06 0.10 36.16
N LEU R 33 8.50 -0.01 34.91
CA LEU R 33 8.59 -1.30 34.26
C LEU R 33 9.59 -2.21 34.95
N ILE R 34 10.74 -1.66 35.36
CA ILE R 34 11.75 -2.46 36.05
C ILE R 34 11.20 -2.98 37.38
N LEU R 35 10.42 -2.16 38.08
CA LEU R 35 9.83 -2.59 39.34
C LEU R 35 8.79 -3.70 39.10
N LEU R 36 7.96 -3.55 38.08
CA LEU R 36 6.99 -4.59 37.77
C LEU R 36 7.66 -5.90 37.38
N SER R 37 8.81 -5.80 36.67
CA SER R 37 9.53 -7.00 36.28
C SER R 37 10.06 -7.76 37.50
N THR R 38 10.56 -7.03 38.49
CA THR R 38 11.08 -7.67 39.70
C THR R 38 9.92 -8.16 40.55
N PRO R 39 9.83 -9.45 40.84
CA PRO R 39 8.67 -9.96 41.61
C PRO R 39 8.61 -9.42 43.04
N SER R 40 9.73 -8.95 43.59
CA SER R 40 9.74 -8.40 44.94
C SER R 40 9.25 -6.97 45.01
N TYR R 41 9.02 -6.31 43.86
CA TYR R 41 8.52 -4.95 43.86
C TYR R 41 7.34 -4.77 42.90
N ASN R 42 6.71 -5.86 42.48
CA ASN R 42 5.49 -5.80 41.70
C ASN R 42 4.33 -5.60 42.67
N TRP R 43 3.93 -4.34 42.87
CA TRP R 43 2.95 -4.01 43.89
C TRP R 43 1.60 -4.65 43.65
N LEU R 44 1.30 -5.04 42.40
CA LEU R 44 0.07 -5.78 42.15
C LEU R 44 0.18 -7.22 42.64
N GLU R 45 1.36 -7.83 42.48
CA GLU R 45 1.57 -9.18 42.99
C GLU R 45 1.72 -9.19 44.51
N ILE R 46 2.34 -8.15 45.07
CA ILE R 46 2.53 -8.08 46.52
C ILE R 46 1.19 -7.98 47.23
N SER R 47 0.29 -7.13 46.72
CA SER R 47 -1.02 -6.98 47.35
C SER R 47 -1.88 -8.21 47.14
N ALA R 48 -1.69 -8.92 46.02
CA ALA R 48 -2.44 -10.15 45.80
C ALA R 48 -2.11 -11.20 46.86
N ALA R 49 -0.84 -11.33 47.21
CA ALA R 49 -0.44 -12.30 48.23
C ALA R 49 -0.82 -11.83 49.63
N LYS R 50 -0.63 -10.54 49.93
CA LYS R 50 -0.89 -10.04 51.28
C LYS R 50 -2.35 -10.22 51.67
N TYR R 51 -3.27 -9.88 50.76
CA TYR R 51 -4.69 -9.93 51.04
C TYR R 51 -5.32 -11.26 50.62
N ASN R 52 -4.53 -12.23 50.16
CA ASN R 52 -5.01 -13.56 49.80
C ASN R 52 -6.13 -13.48 48.77
N ARG R 53 -5.78 -12.98 47.58
CA ARG R 53 -6.75 -12.76 46.51
C ARG R 53 -6.67 -13.78 45.39
N VAL R 54 -5.50 -14.39 45.16
CA VAL R 54 -5.37 -15.40 44.12
C VAL R 54 -5.08 -16.76 44.74
N LEU S 6 25.67 37.14 21.24
CA LEU S 6 25.14 37.01 22.59
C LEU S 6 24.47 35.66 22.81
N GLY S 7 23.36 35.44 22.14
CA GLY S 7 22.59 34.22 22.33
C GLY S 7 22.31 33.53 21.00
N TYR S 8 22.31 32.21 21.03
CA TYR S 8 22.11 31.41 19.83
C TYR S 8 20.65 31.22 19.47
N THR S 9 19.72 31.68 20.30
CA THR S 9 18.29 31.46 20.05
C THR S 9 17.50 32.76 20.00
N GLY S 10 18.19 33.89 19.86
CA GLY S 10 17.49 35.17 19.79
C GLY S 10 16.71 35.50 21.05
N LEU S 11 17.30 35.25 22.22
CA LEU S 11 16.68 35.54 23.50
C LEU S 11 17.60 36.44 24.30
N THR S 12 17.05 37.52 24.83
CA THR S 12 17.87 38.44 25.61
C THR S 12 18.19 37.85 26.97
N ASP S 13 19.11 38.50 27.68
CA ASP S 13 19.50 38.04 29.01
C ASP S 13 18.31 38.04 29.96
N GLU S 14 17.53 39.12 29.96
CA GLU S 14 16.35 39.18 30.82
C GLU S 14 15.30 38.17 30.39
N GLN S 15 15.19 37.89 29.09
CA GLN S 15 14.30 36.83 28.63
C GLN S 15 14.78 35.47 29.12
N ALA S 16 16.10 35.28 29.18
CA ALA S 16 16.65 34.05 29.74
C ALA S 16 16.63 34.04 31.26
N GLN S 17 16.66 35.22 31.89
CA GLN S 17 16.57 35.28 33.35
C GLN S 17 15.22 34.76 33.84
N GLU S 18 14.14 35.15 33.17
CA GLU S 18 12.81 34.73 33.61
C GLU S 18 12.57 33.26 33.32
N LEU S 19 12.98 32.79 32.13
CA LEU S 19 12.70 31.41 31.75
C LEU S 19 13.38 30.42 32.68
N HIS S 20 14.63 30.71 33.07
CA HIS S 20 15.33 29.81 33.98
C HIS S 20 14.69 29.80 35.37
N SER S 21 14.31 30.98 35.87
CA SER S 21 13.76 31.05 37.22
C SER S 21 12.44 30.29 37.33
N VAL S 22 11.58 30.42 36.32
CA VAL S 22 10.32 29.68 36.32
C VAL S 22 10.59 28.20 36.11
N TYR S 23 11.54 27.86 35.23
CA TYR S 23 11.89 26.46 35.01
C TYR S 23 12.45 25.82 36.27
N MET S 24 13.28 26.55 37.02
CA MET S 24 13.83 26.00 38.25
C MET S 24 12.75 25.78 39.30
N SER S 25 11.79 26.70 39.38
CA SER S 25 10.70 26.53 40.34
C SER S 25 9.87 25.29 40.03
N GLY S 26 9.66 25.01 38.75
CA GLY S 26 9.02 23.76 38.38
C GLY S 26 9.88 22.55 38.71
N LEU S 27 11.20 22.68 38.52
CA LEU S 27 12.10 21.57 38.82
C LEU S 27 12.05 21.20 40.30
N TRP S 28 12.09 22.20 41.19
CA TRP S 28 12.03 21.90 42.61
C TRP S 28 10.66 21.36 43.01
N LEU S 29 9.60 21.84 42.36
CA LEU S 29 8.27 21.29 42.61
C LEU S 29 8.19 19.83 42.20
N PHE S 30 8.76 19.50 41.03
CA PHE S 30 8.78 18.11 40.60
C PHE S 30 9.63 17.26 41.54
N SER S 31 10.80 17.78 41.94
CA SER S 31 11.68 17.03 42.83
C SER S 31 11.05 16.84 44.21
N ALA S 32 10.37 17.88 44.71
CA ALA S 32 9.77 17.78 46.04
C ALA S 32 8.70 16.69 46.08
N VAL S 33 7.89 16.59 45.03
CA VAL S 33 6.91 15.51 44.95
C VAL S 33 7.61 14.16 44.89
N ALA S 34 8.68 14.07 44.09
CA ALA S 34 9.40 12.82 43.95
C ALA S 34 10.05 12.38 45.26
N ILE S 35 10.55 13.34 46.04
CA ILE S 35 11.12 13.02 47.34
C ILE S 35 10.06 12.43 48.26
N VAL S 36 8.88 13.03 48.28
CA VAL S 36 7.78 12.51 49.10
C VAL S 36 7.37 11.13 48.62
N ALA S 37 7.35 10.92 47.30
CA ALA S 37 7.01 9.60 46.77
C ALA S 37 8.04 8.56 47.18
N HIS S 38 9.33 8.90 47.12
CA HIS S 38 10.36 7.96 47.53
C HIS S 38 10.27 7.65 49.02
N LEU S 39 9.99 8.66 49.84
CA LEU S 39 9.85 8.45 51.27
C LEU S 39 8.69 7.51 51.59
N ALA S 40 7.56 7.67 50.88
CA ALA S 40 6.42 6.79 51.09
C ALA S 40 6.76 5.36 50.70
N VAL S 41 7.49 5.18 49.60
CA VAL S 41 7.86 3.83 49.17
C VAL S 41 8.89 3.23 50.12
N TYR S 42 9.88 4.02 50.53
CA TYR S 42 10.94 3.49 51.38
C TYR S 42 10.41 3.07 52.74
N ILE S 43 9.44 3.81 53.27
CA ILE S 43 8.81 3.39 54.52
C ILE S 43 7.97 2.13 54.30
N TRP S 44 7.21 2.09 53.20
CA TRP S 44 6.40 0.92 52.90
C TRP S 44 7.27 -0.30 52.61
N ARG S 45 8.34 -0.13 51.84
CA ARG S 45 9.17 -1.25 51.44
C ARG S 45 10.56 -0.75 51.04
N PRO S 46 11.48 -0.64 52.00
CA PRO S 46 12.81 -0.12 51.69
C PRO S 46 13.59 -1.04 50.76
N TRP S 47 14.44 -0.42 49.93
CA TRP S 47 15.27 -1.15 48.99
C TRP S 47 16.73 -1.19 49.41
N PHE S 48 17.04 -0.80 50.65
CA PHE S 48 18.40 -0.87 51.16
C PHE S 48 18.43 -1.58 52.51
N LYS T 3 44.06 26.67 31.32
CA LYS T 3 43.89 27.25 30.00
C LYS T 3 42.97 26.38 29.14
N PHE T 4 42.24 25.47 29.78
CA PHE T 4 41.27 24.64 29.07
C PHE T 4 40.08 25.44 28.55
N TYR T 5 39.92 26.70 28.97
CA TYR T 5 38.77 27.50 28.56
C TYR T 5 38.76 27.77 27.07
N LYS T 6 39.89 27.58 26.39
CA LYS T 6 39.95 27.82 24.95
C LYS T 6 39.13 26.80 24.15
N ILE T 7 38.72 25.69 24.77
CA ILE T 7 37.97 24.66 24.06
C ILE T 7 36.63 25.19 23.57
N TRP T 8 36.16 26.29 24.14
CA TRP T 8 34.92 26.90 23.67
C TRP T 8 35.15 27.88 22.54
N MET T 9 36.33 28.48 22.46
CA MET T 9 36.67 29.35 21.34
C MET T 9 36.74 28.58 20.03
N ILE T 10 36.98 27.26 20.09
CA ILE T 10 37.07 26.43 18.90
C ILE T 10 35.78 25.65 18.67
N PHE T 11 35.27 24.98 19.71
CA PHE T 11 34.12 24.10 19.56
C PHE T 11 32.83 24.81 19.90
N ASP T 12 31.78 24.51 19.14
CA ASP T 12 30.49 25.16 19.31
C ASP T 12 29.89 24.74 20.65
N PRO T 13 29.46 25.69 21.49
CA PRO T 13 28.93 25.32 22.81
C PRO T 13 27.71 24.42 22.76
N ARG T 14 26.89 24.53 21.71
CA ARG T 14 25.74 23.65 21.58
C ARG T 14 26.16 22.20 21.41
N ARG T 15 27.21 21.94 20.63
CA ARG T 15 27.60 20.58 20.31
C ARG T 15 28.27 19.89 21.50
N VAL T 16 29.13 20.60 22.22
CA VAL T 16 29.90 19.97 23.28
C VAL T 16 28.99 19.61 24.46
N PHE T 17 28.08 20.51 24.83
CA PHE T 17 27.17 20.23 25.93
C PHE T 17 26.27 19.03 25.63
N VAL T 18 25.75 18.96 24.39
CA VAL T 18 24.88 17.84 24.02
C VAL T 18 25.69 16.55 23.94
N ALA T 19 26.85 16.61 23.26
CA ALA T 19 27.65 15.40 23.08
C ALA T 19 28.13 14.84 24.42
N GLN T 20 28.49 15.73 25.35
CA GLN T 20 28.84 15.29 26.69
C GLN T 20 27.61 14.80 27.45
N GLY T 21 26.50 15.53 27.35
CA GLY T 21 25.29 15.11 28.03
C GLY T 21 24.75 13.79 27.52
N VAL T 22 24.83 13.57 26.20
CA VAL T 22 24.43 12.29 25.63
C VAL T 22 25.32 11.17 26.15
N PHE T 23 26.64 11.42 26.16
CA PHE T 23 27.58 10.40 26.63
C PHE T 23 27.37 10.08 28.10
N LEU T 24 27.15 11.09 28.93
CA LEU T 24 27.01 10.85 30.37
C LEU T 24 25.76 10.03 30.67
N PHE T 25 24.65 10.31 29.99
CA PHE T 25 23.43 9.57 30.24
C PHE T 25 23.57 8.12 29.78
N LEU T 26 24.11 7.90 28.59
CA LEU T 26 24.25 6.54 28.09
C LEU T 26 25.20 5.73 28.97
N LEU T 27 26.28 6.35 29.44
CA LEU T 27 27.20 5.66 30.34
C LEU T 27 26.51 5.31 31.64
N ALA T 28 25.73 6.23 32.20
CA ALA T 28 25.06 5.97 33.48
C ALA T 28 24.06 4.82 33.37
N VAL T 29 23.31 4.78 32.28
CA VAL T 29 22.34 3.70 32.09
C VAL T 29 23.06 2.38 31.89
N MET T 30 24.19 2.38 31.17
CA MET T 30 24.94 1.15 30.96
C MET T 30 25.46 0.60 32.28
N ILE T 31 25.95 1.47 33.17
CA ILE T 31 26.53 0.99 34.43
C ILE T 31 25.43 0.45 35.35
N HIS T 32 24.32 1.19 35.47
CA HIS T 32 23.22 0.70 36.28
C HIS T 32 22.70 -0.66 35.77
N LEU T 33 22.74 -0.87 34.45
CA LEU T 33 22.29 -2.14 33.89
C LEU T 33 23.28 -3.26 34.16
N ILE T 34 24.59 -2.95 34.12
CA ILE T 34 25.59 -3.95 34.45
C ILE T 34 25.46 -4.38 35.91
N LEU T 35 25.18 -3.42 36.80
CA LEU T 35 24.97 -3.75 38.21
C LEU T 35 23.75 -4.63 38.39
N LEU T 36 22.67 -4.35 37.66
CA LEU T 36 21.49 -5.22 37.72
C LEU T 36 21.79 -6.59 37.13
N SER T 37 22.74 -6.68 36.19
CA SER T 37 23.12 -7.96 35.62
C SER T 37 23.84 -8.82 36.65
N THR T 38 24.66 -8.22 37.49
CA THR T 38 25.46 -8.96 38.46
C THR T 38 24.65 -9.19 39.72
N PRO T 39 24.43 -10.44 40.13
CA PRO T 39 23.63 -10.68 41.35
C PRO T 39 24.22 -10.07 42.60
N SER T 40 25.54 -9.87 42.65
CA SER T 40 26.17 -9.26 43.82
C SER T 40 25.83 -7.79 43.98
N TYR T 41 25.31 -7.14 42.95
CA TYR T 41 25.00 -5.71 43.03
C TYR T 41 23.61 -5.36 42.52
N ASN T 42 22.73 -6.34 42.32
CA ASN T 42 21.34 -6.04 41.98
C ASN T 42 20.64 -5.67 43.28
N TRP T 43 20.56 -4.36 43.56
CA TRP T 43 20.03 -3.88 44.83
C TRP T 43 18.58 -4.25 45.03
N LEU T 44 17.84 -4.56 43.97
CA LEU T 44 16.46 -5.01 44.11
C LEU T 44 16.41 -6.46 44.59
N GLU T 45 17.32 -7.30 44.10
CA GLU T 45 17.40 -8.67 44.59
C GLU T 45 18.07 -8.76 45.96
N ILE T 46 19.04 -7.88 46.23
CA ILE T 46 19.71 -7.88 47.53
C ILE T 46 18.73 -7.55 48.64
N SER T 47 17.89 -6.53 48.43
CA SER T 47 16.92 -6.15 49.44
C SER T 47 15.84 -7.22 49.63
N ALA T 48 15.50 -7.95 48.57
CA ALA T 48 14.50 -8.99 48.69
C ALA T 48 14.98 -10.12 49.61
N ALA T 49 16.21 -10.58 49.41
CA ALA T 49 16.78 -11.61 50.27
C ALA T 49 16.97 -11.10 51.70
N LYS T 50 17.46 -9.87 51.84
CA LYS T 50 17.74 -9.32 53.17
C LYS T 50 16.45 -9.16 53.98
N TYR T 51 15.39 -8.65 53.35
CA TYR T 51 14.15 -8.35 54.06
C TYR T 51 13.14 -9.49 53.99
N ASN T 52 13.51 -10.63 53.42
CA ASN T 52 12.64 -11.80 53.33
C ASN T 52 11.34 -11.46 52.60
N ARG T 53 11.47 -11.12 51.33
CA ARG T 53 10.36 -10.76 50.46
C ARG T 53 10.21 -11.79 49.35
N VAL T 54 9.29 -11.52 48.44
CA VAL T 54 9.01 -12.42 47.32
C VAL T 54 10.21 -12.49 46.38
N GLY U 7 38.71 31.76 14.60
CA GLY U 7 37.35 31.94 15.08
C GLY U 7 36.38 30.92 14.52
N TYR U 8 36.41 29.72 15.08
CA TYR U 8 35.56 28.62 14.63
C TYR U 8 34.18 28.62 15.28
N THR U 9 33.91 29.54 16.21
CA THR U 9 32.62 29.57 16.88
C THR U 9 32.05 30.98 17.05
N GLY U 10 32.77 32.02 16.64
CA GLY U 10 32.28 33.37 16.81
C GLY U 10 32.33 33.89 18.24
N LEU U 11 33.04 33.22 19.13
CA LEU U 11 33.14 33.62 20.52
C LEU U 11 34.57 34.06 20.84
N THR U 12 34.68 35.18 21.55
CA THR U 12 35.97 35.71 21.96
C THR U 12 36.32 35.18 23.36
N ASP U 13 37.38 35.71 23.96
CA ASP U 13 37.71 35.35 25.33
C ASP U 13 36.64 35.85 26.31
N GLU U 14 36.06 37.01 26.02
CA GLU U 14 35.02 37.55 26.89
C GLU U 14 33.83 36.59 27.01
N GLN U 15 33.63 35.74 26.01
CA GLN U 15 32.56 34.75 26.03
C GLN U 15 33.07 33.33 26.23
N ALA U 16 34.35 33.07 25.95
CA ALA U 16 34.91 31.76 26.25
C ALA U 16 35.17 31.59 27.74
N GLN U 17 35.65 32.64 28.40
CA GLN U 17 35.90 32.56 29.84
C GLN U 17 34.60 32.43 30.62
N GLU U 18 33.55 33.11 30.17
CA GLU U 18 32.28 33.03 30.88
C GLU U 18 31.64 31.65 30.75
N LEU U 19 31.65 31.09 29.54
CA LEU U 19 31.10 29.76 29.33
C LEU U 19 31.86 28.72 30.14
N HIS U 20 33.19 28.81 30.17
CA HIS U 20 33.98 27.84 30.91
C HIS U 20 33.74 27.97 32.41
N SER U 21 33.58 29.20 32.91
CA SER U 21 33.37 29.39 34.34
C SER U 21 32.08 28.74 34.80
N VAL U 22 31.02 28.84 34.00
CA VAL U 22 29.76 28.19 34.35
C VAL U 22 29.85 26.68 34.16
N TYR U 23 30.49 26.24 33.07
CA TYR U 23 30.56 24.81 32.78
C TYR U 23 31.35 24.07 33.85
N MET U 24 32.47 24.63 34.30
CA MET U 24 33.25 23.99 35.35
C MET U 24 32.48 23.91 36.66
N SER U 25 31.71 24.95 36.98
CA SER U 25 30.88 24.91 38.19
C SER U 25 29.83 23.83 38.08
N GLY U 26 29.23 23.66 36.90
CA GLY U 26 28.33 22.55 36.68
C GLY U 26 29.02 21.20 36.73
N LEU U 27 30.27 21.14 36.25
CA LEU U 27 31.04 19.91 36.32
C LEU U 27 31.38 19.54 37.76
N TRP U 28 31.76 20.52 38.57
CA TRP U 28 32.08 20.24 39.97
C TRP U 28 30.87 19.74 40.72
N LEU U 29 29.70 20.35 40.47
CA LEU U 29 28.49 19.91 41.15
C LEU U 29 28.13 18.48 40.77
N PHE U 30 28.24 18.14 39.49
CA PHE U 30 28.02 16.75 39.07
C PHE U 30 29.07 15.82 39.66
N SER U 31 30.33 16.26 39.68
CA SER U 31 31.38 15.47 40.30
C SER U 31 31.13 15.28 41.79
N ALA U 32 30.71 16.34 42.47
CA ALA U 32 30.49 16.27 43.92
C ALA U 32 29.39 15.27 44.28
N VAL U 33 28.30 15.26 43.51
CA VAL U 33 27.21 14.34 43.79
C VAL U 33 27.63 12.90 43.50
N ALA U 34 28.38 12.69 42.42
CA ALA U 34 28.85 11.36 42.09
C ALA U 34 29.83 10.83 43.12
N ILE U 35 30.66 11.70 43.70
CA ILE U 35 31.56 11.27 44.76
C ILE U 35 30.78 10.91 46.02
N VAL U 36 29.75 11.68 46.34
CA VAL U 36 28.89 11.35 47.47
C VAL U 36 28.16 10.05 47.21
N ALA U 37 27.69 9.85 45.97
CA ALA U 37 27.00 8.61 45.63
C ALA U 37 27.91 7.40 45.74
N HIS U 38 29.14 7.52 45.25
CA HIS U 38 30.09 6.41 45.34
C HIS U 38 30.45 6.11 46.79
N LEU U 39 30.63 7.15 47.60
CA LEU U 39 30.99 6.94 49.00
C LEU U 39 29.91 6.19 49.75
N ALA U 40 28.64 6.54 49.52
CA ALA U 40 27.55 5.84 50.17
C ALA U 40 27.48 4.37 49.73
N VAL U 41 27.69 4.12 48.44
CA VAL U 41 27.63 2.74 47.94
C VAL U 41 28.75 1.91 48.54
N TYR U 42 29.95 2.50 48.66
CA TYR U 42 31.08 1.75 49.21
C TYR U 42 30.83 1.33 50.64
N ILE U 43 30.24 2.22 51.46
CA ILE U 43 29.89 1.86 52.82
C ILE U 43 28.86 0.74 52.85
N TRP U 44 27.85 0.84 51.99
CA TRP U 44 26.80 -0.17 51.94
C TRP U 44 27.33 -1.51 51.43
N ARG U 45 28.18 -1.49 50.41
CA ARG U 45 28.69 -2.73 49.83
C ARG U 45 30.02 -2.46 49.11
N PRO U 46 31.14 -2.54 49.82
CA PRO U 46 32.44 -2.24 49.20
C PRO U 46 32.77 -3.22 48.09
N TRP U 47 33.39 -2.71 47.03
CA TRP U 47 33.72 -3.51 45.86
C TRP U 47 35.21 -3.79 45.73
N PHE U 48 35.96 -3.62 46.81
CA PHE U 48 37.39 -3.88 46.80
C PHE U 48 37.83 -4.52 48.11
N ILE V 10 47.91 21.65 9.16
CA ILE V 10 47.52 20.42 8.48
C ILE V 10 46.14 19.95 8.95
N PHE V 11 46.03 19.66 10.24
CA PHE V 11 44.82 19.06 10.80
C PHE V 11 43.84 20.12 11.27
N ASP V 12 42.57 19.90 10.98
CA ASP V 12 41.50 20.79 11.44
C ASP V 12 41.32 20.62 12.95
N PRO V 13 41.45 21.68 13.74
CA PRO V 13 41.31 21.52 15.20
C PRO V 13 39.96 20.98 15.63
N ARG V 14 38.88 21.30 14.91
CA ARG V 14 37.56 20.82 15.29
C ARG V 14 37.35 19.35 14.93
N ARG V 15 37.95 18.88 13.83
CA ARG V 15 37.75 17.49 13.42
C ARG V 15 38.51 16.52 14.32
N VAL V 16 39.73 16.89 14.71
CA VAL V 16 40.64 15.93 15.33
C VAL V 16 40.12 15.47 16.70
N PHE V 17 39.72 16.42 17.55
CA PHE V 17 39.43 16.09 18.94
C PHE V 17 38.20 15.19 19.06
N VAL V 18 37.17 15.45 18.25
CA VAL V 18 35.95 14.64 18.31
C VAL V 18 36.25 13.21 17.88
N ALA V 19 36.97 13.04 16.76
CA ALA V 19 37.33 11.70 16.31
C ALA V 19 38.28 11.03 17.29
N GLN V 20 39.24 11.78 17.83
CA GLN V 20 40.13 11.23 18.84
C GLN V 20 39.37 10.87 20.12
N GLY V 21 38.43 11.71 20.53
CA GLY V 21 37.74 11.49 21.78
C GLY V 21 36.92 10.20 21.77
N VAL V 22 36.15 9.99 20.69
CA VAL V 22 35.36 8.76 20.59
C VAL V 22 36.27 7.54 20.56
N PHE V 23 37.44 7.67 19.93
CA PHE V 23 38.41 6.58 19.95
C PHE V 23 38.87 6.28 21.38
N LEU V 24 39.16 7.32 22.16
CA LEU V 24 39.61 7.10 23.54
C LEU V 24 38.52 6.46 24.38
N PHE V 25 37.26 6.89 24.21
CA PHE V 25 36.18 6.33 25.00
C PHE V 25 35.90 4.88 24.61
N LEU V 26 35.90 4.58 23.31
CA LEU V 26 35.63 3.21 22.88
C LEU V 26 36.71 2.26 23.34
N LEU V 27 37.98 2.69 23.30
CA LEU V 27 39.05 1.84 23.80
C LEU V 27 38.96 1.66 25.31
N ALA V 28 38.48 2.67 26.03
CA ALA V 28 38.29 2.53 27.47
C ALA V 28 37.26 1.46 27.78
N VAL V 29 36.14 1.46 27.06
CA VAL V 29 35.10 0.46 27.27
C VAL V 29 35.61 -0.94 26.92
N MET V 30 36.35 -1.05 25.81
CA MET V 30 36.79 -2.36 25.35
C MET V 30 37.69 -3.05 26.37
N ILE V 31 38.64 -2.31 26.96
CA ILE V 31 39.51 -2.89 27.96
C ILE V 31 38.75 -3.18 29.24
N HIS V 32 37.86 -2.27 29.65
CA HIS V 32 37.02 -2.53 30.82
C HIS V 32 36.13 -3.75 30.60
N LEU V 33 35.55 -3.87 29.40
CA LEU V 33 34.71 -5.03 29.12
C LEU V 33 35.54 -6.30 28.96
N ILE V 34 36.79 -6.17 28.50
CA ILE V 34 37.65 -7.34 28.37
C ILE V 34 37.93 -7.95 29.74
N LEU V 35 38.23 -7.10 30.74
CA LEU V 35 38.43 -7.62 32.08
C LEU V 35 37.13 -8.14 32.69
N LEU V 36 36.01 -7.52 32.34
CA LEU V 36 34.71 -8.05 32.75
C LEU V 36 34.51 -9.46 32.25
N SER V 37 34.96 -9.74 31.02
CA SER V 37 34.81 -11.08 30.45
C SER V 37 35.73 -12.08 31.15
N THR V 38 36.94 -11.66 31.48
CA THR V 38 37.89 -12.57 32.12
C THR V 38 37.47 -12.82 33.56
N PRO V 39 37.32 -14.08 33.97
CA PRO V 39 36.94 -14.36 35.36
C PRO V 39 38.00 -13.95 36.38
N SER V 40 39.24 -13.74 35.94
CA SER V 40 40.31 -13.36 36.86
C SER V 40 40.35 -11.86 37.13
N TYR V 41 39.54 -11.05 36.44
CA TYR V 41 39.51 -9.61 36.64
C TYR V 41 38.07 -9.11 36.66
N ASN V 42 37.20 -9.82 37.38
CA ASN V 42 35.80 -9.43 37.53
C ASN V 42 35.62 -8.92 38.96
N TRP V 43 35.90 -7.62 39.15
CA TRP V 43 35.85 -7.04 40.49
C TRP V 43 34.46 -7.08 41.09
N LEU V 44 33.42 -7.04 40.25
CA LEU V 44 32.07 -7.22 40.74
C LEU V 44 31.86 -8.63 41.30
N GLU V 45 32.65 -9.59 40.85
CA GLU V 45 32.59 -10.95 41.35
C GLU V 45 33.79 -11.33 42.20
N ILE V 46 34.94 -10.67 42.00
CA ILE V 46 36.09 -10.89 42.87
C ILE V 46 35.78 -10.43 44.28
N SER V 47 35.12 -9.28 44.41
CA SER V 47 34.69 -8.79 45.72
C SER V 47 33.61 -9.67 46.34
N ALA V 48 32.98 -10.54 45.55
CA ALA V 48 31.93 -11.41 46.07
C ALA V 48 32.52 -12.64 46.74
N GLU W 18 48.78 27.58 19.50
CA GLU W 18 48.33 27.46 20.88
C GLU W 18 47.63 26.12 21.09
N LEU W 19 47.30 25.46 19.98
CA LEU W 19 46.59 24.18 20.07
C LEU W 19 47.45 23.12 20.77
N HIS W 20 48.75 23.08 20.45
CA HIS W 20 49.62 22.08 21.06
C HIS W 20 49.81 22.33 22.55
N SER W 21 49.91 23.60 22.95
CA SER W 21 50.22 23.93 24.35
C SER W 21 49.16 23.38 25.30
N VAL W 22 47.89 23.63 25.01
CA VAL W 22 46.83 23.17 25.90
C VAL W 22 46.52 21.68 25.71
N TYR W 23 46.81 21.12 24.54
CA TYR W 23 46.58 19.70 24.33
C TYR W 23 47.46 18.86 25.25
N MET W 24 48.76 19.16 25.28
CA MET W 24 49.68 18.39 26.13
C MET W 24 49.36 18.55 27.60
N SER W 25 48.67 19.62 27.99
CA SER W 25 48.22 19.75 29.37
C SER W 25 47.25 18.62 29.73
N GLY W 26 46.32 18.32 28.82
CA GLY W 26 45.44 17.18 29.05
C GLY W 26 46.16 15.85 29.02
N LEU W 27 47.18 15.72 28.18
CA LEU W 27 47.91 14.45 28.08
C LEU W 27 48.52 14.06 29.42
N TRP W 28 49.24 14.99 30.06
CA TRP W 28 49.79 14.71 31.38
C TRP W 28 48.67 14.50 32.40
N LEU W 29 47.60 15.30 32.30
CA LEU W 29 46.44 15.09 33.16
C LEU W 29 45.84 13.71 32.94
N PHE W 30 45.77 13.27 31.69
CA PHE W 30 45.24 11.94 31.40
C PHE W 30 46.25 10.85 31.81
N SER W 31 47.51 11.04 31.46
CA SER W 31 48.50 9.97 31.65
C SER W 31 48.84 9.79 33.13
N ALA W 32 49.09 10.90 33.85
CA ALA W 32 49.45 10.79 35.26
C ALA W 32 48.33 10.14 36.06
N VAL W 33 47.09 10.52 35.79
CA VAL W 33 45.95 9.84 36.40
C VAL W 33 45.91 8.39 35.95
N ALA W 34 46.17 8.13 34.67
CA ALA W 34 46.22 6.76 34.18
C ALA W 34 47.33 5.96 34.85
N ILE W 35 48.46 6.61 35.13
CA ILE W 35 49.54 5.94 35.86
C ILE W 35 49.06 5.53 37.24
N VAL W 36 48.34 6.42 37.93
CA VAL W 36 47.74 6.07 39.21
C VAL W 36 46.75 4.92 39.05
N ALA W 37 46.00 4.91 37.95
CA ALA W 37 45.04 3.84 37.71
C ALA W 37 45.76 2.50 37.56
N HIS W 38 46.76 2.44 36.67
CA HIS W 38 47.47 1.19 36.47
C HIS W 38 48.26 0.78 37.71
N LEU W 39 48.83 1.76 38.42
CA LEU W 39 49.57 1.45 39.64
C LEU W 39 48.65 0.84 40.70
N ALA W 40 47.43 1.38 40.83
CA ALA W 40 46.50 0.87 41.83
C ALA W 40 46.10 -0.57 41.54
N VAL W 41 45.80 -0.88 40.28
CA VAL W 41 45.45 -2.25 39.92
C VAL W 41 46.68 -3.15 39.99
N TYR W 42 47.87 -2.60 39.73
CA TYR W 42 49.08 -3.40 39.82
C TYR W 42 49.29 -3.91 41.24
N ILE W 43 49.05 -3.08 42.24
CA ILE W 43 49.12 -3.53 43.62
C ILE W 43 47.95 -4.44 43.94
N TRP W 44 46.76 -4.12 43.44
CA TRP W 44 45.58 -4.93 43.73
C TRP W 44 45.69 -6.31 43.09
N ARG W 45 45.99 -6.36 41.80
CA ARG W 45 46.13 -7.62 41.07
C ARG W 45 47.13 -7.43 39.94
N PRO W 46 48.40 -7.68 40.20
CA PRO W 46 49.42 -7.52 39.14
C PRO W 46 49.19 -8.51 38.01
N TRP W 47 49.52 -8.07 36.79
CA TRP W 47 49.35 -8.88 35.59
C TRP W 47 50.68 -9.34 35.01
N PHE W 48 51.73 -9.38 35.82
CA PHE W 48 53.03 -9.85 35.36
C PHE W 48 53.55 -10.99 36.23
N ASP X 12 49.45 15.03 -0.78
CA ASP X 12 48.61 15.56 0.28
C ASP X 12 49.01 14.95 1.63
N PRO X 13 49.70 15.73 2.45
CA PRO X 13 50.13 15.21 3.76
C PRO X 13 48.98 14.78 4.66
N ARG X 14 47.80 15.40 4.51
CA ARG X 14 46.66 15.01 5.33
C ARG X 14 46.25 13.57 5.03
N ARG X 15 46.05 13.23 3.76
CA ARG X 15 45.60 11.90 3.41
C ARG X 15 46.61 10.83 3.79
N VAL X 16 47.90 11.17 3.79
CA VAL X 16 48.93 10.23 4.22
C VAL X 16 48.73 9.87 5.68
N PHE X 17 48.52 10.88 6.53
CA PHE X 17 48.37 10.63 7.96
C PHE X 17 47.14 9.78 8.25
N VAL X 18 46.03 10.05 7.56
CA VAL X 18 44.82 9.26 7.76
C VAL X 18 45.05 7.82 7.33
N ALA X 19 45.67 7.63 6.16
CA ALA X 19 45.95 6.27 5.70
C ALA X 19 47.00 5.60 6.59
N GLN X 20 48.07 6.32 6.94
CA GLN X 20 49.07 5.76 7.85
C GLN X 20 48.48 5.52 9.23
N GLY X 21 47.70 6.48 9.74
CA GLY X 21 47.15 6.34 11.08
C GLY X 21 46.18 5.19 11.20
N VAL X 22 45.36 4.96 10.18
CA VAL X 22 44.41 3.85 10.22
C VAL X 22 45.13 2.51 10.11
N PHE X 23 46.07 2.40 9.17
CA PHE X 23 46.79 1.14 9.00
C PHE X 23 47.60 0.79 10.24
N LEU X 24 48.30 1.77 10.82
CA LEU X 24 49.08 1.51 12.03
C LEU X 24 48.18 1.11 13.19
N PHE X 25 47.07 1.83 13.37
CA PHE X 25 46.20 1.56 14.51
C PHE X 25 45.49 0.22 14.36
N LEU X 26 44.97 -0.08 13.17
CA LEU X 26 44.22 -1.32 13.00
C LEU X 26 45.13 -2.54 13.07
N LEU X 27 46.32 -2.46 12.47
CA LEU X 27 47.26 -3.56 12.57
C LEU X 27 47.73 -3.77 14.01
N ALA X 28 48.05 -2.67 14.71
CA ALA X 28 48.49 -2.78 16.09
C ALA X 28 47.40 -3.37 16.98
N VAL X 29 46.15 -2.95 16.75
CA VAL X 29 45.02 -3.59 17.41
C VAL X 29 44.95 -5.06 17.02
N MET X 30 45.09 -5.34 15.72
CA MET X 30 45.05 -6.72 15.24
C MET X 30 46.20 -7.54 15.83
N ILE X 31 47.39 -6.95 15.88
CA ILE X 31 48.57 -7.68 16.38
C ILE X 31 48.36 -8.10 17.83
N HIS X 32 47.86 -7.19 18.67
CA HIS X 32 47.59 -7.55 20.06
C HIS X 32 46.42 -8.51 20.17
N LEU X 33 45.40 -8.36 19.32
CA LEU X 33 44.29 -9.30 19.32
C LEU X 33 44.75 -10.70 18.95
N ILE X 34 45.65 -10.81 17.98
CA ILE X 34 46.25 -12.10 17.64
C ILE X 34 47.00 -12.65 18.85
N LEU X 35 47.76 -11.79 19.54
CA LEU X 35 48.38 -12.19 20.80
C LEU X 35 47.32 -12.48 21.85
N LEU X 36 46.25 -11.69 21.89
CA LEU X 36 45.17 -11.92 22.84
C LEU X 36 44.46 -13.24 22.56
N SER X 37 44.33 -13.61 21.28
CA SER X 37 43.64 -14.85 20.93
C SER X 37 44.38 -16.07 21.49
N THR X 38 45.70 -16.06 21.42
CA THR X 38 46.50 -17.17 21.93
C THR X 38 46.87 -16.96 23.39
N THR Y 16 -7.15 -13.79 -60.54
CA THR Y 16 -6.20 -14.74 -60.00
C THR Y 16 -5.21 -14.04 -59.08
N ASN Y 17 -4.84 -12.80 -59.43
CA ASN Y 17 -3.94 -12.02 -58.59
C ASN Y 17 -4.57 -11.72 -57.23
N LEU Y 18 -5.86 -11.38 -57.22
CA LEU Y 18 -6.53 -11.07 -55.96
C LEU Y 18 -6.60 -12.30 -55.05
N ARG Y 19 -6.71 -13.49 -55.64
CA ARG Y 19 -6.68 -14.71 -54.83
C ARG Y 19 -5.34 -14.90 -54.16
N LEU Y 20 -4.24 -14.56 -54.85
CA LEU Y 20 -2.94 -14.57 -54.21
C LEU Y 20 -2.89 -13.59 -53.05
N TRP Y 21 -3.52 -12.42 -53.21
CA TRP Y 21 -3.50 -11.41 -52.17
C TRP Y 21 -4.21 -11.92 -50.91
N VAL Y 22 -5.38 -12.54 -51.08
CA VAL Y 22 -6.12 -13.05 -49.92
C VAL Y 22 -5.35 -14.15 -49.23
N ALA Y 23 -4.75 -15.07 -50.01
CA ALA Y 23 -3.97 -16.15 -49.41
C ALA Y 23 -2.73 -15.61 -48.72
N PHE Y 24 -2.08 -14.61 -49.30
CA PHE Y 24 -0.87 -14.05 -48.72
C PHE Y 24 -1.14 -13.44 -47.34
N GLN Y 25 -2.26 -12.72 -47.21
CA GLN Y 25 -2.56 -12.06 -45.94
C GLN Y 25 -2.89 -13.07 -44.85
N MET Y 26 -3.66 -14.10 -45.18
CA MET Y 26 -3.93 -15.16 -44.20
C MET Y 26 -2.66 -15.92 -43.85
N MET Y 27 -1.83 -16.24 -44.85
CA MET Y 27 -0.56 -16.88 -44.59
C MET Y 27 0.35 -15.99 -43.75
N LYS Y 28 0.29 -14.67 -43.96
CA LYS Y 28 1.06 -13.76 -43.12
C LYS Y 28 0.59 -13.80 -41.68
N GLY Y 29 -0.72 -13.88 -41.47
CA GLY Y 29 -1.24 -14.04 -40.12
C GLY Y 29 -0.92 -15.39 -39.52
N ALA Y 30 -1.05 -16.45 -40.33
CA ALA Y 30 -0.76 -17.80 -39.83
C ALA Y 30 0.74 -18.04 -39.69
N GLY Y 31 1.55 -17.43 -40.56
CA GLY Y 31 3.00 -17.58 -40.43
C GLY Y 31 3.53 -16.94 -39.16
N TRP Y 32 2.97 -15.80 -38.76
CA TRP Y 32 3.40 -15.15 -37.52
C TRP Y 32 2.97 -15.97 -36.31
N ALA Y 33 1.76 -16.54 -36.33
CA ALA Y 33 1.33 -17.40 -35.24
C ALA Y 33 2.20 -18.65 -35.15
N GLY Y 34 2.69 -19.16 -36.28
CA GLY Y 34 3.59 -20.30 -36.25
C GLY Y 34 4.93 -19.96 -35.62
N GLY Y 35 5.47 -18.78 -35.93
CA GLY Y 35 6.75 -18.41 -35.36
C GLY Y 35 6.70 -18.22 -33.85
N VAL Y 36 5.60 -17.66 -33.35
CA VAL Y 36 5.44 -17.49 -31.91
C VAL Y 36 5.24 -18.84 -31.23
N PHE Y 37 4.42 -19.71 -31.82
CA PHE Y 37 4.19 -21.03 -31.24
C PHE Y 37 5.45 -21.88 -31.28
N PHE Y 38 6.11 -21.93 -32.44
CA PHE Y 38 7.34 -22.71 -32.54
C PHE Y 38 8.49 -22.07 -31.77
N GLY Y 39 8.45 -20.75 -31.58
CA GLY Y 39 9.45 -20.12 -30.72
C GLY Y 39 9.32 -20.57 -29.27
N THR Y 40 8.09 -20.76 -28.80
CA THR Y 40 7.88 -21.30 -27.47
C THR Y 40 8.39 -22.74 -27.38
N LEU Y 41 8.14 -23.54 -28.41
CA LEU Y 41 8.60 -24.92 -28.40
C LEU Y 41 10.12 -25.01 -28.37
N LEU Y 42 10.80 -24.12 -29.11
CA LEU Y 42 12.25 -24.08 -29.04
C LEU Y 42 12.72 -23.66 -27.65
N LEU Y 43 11.99 -22.75 -27.00
CA LEU Y 43 12.32 -22.38 -25.63
C LEU Y 43 12.06 -23.53 -24.67
N ILE Y 44 10.89 -24.16 -24.77
CA ILE Y 44 10.57 -25.30 -23.91
C ILE Y 44 11.49 -26.47 -24.21
N GLY Y 45 11.84 -26.66 -25.48
CA GLY Y 45 12.80 -27.69 -25.82
C GLY Y 45 14.18 -27.42 -25.26
N PHE Y 46 14.56 -26.15 -25.15
CA PHE Y 46 15.86 -25.80 -24.58
C PHE Y 46 15.94 -26.15 -23.10
N PHE Y 47 14.93 -25.72 -22.32
CA PHE Y 47 14.95 -26.00 -20.89
C PHE Y 47 14.87 -27.49 -20.60
N ARG Y 48 14.28 -28.27 -21.51
CA ARG Y 48 14.23 -29.71 -21.30
C ARG Y 48 15.60 -30.34 -21.53
N VAL Y 49 16.34 -29.88 -22.55
CA VAL Y 49 17.69 -30.38 -22.79
C VAL Y 49 18.60 -30.01 -21.63
N VAL Y 50 18.50 -28.75 -21.17
CA VAL Y 50 19.30 -28.33 -20.01
C VAL Y 50 18.96 -29.16 -18.79
N GLY Y 51 17.68 -29.48 -18.60
CA GLY Y 51 17.28 -30.30 -17.47
C GLY Y 51 17.87 -31.69 -17.50
N ARG Y 52 18.05 -32.26 -18.70
CA ARG Y 52 18.60 -33.61 -18.80
C ARG Y 52 20.10 -33.65 -18.55
N MET Y 53 20.82 -32.58 -18.86
CA MET Y 53 22.27 -32.55 -18.66
C MET Y 53 22.65 -32.17 -17.24
N LEU Y 54 21.69 -31.84 -16.40
CA LEU Y 54 21.90 -31.51 -15.01
C LEU Y 54 21.69 -32.74 -14.13
N PRO Y 55 22.19 -32.72 -12.89
CA PRO Y 55 22.01 -33.89 -12.00
C PRO Y 55 20.56 -34.19 -11.65
N ILE Y 56 19.62 -33.45 -12.23
CA ILE Y 56 18.21 -33.80 -12.10
C ILE Y 56 17.98 -35.22 -12.65
N ASP Y 57 16.92 -35.86 -12.17
CA ASP Y 57 16.58 -37.26 -12.42
C ASP Y 57 17.52 -38.18 -11.64
N GLU Y 58 18.52 -37.59 -10.98
CA GLU Y 58 19.32 -38.27 -9.99
C GLU Y 58 19.15 -37.66 -8.60
N ASN Y 59 18.57 -36.47 -8.51
CA ASN Y 59 18.17 -35.86 -7.24
C ASN Y 59 16.73 -35.36 -7.38
N PRO Y 60 15.76 -36.27 -7.45
CA PRO Y 60 14.37 -35.84 -7.61
C PRO Y 60 13.85 -35.17 -6.35
N ALA Y 61 12.86 -34.31 -6.55
CA ALA Y 61 12.26 -33.58 -5.45
C ALA Y 61 10.87 -34.12 -5.14
N PRO Y 62 10.41 -33.99 -3.90
CA PRO Y 62 9.04 -34.41 -3.59
C PRO Y 62 8.02 -33.46 -4.21
N ALA Y 63 6.80 -33.95 -4.30
CA ALA Y 63 5.73 -33.14 -4.87
C ALA Y 63 5.39 -31.98 -3.93
N PRO Y 64 5.53 -30.72 -4.36
CA PRO Y 64 5.18 -29.61 -3.47
C PRO Y 64 3.70 -29.53 -3.16
N ASN Y 65 2.84 -30.09 -4.00
CA ASN Y 65 1.40 -30.06 -3.80
C ASN Y 65 0.90 -31.36 -3.21
N ILE Y 66 -0.26 -31.27 -2.55
CA ILE Y 66 -0.91 -32.46 -1.99
C ILE Y 66 -1.79 -33.02 -3.10
N THR Y 67 -1.17 -33.81 -3.97
CA THR Y 67 -1.84 -34.38 -5.13
C THR Y 67 -0.97 -35.46 -5.77
MG BCL Z . 10.85 -16.53 0.00
CHA BCL Z . 9.97 -16.59 -3.31
CHB BCL Z . 10.91 -13.16 -0.15
CHC BCL Z . 10.82 -16.44 3.39
CHD BCL Z . 10.33 -19.98 0.18
NA BCL Z . 10.68 -15.15 -1.45
C1A BCL Z . 10.33 -15.31 -2.68
C2A BCL Z . 10.35 -14.05 -3.49
C3A BCL Z . 11.05 -13.10 -2.56
C4A BCL Z . 10.90 -13.85 -1.29
CMA BCL Z . 12.52 -12.92 -2.91
CAA BCL Z . 8.95 -13.56 -3.78
CBA BCL Z . 8.93 -12.43 -4.80
CGA BCL Z . 8.66 -12.99 -6.17
O1A BCL Z . 8.73 -14.19 -6.37
O2A BCL Z . 8.32 -12.15 -7.30
NB BCL Z . 10.84 -15.03 1.42
C1B BCL Z . 10.88 -13.71 1.20
C2B BCL Z . 10.89 -12.83 2.40
C3B BCL Z . 10.86 -13.83 3.48
C4B BCL Z . 10.85 -15.13 2.75
CMB BCL Z . 10.92 -11.32 2.39
CAB BCL Z . 10.86 -13.66 4.97
OBB BCL Z . 11.07 -14.61 5.69
CBB BCL Z . 10.59 -12.31 5.57
NC BCL Z . 10.73 -17.89 1.48
C1C BCL Z . 10.78 -17.62 2.80
C2C BCL Z . 10.70 -18.83 3.67
C3C BCL Z . 10.53 -19.92 2.66
C4C BCL Z . 10.55 -19.16 1.38
CMC BCL Z . 12.00 -19.02 4.45
CAC BCL Z . 9.18 -20.62 2.78
CBC BCL Z . 8.84 -20.98 4.21
ND BCL Z . 10.26 -18.06 -1.20
C1D BCL Z . 10.08 -19.39 -1.11
C2D BCL Z . 9.63 -20.03 -2.39
C3D BCL Z . 9.60 -18.84 -3.24
C4D BCL Z . 9.97 -17.79 -2.51
CMD BCL Z . 9.26 -21.39 -2.89
CAD BCL Z . 9.29 -18.41 -4.62
OBD BCL Z . 8.91 -19.18 -5.58
CBD BCL Z . 9.50 -16.93 -4.70
CGD BCL Z . 10.43 -16.61 -5.84
O1D BCL Z . 11.52 -16.07 -5.67
O2D BCL Z . 9.99 -16.92 -7.18
CED BCL Z . 10.42 -16.18 -8.32
C1 BCL Z . 7.72 -12.78 -8.43
C2 BCL Z . 6.41 -12.11 -8.75
C3 BCL Z . 5.52 -12.70 -9.57
C4 BCL Z . 5.79 -14.05 -10.16
C5 BCL Z . 4.22 -12.00 -9.87
C6 BCL Z . 3.69 -12.38 -11.24
C7 BCL Z . 2.69 -11.34 -11.73
C8 BCL Z . 1.83 -11.89 -12.85
C9 BCL Z . 2.64 -12.01 -14.14
C10 BCL Z . 0.61 -11.00 -13.05
C11 BCL Z . -0.65 -11.64 -12.53
C12 BCL Z . -1.87 -10.76 -12.79
C13 BCL Z . -3.07 -11.19 -11.97
C14 BCL Z . -3.65 -12.50 -12.49
C15 BCL Z . -4.12 -10.10 -11.98
C16 BCL Z . -5.18 -10.37 -10.93
C17 BCL Z . -6.06 -9.16 -10.69
C18 BCL Z . -6.56 -8.59 -12.01
C19 BCL Z . -6.95 -7.13 -11.86
C20 BCL Z . -7.74 -9.41 -12.50
O1D BPH AA . -1.18 -3.27 -15.92
CGD BPH AA . -0.24 -3.38 -15.20
O2D BPH AA . -0.12 -2.77 -14.02
CED BPH AA . -1.32 -2.17 -13.50
CBD BPH AA . 0.93 -4.28 -15.45
CHA BPH AA . 1.19 -5.13 -14.23
C4D BPH AA . 2.56 -4.87 -13.83
C3D BPH AA . 3.17 -3.88 -14.60
CAD BPH AA . 2.20 -3.41 -15.61
OBD BPH AA . 2.33 -2.54 -16.44
C2D BPH AA . 4.48 -3.73 -14.11
CMD BPH AA . 5.52 -2.78 -14.62
C1D BPH AA . 4.63 -4.62 -13.05
ND BPH AA . 3.44 -5.31 -12.91
CHD BPH AA . 5.72 -4.86 -12.23
C4C BPH AA . 5.79 -5.79 -11.19
C3C BPH AA . 6.97 -5.97 -10.26
CAC BPH AA . 8.33 -5.96 -10.97
CBC BPH AA . 8.45 -6.99 -12.07
C2C BPH AA . 6.64 -7.29 -9.56
CMC BPH AA . 6.92 -7.32 -8.06
C1C BPH AA . 5.18 -7.48 -9.88
NC BPH AA . 4.75 -6.64 -10.87
CHC BPH AA . 4.36 -8.43 -9.27
C4B BPH AA . 2.94 -8.64 -9.33
C3B BPH AA . 2.13 -9.52 -8.54
CAB BPH AA . 2.56 -10.41 -7.44
CBB BPH AA . 3.83 -10.16 -6.71
OBB BPH AA . 1.90 -11.40 -7.15
C2B BPH AA . 0.79 -9.36 -8.98
CMB BPH AA . -0.43 -10.06 -8.45
C1B BPH AA . 0.79 -8.41 -10.02
NB BPH AA . 2.10 -8.00 -10.21
CHB BPH AA . -0.31 -7.98 -10.73
C4A BPH AA . -0.36 -7.15 -11.86
C3A BPH AA . -1.64 -6.74 -12.55
CMA BPH AA . -2.37 -5.71 -11.69
C2A BPH AA . -1.11 -6.22 -13.89
C1A BPH AA . 0.34 -5.95 -13.55
NA BPH AA . 0.75 -6.62 -12.45
CAA BPH AA . -1.24 -7.20 -15.05
CBA BPH AA . -2.69 -7.33 -15.49
CGA BPH AA . -2.88 -8.38 -16.54
O1A BPH AA . -2.11 -9.25 -16.81
O2A BPH AA . -4.03 -8.19 -17.19
C1 BPH AA . -4.49 -9.29 -17.99
C2 BPH AA . -5.02 -10.38 -17.11
C3 BPH AA . -6.04 -10.25 -16.28
C4 BPH AA . -6.79 -8.97 -16.08
C5 BPH AA . -6.55 -11.42 -15.48
C6 BPH AA . -5.97 -12.73 -15.93
C7 BPH AA . -6.54 -13.89 -15.15
C8 BPH AA . -6.17 -15.28 -15.65
C9 BPH AA . -6.64 -15.52 -17.07
C10 BPH AA . -6.68 -16.36 -14.70
C11 BPH AA . -5.93 -16.47 -13.40
C12 BPH AA . -4.54 -17.00 -13.60
C13 BPH AA . -3.62 -16.96 -12.38
C14 BPH AA . -2.38 -17.83 -12.59
C15 BPH AA . -4.38 -17.32 -11.09
C16 BPH AA . -3.53 -17.42 -9.85
C17 BPH AA . -4.32 -17.27 -8.57
C18 BPH AA . -3.57 -17.61 -7.29
C19 BPH AA . -4.29 -17.08 -6.06
C20 BPH AA . -2.13 -17.11 -7.32
C1 U10 BA . 14.26 10.62 -2.82
C2 U10 BA . 13.26 11.23 -3.68
C3 U10 BA . 13.57 12.33 -4.50
C4 U10 BA . 14.92 12.73 -4.61
C5 U10 BA . 15.91 12.03 -3.87
C6 U10 BA . 15.56 11.06 -2.90
C1M U10 BA . 13.81 9.57 -1.86
C3M U10 BA . 12.58 13.74 -6.14
C4M U10 BA . 15.54 15.00 -4.66
C7 U10 BA . 16.62 10.56 -1.94
C8 U10 BA . 17.12 9.18 -2.23
C9 U10 BA . 18.22 8.61 -1.74
C10 U10 BA . 19.44 9.40 -1.36
C11 U10 BA . 18.29 7.15 -1.44
C12 U10 BA . 19.24 6.36 -2.31
C13 U10 BA . 19.66 5.04 -1.75
C14 U10 BA . 18.95 3.94 -1.51
C15 U10 BA . 17.45 3.87 -1.57
C16 U10 BA . 19.62 2.64 -1.15
C17 U10 BA . 20.63 2.19 -2.19
C18 U10 BA . 21.34 0.92 -1.82
C19 U10 BA . 21.40 -0.21 -2.50
C20 U10 BA . 20.81 -0.41 -3.86
C21 U10 BA . 22.10 -1.41 -1.93
C22 U10 BA . 21.17 -2.60 -1.67
C23 U10 BA . 21.86 -3.68 -0.89
C24 U10 BA . 22.79 -4.53 -1.30
C25 U10 BA . 23.68 -5.30 -0.37
C26 U10 BA . 23.00 -4.82 -2.77
C27 U10 BA . 22.99 -6.30 -3.09
C28 U10 BA . 21.71 -6.97 -2.71
O2 U10 BA . 12.11 10.82 -3.70
O3 U10 BA . 12.43 12.86 -5.03
O4 U10 BA . 15.40 13.76 -5.36
O5 U10 BA . 17.08 12.31 -4.06
C1 U10 CA . 31.70 -13.19 5.57
C2 U10 CA . 31.09 -14.43 6.06
C3 U10 CA . 30.35 -15.25 5.18
C4 U10 CA . 30.19 -14.85 3.83
C5 U10 CA . 30.70 -13.59 3.41
C6 U10 CA . 31.39 -12.75 4.32
C1M U10 CA . 32.62 -12.46 6.48
C3M U10 CA . 29.29 -17.39 5.11
C4M U10 CA . 30.33 -16.19 1.89
C7 U10 CA . 31.83 -11.37 3.87
C8 U10 CA . 31.00 -10.25 4.45
C9 U10 CA . 30.38 -9.27 3.80
C10 U10 CA . 30.35 -9.19 2.31
C11 U10 CA . 29.70 -8.16 4.53
C12 U10 CA . 28.32 -7.82 4.02
C13 U10 CA . 27.30 -8.90 4.22
C14 U10 CA . 26.07 -8.81 4.74
C15 U10 CA . 25.23 -10.02 5.03
C16 U10 CA . 25.43 -7.50 5.05
C17 U10 CA . 25.14 -6.62 3.85
C18 U10 CA . 24.68 -7.36 2.62
C19 U10 CA . 23.54 -8.01 2.41
C20 U10 CA . 22.44 -8.11 3.39
C21 U10 CA . 23.29 -8.71 1.09
O2 U10 CA . 31.21 -14.77 7.22
O3 U10 CA . 29.89 -16.34 5.87
O4 U10 CA . 29.52 -15.55 2.87
O5 U10 CA . 30.51 -13.24 2.25
P PGV DA . -18.08 -21.66 3.32
C01 PGV DA . -17.25 -16.75 2.34
C02 PGV DA . -18.16 -17.92 2.01
C03 PGV DA . -17.54 -19.18 2.65
C04 PGV DA . -17.55 -23.93 2.09
C05 PGV DA . -17.58 -24.42 0.65
C06 PGV DA . -18.98 -24.93 0.30
O01 PGV DA . -18.26 -18.06 0.59
O02 PGV DA . -20.06 -19.51 0.53
O03 PGV DA . -17.68 -15.58 1.65
O04 PGV DA . -15.51 -14.82 1.47
O05 PGV DA . -16.64 -25.49 0.49
O06 PGV DA . -19.13 -25.06 -1.11
O11 PGV DA . -18.40 -20.30 2.52
O12 PGV DA . -18.34 -22.75 2.18
O13 PGV DA . -19.10 -21.84 4.41
O14 PGV DA . -16.60 -21.68 3.65
C1 PGV DA . -19.57 -18.47 0.12
C2 PGV DA . -20.32 -17.61 -0.87
C3 PGV DA . -19.53 -17.43 -2.15
C4 PGV DA . -19.22 -15.96 -2.40
C5 PGV DA . -18.81 -15.73 -3.87
C6 PGV DA . -17.85 -16.82 -4.33
C7 PGV DA . -17.52 -16.72 -5.81
C8 PGV DA . -16.87 -18.02 -6.28
C9 PGV DA . -16.60 -18.03 -7.78
C10 PGV DA . -15.38 -17.18 -8.12
C11 PGV DA . -14.98 -17.43 -9.55
C12 PGV DA . -14.89 -16.42 -10.41
C19 PGV DA . -16.69 -14.58 1.28
C20 PGV DA . -17.11 -13.27 0.68
C21 PGV DA . -15.92 -12.66 -0.05
C22 PGV DA . -15.78 -11.17 0.25
C23 PGV DA . -16.92 -10.37 -0.35
C24 PGV DA . -16.94 -8.96 0.23
C25 PGV DA . -17.87 -8.04 -0.55
C26 PGV DA . -17.25 -7.65 -1.89
C27 PGV DA . -15.88 -7.01 -1.67
C28 PGV DA . -15.27 -6.56 -2.99
N1 LDA EA . 9.55 -2.01 -33.20
O1 LDA EA . 8.88 -2.98 -33.59
CM1 LDA EA . 9.37 -0.89 -34.14
CM2 LDA EA . 10.98 -2.39 -33.17
C1 LDA EA . 9.12 -1.60 -31.86
C2 LDA EA . 9.21 -2.78 -30.90
C3 LDA EA . 8.22 -2.64 -29.75
C4 LDA EA . 8.90 -2.16 -28.47
C5 LDA EA . 9.12 -3.33 -27.51
C6 LDA EA . 9.63 -2.82 -26.16
C7 LDA EA . 9.77 -3.96 -25.15
C8 LDA EA . 8.44 -4.61 -24.84
C9 LDA EA . 8.60 -5.62 -23.72
C10 LDA EA . 7.32 -6.41 -23.47
C11 LDA EA . 7.07 -7.41 -24.60
C12 LDA EA . 6.19 -8.54 -24.11
C1B LMT FA . 31.36 -25.53 -3.82
C2B LMT FA . 31.26 -26.57 -2.70
C3B LMT FA . 32.60 -26.85 -2.04
C4B LMT FA . 33.82 -26.46 -2.89
C5B LMT FA . 33.58 -26.37 -4.41
C6B LMT FA . 33.95 -27.68 -5.07
O1B LMT FA . 31.72 -24.23 -3.34
O2B LMT FA . 30.32 -26.13 -1.71
O3B LMT FA . 32.69 -28.24 -1.72
O4' LMT FA . 34.32 -25.19 -2.43
O5B LMT FA . 32.25 -26.02 -4.82
O6B LMT FA . 32.92 -28.65 -4.84
C1' LMT FA . 30.98 -20.35 -4.53
C2' LMT FA . 30.06 -21.39 -5.16
C3' LMT FA . 30.14 -22.69 -4.36
C4' LMT FA . 31.58 -23.17 -4.28
C5' LMT FA . 32.53 -22.05 -3.87
C6' LMT FA . 33.98 -22.48 -4.05
O1' LMT FA . 30.84 -19.13 -5.25
O2' LMT FA . 28.72 -20.91 -5.16
O3' LMT FA . 29.29 -23.64 -5.01
O5' LMT FA . 32.32 -20.84 -4.61
O6' LMT FA . 34.87 -21.48 -3.56
C1 LMT FA . 30.56 -18.02 -4.39
C2 LMT FA . 30.17 -16.83 -5.24
C3 LMT FA . 29.41 -15.76 -4.45
C4 LMT FA . 28.01 -16.25 -4.10
C5 LMT FA . 27.06 -15.10 -3.77
C6 LMT FA . 27.53 -14.30 -2.55
C7 LMT FA . 26.45 -13.35 -2.06
C8 LMT FA . 25.46 -14.08 -1.16
C9 LMT FA . 24.32 -13.17 -0.71
C10 LMT FA . 24.86 -11.99 0.11
C11 LMT FA . 25.62 -12.47 1.34
C12 LMT FA . 26.52 -11.37 1.87
C1B LMT GA . 26.07 -31.38 -5.97
C2B LMT GA . 24.79 -31.80 -5.24
C3B LMT GA . 24.86 -33.26 -4.80
C4B LMT GA . 26.09 -33.54 -3.94
C5B LMT GA . 27.27 -32.65 -4.33
C6B LMT GA . 28.60 -33.34 -4.10
O1B LMT GA . 26.42 -30.05 -5.55
O2B LMT GA . 24.58 -30.96 -4.11
O3B LMT GA . 24.87 -34.13 -5.95
O4' LMT GA . 25.77 -33.34 -2.56
O5B LMT GA . 27.14 -32.29 -5.71
O6B LMT GA . 29.66 -32.46 -4.50
C1' LMT GA . 26.40 -27.15 -6.78
C2' LMT GA . 26.43 -28.08 -7.99
C3' LMT GA . 27.25 -29.34 -7.73
C4' LMT GA . 27.57 -29.56 -6.25
C5' LMT GA . 28.11 -28.29 -5.56
C6' LMT GA . 29.62 -28.32 -5.51
O1' LMT GA . 25.99 -25.85 -7.19
O2' LMT GA . 25.09 -28.46 -8.33
O3' LMT GA . 28.48 -29.27 -8.46
O5' LMT GA . 27.72 -27.10 -6.24
O6' LMT GA . 30.14 -28.03 -6.81
C1 LMT GA . 25.87 -24.97 -6.08
C2 LMT GA . 24.68 -24.05 -6.29
C3 LMT GA . 24.98 -22.99 -7.35
C4 LMT GA . 25.88 -21.91 -6.76
C5 LMT GA . 25.18 -21.23 -5.60
C6 LMT GA . 24.28 -20.10 -6.08
C7 LMT GA . 25.11 -18.87 -6.41
C8 LMT GA . 24.22 -17.63 -6.44
C9 LMT GA . 25.07 -16.37 -6.48
C10 LMT GA . 24.21 -15.11 -6.37
C11 LMT GA . 23.26 -15.00 -7.55
MG BCL HA . 16.55 -8.70 8.48
CHA BCL HA . 17.94 -9.63 5.51
CHB BCL HA . 19.05 -6.60 9.08
CHC BCL HA . 14.48 -7.08 10.52
CHD BCL HA . 14.03 -11.09 8.07
NA BCL HA . 18.20 -8.16 7.48
C1A BCL HA . 18.57 -8.54 6.30
C2A BCL HA . 19.73 -7.76 5.75
C3A BCL HA . 20.24 -7.08 6.98
C4A BCL HA . 19.10 -7.28 7.93
CMA BCL HA . 21.48 -7.77 7.51
CAA BCL HA . 19.28 -6.77 4.67
CBA BCL HA . 18.01 -6.02 5.03
CGA BCL HA . 17.73 -4.95 4.01
O1A BCL HA . 17.11 -5.21 2.99
O2A BCL HA . 18.18 -3.58 4.22
NB BCL HA . 16.71 -7.03 9.64
C1B BCL HA . 17.81 -6.27 9.80
C2B BCL HA . 17.69 -5.12 10.73
C3B BCL HA . 16.29 -5.27 11.17
C4B BCL HA . 15.80 -6.48 10.45
CMB BCL HA . 18.78 -4.12 11.05
CAB BCL HA . 15.46 -4.46 12.13
OBB BCL HA . 14.34 -4.81 12.42
CBB BCL HA . 16.03 -3.22 12.72
NC BCL HA . 14.82 -9.13 9.37
C1C BCL HA . 14.23 -8.36 10.29
C2C BCL HA . 13.13 -9.04 11.04
C3C BCL HA . 13.01 -10.32 10.23
C4C BCL HA . 14.05 -10.14 9.18
CMC BCL HA . 13.53 -9.34 12.47
CAC BCL HA . 11.62 -10.48 9.61
CBC BCL HA . 11.22 -9.27 8.80
ND BCL HA . 15.98 -10.10 7.12
C1D BCL HA . 15.02 -11.02 6.99
C2D BCL HA . 15.13 -11.84 5.74
C3D BCL HA . 16.35 -11.22 5.17
C4D BCL HA . 16.75 -10.28 6.01
CMD BCL HA . 14.40 -12.95 5.07
CAD BCL HA . 17.28 -11.28 4.02
OBD BCL HA . 17.18 -12.08 3.02
CBD BCL HA . 18.34 -10.24 4.22
CGD BCL HA . 19.69 -10.88 4.33
O1D BCL HA . 20.37 -11.09 3.34
O2D BCL HA . 20.19 -11.24 5.63
CED BCL HA . 21.23 -12.20 5.74
C1 BCL HA . 17.63 -2.54 3.41
C2 BCL HA . 17.82 -1.20 4.07
C3 BCL HA . 18.98 -0.53 3.93
C4 BCL HA . 19.16 0.80 4.58
C5 BCL HA . 20.10 -1.12 3.13
C6 BCL HA . 21.31 -1.36 4.03
C7 BCL HA . 21.26 -2.75 4.66
C8 BCL HA . 22.32 -2.90 5.76
C9 BCL HA . 23.59 -3.52 5.20
C10 BCL HA . 21.76 -3.75 6.90
C11 BCL HA . 21.69 -2.95 8.20
C12 BCL HA . 23.06 -2.85 8.86
C13 BCL HA . 23.57 -4.21 9.30
C14 BCL HA . 23.48 -4.33 10.82
C15 BCL HA . 25.02 -4.37 8.83
C16 BCL HA . 25.65 -5.65 9.38
C17 BCL HA . 27.06 -5.82 8.85
C18 BCL HA . 27.99 -6.41 9.90
C19 BCL HA . 29.42 -5.96 9.66
C20 BCL HA . 27.89 -7.94 9.93
MG BCL IA . 0.89 -14.88 -4.63
CHA BCL IA . -0.14 -13.47 -1.70
CHB BCL IA . -1.74 -13.50 -6.21
CHC BCL IA . 2.33 -15.75 -7.57
CHD BCL IA . 3.77 -16.10 -3.02
NA BCL IA . -0.70 -13.79 -4.07
C1A BCL IA . -0.94 -13.30 -2.91
C2A BCL IA . -2.16 -12.42 -2.87
C3A BCL IA . -2.83 -12.78 -4.16
C4A BCL IA . -1.69 -13.42 -4.89
CMA BCL IA . -3.96 -13.78 -3.97
CAA BCL IA . -1.77 -10.94 -2.83
CBA BCL IA . -0.55 -10.61 -3.67
CGA BCL IA . -0.50 -9.14 -4.05
O1A BCL IA . -1.27 -8.35 -3.54
O2A BCL IA . 0.45 -8.69 -5.04
NB BCL IA . 0.40 -14.64 -6.60
C1B BCL IA . -0.71 -14.08 -7.09
C2B BCL IA . -0.85 -14.05 -8.57
C3B BCL IA . 0.39 -14.75 -8.97
C4B BCL IA . 1.06 -15.05 -7.69
CMB BCL IA . -1.98 -13.46 -9.36
CAB BCL IA . 0.92 -15.07 -10.34
OBB BCL IA . 2.12 -15.15 -10.52
CBB BCL IA . -0.05 -15.31 -11.45
NC BCL IA . 2.57 -15.83 -5.18
C1C BCL IA . 2.87 -16.19 -6.45
C2C BCL IA . 4.02 -17.13 -6.54
C3C BCL IA . 4.67 -16.89 -5.21
C4C BCL IA . 3.56 -16.21 -4.46
CMC BCL IA . 3.52 -18.56 -6.61
CAC BCL IA . 5.92 -16.02 -5.30
CBC BCL IA . 5.62 -14.57 -5.58
ND BCL IA . 1.77 -14.83 -2.79
C1D BCL IA . 2.86 -15.34 -2.19
C2D BCL IA . 2.94 -15.00 -0.74
C3D BCL IA . 1.70 -14.23 -0.59
C4D BCL IA . 1.10 -14.21 -1.77
CMD BCL IA . 3.89 -15.25 0.41
CAD BCL IA . 0.88 -13.50 0.40
OBD BCL IA . 1.16 -13.33 1.63
CBD BCL IA . -0.34 -12.97 -0.30
CGD BCL IA . -1.56 -13.52 0.32
O1D BCL IA . -2.05 -13.00 1.30
O2D BCL IA . -2.21 -14.71 -0.22
CED BCL IA . -3.20 -15.36 0.57
C1 BCL IA . 0.71 -7.30 -5.26
C2 BCL IA . -0.16 -6.82 -6.39
C3 BCL IA . -1.14 -5.93 -6.15
C4 BCL IA . -1.34 -5.40 -4.76
C5 BCL IA . -2.03 -5.46 -7.27
C6 BCL IA . -3.44 -6.02 -7.08
C7 BCL IA . -3.38 -7.52 -6.78
C8 BCL IA . -4.76 -8.15 -6.75
C9 BCL IA . -5.31 -8.14 -5.32
C10 BCL IA . -4.64 -9.55 -7.32
C11 BCL IA . -5.47 -10.58 -6.55
C12 BCL IA . -5.47 -11.91 -7.26
C13 BCL IA . -6.85 -12.55 -7.19
C14 BCL IA . -7.27 -12.79 -5.75
C15 BCL IA . -6.84 -13.86 -7.98
C16 BCL IA . -6.15 -13.67 -9.32
C17 BCL IA . -6.87 -14.46 -10.40
C18 BCL IA . -8.34 -14.07 -10.44
C19 BCL IA . -9.20 -15.25 -10.88
C20 BCL IA . -8.56 -12.86 -11.35
MG BCL JA . 7.43 -13.18 6.13
CHA BCL JA . 7.59 -10.50 8.23
CHB BCL JA . 7.58 -11.11 3.50
CHC BCL JA . 7.45 -15.90 4.13
CHD BCL JA . 8.23 -15.31 8.83
NA BCL JA . 7.33 -11.19 5.88
C1A BCL JA . 7.31 -10.28 6.79
C2A BCL JA . 7.11 -8.88 6.26
C3A BCL JA . 7.08 -9.11 4.77
C4A BCL JA . 7.33 -10.58 4.70
CMA BCL JA . 5.79 -8.68 4.12
CAA BCL JA . 8.31 -7.99 6.52
CBA BCL JA . 8.03 -6.55 6.14
CGA BCL JA . 9.31 -5.77 6.24
O1A BCL JA . 9.74 -5.14 5.30
O2A BCL JA . 10.06 -5.77 7.49
NB BCL JA . 7.53 -13.47 4.10
C1B BCL JA . 7.55 -12.53 3.15
C2B BCL JA . 7.60 -13.00 1.74
C3B BCL JA . 7.56 -14.47 1.94
C4B BCL JA . 7.51 -14.62 3.41
CMB BCL JA . 7.66 -12.13 0.52
CAB BCL JA . 7.58 -15.60 0.95
OBB BCL JA . 7.72 -16.74 1.33
CBB BCL JA . 7.44 -15.32 -0.52
NC BCL JA . 7.68 -15.15 6.39
C1C BCL JA . 7.54 -16.08 5.43
C2C BCL JA . 7.54 -17.48 5.95
C3C BCL JA . 8.15 -17.27 7.30
C4C BCL JA . 8.00 -15.79 7.46
CMC BCL JA . 6.11 -17.98 6.11
CAC BCL JA . 9.63 -17.64 7.33
CBC BCL JA . 9.84 -19.10 7.58
ND BCL JA . 7.87 -13.07 8.12
C1D BCL JA . 8.13 -13.90 9.14
C2D BCL JA . 8.33 -13.21 10.46
C3D BCL JA . 8.09 -11.82 10.02
C4D BCL JA . 7.82 -11.84 8.71
CMD BCL JA . 8.65 -13.54 11.89
CAD BCL JA . 8.05 -10.43 10.52
OBD BCL JA . 8.24 -10.06 11.73
CBD BCL JA . 7.69 -9.55 9.38
CGD BCL JA . 6.28 -9.08 9.57
O1D BCL JA . 5.99 -7.90 9.59
O2D BCL JA . 5.23 -10.08 9.71
CED BCL JA . 3.86 -9.76 9.56
C1 BCL JA . 11.36 -5.20 7.52
C2 BCL JA . 11.29 -3.84 8.15
C3 BCL JA . 11.49 -3.67 9.47
C4 BCL JA . 11.79 -4.84 10.34
C5 BCL JA . 11.42 -2.28 10.06
C6 BCL JA . 12.77 -1.59 9.91
C7 BCL JA . 12.77 -0.25 10.62
C8 BCL JA . 13.88 -0.16 11.66
C9 BCL JA . 13.73 1.11 12.48
C10 BCL JA . 15.23 -0.22 10.95
C11 BCL JA . 16.36 0.29 11.83
C12 BCL JA . 17.70 0.05 11.14
C13 BCL JA . 18.86 0.02 12.14
C14 BCL JA . 18.90 1.29 12.96
C15 BCL JA . 20.16 -0.18 11.37
C16 BCL JA . 20.30 0.85 10.26
C17 BCL JA . 21.44 0.50 9.31
C18 BCL JA . 22.57 1.51 9.39
C19 BCL JA . 22.05 2.94 9.41
C20 BCL JA . 23.56 1.31 8.25
O1D BPH KA . 16.37 8.21 7.56
CGD BPH KA . 15.62 7.39 7.08
O2D BPH KA . 15.69 6.97 5.82
CED BPH KA . 16.76 7.52 5.02
CBD BPH KA . 14.52 6.71 7.84
CHA BPH KA . 14.57 5.20 7.68
C4D BPH KA . 13.31 4.81 7.11
C3D BPH KA . 12.48 5.89 6.82
CAD BPH KA . 13.16 7.12 7.24
OBD BPH KA . 12.78 8.27 7.15
C2D BPH KA . 11.30 5.37 6.26
CMD BPH KA . 10.11 6.15 5.78
C1D BPH KA . 11.44 3.98 6.22
ND BPH KA . 12.67 3.66 6.74
CHD BPH KA . 10.56 3.01 5.74
C4C BPH KA . 10.77 1.62 5.69
C3C BPH KA . 9.75 0.62 5.17
CAC BPH KA . 8.37 0.69 5.81
CBC BPH KA . 7.50 1.82 5.28
C2C BPH KA . 10.44 -0.73 5.41
CMC BPH KA . 10.54 -1.63 4.19
C1C BPH KA . 11.80 -0.33 5.96
NC BPH KA . 11.93 1.02 6.11
CHC BPH KA . 12.80 -1.26 6.30
C4B BPH KA . 14.16 -1.04 6.73
C3B BPH KA . 15.16 -2.01 7.04
CAB BPH KA . 15.06 -3.48 6.96
CBB BPH KA . 14.25 -4.11 5.87
OBB BPH KA . 15.62 -4.19 7.79
C2B BPH KA . 16.32 -1.32 7.42
CMB BPH KA . 17.64 -1.89 7.83
C1B BPH KA . 16.03 0.06 7.37
NB BPH KA . 14.73 0.20 6.95
CHB BPH KA . 16.92 1.08 7.67
C4A BPH KA . 16.67 2.45 7.79
C3A BPH KA . 17.76 3.49 8.00
CMA BPH KA . 18.55 3.68 6.71
C2A BPH KA . 16.96 4.70 8.46
C1A BPH KA . 15.58 4.35 7.95
NA BPH KA . 15.43 3.00 7.73
CAA BPH KA . 16.98 4.90 9.97
CBA BPH KA . 18.42 5.13 10.39
CGA BPH KA . 18.64 5.16 11.88
O1A BPH KA . 17.79 5.08 12.71
O2A BPH KA . 19.93 5.27 12.15
C1 BPH KA . 20.33 5.11 13.52
C2 BPH KA . 21.82 5.13 13.58
C3 BPH KA . 22.57 4.10 13.96
C4 BPH KA . 21.97 2.82 14.45
C5 BPH KA . 24.07 4.17 13.94
C6 BPH KA . 24.71 3.70 12.68
C7 BPH KA . 24.68 2.18 12.48
C8 BPH KA . 25.70 1.63 11.49
C9 BPH KA . 25.47 0.15 11.26
C10 BPH KA . 27.13 1.92 11.97
C11 BPH KA . 28.14 2.23 10.89
C12 BPH KA . 28.62 1.08 10.03
C13 BPH KA . 28.30 1.18 8.54
C14 BPH KA . 28.09 2.61 8.10
C15 BPH KA . 27.12 0.27 8.13
C16 BPH KA . 27.34 -1.22 8.28
C17 BPH KA . 28.24 -1.89 7.25
C18 BPH KA . 29.75 -1.71 7.46
C19 BPH KA . 30.54 -2.32 6.31
C20 BPH KA . 30.20 -2.31 8.78
FE FE LA . 7.80 10.35 -8.48
CM1 SPO MA . 35.63 -4.94 13.85
O1 SPO MA . 34.25 -4.56 13.96
C1 SPO MA . 33.80 -3.77 15.05
C2 SPO MA . 33.80 -4.59 16.32
C3 SPO MA . 34.73 -2.58 15.19
C4 SPO MA . 32.39 -3.30 14.75
C5 SPO MA . 31.55 -4.42 14.17
C6 SPO MA . 30.29 -4.54 14.58
C7 SPO MA . 29.40 -5.60 14.08
C8 SPO MA . 29.96 -6.79 13.36
C9 SPO MA . 28.07 -5.48 14.27
C10 SPO MA . 27.09 -6.44 13.80
C11 SPO MA . 25.82 -6.08 13.91
C12 SPO MA . 24.68 -6.93 13.48
C13 SPO MA . 24.90 -8.27 12.85
C14 SPO MA . 23.44 -6.43 13.67
C15 SPO MA . 22.22 -7.14 13.30
C16 SPO MA . 21.08 -6.60 13.67
C17 SPO MA . 19.76 -7.19 13.36
C18 SPO MA . 19.64 -8.23 12.28
C19 SPO MA . 18.69 -6.77 14.03
C20 SPO MA . 17.36 -7.31 13.77
C21 SPO MA . 16.33 -7.02 14.57
C22 SPO MA . 16.52 -6.19 15.76
C23 SPO MA . 15.48 -5.65 16.41
C24 SPO MA . 14.08 -5.88 15.94
C25 SPO MA . 15.72 -4.82 17.61
C26 SPO MA . 14.73 -4.25 18.29
C27 SPO MA . 15.04 -3.43 19.47
C28 SPO MA . 14.12 -2.63 20.00
C29 SPO MA . 12.75 -2.52 19.41
C30 SPO MA . 14.45 -1.80 21.23
C31 SPO MA . 14.72 -2.73 22.40
C32 SPO MA . 14.74 -1.95 23.70
C33 SPO MA . 14.64 -2.59 24.86
C34 SPO MA . 14.51 -4.08 24.90
C35 SPO MA . 14.66 -1.82 26.16
C36 SPO MA . 16.08 -1.70 26.69
C37 SPO MA . 16.06 -0.89 27.96
C38 SPO MA . 16.84 -1.23 29.01
C39 SPO MA . 16.80 -0.40 30.26
C40 SPO MA . 17.72 -2.43 28.93
C1B LMT NA . 3.26 -18.09 28.40
C2B LMT NA . 4.73 -18.25 28.76
O1B LMT NA . 3.09 -17.02 27.48
O5B LMT NA . 2.76 -19.30 27.83
C1' LMT NA . 0.71 -13.67 27.19
C2' LMT NA . 1.29 -13.92 28.57
C3' LMT NA . 2.37 -15.00 28.54
C4' LMT NA . 1.94 -16.23 27.76
C5' LMT NA . 1.30 -15.84 26.43
C6' LMT NA . 0.72 -17.06 25.75
O1' LMT NA . -0.38 -12.77 27.30
O2' LMT NA . 1.88 -12.71 29.06
O3' LMT NA . 2.69 -15.36 29.89
O5' LMT NA . 0.24 -14.90 26.65
O6' LMT NA . -0.39 -17.53 26.52
C1 LMT NA . -0.86 -12.33 26.03
C2 LMT NA . -2.02 -11.37 26.22
C3 LMT NA . -1.77 -10.04 25.51
C4 LMT NA . -2.89 -9.74 24.51
C5 LMT NA . -2.50 -8.59 23.57
C6 LMT NA . -3.58 -8.36 22.52
C7 LMT NA . -3.14 -7.31 21.49
C8 LMT NA . -4.13 -7.22 20.35
C9 LMT NA . -3.86 -5.98 19.49
C10 LMT NA . -4.84 -5.85 18.34
C11 LMT NA . -6.27 -5.73 18.84
C12 LMT NA . -7.24 -5.48 17.70
C1B LMT OA . 6.83 -14.48 39.27
O1B LMT OA . 7.14 -13.28 38.56
C1' LMT OA . 5.82 -10.50 36.72
C2' LMT OA . 5.00 -11.30 37.72
C3' LMT OA . 5.07 -12.79 37.42
C4' LMT OA . 6.52 -13.25 37.28
C5' LMT OA . 7.30 -12.29 36.37
C6' LMT OA . 8.07 -13.06 35.29
O1' LMT OA . 4.98 -9.56 36.05
O2' LMT OA . 5.49 -11.06 39.04
O3' LMT OA . 4.35 -13.08 36.21
O5' LMT OA . 6.40 -11.38 35.76
O6' LMT OA . 8.88 -12.14 34.56
C1 LMT OA . 5.63 -8.99 34.92
C2 LMT OA . 5.10 -7.58 34.70
C3 LMT OA . 5.52 -7.05 33.34
C4 LMT OA . 5.40 -5.53 33.29
C5 LMT OA . 3.95 -5.08 33.15
C6 LMT OA . 3.50 -5.15 31.69
C7 LMT OA . 3.19 -3.76 31.14
C8 LMT OA . 4.38 -2.82 31.32
C9 LMT OA . 4.68 -2.04 30.05
C10 LMT OA . 4.04 -0.66 30.08
C11 LMT OA . 4.58 0.20 28.94
C12 LMT OA . 6.08 0.32 28.99
C1 CDL PA . -0.47 19.47 5.36
O1 CDL PA . -1.57 19.36 6.27
CA2 CDL PA . -0.69 18.47 4.22
OA2 CDL PA . -0.90 17.15 4.72
PA1 CDL PA . -1.52 16.02 3.76
OA3 CDL PA . -2.79 16.54 3.14
OA4 CDL PA . -0.41 15.55 2.85
OA5 CDL PA . -1.88 14.82 4.78
CA3 CDL PA . -3.21 14.34 4.90
CA4 CDL PA . -3.23 12.83 5.16
OA6 CDL PA . -4.55 12.34 4.92
CA5 CDL PA . -4.56 10.96 4.47
OA7 CDL PA . -3.53 10.48 4.03
C11 CDL PA . -5.81 10.13 4.57
C12 CDL PA . -5.75 9.25 5.82
C13 CDL PA . -6.57 7.98 5.62
C14 CDL PA . -7.91 8.30 4.97
C15 CDL PA . -8.81 7.08 4.99
C16 CDL PA . -9.12 6.66 6.42
C17 CDL PA . -10.23 5.63 6.44
C18 CDL PA . -10.58 5.24 7.86
C19 CDL PA . -11.79 4.31 7.88
C20 CDL PA . -12.88 4.83 6.96
C21 CDL PA . -14.19 4.12 7.24
C22 CDL PA . -14.56 4.29 8.70
CA6 CDL PA . -2.83 12.54 6.61
OA8 CDL PA . -3.30 11.24 7.00
CA7 CDL PA . -2.93 10.59 8.25
OA9 CDL PA . -1.89 10.90 8.80
C31 CDL PA . -3.84 9.53 8.83
C32 CDL PA . -3.07 8.44 9.55
C33 CDL PA . -4.01 7.29 9.90
C34 CDL PA . -3.29 6.07 10.45
C35 CDL PA . -4.26 4.89 10.55
C36 CDL PA . -3.58 3.66 11.13
C37 CDL PA . -4.15 2.38 10.51
C38 CDL PA . -5.07 1.62 11.47
C39 CDL PA . -5.79 0.51 10.72
C40 CDL PA . -6.70 -0.32 11.62
C41 CDL PA . -5.89 -1.31 12.45
C42 CDL PA . -6.78 -2.42 13.01
CB2 CDL PA . 0.82 19.13 6.12
OB2 CDL PA . 0.53 18.00 6.93
PB2 CDL PA . 1.69 17.22 7.72
OB3 CDL PA . 1.60 17.59 9.19
OB4 CDL PA . 2.99 17.38 6.99
OB5 CDL PA . 1.17 15.71 7.55
CB3 CDL PA . 2.07 14.62 7.43
CB4 CDL PA . 1.26 13.34 7.28
OB6 CDL PA . 0.75 13.23 5.95
CB5 CDL PA . 0.53 11.86 5.55
OB7 CDL PA . -0.33 11.62 4.72
C51 CDL PA . 1.34 10.73 6.14
C52 CDL PA . 0.84 9.42 5.55
C53 CDL PA . 1.46 8.21 6.24
C54 CDL PA . 1.06 8.14 7.72
C55 CDL PA . 1.28 6.73 8.24
C56 CDL PA . 1.17 6.66 9.76
C57 CDL PA . 1.37 5.23 10.22
C58 CDL PA . 1.64 5.12 11.71
C59 CDL PA . 1.98 3.68 12.07
C60 CDL PA . 2.53 3.58 13.49
C61 CDL PA . 1.41 3.36 14.50
C62 CDL PA . 0.68 2.04 14.25
C63 CDL PA . -0.56 1.91 15.13
C64 CDL PA . -1.57 0.97 14.51
C65 CDL PA . -1.62 -0.37 15.23
C66 CDL PA . -2.37 -0.25 16.55
C67 CDL PA . -2.49 -1.60 17.23
CB6 CDL PA . 0.12 13.37 8.29
OB8 CDL PA . 0.51 12.67 9.46
CB7 CDL PA . -0.23 12.80 10.70
OB9 CDL PA . -1.13 13.63 10.76
C71 CDL PA . 0.09 11.91 11.86
C72 CDL PA . -0.15 10.47 11.47
C73 CDL PA . 0.34 9.50 12.54
C74 CDL PA . -0.31 9.80 13.89
C75 CDL PA . -0.16 8.62 14.83
C76 CDL PA . -1.01 7.44 14.38
P PGV QA . 11.24 15.75 19.43
C01 PGV QA . 13.44 11.43 20.58
C02 PGV QA . 13.07 12.89 20.70
C03 PGV QA . 12.20 13.32 19.53
C04 PGV QA . 9.55 16.85 17.76
C05 PGV QA . 8.47 16.01 17.10
C06 PGV QA . 7.10 16.62 17.39
O01 PGV QA . 14.28 13.65 20.74
O02 PGV QA . 13.54 15.58 21.77
O03 PGV QA . 13.87 10.97 21.86
O04 PGV QA . 15.60 9.63 21.15
O05 PGV QA . 8.52 14.68 17.63
O06 PGV QA . 7.12 18.01 17.05
O11 PGV QA . 12.42 14.68 19.21
O12 PGV QA . 10.71 16.03 17.94
O13 PGV QA . 11.83 17.02 19.98
O14 PGV QA . 10.12 15.04 20.15
C1 PGV QA . 14.27 14.60 21.84
C2 PGV QA . 15.15 14.39 23.05
C3 PGV QA . 16.62 14.41 22.67
C4 PGV QA . 17.51 14.37 23.91
C5 PGV QA . 16.99 13.35 24.93
C6 PGV QA . 18.11 12.47 25.48
C7 PGV QA . 17.53 11.36 26.34
C8 PGV QA . 16.36 10.69 25.62
C9 PGV QA . 15.61 9.73 26.53
C10 PGV QA . 16.30 8.38 26.64
C11 PGV QA . 15.47 7.47 27.50
C12 PGV QA . 15.02 6.31 27.01
C19 PGV QA . 14.73 9.82 21.99
C20 PGV QA . 14.55 8.84 23.14
C21 PGV QA . 13.47 7.82 22.79
C22 PGV QA . 12.13 8.48 22.47
C23 PGV QA . 11.01 7.45 22.36
C24 PGV QA . 9.66 8.12 22.13
C25 PGV QA . 8.60 7.09 21.75
C26 PGV QA . 8.44 6.04 22.83
C27 PGV QA . 7.38 5.02 22.43
C1 U10 RA . 1.51 5.61 -12.30
C2 U10 RA . 2.30 6.82 -12.48
C3 U10 RA . 1.70 8.01 -12.96
C4 U10 RA . 0.27 8.05 -13.06
C5 U10 RA . -0.47 6.87 -12.87
C6 U10 RA . 0.15 5.67 -12.45
C1M U10 RA . 2.23 4.35 -11.96
C3M U10 RA . 3.04 9.81 -12.21
C4M U10 RA . 0.02 10.27 -13.92
C7 U10 RA . -0.71 4.45 -12.20
C8 U10 RA . -0.96 4.18 -10.74
C9 U10 RA . -2.10 4.21 -10.08
C10 U10 RA . -3.39 4.64 -10.72
C11 U10 RA . -2.20 3.83 -8.63
C12 U10 RA . -3.05 2.60 -8.40
C13 U10 RA . -2.42 1.34 -8.94
C14 U10 RA . -2.29 0.17 -8.34
C15 U10 RA . -2.91 -0.16 -7.01
C16 U10 RA . -1.46 -0.93 -8.95
C17 U10 RA . -2.21 -2.20 -9.26
C18 U10 RA . -3.28 -2.03 -10.30
C19 U10 RA . -4.55 -2.43 -10.25
C20 U10 RA . -5.15 -3.11 -9.06
C21 U10 RA . -5.48 -2.23 -11.41
C22 U10 RA . -6.05 -3.53 -11.94
C23 U10 RA . -6.94 -3.32 -13.12
C24 U10 RA . -6.87 -3.90 -14.32
C25 U10 RA . -5.82 -4.92 -14.68
C26 U10 RA . -7.85 -3.58 -15.42
C27 U10 RA . -8.75 -4.73 -15.78
C28 U10 RA . -8.76 -5.03 -17.25
C29 U10 RA . -9.78 -4.97 -18.10
C30 U10 RA . -11.15 -4.52 -17.71
C31 U10 RA . -9.62 -5.37 -19.53
C32 U10 RA . -9.66 -4.24 -20.55
C33 U10 RA . -9.65 -4.74 -21.95
C34 U10 RA . -10.55 -4.51 -22.91
C35 U10 RA . -11.40 -3.29 -22.97
C36 U10 RA . -10.81 -5.53 -23.99
C37 U10 RA . -11.98 -5.20 -24.89
C38 U10 RA . -12.68 -6.43 -25.34
C39 U10 RA . -13.77 -6.55 -26.08
C40 U10 RA . -14.32 -5.45 -26.95
C41 U10 RA . -14.57 -7.82 -26.09
C42 U10 RA . -16.04 -7.65 -25.71
C43 U10 RA . -16.28 -7.04 -24.36
C44 U10 RA . -17.01 -5.97 -24.07
C45 U10 RA . -17.45 -4.97 -25.09
C46 U10 RA . -17.49 -5.70 -22.67
C47 U10 RA . -17.18 -4.31 -22.17
C48 U10 RA . -15.74 -4.13 -21.82
C49 U10 RA . -15.23 -3.67 -20.68
C50 U10 RA . -13.76 -3.68 -20.36
C51 U10 RA . -16.11 -3.08 -19.61
C52 U10 RA . -16.04 -3.84 -18.31
C53 U10 RA . -16.52 -5.24 -18.42
C54 U10 RA . -15.85 -6.37 -18.22
C55 U10 RA . -14.39 -6.38 -17.92
C56 U10 RA . -16.50 -7.71 -18.27
O2 U10 RA . 3.51 6.82 -12.26
O3 U10 RA . 2.57 9.00 -13.29
O4 U10 RA . -0.57 9.09 -13.38
O5 U10 RA . -1.67 6.91 -13.08
P PGV SA . -14.58 -15.02 9.12
C01 PGV SA . -10.41 -14.47 7.22
C02 PGV SA . -11.54 -13.52 7.61
C03 PGV SA . -12.18 -13.99 8.91
C04 PGV SA . -15.32 -16.68 7.26
C05 PGV SA . -15.39 -16.70 5.75
C06 PGV SA . -15.32 -18.14 5.28
O01 PGV SA . -12.52 -13.54 6.57
O02 PGV SA . -11.99 -11.30 6.34
O03 PGV SA . -10.05 -14.16 5.88
O04 PGV SA . -8.00 -13.41 6.56
O05 PGV SA . -14.29 -15.96 5.23
O06 PGV SA . -16.23 -18.94 6.03
O11 PGV SA . -13.58 -13.83 8.74
O12 PGV SA . -15.21 -15.32 7.69
O13 PGV SA . -15.64 -14.49 10.06
O14 PGV SA . -13.75 -16.22 9.50
C1 PGV SA . -12.56 -12.26 5.87
C2 PGV SA . -13.32 -12.15 4.56
C3 PGV SA . -12.56 -11.25 3.60
C4 PGV SA . -11.71 -12.04 2.61
C5 PGV SA . -12.55 -12.61 1.47
C6 PGV SA . -11.70 -13.31 0.42
C7 PGV SA . -10.79 -12.35 -0.31
C8 PGV SA . -10.39 -12.88 -1.69
C9 PGV SA . -11.57 -12.80 -2.67
C10 PGV SA . -11.25 -13.56 -3.95
C11 PGV SA . -12.49 -13.68 -4.79
C12 PGV SA . -12.40 -13.99 -6.08
C13 PGV SA . -11.05 -14.22 -6.72
C14 PGV SA . -10.94 -15.65 -7.25
C15 PGV SA . -10.68 -16.63 -6.12
C16 PGV SA . -10.15 -17.95 -6.65
C17 PGV SA . -8.80 -17.77 -7.33
C18 PGV SA . -8.22 -19.08 -7.78
C19 PGV SA . -8.76 -13.56 5.63
C20 PGV SA . -8.37 -13.13 4.24
C21 PGV SA . -7.11 -12.28 4.30
C22 PGV SA . -6.52 -12.07 2.92
C23 PGV SA . -5.30 -11.17 3.00
C24 PGV SA . -4.57 -11.11 1.67
C25 PGV SA . -5.35 -10.37 0.60
C26 PGV SA . -4.41 -9.87 -0.48
C27 PGV SA . -5.03 -8.73 -1.29
C28 PGV SA . -5.67 -7.69 -0.39
C29 PGV SA . -5.69 -6.31 -1.04
C30 PGV SA . -4.41 -5.55 -0.73
N1 LDA TA . 13.18 3.00 -32.46
O1 LDA TA . 12.10 3.05 -33.09
CM1 LDA TA . 13.67 4.36 -32.22
CM2 LDA TA . 14.16 2.25 -33.25
C1 LDA TA . 12.97 2.33 -31.17
C2 LDA TA . 12.24 1.01 -31.38
C3 LDA TA . 12.83 -0.10 -30.52
C4 LDA TA . 12.78 0.23 -29.03
C5 LDA TA . 13.31 -0.93 -28.21
C6 LDA TA . 13.14 -0.69 -26.71
C7 LDA TA . 13.45 -1.96 -25.93
C8 LDA TA . 12.99 -1.85 -24.48
C9 LDA TA . 13.88 -0.90 -23.69
C10 LDA TA . 13.38 -0.74 -22.27
C11 LDA TA . 14.34 0.12 -21.44
C12 LDA TA . 13.89 0.19 -19.99
C1B LMT UA . 30.69 5.59 -21.57
C2B LMT UA . 31.48 6.77 -22.12
C3B LMT UA . 30.57 7.94 -22.49
C4B LMT UA . 29.40 7.46 -23.34
C5B LMT UA . 28.71 6.28 -22.70
C6B LMT UA . 27.58 5.75 -23.58
O1B LMT UA . 30.13 5.94 -20.31
O2B LMT UA . 32.43 7.21 -21.14
O3B LMT UA . 31.32 8.90 -23.22
O4' LMT UA . 28.46 8.54 -23.49
O5B LMT UA . 29.66 5.23 -22.49
O6B LMT UA . 27.06 4.55 -23.00
C1' LMT UA . 29.51 3.80 -16.80
C2' LMT UA . 30.87 3.61 -17.46
C3' LMT UA . 31.13 4.72 -18.48
C4' LMT UA . 29.97 4.80 -19.47
C5' LMT UA . 28.65 4.94 -18.71
C6' LMT UA . 27.45 4.95 -19.64
O1' LMT UA . 29.21 2.72 -15.93
O2' LMT UA . 31.90 3.64 -16.46
O3' LMT UA . 32.36 4.47 -19.15
O5' LMT UA . 28.51 3.83 -17.81
O6' LMT UA . 27.12 3.61 -20.02
C1 LMT UA . 27.84 2.79 -15.54
C2 LMT UA . 27.40 1.51 -14.85
C3 LMT UA . 26.86 1.81 -13.47
C4 LMT UA . 27.97 2.34 -12.57
C5 LMT UA . 27.43 3.34 -11.56
C6 LMT UA . 26.24 2.78 -10.78
C7 LMT UA . 26.02 3.58 -9.51
C8 LMT UA . 24.77 3.13 -8.78
C9 LMT UA . 24.66 3.82 -7.42
C10 LMT UA . 23.25 3.73 -6.86
C11 LMT UA . 23.13 4.49 -5.54
C12 LMT UA . 21.75 4.32 -4.95
C1B LMT VA . -19.45 -18.86 10.91
C2B LMT VA . -20.22 -19.84 11.79
C3B LMT VA . -19.26 -20.57 12.71
C4B LMT VA . -18.17 -21.25 11.89
C5B LMT VA . -17.50 -20.24 10.97
C6B LMT VA . -16.49 -20.93 10.06
O1B LMT VA . -18.84 -17.90 11.77
O2B LMT VA . -21.21 -19.13 12.57
O3B LMT VA . -19.98 -21.56 13.47
O4' LMT VA . -17.20 -21.81 12.78
O5B LMT VA . -18.47 -19.57 10.16
O6B LMT VA . -17.19 -21.79 9.13
C1' LMT VA . -19.20 -13.96 10.54
C2' LMT VA . -18.79 -14.89 9.42
C3' LMT VA . -18.89 -16.37 9.79
C4' LMT VA . -18.39 -16.65 11.21
C5' LMT VA . -18.85 -15.57 12.19
C6' LMT VA . -18.23 -15.80 13.56
O1' LMT VA . -18.87 -12.61 10.21
O2' LMT VA . -19.60 -14.65 8.27
O3' LMT VA . -18.10 -17.10 8.85
O5' LMT VA . -18.47 -14.29 11.72
O6' LMT VA . -18.03 -17.21 13.72
C1 LMT VA . -19.00 -11.76 11.35
C2 LMT VA . -17.83 -10.79 11.40
C3 LMT VA . -18.12 -9.47 10.73
C4 LMT VA . -18.86 -8.54 11.68
C5 LMT VA . -18.70 -7.08 11.26
C6 LMT VA . -19.28 -6.86 9.87
C7 LMT VA . -19.10 -5.42 9.44
C8 LMT VA . -19.35 -5.30 7.93
C9 LMT VA . -18.22 -5.95 7.13
C10 LMT VA . -17.03 -5.01 7.02
C11 LMT VA . -15.81 -5.75 6.47
C12 LMT VA . -16.16 -6.61 5.28
C1B LMT WA . -11.94 -15.92 30.84
C2B LMT WA . -10.69 -16.19 31.70
C3B LMT WA . -10.63 -17.66 32.09
C4B LMT WA . -11.35 -18.55 31.07
C5B LMT WA . -11.27 -17.96 29.67
C6B LMT WA . -11.91 -18.90 28.65
O1B LMT WA . -12.21 -14.53 30.57
O2B LMT WA . -9.46 -15.86 31.03
O3B LMT WA . -11.21 -17.84 33.38
O4' LMT WA . -10.77 -19.86 31.08
O5B LMT WA . -11.96 -16.70 29.62
O6B LMT WA . -11.39 -20.22 28.83
C1' LMT WA . -10.89 -11.55 28.15
C2' LMT WA . -10.11 -12.84 27.94
C3' LMT WA . -10.84 -13.99 28.62
C4' LMT WA . -11.19 -13.65 30.06
C5' LMT WA . -11.72 -12.23 30.23
C6' LMT WA . -11.78 -11.84 31.70
O1' LMT WA . -10.28 -10.49 27.41
O2' LMT WA . -9.97 -13.11 26.54
O3' LMT WA . -9.98 -15.13 28.57
O5' LMT WA . -10.91 -11.27 29.53
O6' LMT WA . -12.33 -10.53 31.82
C1 LMT WA . -11.13 -9.37 27.29
C2 LMT WA . -10.87 -8.70 25.96
C3 LMT WA . -11.47 -9.51 24.81
C4 LMT WA . -11.42 -8.70 23.53
C5 LMT WA . -12.61 -9.00 22.61
C6 LMT WA . -12.29 -10.10 21.60
C7 LMT WA . -13.25 -10.03 20.41
C1 PTY XA . -12.35 1.67 -13.31
C2 PTY XA . -14.90 8.68 -10.52
C3 PTY XA . -14.24 7.36 -10.82
O4 PTY XA . -11.94 0.67 -12.36
C5 PTY XA . -13.19 4.05 -13.47
C6 PTY XA . -12.87 2.89 -12.57
O7 PTY XA . -11.94 3.27 -11.52
C8 PTY XA . -12.09 2.71 -10.30
O10 PTY XA . -12.98 1.94 -10.08
C11 PTY XA . -11.07 3.14 -9.30
C12 PTY XA . -9.82 2.33 -9.34
C13 PTY XA . -10.04 0.89 -8.90
C14 PTY XA . -10.01 0.69 -7.41
C15 PTY XA . -8.69 1.05 -6.79
C16 PTY XA . -7.51 0.33 -7.37
C17 PTY XA . -7.36 -1.11 -6.91
C18 PTY XA . -6.95 -1.23 -5.46
C19 PTY XA . -6.47 -2.60 -5.05
C20 PTY XA . -5.85 -2.62 -3.68
C21 PTY XA . -4.72 -1.62 -3.53
C22 PTY XA . -4.46 -1.18 -2.11
C23 PTY XA . -3.55 0.02 -2.01
C24 PTY XA . -3.40 0.58 -0.62
C25 PTY XA . -2.51 1.80 -0.55
C30 PTY XA . -11.41 -0.44 -12.86
C31 PTY XA . -10.95 -1.36 -11.76
O30 PTY XA . -11.33 -0.66 -14.03
C32 PTY XA . -10.37 -2.64 -12.28
C33 PTY XA . -10.18 -3.67 -11.19
C34 PTY XA . -9.16 -3.32 -10.14
C35 PTY XA . -8.92 -4.42 -9.14
C36 PTY XA . -10.12 -4.76 -8.30
C37 PTY XA . -10.07 -6.11 -7.64
C38 PTY XA . -8.84 -6.38 -6.81
C39 PTY XA . -8.84 -7.70 -6.06
C40 PTY XA . -8.68 -8.94 -6.91
C41 PTY XA . -9.92 -9.42 -7.62
C42 PTY XA . -9.71 -10.62 -8.52
C43 PTY XA . -10.93 -11.01 -9.31
C44 PTY XA . -12.14 -11.30 -8.47
P1 PTY XA . -12.38 6.32 -12.37
O11 PTY XA . -13.21 7.58 -11.82
O12 PTY XA . -11.55 5.83 -11.22
O13 PTY XA . -11.71 6.73 -13.65
O14 PTY XA . -13.52 5.26 -12.72
N1 PTY XA . -15.34 9.34 -11.75
C1 CDL YA . -20.24 14.23 -1.21
O1 CDL YA . -19.21 15.21 -1.09
CA2 CDL YA . -19.66 12.85 -0.94
OA2 CDL YA . -19.27 12.74 0.43
PA1 CDL YA . -18.09 11.71 0.83
OA3 CDL YA . -18.41 10.38 0.17
OA4 CDL YA . -16.77 12.38 0.55
OA5 CDL YA . -18.23 11.51 2.41
CA3 CDL YA . -17.06 11.33 3.22
CA4 CDL YA . -16.91 9.85 3.60
OA6 CDL YA . -17.74 9.10 2.71
CA5 CDL YA . -17.65 7.65 2.87
OA7 CDL YA . -18.32 7.09 3.73
C11 CDL YA . -16.73 6.86 1.99
C12 CDL YA . -16.75 5.40 2.42
C13 CDL YA . -15.55 4.64 1.86
C14 CDL YA . -15.51 3.22 2.40
C15 CDL YA . -15.66 3.20 3.92
C16 CDL YA . -15.93 1.78 4.41
C17 CDL YA . -17.14 1.19 3.71
C18 CDL YA . -17.41 -0.23 4.16
C19 CDL YA . -16.26 -1.18 3.77
C20 CDL YA . -16.63 -2.62 4.05
C21 CDL YA . -15.66 -3.57 3.36
CA6 CDL YA . -17.28 9.65 5.07
OA8 CDL YA . -16.71 8.41 5.52
CA7 CDL YA . -17.14 7.77 6.75
OA9 CDL YA . -17.22 8.42 7.78
C31 CDL YA . -17.44 6.29 6.75
C32 CDL YA . -17.77 5.82 8.16
C33 CDL YA . -18.16 4.35 8.15
C34 CDL YA . -18.06 3.74 9.55
C35 CDL YA . -18.66 2.34 9.58
C36 CDL YA . -18.28 1.59 10.84
C37 CDL YA . -19.21 0.39 11.04
C38 CDL YA . -18.72 -0.54 12.14
C39 CDL YA . -19.75 -1.62 12.43
CB2 CDL YA . -20.82 14.28 -2.62
OB2 CDL YA . -21.64 13.13 -2.81
PB2 CDL YA . -22.42 12.85 -4.19
OB3 CDL YA . -21.50 13.12 -5.36
OB4 CDL YA . -23.77 13.52 -4.14
OB5 CDL YA . -22.63 11.26 -4.06
CB3 CDL YA . -23.92 10.67 -3.95
CB4 CDL YA . -23.75 9.41 -3.11
OB6 CDL YA . -23.29 8.34 -3.93
CB5 CDL YA . -22.02 7.81 -3.47
OB7 CDL YA . -21.32 8.47 -2.73
C51 CDL YA . -21.60 6.43 -3.89
C52 CDL YA . -20.09 6.26 -3.75
C53 CDL YA . -19.68 4.82 -4.01
C54 CDL YA . -20.40 4.26 -5.24
C55 CDL YA . -20.26 2.75 -5.32
C56 CDL YA . -21.12 2.19 -6.45
CB6 CDL YA . -25.07 9.02 -2.46
OB8 CDL YA . -24.88 7.82 -1.71
CB7 CDL YA . -25.85 7.44 -0.71
OB9 CDL YA . -26.73 8.23 -0.40
C71 CDL YA . -25.78 6.09 -0.04
C72 CDL YA . -24.45 5.96 0.71
C73 CDL YA . -24.38 4.65 1.47
C1B LMT ZA . 1.88 -40.44 -22.39
C2B LMT ZA . 2.32 -41.59 -23.27
C3B LMT ZA . 2.15 -42.92 -22.56
C4B LMT ZA . 0.70 -43.12 -22.10
C5B LMT ZA . 0.12 -41.81 -21.57
C6B LMT ZA . -0.74 -42.07 -20.34
O1B LMT ZA . 1.06 -39.54 -23.14
O2B LMT ZA . 1.54 -41.59 -24.48
O3B LMT ZA . 3.04 -42.98 -21.44
O4' LMT ZA . -0.09 -43.60 -23.19
O5B LMT ZA . 1.17 -40.91 -21.24
O6B LMT ZA . -1.83 -42.93 -20.68
C1' LMT ZA . 1.31 -35.75 -24.63
C2' LMT ZA . 2.65 -36.44 -24.51
C3' LMT ZA . 2.47 -37.93 -24.23
C4' LMT ZA . 1.49 -38.18 -23.09
C5' LMT ZA . 0.25 -37.28 -23.19
C6' LMT ZA . -0.59 -37.37 -21.92
O1' LMT ZA . 1.53 -34.37 -24.86
O2' LMT ZA . 3.40 -36.26 -25.73
O3' LMT ZA . 3.76 -38.46 -23.89
O5' LMT ZA . 0.63 -35.93 -23.39
O6' LMT ZA . -0.99 -38.73 -21.71
C1 LMT ZA . 0.37 -33.60 -24.55
C2 LMT ZA . 0.46 -32.28 -25.30
C3 LMT ZA . -0.32 -31.20 -24.56
C4 LMT ZA . 0.46 -30.71 -23.35
C5 LMT ZA . -0.06 -29.34 -22.91
C6 LMT ZA . 0.86 -28.70 -21.88
C7 LMT ZA . 0.36 -27.31 -21.54
C8 LMT ZA . 1.06 -26.74 -20.33
C9 LMT ZA . 1.50 -25.30 -20.60
C10 LMT ZA . 2.10 -24.67 -19.35
C11 LMT ZA . 2.90 -23.42 -19.69
C12 LMT ZA . 2.09 -22.46 -20.54
C1B LMT AB . -6.74 -39.58 -19.62
C2B LMT AB . -5.69 -40.64 -19.33
C3B LMT AB . -6.34 -41.91 -18.81
C4B LMT AB . -7.37 -42.42 -19.81
C5B LMT AB . -8.20 -41.27 -20.36
C6B LMT AB . -9.68 -41.64 -20.42
O1B LMT AB . -6.57 -39.03 -20.93
O2B LMT AB . -4.93 -40.92 -20.51
O3B LMT AB . -6.98 -41.64 -17.56
O4' LMT AB . -6.71 -43.09 -20.88
O5B LMT AB . -8.05 -40.13 -19.53
O6B LMT AB . -10.23 -41.59 -19.10
C1' LMT AB . -6.44 -34.98 -22.01
C2' LMT AB . -5.34 -35.53 -21.11
C3' LMT AB . -5.27 -37.05 -21.20
C4' LMT AB . -6.63 -37.60 -20.86
C5' LMT AB . -7.67 -37.02 -21.83
C6' LMT AB . -9.06 -37.57 -21.56
O1' LMT AB . -6.52 -33.57 -21.78
O2' LMT AB . -4.09 -34.97 -21.50
O3' LMT AB . -4.28 -37.53 -20.30
O5' LMT AB . -7.69 -35.60 -21.69
O6' LMT AB . -9.20 -38.82 -22.23
C1 LMT AB . -6.94 -32.87 -22.95
C2 LMT AB . -6.63 -31.39 -22.78
C3 LMT AB . -5.27 -31.17 -22.14
C4 LMT AB . -4.74 -29.78 -22.43
C5 LMT AB . -4.22 -29.68 -23.86
C6 LMT AB . -3.84 -28.26 -24.23
C7 LMT AB . -5.08 -27.40 -24.48
C8 LMT AB . -4.69 -25.93 -24.58
C9 LMT AB . -5.91 -25.01 -24.61
C10 LMT AB . -5.50 -23.57 -24.39
C11 LMT AB . -6.45 -22.59 -25.07
C12 LMT AB . -7.85 -22.66 -24.50
MG BCL BB . -3.56 -32.18 -38.80
CHA BCL BB . -5.89 -30.22 -40.31
CHB BCL BB . -1.22 -29.94 -39.32
CHC BCL BB . -1.36 -34.71 -38.67
CHD BCL BB . -6.01 -34.59 -38.10
NA BCL BB . -3.52 -30.40 -39.71
C1A BCL BB . -4.49 -29.76 -40.25
C2A BCL BB . -4.06 -28.46 -40.88
C3A BCL BB . -2.57 -28.55 -40.82
C4A BCL BB . -2.40 -29.70 -39.88
CMA BCL BB . -1.96 -28.88 -42.17
CAA BCL BB . -4.56 -27.27 -40.07
CBA BCL BB . -5.00 -26.15 -41.00
CGA BCL BB . -4.55 -24.82 -40.43
O1A BCL BB . -3.78 -24.77 -39.50
O2A BCL BB . -5.06 -23.59 -41.00
NB BCL BB . -1.53 -32.32 -38.99
C1B BCL BB . -0.68 -31.31 -39.20
C2B BCL BB . 0.77 -31.66 -39.29
C3B BCL BB . 0.70 -33.12 -39.07
C4B BCL BB . -0.75 -33.40 -38.91
CMB BCL BB . 1.94 -30.75 -39.52
CAB BCL BB . 1.78 -34.14 -39.05
OBB BCL BB . 1.62 -35.20 -39.61
CBB BCL BB . 3.04 -33.80 -38.29
NC BCL BB . -3.58 -34.06 -38.13
C1C BCL BB . -2.50 -34.83 -37.98
C2C BCL BB . -2.70 -35.96 -37.04
C3C BCL BB . -4.21 -36.02 -37.03
C4C BCL BB . -4.59 -34.79 -37.78
CMC BCL BB . -2.10 -37.23 -37.62
CAC BCL BB . -4.80 -36.01 -35.63
CBC BCL BB . -5.49 -37.33 -35.34
ND BCL BB . -5.55 -32.48 -39.11
C1D BCL BB . -6.47 -33.40 -38.81
C2D BCL BB . -7.85 -33.04 -39.29
C3D BCL BB . -7.55 -31.74 -39.90
C4D BCL BB . -6.26 -31.49 -39.73
CMD BCL BB . -9.23 -33.62 -39.29
CAD BCL BB . -8.17 -30.60 -40.60
OBD BCL BB . -9.41 -30.51 -40.93
CBD BCL BB . -7.12 -29.58 -40.90
CGD BCL BB . -7.02 -29.39 -42.39
O1D BCL BB . -6.15 -29.94 -43.03
O2D BCL BB . -8.00 -28.55 -43.05
CED BCL BB . -7.69 -27.93 -44.29
C1 BCL BB . -4.61 -22.33 -40.49
C2 BCL BB . -3.75 -21.66 -41.53
C3 BCL BB . -4.29 -20.83 -42.42
C4 BCL BB . -5.76 -20.54 -42.38
C5 BCL BB . -3.41 -20.16 -43.46
C6 BCL BB . -4.19 -19.90 -44.73
C7 BCL BB . -4.36 -21.19 -45.54
C8 BCL BB . -4.21 -20.96 -47.04
C9 BCL BB . -3.46 -19.67 -47.35
C10 BCL BB . -5.59 -20.95 -47.67
C11 BCL BB . -5.49 -20.72 -49.17
C12 BCL BB . -6.70 -21.30 -49.90
C13 BCL BB . -7.00 -22.71 -49.39
C14 BCL BB . -6.06 -23.73 -50.02
C15 BCL BB . -8.45 -23.05 -49.71
CM1 SPO CB . -12.36 -26.09 -26.53
O1 SPO CB . -13.17 -26.32 -27.69
C1 SPO CB . -12.72 -27.19 -28.71
C2 SPO CB . -11.45 -26.63 -29.32
C3 SPO CB . -12.44 -28.56 -28.12
C4 SPO CB . -13.81 -27.31 -29.77
C5 SPO CB . -14.36 -25.96 -30.16
C6 SPO CB . -14.08 -25.50 -31.37
C7 SPO CB . -14.58 -24.21 -31.88
C8 SPO CB . -15.32 -23.26 -30.97
C9 SPO CB . -14.36 -23.93 -33.16
C10 SPO CB . -14.78 -22.72 -33.86
C11 SPO CB . -14.51 -22.71 -35.15
C12 SPO CB . -14.84 -21.63 -36.10
C13 SPO CB . -15.83 -20.56 -35.76
C14 SPO CB . -14.24 -21.67 -37.30
C15 SPO CB . -14.46 -20.70 -38.37
C16 SPO CB . -13.73 -20.91 -39.47
C17 SPO CB . -13.80 -20.10 -40.70
C18 SPO CB . -14.91 -19.14 -40.95
C19 SPO CB . -12.84 -20.28 -41.62
C20 SPO CB . -12.85 -19.56 -42.88
C21 SPO CB . -11.84 -19.73 -43.73
C22 SPO CB . -11.82 -19.06 -45.02
C23 SPO CB . -10.72 -19.12 -45.79
C24 SPO CB . -9.51 -19.87 -45.33
C25 SPO CB . -10.73 -18.46 -47.11
C26 SPO CB . -9.65 -18.35 -47.86
C27 SPO CB . -9.79 -17.71 -49.17
C28 SPO CB . -8.75 -17.37 -49.93
C29 SPO CB . -7.35 -17.61 -49.45
C30 SPO CB . -9.03 -16.74 -51.28
C31 SPO CB . -8.13 -17.26 -52.40
C32 SPO CB . -8.14 -18.77 -52.48
C33 SPO CB . -8.80 -19.43 -53.44
C34 SPO CB . -9.59 -18.69 -54.46
C35 SPO CB . -8.76 -20.94 -53.47
C36 SPO CB . -7.62 -21.38 -54.38
C37 SPO CB . -6.31 -21.37 -53.62
C38 SPO CB . -5.43 -22.38 -53.72
C39 SPO CB . -5.72 -23.54 -54.64
C40 SPO CB . -4.16 -22.35 -52.94
C1B LMT DB . -23.66 -15.66 -52.82
C2B LMT DB . -23.75 -14.32 -53.54
C3B LMT DB . -24.40 -14.49 -54.91
C4B LMT DB . -25.79 -15.09 -54.74
C5B LMT DB . -25.76 -16.28 -53.79
C6B LMT DB . -26.51 -17.46 -54.38
O1B LMT DB . -24.17 -15.54 -51.50
O2B LMT DB . -24.53 -13.40 -52.76
O3B LMT DB . -23.59 -15.36 -55.71
O4' LMT DB . -26.67 -14.09 -54.22
O5B LMT DB . -24.40 -16.65 -53.54
O6B LMT DB . -26.48 -18.56 -53.47
C1' LMT DB . -22.98 -17.29 -47.90
C2' LMT DB . -21.90 -16.56 -48.69
C3' LMT DB . -22.50 -15.66 -49.76
C4' LMT DB . -23.52 -16.42 -50.59
C5' LMT DB . -24.55 -17.05 -49.66
C6' LMT DB . -25.61 -17.80 -50.45
O1' LMT DB . -22.37 -18.27 -47.04
O2' LMT DB . -21.11 -15.78 -47.80
O3' LMT DB . -21.46 -15.18 -50.60
O5' LMT DB . -23.89 -17.96 -48.78
O6' LMT DB . -24.98 -18.69 -51.39
C1 LMT DB . -23.10 -18.44 -45.84
C2 LMT DB . -22.78 -19.79 -45.22
C3 LMT DB . -21.35 -20.22 -45.51
C4 LMT DB . -20.33 -19.31 -44.83
MG BCL EB . -12.37 -31.19 -36.32
CHA BCL EB . -10.20 -28.80 -37.48
CHB BCL EB . -14.81 -28.89 -36.43
CHC BCL EB . -14.45 -33.52 -35.12
CHD BCL EB . -9.66 -33.04 -35.08
NA BCL EB . -12.56 -29.37 -37.13
C1A BCL EB . -11.65 -28.64 -37.67
C2A BCL EB . -12.19 -27.46 -38.44
C3A BCL EB . -13.63 -27.44 -37.96
C4A BCL EB . -13.70 -28.66 -37.13
CMA BCL EB . -13.89 -26.22 -37.09
CAA BCL EB . -12.07 -27.71 -39.93
CBA BCL EB . -13.14 -26.96 -40.73
CGA BCL EB . -13.03 -25.47 -40.56
O1A BCL EB . -11.98 -24.88 -40.70
O2A BCL EB . -14.22 -24.72 -40.19
NB BCL EB . -14.35 -31.20 -35.82
C1B BCL EB . -15.25 -30.20 -35.94
C2B BCL EB . -16.64 -30.49 -35.51
C3B BCL EB . -16.51 -31.90 -35.11
C4B BCL EB . -15.08 -32.22 -35.36
CMB BCL EB . -17.81 -29.54 -35.53
CAB BCL EB . -17.52 -32.87 -34.58
OBB BCL EB . -17.30 -34.07 -34.63
CBB BCL EB . -18.79 -32.36 -33.97
NC BCL EB . -12.15 -32.93 -35.36
C1C BCL EB . -13.15 -33.73 -34.98
C2C BCL EB . -12.71 -34.98 -34.28
C3C BCL EB . -11.23 -34.77 -34.21
C4C BCL EB . -11.05 -33.48 -34.95
CMC BCL EB . -13.33 -35.06 -32.90
CAC BCL EB . -10.46 -35.88 -34.90
CBC BCL EB . -10.36 -37.10 -34.03
ND BCL EB . -10.35 -31.05 -36.21
C1D BCL EB . -9.33 -31.79 -35.76
C2D BCL EB . -7.98 -31.18 -36.00
C3D BCL EB . -8.39 -29.96 -36.71
C4D BCL EB . -9.72 -29.98 -36.80
CMD BCL EB . -6.54 -31.51 -35.71
CAD BCL EB . -7.87 -28.74 -37.35
OBD BCL EB . -6.63 -28.42 -37.44
CBD BCL EB . -9.03 -27.96 -37.90
CGD BCL EB . -9.04 -26.54 -37.44
O1D BCL EB . -9.49 -26.21 -36.37
O2D BCL EB . -8.50 -25.51 -38.33
CED BCL EB . -8.85 -24.14 -38.15
C1 BCL EB . -14.77 -23.76 -41.07
C2 BCL EB . -15.66 -24.47 -42.06
C3 BCL EB . -16.84 -24.99 -41.69
C4 BCL EB . -17.32 -24.87 -40.27
C5 BCL EB . -17.68 -25.71 -42.71
C6 BCL EB . -18.07 -27.07 -42.15
C7 BCL EB . -16.86 -27.99 -41.96
C8 BCL EB . -17.26 -29.39 -41.48
C9 BCL EB . -18.77 -29.52 -41.30
C10 BCL EB . -16.52 -29.73 -40.18
C11 BCL EB . -16.25 -31.22 -40.06
C12 BCL EB . -17.29 -31.90 -39.15
C13 BCL EB . -17.08 -33.41 -39.07
C14 BCL EB . -17.04 -34.05 -40.45
C15 BCL EB . -18.18 -34.01 -38.20
C16 BCL EB . -18.29 -35.52 -38.37
C17 BCL EB . -19.60 -36.04 -37.80
C18 BCL EB . -20.05 -37.33 -38.51
C19 BCL EB . -21.54 -37.57 -38.34
C20 BCL EB . -19.26 -38.53 -38.02
CM1 SPO FB . -22.57 -44.07 -33.35
O1 SPO FB . -23.92 -43.70 -33.57
C1 SPO FB . -24.75 -44.50 -34.41
C2 SPO FB . -24.14 -44.54 -35.80
C3 SPO FB . -24.84 -45.90 -33.82
C4 SPO FB . -26.13 -43.85 -34.45
C5 SPO FB . -25.98 -42.39 -34.12
C6 SPO FB . -25.71 -41.50 -35.08
C7 SPO FB . -25.55 -40.08 -34.68
C8 SPO FB . -26.75 -39.27 -34.28
C9 SPO FB . -24.34 -39.54 -34.71
C10 SPO FB . -24.15 -38.15 -34.32
C11 SPO FB . -23.00 -37.53 -34.56
C12 SPO FB . -22.87 -36.13 -34.12
C13 SPO FB . -23.13 -35.76 -32.70
C14 SPO FB . -22.51 -35.19 -35.01
C15 SPO FB . -22.37 -33.81 -34.59
C16 SPO FB . -22.12 -32.90 -35.53
C17 SPO FB . -21.98 -31.48 -35.18
C18 SPO FB . -22.17 -31.02 -33.77
C19 SPO FB . -21.67 -30.61 -36.15
C20 SPO FB . -21.51 -29.19 -35.88
C21 SPO FB . -21.09 -28.38 -36.85
C22 SPO FB . -20.95 -26.96 -36.56
C23 SPO FB . -20.55 -26.09 -37.50
C24 SPO FB . -20.23 -26.54 -38.89
C25 SPO FB . -20.45 -24.67 -37.11
C26 SPO FB . -19.91 -23.73 -37.87
C27 SPO FB . -19.88 -22.38 -37.31
C28 SPO FB . -19.23 -21.36 -37.87
C29 SPO FB . -18.46 -21.55 -39.14
C30 SPO FB . -19.29 -20.02 -37.19
C31 SPO FB . -19.43 -18.87 -38.18
C32 SPO FB . -19.83 -17.66 -37.37
C33 SPO FB . -19.24 -16.47 -37.52
C34 SPO FB . -18.12 -16.28 -38.50
C35 SPO FB . -19.71 -15.31 -36.67
C36 SPO FB . -19.74 -14.04 -37.50
C37 SPO FB . -20.60 -13.02 -36.79
C38 SPO FB . -20.15 -11.78 -36.57
C39 SPO FB . -18.78 -11.37 -37.02
C40 SPO FB . -21.03 -10.78 -35.86
MG BCL GB . -18.87 -28.99 -31.87
CHA BCL GB . -20.93 -26.28 -32.29
CHB BCL GB . -16.32 -27.24 -33.19
CHC BCL GB . -16.80 -31.56 -31.10
CHD BCL GB . -21.38 -30.60 -30.02
NA BCL GB . -18.68 -27.20 -32.75
C1A BCL GB . -19.56 -26.27 -32.87
C2A BCL GB . -19.10 -25.09 -33.71
C3A BCL GB . -17.73 -25.52 -34.14
C4A BCL GB . -17.55 -26.75 -33.31
CMA BCL GB . -17.61 -25.86 -35.62
CAA BCL GB . -18.98 -23.81 -32.89
CBA BCL GB . -19.05 -22.60 -33.81
CGA BCL GB . -18.63 -21.35 -33.08
O1A BCL GB . -17.87 -21.41 -32.13
O2A BCL GB . -19.11 -20.04 -33.49
NB BCL GB . -16.86 -29.35 -32.08
C1B BCL GB . -15.96 -28.56 -32.66
C2B BCL GB . -14.56 -29.04 -32.71
C3B BCL GB . -14.71 -30.37 -32.07
C4B BCL GB . -16.16 -30.43 -31.75
CMB BCL GB . -13.38 -28.31 -33.29
CAB BCL GB . -13.68 -31.44 -31.78
OBB BCL GB . -13.95 -32.33 -31.00
CBB BCL GB . -12.35 -31.39 -32.46
NC BCL GB . -19.03 -30.73 -30.87
C1C BCL GB . -18.05 -31.62 -30.68
C2C BCL GB . -18.45 -32.82 -29.89
C3C BCL GB . -19.91 -32.57 -29.68
C4C BCL GB . -20.07 -31.20 -30.26
CMC BCL GB . -18.22 -34.10 -30.69
CAC BCL GB . -20.26 -32.51 -28.20
CBC BCL GB . -20.37 -33.88 -27.58
ND BCL GB . -20.76 -28.63 -31.20
C1D BCL GB . -21.71 -29.28 -30.52
C2D BCL GB . -22.98 -28.51 -30.36
C3D BCL GB . -22.61 -27.29 -31.10
C4D BCL GB . -21.36 -27.45 -31.55
CMD BCL GB . -24.32 -28.66 -29.70
CAD BCL GB . -23.11 -25.97 -31.50
OBD BCL GB . -24.28 -25.51 -31.24
CBD BCL GB . -22.05 -25.28 -32.29
CGD BCL GB . -22.56 -24.89 -33.64
O1D BCL GB . -22.82 -25.74 -34.48
O2D BCL GB . -22.80 -23.49 -33.95
CED BCL GB . -23.16 -23.10 -35.27
C1 BCL GB . -18.73 -18.88 -32.74
C2 BCL GB . -18.39 -17.74 -33.66
C3 BCL GB . -17.10 -17.37 -33.80
C4 BCL GB . -16.06 -18.14 -33.07
C5 BCL GB . -16.68 -16.24 -34.69
C6 BCL GB . -15.73 -16.79 -35.75
C7 BCL GB . -14.47 -15.95 -35.86
C8 BCL GB . -14.02 -15.76 -37.31
C9 BCL GB . -14.56 -16.86 -38.22
C10 BCL GB . -12.50 -15.75 -37.38
C11 BCL GB . -11.92 -14.65 -36.49
C12 BCL GB . -11.77 -13.34 -37.24
C13 BCL GB . -11.12 -12.30 -36.33
C14 BCL GB . -10.78 -11.02 -37.11
C15 BCL GB . -9.88 -12.90 -35.71
C16 BCL GB . -9.79 -12.55 -34.22
C17 BCL GB . -8.60 -13.24 -33.59
C18 BCL GB . -8.08 -12.46 -32.38
C19 BCL GB . -8.16 -10.95 -32.62
C20 BCL GB . -6.66 -12.89 -32.04
CM1 SPO HB . -21.81 -22.18 -16.98
O1 SPO HB . -22.92 -21.97 -17.84
C1 SPO HB . -23.06 -22.72 -19.04
C2 SPO HB . -21.98 -22.30 -20.02
C3 SPO HB . -22.94 -24.21 -18.71
C4 SPO HB . -24.44 -22.46 -19.62
C5 SPO HB . -24.66 -20.97 -19.81
C6 SPO HB . -24.91 -20.54 -21.03
C7 SPO HB . -25.16 -19.13 -21.37
C8 SPO HB . -25.06 -18.06 -20.32
C9 SPO HB . -25.46 -18.85 -22.63
C10 SPO HB . -25.75 -17.52 -23.16
C11 SPO HB . -26.01 -17.50 -24.46
C12 SPO HB . -26.32 -16.28 -25.24
C13 SPO HB . -26.75 -15.01 -24.59
C14 SPO HB . -26.20 -16.39 -26.57
C15 SPO HB . -26.45 -15.31 -27.52
C16 SPO HB . -26.18 -15.61 -28.79
C17 SPO HB . -26.36 -14.67 -29.91
C18 SPO HB . -27.00 -13.33 -29.71
C19 SPO HB . -25.92 -15.05 -31.12
C20 SPO HB . -26.04 -14.20 -32.29
C21 SPO HB . -25.44 -14.55 -33.41
C22 SPO HB . -25.57 -13.70 -34.59
C23 SPO HB . -24.76 -13.86 -35.65
C24 SPO HB . -23.70 -14.92 -35.66
C25 SPO HB . -24.94 -12.98 -36.82
C26 SPO HB . -24.01 -12.80 -37.74
C27 SPO HB . -24.34 -11.91 -38.85
C28 SPO HB . -23.65 -11.90 -39.99
C29 SPO HB . -22.48 -12.81 -40.19
C30 SPO HB . -24.07 -10.95 -41.10
C31 SPO HB . -23.00 -9.94 -41.43
C32 SPO HB . -23.50 -8.57 -41.03
C33 SPO HB . -23.31 -7.51 -41.84
C34 SPO HB . -22.61 -7.67 -43.15
C35 SPO HB . -23.81 -6.16 -41.40
C36 SPO HB . -24.61 -5.46 -42.49
C37 SPO HB . -23.77 -4.37 -43.12
C38 SPO HB . -24.28 -3.52 -44.02
C39 SPO HB . -25.72 -3.59 -44.41
C40 SPO HB . -23.40 -2.47 -44.62
C1B LMT IB . -36.64 -8.17 -36.77
C2B LMT IB . -36.55 -6.65 -36.69
C3B LMT IB . -36.93 -6.02 -38.03
C4B LMT IB . -38.33 -6.45 -38.47
C5B LMT IB . -38.61 -7.90 -38.08
C6B LMT IB . -39.46 -8.61 -39.12
O1B LMT IB . -37.27 -8.69 -35.59
O2B LMT IB . -37.39 -6.14 -35.66
O3B LMT IB . -35.98 -6.40 -39.03
O4' LMT IB . -39.31 -5.59 -37.89
O5B LMT IB . -37.37 -8.58 -37.93
O6B LMT IB . -40.77 -8.03 -39.15
C1' LMT IB . -36.13 -11.61 -32.85
C2' LMT IB . -35.15 -10.46 -33.05
C3' LMT IB . -35.81 -9.30 -33.79
C4' LMT IB . -36.53 -9.78 -35.04
C5' LMT IB . -37.47 -10.92 -34.69
C6' LMT IB . -38.21 -11.43 -35.91
O1' LMT IB . -35.39 -12.71 -32.31
O2' LMT IB . -34.70 -10.04 -31.76
O3' LMT IB . -34.79 -8.35 -34.16
O5' LMT IB . -36.71 -11.98 -34.10
O6' LMT IB . -39.27 -10.53 -36.24
C1 LMT IB . -36.18 -13.55 -31.47
C2 LMT IB . -35.35 -14.76 -31.04
C3 LMT IB . -34.08 -14.34 -30.30
C4 LMT IB . -34.36 -14.17 -28.81
CM1 SPO JB . -26.37 -16.28 -4.82
O1 SPO JB . -27.73 -16.03 -5.16
C1 SPO JB . -28.28 -16.60 -6.35
C2 SPO JB . -27.47 -16.14 -7.55
C3 SPO JB . -28.24 -18.12 -6.22
C4 SPO JB . -29.72 -16.14 -6.47
C5 SPO JB . -29.79 -14.64 -6.61
C6 SPO JB . -30.31 -14.14 -7.72
C7 SPO JB . -30.45 -12.70 -7.99
C8 SPO JB . -30.07 -11.68 -6.96
C9 SPO JB . -30.95 -12.35 -9.17
C10 SPO JB . -31.16 -10.97 -9.62
C11 SPO JB . -31.72 -10.86 -10.81
C12 SPO JB . -32.04 -9.58 -11.47
C13 SPO JB . -32.01 -8.28 -10.72
C14 SPO JB . -32.36 -9.64 -12.77
C15 SPO JB . -32.70 -8.48 -13.60
C16 SPO JB . -32.94 -8.71 -14.88
C17 SPO JB . -33.30 -7.66 -15.85
C18 SPO JB . -33.60 -6.27 -15.39
C19 SPO JB . -33.33 -8.00 -17.15
C20 SPO JB . -33.67 -7.03 -18.19
C21 SPO JB . -33.51 -7.37 -19.47
C22 SPO JB . -33.85 -6.43 -20.52
C23 SPO JB . -33.55 -6.70 -21.80
C24 SPO JB . -32.88 -7.97 -22.19
C25 SPO JB . -33.92 -5.70 -22.84
C26 SPO JB . -33.45 -5.80 -24.09
C27 SPO JB . -33.89 -4.77 -25.03
C28 SPO JB . -33.67 -4.89 -26.35
C29 SPO JB . -32.95 -6.08 -26.90
C30 SPO JB . -34.16 -3.80 -27.27
C31 SPO JB . -33.02 -2.99 -27.87
C32 SPO JB . -33.13 -1.56 -27.40
C33 SPO JB . -33.25 -0.55 -28.28
C34 SPO JB . -33.28 -0.85 -29.75
C35 SPO JB . -33.34 0.87 -27.78
C36 SPO JB . -34.13 1.77 -28.74
C37 SPO JB . -33.17 2.61 -29.55
C38 SPO JB . -33.59 3.70 -30.20
C39 SPO JB . -35.01 4.14 -30.12
C40 SPO JB . -32.59 4.50 -30.99
C1 U10 KB . -3.51 -20.19 -26.73
C2 U10 KB . -2.11 -19.79 -26.61
C3 U10 KB . -1.13 -20.53 -27.31
C4 U10 KB . -1.53 -21.76 -27.87
C5 U10 KB . -2.88 -21.93 -28.25
C6 U10 KB . -3.86 -21.02 -27.76
C1M U10 KB . -4.48 -19.65 -25.73
C3M U10 KB . 0.89 -20.18 -28.47
C4M U10 KB . 0.16 -23.18 -27.03
C7 U10 KB . -5.27 -21.07 -28.34
C8 U10 KB . -5.86 -19.73 -28.66
C9 U10 KB . -7.03 -19.50 -29.23
C10 U10 KB . -7.74 -20.52 -30.07
C11 U10 KB . -7.77 -18.19 -29.05
C12 U10 KB . -8.26 -17.58 -30.35
C13 U10 KB . -9.34 -16.55 -30.18
C14 U10 KB . -9.24 -15.31 -29.70
C15 U10 KB . -7.97 -14.71 -29.18
C16 U10 KB . -10.43 -14.40 -29.68
C17 U10 KB . -11.19 -14.39 -30.99
C18 U10 KB . -11.91 -13.09 -31.26
C19 U10 KB . -12.67 -12.78 -32.31
C20 U10 KB . -13.26 -13.80 -33.22
C21 U10 KB . -12.93 -11.35 -32.68
C22 U10 KB . -14.33 -11.11 -33.17
C23 U10 KB . -14.38 -10.54 -34.56
C24 U10 KB . -14.96 -11.06 -35.64
C25 U10 KB . -15.57 -12.43 -35.66
C26 U10 KB . -15.06 -10.28 -36.92
C27 U10 KB . -14.20 -10.76 -38.09
C28 U10 KB . -14.72 -11.95 -38.84
C29 U10 KB . -15.79 -12.03 -39.63
C30 U10 KB . -16.65 -10.86 -39.97
C31 U10 KB . -16.20 -13.33 -40.26
C32 U10 KB . -16.37 -13.21 -41.76
C33 U10 KB . -17.07 -14.38 -42.37
C34 U10 KB . -18.24 -14.40 -43.00
C35 U10 KB . -19.14 -13.20 -43.11
C36 U10 KB . -18.76 -15.63 -43.68
C37 U10 KB . -18.89 -16.84 -42.77
C38 U10 KB . -19.79 -16.65 -41.58
C39 U10 KB . -21.11 -16.45 -41.55
C40 U10 KB . -21.97 -16.28 -42.77
C41 U10 KB . -21.85 -16.40 -40.24
C42 U10 KB . -23.17 -17.16 -40.23
C43 U10 KB . -23.13 -18.59 -39.76
C44 U10 KB . -22.65 -19.68 -40.37
C45 U10 KB . -21.79 -19.64 -41.61
C46 U10 KB . -22.97 -21.05 -39.84
C47 U10 KB . -22.57 -22.23 -40.72
C48 U10 KB . -23.42 -22.45 -41.92
C49 U10 KB . -23.41 -23.49 -42.76
C50 U10 KB . -24.15 -23.50 -44.07
C51 U10 KB . -22.67 -24.74 -42.43
C52 U10 KB . -23.54 -25.99 -42.51
C53 U10 KB . -22.82 -27.23 -42.08
C54 U10 KB . -23.22 -28.13 -41.20
C55 U10 KB . -24.54 -28.08 -40.51
C56 U10 KB . -22.36 -29.30 -40.79
O2 U10 KB . -1.77 -18.84 -25.92
O3 U10 KB . 0.12 -19.99 -27.29
O4 U10 KB . -0.74 -22.85 -28.09
O5 U10 KB . -3.19 -22.86 -28.97
MG BCL LB . -25.99 -26.11 -26.26
CHA BCL LB . -23.87 -24.15 -28.11
CHB BCL LB . -27.94 -23.43 -25.74
CHC BCL LB . -27.95 -28.06 -24.34
CHD BCL LB . -23.47 -28.55 -26.01
NA BCL LB . -26.05 -24.24 -26.99
C1A BCL LB . -25.23 -23.67 -27.79
C2A BCL LB . -25.69 -22.34 -28.30
C3A BCL LB . -26.87 -22.05 -27.40
C4A BCL LB . -26.99 -23.33 -26.66
CMA BCL LB . -26.58 -20.91 -26.44
CAA BCL LB . -26.09 -22.37 -29.77
CBA BCL LB . -25.67 -21.06 -30.41
CGA BCL LB . -26.86 -20.19 -30.76
O1A BCL LB . -27.00 -19.76 -31.89
O2A BCL LB . -27.87 -19.86 -29.77
NB BCL LB . -27.69 -25.79 -25.17
C1B BCL LB . -28.40 -24.66 -25.07
C2B BCL LB . -29.62 -24.70 -24.23
C3B BCL LB . -29.60 -26.12 -23.81
C4B BCL LB . -28.40 -26.67 -24.46
CMB BCL LB . -30.56 -23.56 -23.94
CAB BCL LB . -30.55 -26.89 -22.94
OBB BCL LB . -30.59 -28.11 -23.04
CBB BCL LB . -31.44 -26.17 -21.98
NC BCL LB . -25.81 -27.91 -25.40
C1C BCL LB . -26.76 -28.53 -24.67
C2C BCL LB . -26.40 -29.90 -24.21
C3C BCL LB . -24.95 -29.96 -24.62
C4C BCL LB . -24.78 -28.70 -25.39
CMC BCL LB . -26.54 -30.03 -22.70
CAC BCL LB . -24.65 -31.16 -25.51
CBC BCL LB . -24.38 -32.39 -24.70
ND BCL LB . -24.06 -26.40 -26.85
C1D BCL LB . -23.14 -27.36 -26.77
C2D BCL LB . -21.85 -27.03 -27.46
C3D BCL LB . -22.21 -25.71 -27.99
C4D BCL LB . -23.46 -25.44 -27.63
CMD BCL LB . -20.52 -27.67 -27.67
CAD BCL LB . -21.67 -24.59 -28.79
OBD BCL LB . -20.50 -24.52 -29.31
CBD BCL LB . -22.74 -23.54 -28.91
CGD BCL LB . -22.26 -22.19 -28.47
O1D BCL LB . -21.96 -21.96 -27.32
O2D BCL LB . -22.13 -21.14 -29.46
CED BCL LB . -22.02 -19.78 -29.05
C1 BCL LB . -29.06 -19.21 -30.24
C2 BCL LB . -30.03 -20.29 -30.63
C3 BCL LB . -31.35 -20.16 -30.53
C4 BCL LB . -31.95 -18.86 -30.04
C5 BCL LB . -32.24 -21.30 -30.95
C6 BCL LB . -31.54 -22.62 -30.65
C7 BCL LB . -31.69 -23.04 -29.18
C8 BCL LB . -30.62 -24.02 -28.73
C9 BCL LB . -29.38 -23.98 -29.62
C10 BCL LB . -31.20 -25.42 -28.67
C11 BCL LB . -31.26 -25.94 -27.23
C12 BCL LB . -32.66 -26.47 -26.90
C13 BCL LB . -32.56 -27.62 -25.90
C14 BCL LB . -31.89 -28.82 -26.56
C15 BCL LB . -33.94 -27.95 -25.34
C16 BCL LB . -34.61 -29.14 -26.04
C17 BCL LB . -34.71 -30.34 -25.10
C18 BCL LB . -35.82 -31.30 -25.52
C19 BCL LB . -36.24 -32.18 -24.36
C20 BCL LB . -35.41 -32.13 -26.72
MG BCL MB . -30.18 -22.92 -19.97
CHA BCL MB . -31.61 -19.81 -19.67
CHB BCL MB . -27.89 -21.66 -22.06
CHC BCL MB . -28.58 -25.92 -19.90
CHD BCL MB . -32.25 -24.09 -17.38
NA BCL MB . -29.90 -21.14 -20.85
C1A BCL MB . -30.54 -20.04 -20.68
C2A BCL MB . -30.12 -18.93 -21.61
C3A BCL MB . -29.08 -19.60 -22.46
C4A BCL MB . -28.93 -20.91 -21.76
CMA BCL MB . -29.50 -19.83 -23.91
CAA BCL MB . -29.47 -17.77 -20.86
CBA BCL MB . -29.61 -16.47 -21.66
CGA BCL MB . -28.51 -15.51 -21.25
O1A BCL MB . -27.60 -15.89 -20.55
O2A BCL MB . -28.51 -14.13 -21.70
NB BCL MB . -28.47 -23.68 -20.83
C1B BCL MB . -27.65 -23.06 -21.68
C2B BCL MB . -26.49 -23.82 -22.19
C3B BCL MB . -26.70 -25.13 -21.53
C4B BCL MB . -27.95 -24.91 -20.74
CMB BCL MB . -25.43 -23.30 -23.13
CAB BCL MB . -25.90 -26.39 -21.58
OBB BCL MB . -26.21 -27.33 -20.87
CBB BCL MB . -24.72 -26.51 -22.49
NC BCL MB . -30.38 -24.64 -18.95
C1C BCL MB . -29.61 -25.73 -19.08
C2C BCL MB . -29.97 -26.87 -18.19
C3C BCL MB . -31.17 -26.31 -17.49
C4C BCL MB . -31.23 -24.93 -18.02
CMC BCL MB . -30.32 -28.10 -19.02
CAC BCL MB . -30.98 -26.26 -15.97
CBC BCL MB . -31.10 -27.62 -15.33
ND BCL MB . -31.61 -22.21 -18.70
C1D BCL MB . -32.42 -22.69 -17.74
C2D BCL MB . -33.34 -21.68 -17.16
C3D BCL MB . -32.97 -20.53 -17.98
C4D BCL MB . -32.02 -20.92 -18.83
CMD BCL MB . -34.41 -21.62 -16.09
CAD BCL MB . -33.29 -19.10 -18.20
OBD BCL MB . -34.16 -18.41 -17.57
CBD BCL MB . -32.40 -18.59 -19.30
CGD BCL MB . -33.23 -18.01 -20.40
O1D BCL MB . -33.94 -18.70 -21.10
O2D BCL MB . -33.21 -16.57 -20.63
CED BCL MB . -33.76 -16.03 -21.82
C1 BCL MB . -27.62 -13.22 -21.07
C2 BCL MB . -26.72 -12.53 -22.07
C3 BCL MB . -27.05 -11.32 -22.55
C4 BCL MB . -28.32 -10.67 -22.08
C5 BCL MB . -26.18 -10.62 -23.55
C6 BCL MB . -25.88 -11.47 -24.77
C7 BCL MB . -24.68 -10.93 -25.52
C8 BCL MB . -25.01 -10.65 -26.98
C9 BCL MB . -24.18 -11.54 -27.90
C10 BCL MB . -24.76 -9.17 -27.27
C11 BCL MB . -24.77 -8.86 -28.76
C12 BCL MB . -26.19 -8.72 -29.29
C13 BCL MB . -26.26 -7.69 -30.42
C14 BCL MB . -25.93 -6.30 -29.90
C15 BCL MB . -27.64 -7.73 -31.06
C16 BCL MB . -28.73 -7.47 -30.05
C17 BCL MB . -30.02 -8.17 -30.46
C18 BCL MB . -31.02 -7.20 -31.08
C19 BCL MB . -31.23 -6.00 -30.18
C20 BCL MB . -32.34 -7.90 -31.37
P PGV NB . -22.43 5.06 -15.57
C01 PGV NB . -22.48 0.95 -14.44
C02 PGV NB . -23.82 1.52 -14.91
C03 PGV NB . -23.83 3.02 -14.69
C04 PGV NB . -23.69 6.59 -13.81
C05 PGV NB . -23.36 7.47 -12.62
C06 PGV NB . -22.31 8.48 -13.02
O01 PGV NB . -24.90 0.94 -14.19
O02 PGV NB . -26.04 1.15 -16.18
O03 PGV NB . -22.55 0.53 -13.08
O04 PGV NB . -20.69 -0.79 -13.36
O05 PGV NB . -22.84 6.67 -11.55
O06 PGV NB . -21.93 9.27 -11.89
O11 PGV NB . -22.60 3.53 -15.15
O12 PGV NB . -22.52 5.87 -14.19
O13 PGV NB . -21.00 5.20 -16.07
O14 PGV NB . -23.58 5.46 -16.46
C1 PGV NB . -26.12 1.09 -14.97
C2 PGV NB . -27.46 1.17 -14.29
C3 PGV NB . -27.78 -0.16 -13.61
C4 PGV NB . -27.89 0.03 -12.10
C5 PGV NB . -26.54 0.36 -11.50
C6 PGV NB . -25.60 -0.83 -11.58
C7 PGV NB . -26.25 -2.06 -10.96
C8 PGV NB . -25.25 -3.19 -10.77
C9 PGV NB . -25.98 -4.45 -10.35
C10 PGV NB . -25.01 -5.44 -9.70
C11 PGV NB . -23.85 -5.73 -10.64
C12 PGV NB . -22.63 -5.88 -10.14
C13 PGV NB . -22.40 -5.77 -8.66
C19 PGV NB . -21.60 -0.48 -12.62
C20 PGV NB . -21.73 -1.13 -11.26
C21 PGV NB . -20.92 -2.40 -11.22
C22 PGV NB . -19.49 -2.15 -10.77
C23 PGV NB . -19.36 -2.27 -9.26
C24 PGV NB . -19.44 -3.72 -8.83
C25 PGV NB . -19.51 -3.84 -7.31
C26 PGV NB . -18.35 -3.14 -6.63
C27 PGV NB . -18.63 -2.97 -5.14
C28 PGV NB . -17.56 -2.12 -4.47
P PGV OB . -19.91 4.91 -25.21
C01 PGV OB . -18.90 -0.03 -25.59
C02 PGV OB . -19.47 1.05 -24.66
C03 PGV OB . -19.59 2.35 -25.43
C04 PGV OB . -20.84 7.22 -24.41
C05 PGV OB . -21.16 8.00 -23.14
C06 PGV OB . -19.90 8.11 -22.27
O01 PGV OB . -18.60 1.21 -23.54
O02 PGV OB . -20.47 1.78 -22.31
O03 PGV OB . -19.93 -0.47 -26.48
O04 PGV OB . -18.78 -2.25 -27.43
O05 PGV OB . -22.20 7.34 -22.40
O06 PGV OB . -18.93 8.92 -22.95
O11 PGV OB . -20.00 3.44 -24.60
O12 PGV OB . -20.58 5.86 -24.09
O13 PGV OB . -20.80 4.97 -26.44
O14 PGV OB . -18.46 5.28 -25.34
C1 PGV OB . -19.35 1.28 -22.31
C2 PGV OB . -18.77 0.73 -21.02
C3 PGV OB . -19.82 0.85 -19.92
C4 PGV OB . -19.86 -0.38 -19.03
C5 PGV OB . -20.14 0.02 -17.59
C6 PGV OB . -20.58 -1.17 -16.72
C7 PGV OB . -19.58 -2.32 -16.76
C8 PGV OB . -19.94 -3.38 -15.73
C9 PGV OB . -18.97 -4.55 -15.78
C10 PGV OB . -19.11 -5.45 -14.56
C11 PGV OB . -18.20 -6.65 -14.72
C12 PGV OB . -17.89 -7.40 -13.66
C13 PGV OB . -16.99 -8.59 -13.83
C14 PGV OB . -16.29 -8.91 -12.52
C15 PGV OB . -15.55 -10.24 -12.62
C19 PGV OB . -19.86 -1.79 -27.08
C20 PGV OB . -21.12 -2.60 -27.24
C21 PGV OB . -20.75 -4.06 -27.48
C22 PGV OB . -21.94 -4.98 -27.19
C23 PGV OB . -22.07 -5.27 -25.71
C24 PGV OB . -22.88 -6.54 -25.48
C25 PGV OB . -22.94 -6.93 -24.01
C26 PGV OB . -21.60 -7.44 -23.50
C27 PGV OB . -21.08 -8.58 -24.37
C28 PGV OB . -20.11 -9.47 -23.60
C29 PGV OB . -20.83 -10.16 -22.45
C30 PGV OB . -19.97 -11.23 -21.82
C31 PGV OB . -18.81 -10.64 -21.01
C32 PGV OB . -18.23 -11.69 -20.09
C33 PGV OB . -17.13 -11.11 -19.21
C1 PTY PB . -14.46 -0.06 -15.82
C2 PTY PB . -17.78 6.91 -15.52
C3 PTY PB . -16.42 6.50 -15.04
O4 PTY PB . -14.86 -1.40 -16.17
C5 PTY PB . -15.14 2.35 -16.13
C6 PTY PB . -15.51 0.90 -16.31
O7 PTY PB . -16.81 0.62 -15.71
C8 PTY PB . -17.19 1.29 -14.60
O10 PTY PB . -18.04 2.13 -14.66
C11 PTY PB . -16.55 0.88 -13.30
C12 PTY PB . -17.17 1.58 -12.12
C13 PTY PB . -16.44 1.30 -10.82
C14 PTY PB . -16.34 -0.15 -10.43
C15 PTY PB . -16.10 -0.37 -8.96
C16 PTY PB . -14.99 0.47 -8.37
C17 PTY PB . -14.82 0.32 -6.87
C18 PTY PB . -14.45 -1.07 -6.44
C19 PTY PB . -13.10 -1.55 -6.93
C20 PTY PB . -12.97 -3.05 -6.95
C21 PTY PB . -13.83 -3.71 -8.00
C22 PTY PB . -14.05 -5.18 -7.78
C23 PTY PB . -14.88 -5.83 -8.88
C24 PTY PB . -15.52 -7.14 -8.47
C25 PTY PB . -14.55 -8.22 -8.04
C26 PTY PB . -15.22 -9.50 -7.61
C27 PTY PB . -16.07 -10.13 -8.68
C30 PTY PB . -15.55 -2.06 -15.26
C31 PTY PB . -14.79 -2.18 -13.98
O30 PTY PB . -16.66 -2.50 -15.45
C32 PTY PB . -13.66 -3.16 -14.06
C33 PTY PB . -14.13 -4.53 -14.47
C34 PTY PB . -13.06 -5.59 -14.46
C35 PTY PB . -12.38 -5.76 -13.12
C36 PTY PB . -11.55 -7.00 -13.01
C37 PTY PB . -12.37 -8.28 -13.06
C38 PTY PB . -11.55 -9.53 -13.21
C39 PTY PB . -10.70 -9.55 -14.47
C40 PTY PB . -11.49 -9.37 -15.74
C41 PTY PB . -10.65 -9.37 -16.99
C42 PTY PB . -11.42 -9.23 -18.29
C43 PTY PB . -12.24 -10.40 -18.74
C44 PTY PB . -13.62 -10.57 -18.12
P1 PTY PB . -15.76 4.78 -16.95
O11 PTY PB . -16.18 5.12 -15.43
O12 PTY PB . -16.73 5.38 -17.92
O13 PTY PB . -14.29 5.09 -17.08
O14 PTY PB . -15.94 3.19 -17.01
N1 PTY PB . -18.82 5.98 -15.03
CM1 SPO QB . -35.31 -38.27 -23.95
O1 SPO QB . -36.38 -37.80 -23.13
C1 SPO QB . -37.66 -37.52 -23.70
C2 SPO QB . -37.50 -36.41 -24.74
C3 SPO QB . -38.20 -38.79 -24.36
C4 SPO QB . -38.58 -37.06 -22.59
C5 SPO QB . -37.92 -35.92 -21.85
C6 SPO QB . -38.47 -34.71 -21.83
C7 SPO QB . -37.79 -33.63 -21.11
C8 SPO QB . -36.74 -33.97 -20.09
C9 SPO QB . -38.09 -32.35 -21.36
C10 SPO QB . -37.40 -31.28 -20.66
C11 SPO QB . -37.06 -30.21 -21.39
C12 SPO QB . -36.36 -29.05 -20.82
C13 SPO QB . -36.01 -29.00 -19.35
C14 SPO QB . -36.05 -28.05 -21.64
C15 SPO QB . -35.37 -26.83 -21.21
C16 SPO QB . -35.21 -25.90 -22.15
C17 SPO QB . -34.57 -24.61 -21.88
C18 SPO QB . -34.08 -24.28 -20.50
C19 SPO QB . -34.45 -23.75 -22.90
C20 SPO QB . -33.85 -22.43 -22.74
C21 SPO QB . -33.75 -21.63 -23.80
C22 SPO QB . -33.18 -20.29 -23.65
C23 SPO QB . -32.97 -19.49 -24.70
C24 SPO QB . -33.31 -19.94 -26.09
C25 SPO QB . -32.39 -18.15 -24.45
C26 SPO QB . -32.02 -17.30 -25.38
C27 SPO QB . -31.48 -16.02 -24.93
C28 SPO QB . -30.88 -15.14 -25.73
C29 SPO QB . -30.73 -15.42 -27.20
C30 SPO QB . -30.35 -13.86 -25.13
C31 SPO QB . -30.39 -12.73 -26.15
C32 SPO QB . -30.47 -11.41 -25.39
C33 SPO QB . -29.72 -10.36 -25.74
C34 SPO QB . -28.76 -10.45 -26.89
C35 SPO QB . -29.85 -9.08 -24.95
C36 SPO QB . -29.37 -7.90 -25.79
C37 SPO QB . -29.90 -6.61 -25.19
C38 SPO QB . -29.09 -5.76 -24.56
C39 SPO QB . -29.65 -4.48 -23.99
C40 SPO QB . -27.64 -6.07 -24.40
C1B LMT RB . -48.17 -0.55 -20.62
O1B LMT RB . -47.80 -0.42 -19.25
C1' LMT RB . -44.29 -0.80 -17.11
C2' LMT RB . -44.21 0.12 -18.31
C3' LMT RB . -45.60 0.48 -18.81
C4' LMT RB . -46.43 -0.78 -19.02
C5' LMT RB . -46.37 -1.71 -17.81
C6' LMT RB . -47.07 -3.03 -18.11
O1' LMT RB . -42.98 -1.14 -16.69
O2' LMT RB . -43.47 1.30 -17.97
O3' LMT RB . -45.49 1.20 -20.03
O5' LMT RB . -45.01 -1.97 -17.46
O6' LMT RB . -47.03 -3.85 -16.94
C1 LMT RB . -42.98 -2.14 -15.68
C2 LMT RB . -41.60 -2.22 -15.06
C3 LMT RB . -41.43 -3.51 -14.26
C4 LMT RB . -41.47 -4.72 -15.17
MG BCL SB . -34.14 -19.00 -12.28
CHA BCL SB . -32.38 -17.47 -14.78
CHB BCL SB . -35.13 -15.99 -11.20
CHC BCL SB . -35.75 -20.57 -9.77
CHD BCL SB . -32.28 -21.94 -12.81
NA BCL SB . -34.04 -17.14 -12.99
C1A BCL SB . -33.42 -16.72 -14.04
C2A BCL SB . -33.73 -15.30 -14.41
C3A BCL SB . -34.52 -14.82 -13.22
C4A BCL SB . -34.60 -16.06 -12.41
CMA BCL SB . -33.77 -13.75 -12.44
CAA BCL SB . -34.54 -15.20 -15.69
CBA BCL SB . -34.22 -13.87 -16.37
CGA BCL SB . -35.42 -12.96 -16.37
O1A BCL SB . -36.01 -12.72 -17.41
O2A BCL SB . -35.90 -12.34 -15.15
NB BCL SB . -35.26 -18.37 -10.69
C1B BCL SB . -35.62 -17.10 -10.39
C2B BCL SB . -36.48 -16.92 -9.18
C3B BCL SB . -36.64 -18.33 -8.76
C4B BCL SB . -35.88 -19.11 -9.76
CMB BCL SB . -36.98 -15.62 -8.62
CAB BCL SB . -37.41 -18.92 -7.62
OBB BCL SB . -37.74 -20.09 -7.65
CBB BCL SB . -37.75 -18.06 -6.44
NC BCL SB . -34.08 -20.84 -11.47
C1C BCL SB . -34.85 -21.27 -10.46
C2C BCL SB . -34.66 -22.70 -10.10
C3C BCL SB . -33.49 -23.06 -10.96
C4C BCL SB . -33.32 -21.83 -11.78
CMC BCL SB . -34.32 -22.85 -8.63
CAC BCL SB . -33.78 -24.22 -11.90
CBC BCL SB . -33.72 -25.55 -11.19
ND BCL SB . -32.62 -19.68 -13.47
C1D BCL SB . -31.96 -20.83 -13.66
C2D BCL SB . -30.94 -20.75 -14.76
C3D BCL SB . -31.15 -19.36 -15.19
C4D BCL SB . -32.12 -18.85 -14.43
CMD BCL SB . -29.93 -21.66 -15.39
CAD BCL SB . -30.68 -18.34 -16.15
OBD BCL SB . -29.77 -18.51 -17.03
CBD BCL SB . -31.49 -17.09 -15.93
CGD BCL SB . -30.64 -15.88 -15.73
O1D BCL SB . -29.82 -15.80 -14.83
O2D BCL SB . -30.77 -14.78 -16.67
CED BCL SB . -30.13 -13.53 -16.42
C1 BCL SB . -36.98 -11.41 -15.26
C2 BCL SB . -38.28 -12.17 -15.15
C3 BCL SB . -39.31 -11.70 -14.45
C4 BCL SB . -39.21 -10.37 -13.75
C5 BCL SB . -40.58 -12.51 -14.37
C6 BCL SB . -40.27 -13.97 -14.66
C7 BCL SB . -40.08 -14.79 -13.38
C8 BCL SB . -39.28 -16.05 -13.65
C9 BCL SB . -40.13 -17.11 -14.33
C10 BCL SB . -38.65 -16.56 -12.35
C11 BCL SB . -39.07 -17.98 -11.99
C12 BCL SB . -40.05 -18.01 -10.82
C13 BCL SB . -40.07 -19.40 -10.18
C14 BCL SB . -40.47 -20.46 -11.20
C15 BCL SB . -40.98 -19.40 -8.95
C16 BCL SB . -42.33 -20.04 -9.21
C17 BCL SB . -42.51 -21.33 -8.40
C18 BCL SB . -43.95 -21.83 -8.50
C19 BCL SB . -44.94 -20.73 -8.18
C20 BCL SB . -44.18 -23.06 -7.62
CM1 SPO TB . -26.23 -10.39 7.48
O1 SPO TB . -27.35 -9.54 7.72
C1 SPO TB . -28.59 -9.80 7.08
C2 SPO TB . -28.40 -9.64 5.58
C3 SPO TB . -29.03 -11.22 7.42
C4 SPO TB . -29.63 -8.81 7.60
C5 SPO TB . -29.29 -7.40 7.20
C6 SPO TB . -30.21 -6.72 6.55
C7 SPO TB . -30.02 -5.33 6.10
C8 SPO TB . -28.89 -4.51 6.62
C9 SPO TB . -30.91 -4.84 5.23
C10 SPO TB . -30.87 -3.50 4.68
C11 SPO TB . -31.88 -3.18 3.87
C12 SPO TB . -32.05 -1.89 3.21
C13 SPO TB . -31.35 -0.65 3.71
C14 SPO TB . -32.85 -1.85 2.14
C15 SPO TB . -33.13 -0.66 1.35
C16 SPO TB . -33.88 -0.85 0.28
C17 SPO TB . -34.27 0.23 -0.65
C18 SPO TB . -34.12 1.67 -0.24
C19 SPO TB . -34.74 -0.09 -1.85
C20 SPO TB . -35.13 0.92 -2.82
C21 SPO TB . -35.47 0.54 -4.05
C22 SPO TB . -35.86 1.57 -5.01
C23 SPO TB . -36.11 1.25 -6.29
C24 SPO TB . -36.02 -0.16 -6.77
C25 SPO TB . -36.51 2.34 -7.21
C26 SPO TB . -36.64 2.13 -8.52
C27 SPO TB . -37.03 3.24 -9.37
C28 SPO TB . -37.17 3.08 -10.68
C29 SPO TB . -36.94 1.75 -11.32
C30 SPO TB . -37.58 4.26 -11.54
C31 SPO TB . -36.34 5.10 -11.83
C32 SPO TB . -36.69 6.18 -12.82
C33 SPO TB . -36.62 7.47 -12.46
C34 SPO TB . -36.21 7.81 -11.06
C35 SPO TB . -36.96 8.56 -13.46
C36 SPO TB . -36.74 9.93 -12.82
C37 SPO TB . -36.24 10.90 -13.85
C38 SPO TB . -36.84 12.09 -14.06
C39 SPO TB . -38.05 12.47 -13.25
C40 SPO TB . -36.30 13.03 -15.09
CM1 SPO UB . -46.44 -27.75 -7.62
O1 SPO UB . -46.41 -27.72 -6.20
C1 SPO UB . -47.63 -27.71 -5.46
C2 SPO UB . -48.46 -26.50 -5.87
C3 SPO UB . -48.40 -29.00 -5.78
C4 SPO UB . -47.32 -27.67 -3.98
C5 SPO UB . -46.10 -26.81 -3.74
C6 SPO UB . -46.24 -25.53 -3.38
C7 SPO UB . -45.05 -24.69 -3.15
C8 SPO UB . -43.78 -25.35 -2.71
C9 SPO UB . -45.13 -23.37 -3.32
C10 SPO UB . -43.98 -22.49 -3.09
C11 SPO UB . -43.84 -21.39 -3.84
C12 SPO UB . -42.73 -20.45 -3.65
C13 SPO UB . -41.80 -20.57 -2.47
C14 SPO UB . -42.56 -19.46 -4.54
C15 SPO UB . -41.51 -18.46 -4.42
C16 SPO UB . -41.54 -17.46 -5.29
C17 SPO UB . -40.59 -16.34 -5.28
C18 SPO UB . -39.67 -16.13 -4.12
C19 SPO UB . -40.59 -15.49 -6.32
C20 SPO UB . -39.71 -14.32 -6.38
C21 SPO UB . -39.82 -13.50 -7.41
C22 SPO UB . -38.97 -12.31 -7.47
C23 SPO UB . -38.99 -11.47 -8.51
C24 SPO UB . -39.85 -11.73 -9.71
C25 SPO UB . -38.13 -10.28 -8.45
C26 SPO UB . -37.89 -9.48 -9.49
C27 SPO UB . -37.01 -8.34 -9.22
C28 SPO UB . -36.35 -7.69 -10.18
C29 SPO UB . -36.46 -8.10 -11.62
C30 SPO UB . -35.47 -6.54 -9.78
C31 SPO UB . -35.57 -5.39 -10.79
C32 SPO UB . -35.06 -4.13 -10.13
C33 SPO UB . -34.32 -3.24 -10.80
C34 SPO UB . -33.99 -3.46 -12.24
C35 SPO UB . -33.85 -2.00 -10.09
C36 SPO UB . -33.69 -0.85 -11.06
C37 SPO UB . -33.62 0.45 -10.30
C38 SPO UB . -32.52 1.21 -10.28
C39 SPO UB . -32.50 2.50 -9.51
C40 SPO UB . -31.29 0.77 -11.03
C1B LMT VB . -24.28 -25.67 0.27
C2B LMT VB . -24.00 -26.15 1.69
C3B LMT VB . -23.64 -27.63 1.69
C4B LMT VB . -22.38 -27.88 0.86
C5B LMT VB . -22.40 -27.04 -0.42
C6B LMT VB . -21.93 -27.86 -1.63
O1B LMT VB . -23.81 -24.33 0.10
O2B LMT VB . -22.92 -25.39 2.26
O3B LMT VB . -24.71 -28.38 1.13
O4' LMT VB . -21.23 -27.55 1.63
O5B LMT VB . -23.72 -26.59 -0.69
O6B LMT VB . -22.13 -27.10 -2.82
C1' LMT VB . -23.80 -21.79 -3.24
C2' LMT VB . -24.51 -23.12 -3.44
C3' LMT VB . -24.84 -23.77 -2.11
C4' LMT VB . -23.59 -23.88 -1.25
C5' LMT VB . -22.92 -22.51 -1.15
C6' LMT VB . -21.62 -22.57 -0.35
O1' LMT VB . -23.42 -21.26 -4.50
O2' LMT VB . -25.70 -22.93 -4.20
O3' LMT VB . -25.42 -25.05 -2.41
O5' LMT VB . -22.63 -22.00 -2.45
C1 LMT VB . -22.57 -20.13 -4.35
C2 LMT VB . -22.13 -19.64 -5.72
C3 LMT VB . -21.48 -18.27 -5.63
C4 LMT VB . -20.76 -17.93 -6.93
MG BCL WB . -35.39 -15.32 -5.08
CHA BCL WB . -36.03 -12.03 -4.41
CHB BCL WB . -33.70 -14.43 -7.84
CHC BCL WB . -34.39 -18.56 -5.41
CHD BCL WB . -36.76 -16.20 -1.96
NA BCL WB . -35.05 -13.60 -6.05
C1A BCL WB . -35.38 -12.39 -5.69
C2A BCL WB . -35.06 -11.34 -6.72
C3A BCL WB . -34.50 -12.15 -7.86
C4A BCL WB . -34.41 -13.50 -7.22
CMA BCL WB . -35.40 -12.20 -9.08
CAA BCL WB . -33.99 -10.38 -6.24
CBA BCL WB . -34.09 -9.04 -6.97
CGA BCL WB . -32.79 -8.29 -6.86
O1A BCL WB . -31.79 -8.85 -6.45
O2A BCL WB . -32.69 -6.90 -7.26
NB BCL WB . -34.20 -16.35 -6.41
C1B BCL WB . -33.60 -15.85 -7.50
C2B BCL WB . -32.80 -16.80 -8.32
C3B BCL WB . -33.03 -18.06 -7.58
C4B BCL WB . -33.89 -17.65 -6.45
CMB BCL WB . -32.04 -16.47 -9.58
CAB BCL WB . -32.50 -19.44 -7.84
OBB BCL WB . -32.66 -20.32 -7.01
CBB BCL WB . -31.82 -19.76 -9.13
NC BCL WB . -35.60 -17.01 -4.02
C1C BCL WB . -35.09 -18.22 -4.34
C2C BCL WB . -35.38 -19.30 -3.35
C3C BCL WB . -36.29 -18.59 -2.41
C4C BCL WB . -36.20 -17.18 -2.89
CMC BCL WB . -36.08 -20.46 -4.04
CAC BCL WB . -35.79 -18.63 -0.96
CBC BCL WB . -35.85 -20.02 -0.37
ND BCL WB . -36.20 -14.42 -3.44
C1D BCL WB . -36.75 -14.79 -2.28
C2D BCL WB . -37.25 -13.63 -1.45
C3D BCL WB . -36.92 -12.54 -2.37
C4D BCL WB . -36.37 -13.06 -3.47
CMD BCL WB . -37.90 -13.42 -0.12
CAD BCL WB . -37.00 -11.07 -2.50
OBD BCL WB . -37.49 -10.26 -1.64
CBD BCL WB . -36.42 -10.69 -3.82
CGD BCL WB . -37.44 -9.94 -4.63
O1D BCL WB . -38.41 -10.50 -5.08
O2D BCL WB . -37.27 -8.52 -4.83
CED BCL WB . -38.24 -7.80 -5.59
C1 BCL WB . -31.50 -6.18 -6.93
C2 BCL WB . -30.71 -5.85 -8.18
C3 BCL WB . -30.65 -4.60 -8.65
C4 BCL WB . -31.38 -3.50 -7.94
C5 BCL WB . -29.85 -4.27 -9.89
C6 BCL WB . -30.47 -4.90 -11.12
C7 BCL WB . -29.59 -4.65 -12.34
C8 BCL WB . -30.44 -4.36 -13.58
C9 BCL WB . -30.02 -5.27 -14.73
C10 BCL WB . -30.29 -2.89 -13.94
C11 BCL WB . -31.08 -2.54 -15.21
C12 BCL WB . -31.58 -1.11 -15.14
C13 BCL WB . -32.78 -0.91 -16.06
C14 BCL WB . -32.31 -0.53 -17.45
C15 BCL WB . -33.68 0.18 -15.50
C16 BCL WB . -35.01 0.18 -16.24
C17 BCL WB . -35.89 -0.96 -15.74
C18 BCL WB . -37.37 -0.59 -15.73
C19 BCL WB . -37.57 0.90 -15.50
C20 BCL WB . -38.11 -1.39 -14.68
C1B LMT XB . -45.64 11.51 0.75
C2B LMT XB . -47.11 11.92 0.67
C3B LMT XB . -47.27 13.28 0.00
C4B LMT XB . -46.44 13.37 -1.28
C5B LMT XB . -44.99 12.95 -1.01
C6B LMT XB . -44.02 14.08 -1.36
O1B LMT XB . -45.44 10.39 -0.12
O2B LMT XB . -47.82 10.94 -0.10
O3B LMT XB . -46.87 14.32 0.90
O4' LMT XB . -46.99 12.51 -2.28
O5B LMT XB . -44.82 12.61 0.36
O6B LMT XB . -42.69 13.67 -1.03
C1' LMT XB . -42.42 8.32 1.99
C2' LMT XB . -42.02 9.04 0.71
C3' LMT XB . -43.04 10.10 0.36
C4' LMT XB . -44.41 9.45 0.26
C5' LMT XB . -44.76 8.70 1.55
C6' LMT XB . -46.07 7.94 1.42
O1' LMT XB . -41.49 7.26 2.20
O2' LMT XB . -40.72 9.62 0.86
O3' LMT XB . -42.69 10.69 -0.89
O5' LMT XB . -43.73 7.76 1.85
O6' LMT XB . -47.18 8.81 1.67
C1 LMT XB . -41.78 6.46 3.33
C2 LMT XB . -40.94 5.19 3.25
C3 LMT XB . -39.46 5.52 3.07
C4 LMT XB . -38.64 4.24 2.91
MG BCL YB . -36.03 -11.11 3.47
CHA BCL YB . -34.86 -9.80 0.53
CHB BCL YB . -36.20 -8.00 4.76
CHC BCL YB . -36.89 -12.49 6.44
CHD BCL YB . -35.06 -14.32 2.40
NA BCL YB . -35.79 -9.25 2.75
C1A BCL YB . -35.44 -8.91 1.56
C2A BCL YB . -35.54 -7.43 1.30
C3A BCL YB . -35.73 -6.88 2.68
C4A BCL YB . -35.93 -8.13 3.47
CMA BCL YB . -34.49 -6.15 3.17
CAA BCL YB . -36.69 -7.09 0.38
CBA BCL YB . -36.30 -5.92 -0.51
CGA BCL YB . -37.09 -4.69 -0.15
O1A BCL YB . -38.14 -4.44 -0.73
O2A BCL YB . -36.65 -3.77 0.89
NB BCL YB . -36.45 -10.37 5.33
C1B BCL YB . -36.50 -9.07 5.71
C2B BCL YB . -36.86 -8.80 7.12
C3B BCL YB . -37.07 -10.18 7.62
C4B BCL YB . -36.80 -11.03 6.44
CMB BCL YB . -36.97 -7.46 7.80
CAB BCL YB . -37.48 -10.67 8.98
OBB BCL YB . -38.04 -11.74 9.09
CBB BCL YB . -37.15 -9.85 10.20
NC BCL YB . -36.08 -12.97 4.24
C1C BCL YB . -36.52 -13.31 5.46
C2C BCL YB . -36.57 -14.77 5.72
C3C BCL YB . -35.89 -15.32 4.50
C4C BCL YB . -35.70 -14.07 3.69
CMC BCL YB . -35.79 -15.16 6.96
CAC BCL YB . -36.77 -16.30 3.74
CBC BCL YB . -36.52 -17.71 4.23
ND BCL YB . -35.12 -11.99 1.88
C1D BCL YB . -34.80 -13.22 1.47
C2D BCL YB . -34.17 -13.28 0.12
C3D BCL YB . -34.22 -11.85 -0.23
C4D BCL YB . -34.78 -11.21 0.80
CMD BCL YB . -33.61 -14.35 -0.78
CAD BCL YB . -33.87 -10.88 -1.28
OBD BCL YB . -33.33 -11.16 -2.41
CBD BCL YB . -34.30 -9.52 -0.84
CGD BCL YB . -33.19 -8.51 -0.93
O1D BCL YB . -32.19 -8.58 -0.24
O2D BCL YB . -33.32 -7.42 -1.89
CED BCL YB . -32.46 -6.29 -1.80
C1 BCL YB . -37.53 -2.72 1.28
C2 BCL YB . -38.54 -3.31 2.23
C3 BCL YB . -39.17 -2.60 3.17
C4 BCL YB . -38.91 -1.13 3.33
C5 BCL YB . -40.15 -3.31 4.07
C6 BCL YB . -39.65 -4.73 4.30
C7 BCL YB . -40.69 -5.76 3.84
C8 BCL YB . -40.03 -7.11 3.55
C9 BCL YB . -40.07 -7.40 2.05
C10 BCL YB . -40.75 -8.20 4.32
C11 BCL YB . -39.95 -8.61 5.53
C12 BCL YB . -40.81 -8.62 6.79
C13 BCL YB . -40.91 -10.01 7.40
C14 BCL YB . -41.61 -10.99 6.46
C15 BCL YB . -41.65 -9.90 8.73
C16 BCL YB . -41.87 -11.26 9.37
C17 BCL YB . -42.88 -11.15 10.51
C18 BCL YB . -43.63 -12.46 10.74
C19 BCL YB . -43.92 -13.18 9.43
C20 BCL YB . -44.92 -12.20 11.51
CM1 SPO ZB . -45.02 -18.30 13.85
O1 SPO ZB . -44.97 -18.08 15.26
C1 SPO ZB . -46.11 -18.34 16.07
C2 SPO ZB . -47.32 -17.66 15.45
C3 SPO ZB . -46.34 -19.85 16.13
C4 SPO ZB . -45.87 -17.81 17.48
C5 SPO ZB . -44.82 -16.73 17.50
C6 SPO ZB . -45.07 -15.52 16.99
C7 SPO ZB . -44.01 -14.49 17.04
C8 SPO ZB . -43.69 -13.84 18.35
C9 SPO ZB . -43.37 -14.12 15.92
C10 SPO ZB . -42.32 -13.10 15.96
C11 SPO ZB . -41.95 -12.52 14.82
C12 SPO ZB . -40.89 -11.50 14.80
C13 SPO ZB . -39.84 -11.45 15.87
C14 SPO ZB . -40.86 -10.62 13.78
C15 SPO ZB . -39.83 -9.58 13.67
C16 SPO ZB . -39.89 -8.78 12.62
C17 SPO ZB . -38.92 -7.70 12.38
C18 SPO ZB . -37.68 -7.58 13.20
C19 SPO ZB . -39.16 -6.83 11.38
C20 SPO ZB . -38.25 -5.75 11.08
C21 SPO ZB . -38.48 -4.97 10.03
C22 SPO ZB . -37.57 -3.88 9.72
C23 SPO ZB . -37.70 -3.11 8.64
C24 SPO ZB . -38.82 -3.32 7.66
C25 SPO ZB . -36.72 -2.02 8.45
C26 SPO ZB . -36.64 -1.26 7.35
C27 SPO ZB . -35.58 -0.25 7.35
C28 SPO ZB . -35.21 0.39 6.23
C29 SPO ZB . -35.85 0.10 4.92
C30 SPO ZB . -34.09 1.39 6.34
C31 SPO ZB . -34.38 2.66 5.55
C32 SPO ZB . -33.10 3.45 5.46
C33 SPO ZB . -32.89 4.40 4.53
C34 SPO ZB . -33.96 4.72 3.53
C35 SPO ZB . -31.57 5.12 4.52
C36 SPO ZB . -31.77 6.63 4.59
C37 SPO ZB . -30.56 7.23 5.25
C38 SPO ZB . -29.70 8.00 4.56
C39 SPO ZB . -29.93 8.29 3.11
C40 SPO ZB . -28.51 8.57 5.26
C1B LMT AC . -23.68 -20.46 10.84
C2B LMT AC . -23.86 -21.93 10.46
C3B LMT AC . -23.19 -22.85 11.50
C4B LMT AC . -23.73 -22.60 12.90
C5B LMT AC . -24.17 -21.15 13.08
C6B LMT AC . -24.00 -20.72 14.54
O1B LMT AC . -24.87 -19.75 10.51
O2B LMT AC . -25.25 -22.25 10.34
O3B LMT AC . -21.78 -22.65 11.48
O4' LMT AC . -24.86 -23.46 13.13
O5B LMT AC . -23.37 -20.32 12.23
O6B LMT AC . -22.66 -20.98 14.98
C1' LMT AC . -22.99 -17.71 7.46
C2' LMT AC . -23.12 -16.91 8.73
C3' LMT AC . -23.38 -17.88 9.89
C4' LMT AC . -24.66 -18.67 9.58
C5' LMT AC . -24.65 -19.25 8.17
C6' LMT AC . -26.04 -19.80 7.83
O1' LMT AC . -22.61 -16.88 6.36
O2' LMT AC . -21.92 -16.17 8.98
O3' LMT AC . -23.54 -17.15 11.10
O5' LMT AC . -24.27 -18.30 7.18
O6' LMT AC . -26.63 -20.36 8.99
C1 LMT AC . -22.63 -17.61 5.14
C2 LMT AC . -21.75 -16.93 4.10
C3 LMT AC . -22.38 -15.64 3.62
C4 LMT AC . -21.44 -14.94 2.64
C5 LMT AC . -22.06 -13.67 2.10
C6 LMT AC . -21.14 -13.01 1.07
C7 LMT AC . -21.84 -11.86 0.38
C8 LMT AC . -20.95 -11.31 -0.73
C9 LMT AC . -21.61 -10.16 -1.47
C10 LMT AC . -20.65 -9.59 -2.50
C11 LMT AC . -20.25 -10.66 -3.52
C12 LMT AC . -21.43 -11.04 -4.39
MG BCL BC . -33.98 -7.69 10.84
CHA BCL BC . -33.70 -4.38 11.64
CHB BCL BC . -33.46 -7.00 7.61
CHC BCL BC . -33.73 -11.03 10.26
CHD BCL BC . -34.39 -8.46 14.26
NA BCL BC . -33.70 -6.01 9.78
C1A BCL BC . -33.61 -4.79 10.21
C2A BCL BC . -33.44 -3.77 9.13
C3A BCL BC . -33.48 -4.61 7.88
C4A BCL BC . -33.56 -5.98 8.45
CMA BCL BC . -34.68 -4.33 7.00
CAA BCL BC . -32.12 -3.01 9.21
CBA BCL BC . -32.10 -1.90 8.16
CGA BCL BC . -30.94 -0.98 8.37
O1A BCL BC . -30.27 -1.02 9.40
O2A BCL BC . -30.59 0.01 7.37
NB BCL BC . -33.63 -8.86 9.20
C1B BCL BC . -33.46 -8.42 7.94
C2B BCL BC . -33.24 -9.46 6.90
C3B BCL BC . -33.32 -10.68 7.71
C4B BCL BC . -33.58 -10.18 9.08
CMB BCL BC . -33.01 -9.24 5.42
CAB BCL BC . -33.20 -12.11 7.31
OBB BCL BC . -33.81 -12.95 7.96
CBB BCL BC . -32.34 -12.50 6.15
NC BCL BC . -34.15 -9.36 11.94
C1C BCL BC . -34.02 -10.63 11.48
C2C BCL BC . -34.25 -11.69 12.50
C3C BCL BC . -34.58 -10.87 13.72
C4C BCL BC . -34.36 -9.49 13.20
CMC BCL BC . -35.41 -12.57 12.11
CAC BCL BC . -33.62 -11.13 14.87
CBC BCL BC . -33.77 -12.52 15.43
ND BCL BC . -34.02 -6.74 12.65
C1D BCL BC . -34.21 -7.06 13.93
C2D BCL BC . -34.17 -5.89 14.87
C3D BCL BC . -33.95 -4.82 13.88
C4D BCL BC . -33.91 -5.38 12.67
CMD BCL BC . -34.28 -5.63 16.34
CAD BCL BC . -33.80 -3.35 13.74
OBD BCL BC . -33.80 -2.50 14.70
CBD BCL BC . -33.62 -3.04 12.30
CGD BCL BC . -34.68 -2.10 11.83
O1D BCL BC . -35.85 -2.45 11.78
O2D BCL BC . -34.33 -0.74 11.50
CED BCL BC . -35.33 0.19 11.12
C1 BCL BC . -29.29 0.59 7.35
C2 BCL BC . -28.81 0.69 5.92
C3 BCL BC . -28.69 1.88 5.32
C4 BCL BC . -29.00 3.14 6.07
C5 BCL BC . -28.21 1.94 3.89
C6 BCL BC . -29.36 2.41 3.01
C7 BCL BC . -29.07 2.10 1.54
C8 BCL BC . -30.17 2.66 0.64
C9 BCL BC . -30.18 1.94 -0.69
C10 BCL BC . -29.95 4.17 0.47
C11 BCL BC . -30.65 4.71 -0.76
C12 BCL BC . -30.42 6.21 -0.89
C13 BCL BC . -31.69 6.93 -1.32
C14 BCL BC . -31.44 8.43 -1.47
C15 BCL BC . -32.79 6.65 -0.31
C16 BCL BC . -34.03 7.48 -0.59
C17 BCL BC . -35.13 7.17 0.42
C18 BCL BC . -36.10 8.34 0.55
C19 BCL BC . -35.37 9.61 0.98
C20 BCL BC . -37.24 8.02 1.51
CM1 SPO CC . -20.02 -5.25 19.44
O1 SPO CC . -20.97 -4.30 19.92
C1 SPO CC . -22.36 -4.49 19.67
C2 SPO CC . -22.62 -4.35 18.17
C3 SPO CC . -22.77 -5.89 20.13
C4 SPO CC . -23.13 -3.45 20.45
C5 SPO CC . -22.64 -2.07 20.11
C6 SPO CC . -23.52 -1.23 19.58
C7 SPO CC . -23.19 0.16 19.20
C8 SPO CC . -21.83 0.73 19.42
C9 SPO CC . -24.18 0.88 18.65
C10 SPO CC . -24.07 2.25 18.21
C11 SPO CC . -25.22 2.78 17.80
C12 SPO CC . -25.39 4.14 17.29
C13 SPO CC . -24.44 5.24 17.66
C14 SPO CC . -26.45 4.37 16.50
C15 SPO CC . -26.78 5.66 15.91
C16 SPO CC . -27.81 5.67 15.06
C17 SPO CC . -28.26 6.88 14.36
C18 SPO CC . -27.66 8.21 14.67
C19 SPO CC . -29.23 6.75 13.43
C20 SPO CC . -29.73 7.90 12.69
C21 SPO CC . -30.55 7.70 11.65
C22 SPO CC . -31.06 8.83 10.90
C23 SPO CC . -31.75 8.65 9.76
C24 SPO CC . -32.04 7.27 9.25
C25 SPO CC . -32.24 9.83 9.03
C26 SPO CC . -32.76 9.72 7.80
C27 SPO CC . -33.22 10.96 7.17
C28 SPO CC . -33.91 10.95 6.02
C29 SPO CC . -34.22 9.67 5.32
C30 SPO CC . -34.36 12.27 5.43
C31 SPO CC . -33.41 12.77 4.36
C32 SPO CC . -33.07 14.22 4.62
C33 SPO CC . -33.39 15.16 3.71
C34 SPO CC . -34.11 14.78 2.47
C35 SPO CC . -33.06 16.62 3.96
C36 SPO CC . -33.50 17.47 2.78
C37 SPO CC . -33.83 18.88 3.24
C38 SPO CC . -33.38 19.96 2.58
C39 SPO CC . -32.53 19.81 1.36
C40 SPO CC . -33.73 21.34 3.07
P PGV DC . -16.26 18.99 4.03
C01 PGV DC . -18.08 15.75 7.18
C02 PGV DC . -17.02 16.85 7.25
C03 PGV DC . -17.29 17.92 6.20
O01 PGV DC . -15.74 16.27 7.03
O02 PGV DC . -14.98 17.79 8.59
O03 PGV DC . -17.97 14.92 8.33
O04 PGV DC . -18.84 13.11 7.20
O11 PGV DC . -16.28 17.89 5.19
O12 PGV DC . -14.79 18.80 3.39
C1 PGV DC . -14.73 16.79 7.94
C2 PGV DC . -13.41 16.08 8.06
C3 PGV DC . -12.41 16.97 8.79
C4 PGV DC . -11.09 16.25 8.98
C5 PGV DC . -11.15 15.26 10.15
C6 PGV DC . -9.79 14.65 10.42
C7 PGV DC . -9.58 14.36 11.90
C8 PGV DC . -9.38 12.87 12.16
C9 PGV DC . -8.35 12.66 13.25
C10 PGV DC . -8.33 11.22 13.75
C11 PGV DC . -9.72 10.85 14.23
C12 PGV DC . -9.97 9.63 14.73
C13 PGV DC . -8.89 8.58 14.83
C14 PGV DC . -8.35 8.52 16.25
C15 PGV DC . -9.46 8.69 17.29
C16 PGV DC . -9.95 7.35 17.82
C17 PGV DC . -8.82 6.57 18.46
C18 PGV DC . -9.32 5.29 19.09
C19 PGV DC . -18.48 13.56 8.28
C20 PGV DC . -18.57 12.71 9.52
C21 PGV DC . -19.75 13.17 10.37
C22 PGV DC . -20.15 12.08 11.36
C23 PGV DC . -18.98 11.67 12.23
C24 PGV DC . -19.25 10.34 12.93
C25 PGV DC . -18.00 9.82 13.61
C26 PGV DC . -17.64 8.42 13.12
C27 PGV DC . -18.61 7.37 13.67
C28 PGV DC . -18.77 6.20 12.70
C29 PGV DC . -17.85 5.04 13.03
C30 PGV DC . -16.47 5.19 12.40
C31 PGV DC . -15.72 3.86 12.41
CM1 SPO EC . -9.28 -1.07 27.53
O1 SPO EC . -9.69 -0.16 28.54
C1 SPO EC . -11.04 -0.14 28.98
C2 SPO EC . -11.95 0.13 27.79
C3 SPO EC . -11.37 -1.48 29.62
C4 SPO EC . -11.18 0.96 30.03
C5 SPO EC . -10.69 2.29 29.50
C6 SPO EC . -11.56 3.28 29.50
C7 SPO EC . -11.26 4.66 29.04
C8 SPO EC . -9.86 5.13 28.83
C9 SPO EC . -12.31 5.45 28.82
C10 SPO EC . -12.23 6.84 28.37
C11 SPO EC . -13.38 7.49 28.32
C12 SPO EC . -13.53 8.88 27.88
C13 SPO EC . -12.34 9.81 27.86
C14 SPO EC . -14.75 9.29 27.52
C15 SPO EC . -15.06 10.64 27.06
C16 SPO EC . -16.30 10.84 26.65
C17 SPO EC . -16.80 12.13 26.14
C18 SPO EC . -15.98 13.38 26.27
C19 SPO EC . -17.98 12.14 25.52
C20 SPO EC . -18.55 13.37 24.97
C21 SPO EC . -19.67 13.29 24.25
C22 SPO EC . -20.23 14.51 23.70
C23 SPO EC . -21.28 14.48 22.86
C24 SPO EC . -21.91 13.18 22.47
C25 SPO EC . -21.81 15.75 22.34
C26 SPO EC . -22.66 15.78 21.33
C27 SPO EC . -23.15 17.09 20.88
C28 SPO EC . -24.20 17.17 20.04
C29 SPO EC . -24.89 15.93 19.56
C30 SPO EC . -24.69 18.53 19.61
C31 SPO EC . -23.96 19.02 18.36
C32 SPO EC . -23.72 20.50 18.52
C33 SPO EC . -23.11 21.24 17.58
C34 SPO EC . -22.63 20.60 16.31
C35 SPO EC . -22.91 22.72 17.82
C36 SPO EC . -23.53 23.55 16.70
C37 SPO EC . -23.64 24.98 17.17
C38 SPO EC . -23.23 26.01 16.41
C39 SPO EC . -22.65 25.78 15.05
C40 SPO EC . -23.35 27.41 16.92
MG BCL FC . -30.75 -3.88 18.90
CHA BCL FC . -30.50 -2.68 15.71
CHB BCL FC . -29.75 -0.89 20.06
CHC BCL FC . -30.85 -5.17 22.00
CHD BCL FC . -30.88 -7.15 17.63
NA BCL FC . -30.44 -2.07 18.10
C1A BCL FC . -30.50 -1.75 16.85
C2A BCL FC . -30.49 -0.27 16.61
C3A BCL FC . -30.05 0.26 17.95
C4A BCL FC . -30.09 -0.98 18.78
CMA BCL FC . -28.63 0.78 17.90
CAA BCL FC . -31.86 0.22 16.23
CBA BCL FC . -31.76 1.29 15.15
CGA BCL FC . -32.01 2.65 15.75
O1A BCL FC . -33.14 3.13 15.73
O2A BCL FC . -30.94 3.39 16.37
NB BCL FC . -30.34 -3.14 20.76
C1B BCL FC . -29.96 -1.89 21.09
C2B BCL FC . -29.75 -1.63 22.54
C3B BCL FC . -30.08 -2.94 23.12
C4B BCL FC . -30.44 -3.77 21.94
CMB BCL FC . -29.31 -0.33 23.18
CAB BCL FC . -30.10 -3.41 24.54
OBB BCL FC . -30.86 -4.30 24.88
CBB BCL FC . -29.16 -2.79 25.52
NC BCL FC . -30.86 -5.73 19.68
C1C BCL FC . -30.91 -6.01 20.99
C2C BCL FC . -31.05 -7.47 21.30
C3C BCL FC . -30.96 -8.07 19.93
C4C BCL FC . -30.90 -6.87 19.06
CMC BCL FC . -29.90 -7.93 22.17
CAC BCL FC . -32.20 -8.88 19.58
CBC BCL FC . -31.97 -10.35 19.84
ND BCL FC . -30.67 -4.84 17.10
C1D BCL FC . -30.76 -6.10 16.64
C2D BCL FC . -30.71 -6.19 15.15
C3D BCL FC . -30.59 -4.77 14.81
C4D BCL FC . -30.62 -4.09 15.96
CMD BCL FC . -30.72 -7.28 14.12
CAD BCL FC . -30.48 -3.83 13.68
OBD BCL FC . -30.45 -4.15 12.44
CBD BCL FC . -30.45 -2.43 14.22
CGD BCL FC . -29.27 -1.67 13.71
O1D BCL FC . -28.13 -2.04 13.89
O2D BCL FC . -29.51 -0.45 12.95
CED BCL FC . -28.44 0.36 12.50
C1 BCL FC . -31.22 4.66 16.94
C2 BCL FC . -31.82 4.45 18.30
C3 BCL FC . -31.05 4.21 19.37
C4 BCL FC . -29.56 4.16 19.23
C5 BCL FC . -31.70 3.99 20.72
C6 BCL FC . -32.81 2.96 20.59
C7 BCL FC . -32.25 1.54 20.71
C8 BCL FC . -33.22 0.47 20.20
C9 BCL FC . -34.11 0.98 19.07
C10 BCL FC . -34.04 -0.04 21.36
C11 BCL FC . -33.40 -1.30 21.95
C12 BCL FC . -33.36 -1.23 23.46
C13 BCL FC . -34.18 -2.34 24.10
C14 BCL FC . -35.67 -2.13 23.88
C15 BCL FC . -33.85 -2.41 25.59
C16 BCL FC . -34.72 -3.42 26.32
C17 BCL FC . -34.34 -3.49 27.79
C18 BCL FC . -35.53 -3.76 28.70
C19 BCL FC . -35.93 -5.23 28.66
C20 BCL FC . -36.71 -2.86 28.34
MG BCL GC . -25.67 -1.29 24.87
CHA BCL GC . -24.57 1.88 25.51
CHB BCL GC . -26.09 -0.53 21.64
CHC BCL GC . -26.29 -4.59 24.26
CHD BCL GC . -24.89 -2.22 28.17
NA BCL GC . -25.48 0.38 23.78
C1A BCL GC . -25.07 1.54 24.16
C2A BCL GC . -25.13 2.58 23.08
C3A BCL GC . -25.73 1.83 21.91
C4A BCL GC . -25.78 0.45 22.47
CMA BCL GC . -27.12 2.29 21.53
CAA BCL GC . -23.75 3.06 22.67
CBA BCL GC . -23.80 4.47 22.09
CGA BCL GC . -22.56 4.69 21.28
O1A BCL GC . -21.89 3.75 20.89
O2A BCL GC . -22.14 6.03 20.90
NB BCL GC . -26.10 -2.41 23.20
C1B BCL GC . -26.26 -1.94 21.95
C2B BCL GC . -26.60 -2.93 20.90
C3B BCL GC . -26.66 -4.17 21.70
C4B BCL GC . -26.35 -3.72 23.08
CMB BCL GC . -26.79 -2.62 19.44
CAB BCL GC . -26.96 -5.58 21.28
OBB BCL GC . -26.84 -6.49 22.08
CBB BCL GC . -27.43 -5.87 19.88
NC BCL GC . -25.76 -2.98 25.96
C1C BCL GC . -26.08 -4.20 25.51
C2C BCL GC . -26.17 -5.25 26.57
C3C BCL GC . -25.99 -4.42 27.81
C4C BCL GC . -25.55 -3.11 27.23
CMC BCL GC . -27.53 -5.91 26.53
CAC BCL GC . -24.86 -4.92 28.70
CBC BCL GC . -25.06 -6.36 29.13
ND BCL GC . -24.87 -0.48 26.55
C1D BCL GC . -24.62 -0.84 27.82
C2D BCL GC . -24.05 0.26 28.67
C3D BCL GC . -24.05 1.34 27.68
C4D BCL GC . -24.54 0.85 26.54
CMD BCL GC . -23.55 0.47 30.07
CAD BCL GC . -23.71 2.77 27.50
OBD BCL GC . -23.22 3.53 28.40
CBD BCL GC . -24.03 3.16 26.10
CGD BCL GC . -24.99 4.31 26.06
O1D BCL GC . -26.14 4.18 26.40
O2D BCL GC . -24.53 5.61 25.63
CED BCL GC . -25.47 6.66 25.41
C1 BCL GC . -20.91 6.18 20.19
C2 BCL GC . -21.18 5.99 18.72
C3 BCL GC . -21.11 7.01 17.86
C4 BCL GC . -20.74 8.38 18.37
C5 BCL GC . -21.38 6.79 16.40
C6 BCL GC . -21.58 8.12 15.67
C7 BCL GC . -22.18 7.91 14.29
C8 BCL GC . -23.51 8.63 14.16
C9 BCL GC . -24.33 8.06 13.02
C10 BCL GC . -23.23 10.12 13.99
C11 BCL GC . -24.28 10.84 13.15
C12 BCL GC . -24.02 12.34 13.17
C13 BCL GC . -25.17 13.12 12.55
C14 BCL GC . -24.88 14.62 12.56
C15 BCL GC . -26.46 12.83 13.30
C16 BCL GC . -26.38 13.29 14.75
C17 BCL GC . -27.77 13.34 15.37
C18 BCL GC . -28.40 14.71 15.19
C19 BCL GC . -27.45 15.81 15.66
C20 BCL GC . -29.74 14.80 15.90
CM1 SPO HC . -37.66 -12.86 34.70
O1 SPO HC . -37.16 -11.56 34.99
C1 SPO HC . -37.70 -10.42 34.32
C2 SPO HC . -37.34 -10.50 32.84
C3 SPO HC . -39.22 -10.40 34.49
C4 SPO HC . -37.10 -9.17 34.95
C5 SPO HC . -35.74 -8.88 34.37
C6 SPO HC . -35.47 -7.64 33.95
C7 SPO HC . -34.16 -7.31 33.38
C8 SPO HC . -33.14 -8.38 33.20
C9 SPO HC . -33.89 -6.04 33.01
C10 SPO HC . -32.61 -5.64 32.43
C11 SPO HC . -32.56 -4.47 31.81
C12 SPO HC . -31.34 -3.93 31.18
C13 SPO HC . -29.99 -4.52 31.48
C14 SPO HC . -31.46 -2.90 30.34
C15 SPO HC . -30.33 -2.27 29.65
C16 SPO HC . -30.62 -1.24 28.87
C17 SPO HC . -29.60 -0.48 28.11
C18 SPO HC . -28.13 -0.76 28.32
C19 SPO HC . -30.00 0.46 27.27
C20 SPO HC . -29.06 1.27 26.49
C21 SPO HC . -29.53 2.26 25.74
C22 SPO HC . -28.61 3.08 24.96
C23 SPO HC . -28.99 4.12 24.21
C24 SPO HC . -30.44 4.48 24.10
C25 SPO HC . -27.95 4.86 23.50
C26 SPO HC . -28.17 5.76 22.54
C27 SPO HC . -26.97 6.36 21.96
C28 SPO HC . -27.00 7.13 20.86
C29 SPO HC . -28.28 7.43 20.16
C30 SPO HC . -25.69 7.69 20.35
C31 SPO HC . -25.90 9.01 19.63
C32 SPO HC . -24.56 9.67 19.47
C33 SPO HC . -24.30 10.51 18.45
C34 SPO HC . -25.36 10.82 17.43
C35 SPO HC . -22.93 11.13 18.34
C36 SPO HC . -23.02 12.60 17.96
C37 SPO HC . -21.67 13.23 18.19
C38 SPO HC . -21.01 13.87 17.23
C39 SPO HC . -19.68 14.47 17.52
C40 SPO HC . -21.61 14.01 15.86
MG BCL IC . -19.20 1.62 31.32
CHA BCL IC . -19.89 2.91 28.23
CHB BCL IC . -17.25 4.28 31.91
CHC BCL IC . -18.52 0.31 34.32
CHD BCL IC . -20.22 -1.55 30.23
NA BCL IC . -18.89 3.38 30.42
C1A BCL IC . -19.35 3.78 29.28
C2A BCL IC . -19.17 5.25 29.05
C3A BCL IC . -18.24 5.65 30.16
C4A BCL IC . -18.12 4.37 30.90
CMA BCL IC . -16.87 6.05 29.64
CAA BCL IC . -20.49 5.99 29.12
CBA BCL IC . -20.57 6.97 27.96
CGA BCL IC . -20.36 8.38 28.43
O1A BCL IC . -21.18 9.25 28.19
O2A BCL IC . -19.18 8.77 29.19
NB BCL IC . -18.02 2.21 32.89
C1B BCL IC . -17.31 3.33 33.02
C2B BCL IC . -16.55 3.51 34.29
C3B BCL IC . -16.95 2.28 35.02
C4B BCL IC . -17.85 1.58 34.07
CMB BCL IC . -15.66 4.66 34.67
CAB BCL IC . -16.59 1.78 36.38
OBB BCL IC . -17.27 0.93 36.92
CBB BCL IC . -15.37 2.32 37.07
NC BCL IC . -19.33 -0.21 32.14
C1C BCL IC . -18.96 -0.51 33.38
C2C BCL IC . -19.11 -1.96 33.73
C3C BCL IC . -19.65 -2.51 32.45
C4C BCL IC . -19.73 -1.31 31.59
CMC BCL IC . -17.76 -2.56 34.08
CAC BCL IC . -21.04 -3.10 32.62
CBC BCL IC . -20.99 -4.59 32.87
ND BCL IC . -19.88 0.73 29.62
C1D BCL IC . -20.30 -0.48 29.25
C2D BCL IC . -20.77 -0.54 27.83
C3D BCL IC . -20.58 0.87 27.45
C4D BCL IC . -20.10 1.51 28.53
CMD BCL IC . -21.30 -1.58 26.88
CAD BCL IC . -20.73 1.82 26.34
OBD BCL IC . -21.16 1.53 25.17
CBD BCL IC . -20.29 3.18 26.81
CGD BCL IC . -19.20 3.74 25.95
O1D BCL IC . -18.08 3.25 25.95
O2D BCL IC . -19.49 4.86 25.09
CED BCL IC . -18.43 5.56 24.46
C1 BCL IC . -19.19 10.05 29.80
C2 BCL IC . -19.90 9.93 31.13
C3 BCL IC . -19.69 10.77 32.15
C4 BCL IC . -18.72 11.91 31.99
C5 BCL IC . -20.45 10.59 33.45
C6 BCL IC . -21.01 9.18 33.54
C7 BCL IC . -19.99 8.18 34.08
C8 BCL IC . -20.28 6.76 33.59
C9 BCL IC . -21.77 6.46 33.55
C10 BCL IC . -19.51 5.77 34.49
C11 BCL IC . -20.39 4.75 35.19
C12 BCL IC . -20.13 4.78 36.69
C13 BCL IC . -20.55 3.48 37.37
C14 BCL IC . -22.08 3.35 37.39
C15 BCL IC . -19.97 3.46 38.77
C16 BCL IC . -20.68 2.48 39.71
C17 BCL IC . -20.15 2.59 41.13
C18 BCL IC . -21.20 2.21 42.17
C19 BCL IC . -21.10 3.09 43.40
C20 BCL IC . -21.07 0.75 42.57
CM1 SPO JC . -19.36 -5.11 50.41
O1 SPO JC . -19.78 -4.17 49.42
C1 SPO JC . -20.79 -4.55 48.47
C2 SPO JC . -22.26 -4.39 48.82
C3 SPO JC . -20.38 -4.86 47.03
C4 SPO JC . -20.83 -3.05 48.13
C5 SPO JC . -19.49 -2.47 47.78
C6 SPO JC . -19.41 -1.56 46.81
C7 SPO JC . -18.14 -0.94 46.41
C8 SPO JC . -16.98 -0.87 47.37
C9 SPO JC . -18.04 -0.45 45.17
C10 SPO JC . -16.84 0.19 44.63
C11 SPO JC . -16.97 0.77 43.46
C12 SPO JC . -15.87 1.44 42.74
C13 SPO JC . -14.45 1.03 42.98
C14 SPO JC . -16.17 2.39 41.85
C15 SPO JC . -15.18 3.11 41.08
C16 SPO JC . -15.63 4.04 40.24
C17 SPO JC . -14.75 4.83 39.37
C18 SPO JC . -13.30 4.48 39.24
C19 SPO JC . -15.27 5.86 38.69
C20 SPO JC . -14.48 6.69 37.80
C21 SPO JC . -15.12 7.59 37.06
C22 SPO JC . -14.38 8.46 36.15
C23 SPO JC . -15.03 9.33 35.34
C24 SPO JC . -16.52 9.40 35.36
C25 SPO JC . -14.25 10.18 34.44
C26 SPO JC . -14.80 10.68 33.34
C27 SPO JC . -14.02 11.51 32.44
C28 SPO JC . -14.37 11.58 31.15
C29 SPO JC . -15.54 10.80 30.65
C30 SPO JC . -13.57 12.42 30.17
C31 SPO JC . -13.08 13.69 30.83
C32 SPO JC . -11.72 14.04 30.25
C33 SPO JC . -11.58 15.04 29.36
C34 SPO JC . -12.76 15.85 28.94
C35 SPO JC . -10.19 15.33 28.82
C36 SPO JC . -10.18 16.64 28.04
C37 SPO JC . -8.75 17.12 27.93
C38 SPO JC . -8.06 17.01 26.78
C39 SPO JC . -8.68 16.38 25.57
C40 SPO JC . -6.65 17.51 26.71
O1B LMT KC . 2.57 -11.11 32.70
C1' LMT KC . 0.88 -8.54 31.79
C2' LMT KC . 0.90 -8.70 33.29
C3' LMT KC . 0.61 -10.13 33.72
C4' LMT KC . 1.14 -11.14 32.71
C5' LMT KC . 0.60 -10.85 31.31
C6' LMT KC . -0.48 -11.85 30.93
O1' LMT KC . 0.35 -7.27 31.44
O2' LMT KC . 2.20 -8.33 33.77
O3' LMT KC . -0.81 -10.31 33.84
O5' LMT KC . 0.03 -9.55 31.25
O6' LMT KC . -0.87 -11.60 29.57
C1 LMT KC . -0.10 -7.26 30.09
C2 LMT KC . -0.81 -5.95 29.77
C3 LMT KC . 0.17 -4.87 29.34
C4 LMT KC . -0.52 -3.83 28.48
C5 LMT KC . -1.09 -4.46 27.22
C6 LMT KC . -1.44 -3.41 26.18
C7 LMT KC . -1.50 -4.00 24.78
C8 LMT KC . -1.53 -2.90 23.73
C9 LMT KC . -1.29 -3.45 22.34
C10 LMT KC . -1.19 -2.32 21.32
C11 LMT KC . -0.20 -1.26 21.78
C12 LMT KC . -0.14 -0.10 20.80
C1B LMT LC . -5.20 -14.34 32.09
O1B LMT LC . -5.96 -13.85 30.98
C1' LMT LC . -6.26 -10.15 29.14
C2' LMT LC . -4.85 -10.59 29.54
C3' LMT LC . -4.84 -12.09 29.76
C4' LMT LC . -5.86 -12.44 30.83
C5' LMT LC . -7.24 -11.89 30.44
C6' LMT LC . -8.25 -12.15 31.55
O1' LMT LC . -6.24 -8.75 28.90
O2' LMT LC . -3.92 -10.23 28.51
O3' LMT LC . -3.53 -12.49 30.17
O5' LMT LC . -7.17 -10.48 30.19
O6' LMT LC . -8.39 -13.56 31.75
C1 LMT LC . -7.18 -8.36 27.91
C2 LMT LC . -6.54 -7.29 27.04
C3 LMT LC . -7.39 -6.97 25.82
C4 LMT LC . -6.61 -6.08 24.87
C5 LMT LC . -7.47 -5.64 23.68
C6 LMT LC . -6.68 -4.75 22.74
P PGV MC . 5.57 22.01 20.22
C01 PGV MC . 3.68 18.52 21.55
C02 PGV MC . 3.93 19.45 22.73
C03 PGV MC . 4.36 20.82 22.22
C04 PGV MC . 6.71 22.27 17.86
C05 PGV MC . 7.31 21.33 16.82
C06 PGV MC . 6.23 20.89 15.85
O01 PGV MC . 4.98 18.87 23.50
O02 PGV MC . 3.92 19.78 25.34
O03 PGV MC . 4.90 17.87 21.24
O04 PGV MC . 3.85 15.86 20.86
O05 PGV MC . 7.85 20.19 17.49
O06 PGV MC . 5.94 21.95 14.94
O11 PGV MC . 4.78 20.76 20.87
O12 PGV MC . 5.82 21.54 18.71
O13 PGV MC . 6.92 22.11 20.89
O14 PGV MC . 4.66 23.22 20.21
C1 PGV MC . 4.78 19.02 24.93
C2 PGV MC . 5.63 18.24 25.90
C3 PGV MC . 5.30 16.75 25.78
C4 PGV MC . 6.21 15.92 26.68
C5 PGV MC . 5.66 14.53 26.92
C6 PGV MC . 6.08 13.54 25.84
C7 PGV MC . 5.41 12.19 26.02
C8 PGV MC . 6.07 11.12 25.17
C9 PGV MC . 5.20 9.88 25.03
C10 PGV MC . 3.98 10.16 24.15
C19 PGV MC . 4.92 16.45 20.98
C20 PGV MC . 6.22 15.70 20.86
C21 PGV MC . 5.93 14.21 20.92
C22 PGV MC . 7.18 13.36 20.80
C23 PGV MC . 6.84 11.90 21.06
C24 PGV MC . 7.85 10.96 20.42
C25 PGV MC . 7.14 9.75 19.82
C26 PGV MC . 6.26 10.16 18.64
C27 PGV MC . 4.79 9.83 18.89
C28 PGV MC . 4.61 8.35 19.23
C29 PGV MC . 3.16 8.06 19.60
C30 PGV MC . 2.96 6.58 19.91
MG BCL NC . -12.17 3.44 35.14
CHA BCL NC . -10.51 6.43 35.40
CHB BCL NC . -13.27 4.35 32.09
CHC BCL NC . -13.46 0.32 34.77
CHD BCL NC . -10.51 2.30 38.01
NA BCL NC . -12.11 5.12 34.04
C1A BCL NC . -11.47 6.22 34.27
C2A BCL NC . -11.73 7.31 33.27
C3A BCL NC . -12.78 6.70 32.40
C4A BCL NC . -12.74 5.28 32.86
CMA BCL NC . -14.17 7.28 32.63
CAA BCL NC . -10.49 7.59 32.42
CBA BCL NC . -10.52 9.02 31.89
CGA BCL NC . -9.57 9.14 30.73
O1A BCL NC . -9.05 8.15 30.25
O2A BCL NC . -9.24 10.42 30.13
NB BCL NC . -13.18 2.46 33.65
C1B BCL NC . -13.58 2.97 32.47
C2B BCL NC . -14.33 2.06 31.56
C3B BCL NC . -14.39 0.84 32.39
C4B BCL NC . -13.66 1.22 33.63
CMB BCL NC . -14.86 2.38 30.19
CAB BCL NC . -15.00 -0.49 32.11
OBB BCL NC . -14.57 -1.49 32.65
CBB BCL NC . -16.16 -0.58 31.16
NC BCL NC . -12.13 1.74 36.19
C1C BCL NC . -12.74 0.58 35.86
C2C BCL NC . -12.57 -0.52 36.84
C3C BCL NC . -11.83 0.18 37.94
C4C BCL NC . -11.51 1.50 37.30
CMC BCL NC . -13.92 -1.04 37.31
CAC BCL NC . -10.52 -0.50 38.30
CBC BCL NC . -10.74 -1.86 38.94
ND BCL NC . -10.78 4.09 36.48
C1D BCL NC . -10.19 3.64 37.59
C2D BCL NC . -9.24 4.63 38.21
C3D BCL NC . -9.41 5.74 37.27
C4D BCL NC . -10.30 5.37 36.35
CMD BCL NC . -8.30 4.70 39.39
CAD BCL NC . -8.96 7.12 37.00
OBD BCL NC . -8.10 7.79 37.69
CBD BCL NC . -9.65 7.61 35.76
CGD BCL NC . -10.41 8.87 36.04
O1D BCL NC . -11.37 8.88 36.79
O2D BCL NC . -9.96 10.12 35.44
CED BCL NC . -10.86 11.22 35.32
C1 BCL NC . -8.21 10.49 29.15
C2 BCL NC . -8.81 10.34 27.77
C3 BCL NC . -8.85 11.35 26.90
C4 BCL NC . -8.27 12.70 27.27
C5 BCL NC . -9.46 11.15 25.53
C6 BCL NC . -10.43 12.28 25.23
C7 BCL NC . -11.41 11.87 24.14
C8 BCL NC . -12.17 13.04 23.52
C9 BCL NC . -12.35 12.84 22.02
C10 BCL NC . -11.45 14.36 23.78
C11 BCL NC . -12.36 15.39 24.46
C12 BCL NC . -13.26 16.07 23.44
C13 BCL NC . -12.94 17.56 23.24
C14 BCL NC . -11.66 17.98 23.97
C15 BCL NC . -14.14 18.42 23.63
C16 BCL NC . -14.64 18.19 25.05
C17 BCL NC . -14.24 19.34 25.98
C18 BCL NC . -15.41 19.76 26.87
C19 BCL NC . -15.09 21.07 27.60
C20 BCL NC . -15.79 18.67 27.87
CM1 SPO OC . 5.14 0.96 33.17
O1 SPO OC . 4.70 2.02 34.00
C1 SPO OC . 3.33 2.16 34.37
C2 SPO OC . 2.53 2.60 33.16
C3 SPO OC . 2.82 0.82 34.87
C4 SPO OC . 3.23 3.19 35.47
C5 SPO OC . 3.77 4.53 35.01
C6 SPO OC . 2.96 5.57 35.05
C7 SPO OC . 3.36 6.93 34.62
C8 SPO OC . 4.76 7.23 34.18
C9 SPO OC . 2.42 7.88 34.65
C10 SPO OC . 2.64 9.28 34.27
C11 SPO OC . 1.63 10.10 34.51
C12 SPO OC . 1.63 11.53 34.20
C13 SPO OC . 2.89 12.27 33.89
C14 SPO OC . 0.45 12.16 34.21
C15 SPO OC . 0.27 13.58 33.92
C16 SPO OC . -0.98 14.00 33.84
C17 SPO OC . -1.38 15.39 33.54
C18 SPO OC . -0.36 16.49 33.53
C19 SPO OC . -2.66 15.62 33.27
C20 SPO OC . -3.17 16.94 32.94
C21 SPO OC . -4.41 17.05 32.49
C22 SPO OC . -4.99 18.33 32.13
C23 SPO OC . -6.26 18.42 31.73
C24 SPO OC . -7.11 17.19 31.65
C25 SPO OC . -6.82 19.74 31.39
C26 SPO OC . -7.97 19.86 30.74
C27 SPO OC . -8.45 21.20 30.46
C28 SPO OC . -9.62 21.43 29.85
C29 SPO OC . -10.52 20.29 29.45
C30 SPO OC . -10.05 22.85 29.60
C31 SPO OC . -10.50 23.04 28.17
C32 SPO OC . -9.53 23.96 27.45
C33 SPO OC . -9.93 25.18 27.06
C34 SPO OC . -11.32 25.65 27.33
C35 SPO OC . -8.96 26.10 26.35
C36 SPO OC . -8.89 27.42 27.08
C37 SPO OC . -8.54 28.53 26.13
C38 SPO OC . -8.86 29.80 26.39
C39 SPO OC . -8.50 30.89 25.43
C40 SPO OC . -9.58 30.14 27.66
MG BCL PC . -3.71 5.21 39.17
CHA BCL PC . -5.16 6.68 36.44
CHB BCL PC . -1.37 7.63 39.16
CHC BCL PC . -2.33 3.73 41.84
CHD BCL PC . -5.41 2.23 38.48
NA BCL PC . -3.47 6.96 38.20
C1A BCL PC . -4.19 7.45 37.26
C2A BCL PC . -3.87 8.87 36.91
C3A BCL PC . -2.54 9.06 37.59
C4A BCL PC . -2.44 7.80 38.40
CMA BCL PC . -1.40 9.08 36.59
CAA BCL PC . -4.90 9.87 37.42
CBA BCL PC . -4.98 11.05 36.47
CGA BCL PC . -4.25 12.27 37.00
O1A BCL PC . -4.81 13.36 37.03
O2A BCL PC . -2.89 12.17 37.48
NB BCL PC . -2.05 5.61 40.32
C1B BCL PC . -1.21 6.65 40.23
C2B BCL PC . -0.10 6.70 41.23
C3B BCL PC . -0.40 5.50 42.03
C4B BCL PC . -1.62 4.94 41.39
CMB BCL PC . 0.99 7.73 41.32
CAB BCL PC . 0.29 4.93 43.23
OBB BCL PC . -0.34 4.24 44.01
CBB BCL PC . 1.75 5.21 43.45
NC BCL PC . -3.81 3.40 40.00
C1C BCL PC . -3.14 3.01 41.09
C2C BCL PC . -3.37 1.59 41.49
C3C BCL PC . -4.32 1.14 40.42
C4C BCL PC . -4.50 2.37 39.61
CMC BCL PC . -2.07 0.81 41.45
CAC BCL PC . -5.67 0.72 40.99
CBC BCL PC . -5.69 -0.76 41.32
ND BCL PC . -4.99 4.47 37.78
C1D BCL PC . -5.65 3.33 37.56
C2D BCL PC . -6.54 3.38 36.35
C3D BCL PC . -6.29 4.77 35.93
C4D BCL PC . -5.44 5.31 36.79
CMD BCL PC . -7.47 2.46 35.62
CAD BCL PC . -6.67 5.76 34.91
OBD BCL PC . -7.48 5.58 33.93
CBD BCL PC . -5.94 7.04 35.21
CGD BCL PC . -5.11 7.43 34.04
O1D BCL PC . -4.25 6.70 33.58
O2D BCL PC . -5.32 8.73 33.40
CED BCL PC . -4.34 9.21 32.48
C1 BCL PC . -2.28 13.26 38.17
C2 BCL PC . -2.74 13.19 39.61
C3 BCL PC . -2.13 12.39 40.50
C4 BCL PC . -0.99 11.53 40.08
C5 BCL PC . -2.63 12.35 41.92
C6 BCL PC . -4.12 12.03 41.92
C7 BCL PC . -4.42 10.69 41.27
C8 BCL PC . -4.55 9.56 42.29
C9 BCL PC . -5.19 10.05 43.58
C10 BCL PC . -3.19 8.90 42.51
C11 BCL PC . -2.86 8.75 43.99
C12 BCL PC . -1.80 7.67 44.21
C13 BCL PC . -2.28 6.58 45.15
C14 BCL PC . -3.80 6.52 45.23
C15 BCL PC . -1.67 6.75 46.54
C16 BCL PC . -1.93 5.48 47.35
C17 BCL PC . -2.52 5.78 48.72
C18 BCL PC . -1.54 5.43 49.83
C19 BCL PC . -2.28 4.92 51.07
C20 BCL PC . -0.66 6.63 50.18
MG BCL QC . 4.41 5.88 40.73
CHA BCL QC . 6.49 8.59 40.44
CHB BCL QC . 2.50 7.06 38.24
CHC BCL QC . 2.70 2.93 40.76
CHD BCL QC . 6.61 4.46 43.07
NA BCL QC . 4.39 7.56 39.63
C1A BCL QC . 5.24 8.53 39.64
C2A BCL QC . 4.87 9.68 38.74
C3A BCL QC . 3.52 9.26 38.22
C4A BCL QC . 3.44 7.86 38.73
CMA BCL QC . 2.38 10.09 38.77
CAA BCL QC . 5.83 9.83 37.56
CBA BCL QC . 5.76 11.25 37.00
CGA BCL QC . 6.14 11.25 35.54
O1A BCL QC . 6.16 10.21 34.92
O2A BCL QC . 6.44 12.49 34.84
NB BCL QC . 2.85 5.10 39.65
C1B BCL QC . 2.15 5.71 38.68
C2B BCL QC . 1.05 4.93 38.06
C3B BCL QC . 1.11 3.69 38.84
C4B BCL QC . 2.23 3.91 39.78
CMB BCL QC . 0.13 5.38 36.95
CAB BCL QC . 0.28 2.44 38.75
OBB BCL QC . 0.76 1.37 39.05
CBB BCL QC . -1.14 2.53 38.27
NC BCL QC . 4.50 4.17 41.77
C1C BCL QC . 3.68 3.11 41.63
C2C BCL QC . 3.95 1.99 42.59
C3C BCL QC . 5.03 2.59 43.44
C4C BCL QC . 5.35 3.83 42.68
CMC BCL QC . 2.70 1.69 43.41
CAC BCL QC . 6.28 1.73 43.47
CBC BCL QC . 6.07 0.45 44.24
ND BCL QC . 6.20 6.29 41.62
C1D BCL QC . 7.00 5.74 42.54
C2D BCL QC . 8.22 6.57 42.84
C3D BCL QC . 7.95 7.70 41.96
C4D BCL QC . 6.80 7.49 41.33
CMD BCL QC . 9.45 6.49 43.71
CAD BCL QC . 8.52 9.01 41.53
OBD BCL QC . 9.61 9.53 41.96
CBD BCL QC . 7.59 9.61 40.54
CGD BCL QC . 7.14 10.96 40.99
O1D BCL QC . 6.46 11.11 41.99
O2D BCL QC . 7.54 12.13 40.23
CED BCL QC . 6.95 13.40 40.52
C1 BCL QC . 7.11 12.45 33.58
C2 BCL QC . 6.12 12.63 32.46
C3 BCL QC . 5.99 13.79 31.80
C4 BCL QC . 6.83 14.98 32.17
C5 BCL QC . 4.96 13.90 30.69
C6 BCL QC . 4.30 15.27 30.65
C7 BCL QC . 2.78 15.12 30.58
C8 BCL QC . 2.13 16.00 29.52
C9 BCL QC . 2.33 15.45 28.12
C10 BCL QC . 2.63 17.44 29.64
C11 BCL QC . 1.47 18.40 29.91
C12 BCL QC . 1.91 19.56 30.80
C13 BCL QC . 1.82 20.91 30.08
C14 BCL QC . 2.80 20.97 28.90
C15 BCL QC . 2.12 22.02 31.07
C16 BCL QC . 0.96 22.21 32.05
C17 BCL QC . 1.24 23.35 33.02
C18 BCL QC . 1.61 22.84 34.41
C19 BCL QC . 3.10 22.56 34.51
C20 BCL QC . 0.79 21.61 34.78
CM1 SPO RC . 18.49 1.16 33.81
O1 SPO RC . 18.97 2.13 34.75
C1 SPO RC . 18.11 2.59 35.80
C2 SPO RC . 16.91 3.29 35.17
C3 SPO RC . 17.65 1.40 36.63
C4 SPO RC . 18.91 3.56 36.66
C5 SPO RC . 19.32 4.76 35.85
C6 SPO RC . 18.97 5.96 36.30
C7 SPO RC . 19.30 7.21 35.61
C8 SPO RC . 20.31 7.25 34.50
C9 SPO RC . 18.66 8.32 36.01
C10 SPO RC . 18.86 9.64 35.45
C11 SPO RC . 18.16 10.61 36.02
C12 SPO RC . 18.20 12.02 35.62
C13 SPO RC . 19.29 12.54 34.74
C14 SPO RC . 17.21 12.81 36.05
C15 SPO RC . 17.11 14.23 35.73
C16 SPO RC . 15.97 14.82 36.05
C17 SPO RC . 15.70 16.26 35.80
C18 SPO RC . 16.82 17.19 35.41
C19 SPO RC . 14.45 16.70 35.93
C20 SPO RC . 14.08 18.09 35.71
C21 SPO RC . 12.79 18.40 35.66
C22 SPO RC . 12.39 19.79 35.45
C23 SPO RC . 11.08 20.12 35.38
C24 SPO RC . 10.04 19.04 35.48
C25 SPO RC . 10.68 21.53 35.20
C26 SPO RC . 9.45 21.87 34.84
C27 SPO RC . 9.14 23.29 34.71
C28 SPO RC . 7.95 23.73 34.26
C29 SPO RC . 6.89 22.75 33.86
C30 SPO RC . 7.70 25.21 34.16
C31 SPO RC . 7.80 25.71 32.73
C32 SPO RC . 8.46 27.07 32.76
C33 SPO RC . 8.68 27.79 31.65
C34 SPO RC . 8.26 27.28 30.31
C35 SPO RC . 9.34 29.15 31.75
C36 SPO RC . 8.57 30.15 30.91
C37 SPO RC . 9.19 31.53 31.08
C38 SPO RC . 9.21 32.41 30.08
C39 SPO RC . 8.60 32.06 28.75
C40 SPO RC . 9.82 33.76 30.27
CM1 SPO SC . -2.59 -2.25 56.06
O1 SPO SC . -1.91 -0.99 56.09
C1 SPO SC . -2.53 0.17 55.52
C2 SPO SC . -2.80 -0.09 54.05
C3 SPO SC . -3.83 0.47 56.26
C4 SPO SC . -1.55 1.34 55.70
C5 SPO SC . -0.51 1.27 54.61
C6 SPO SC . -0.17 2.36 53.95
C7 SPO SC . 0.85 2.27 52.89
C8 SPO SC . 1.42 0.94 52.53
C9 SPO SC . 1.23 3.38 52.24
C10 SPO SC . 2.21 3.37 51.15
C11 SPO SC . 2.08 4.37 50.29
C12 SPO SC . 2.93 4.59 49.11
C13 SPO SC . 4.10 3.71 48.77
C14 SPO SC . 2.60 5.63 48.33
C15 SPO SC . 3.30 6.05 47.12
C16 SPO SC . 2.85 7.16 46.56
C17 SPO SC . 3.42 7.75 45.33
C18 SPO SC . 4.55 7.08 44.63
C19 SPO SC . 2.89 8.90 44.89
C20 SPO SC . 3.41 9.55 43.69
C21 SPO SC . 2.81 10.66 43.25
C22 SPO SC . 3.35 11.30 42.06
C23 SPO SC . 2.79 12.40 41.53
C24 SPO SC . 1.58 13.04 42.13
C25 SPO SC . 3.43 12.98 40.32
C26 SPO SC . 2.79 13.74 39.44
C27 SPO SC . 3.56 14.23 38.31
C28 SPO SC . 3.00 14.86 37.27
C29 SPO SC . 1.53 15.11 37.22
C30 SPO SC . 3.90 15.33 36.14
C31 SPO SC . 3.67 16.83 35.95
C32 SPO SC . 4.84 17.46 35.25
C33 SPO SC . 4.62 18.45 34.36
C34 SPO SC . 3.21 18.88 34.10
C35 SPO SC . 5.76 19.12 33.64
C36 SPO SC . 5.94 18.50 32.26
C37 SPO SC . 6.59 19.51 31.35
C38 SPO SC . 7.85 19.36 30.93
C39 SPO SC . 8.66 18.18 31.37
C40 SPO SC . 8.46 20.38 30.03
MG BCL TC . 13.84 6.47 42.11
CHA BCL TC . 11.92 8.20 39.86
CHB BCL TC . 16.38 8.62 41.51
CHC BCL TC . 15.79 4.59 44.13
CHD BCL TC . 11.55 3.82 41.99
NA BCL TC . 14.05 8.19 41.09
C1A BCL TC . 13.18 8.79 40.35
C2A BCL TC . 13.58 10.16 39.90
C3A BCL TC . 15.05 10.16 40.20
C4A BCL TC . 15.18 8.91 41.01
CMA BCL TC . 15.88 10.05 38.94
CAA BCL TC . 12.86 11.28 40.64
CBA BCL TC . 12.63 12.44 39.70
CGA BCL TC . 13.36 13.68 40.16
O1A BCL TC . 12.79 14.75 40.21
O2A BCL TC . 14.75 13.62 40.55
NB BCL TC . 15.80 6.57 42.71
C1B BCL TC . 16.71 7.52 42.41
C2B BCL TC . 18.06 7.36 43.01
C3B BCL TC . 17.87 6.13 43.80
C4B BCL TC . 16.45 5.76 43.55
CMB BCL TC . 19.25 8.25 42.81
CAB BCL TC . 18.82 5.38 44.68
OBB BCL TC . 18.40 4.74 45.62
CBB BCL TC . 20.29 5.43 44.39
NC BCL TC . 13.68 4.67 42.96
C1C BCL TC . 14.60 4.12 43.78
C2C BCL TC . 14.18 2.79 44.36
C3C BCL TC . 12.89 2.54 43.63
C4C BCL TC . 12.74 3.80 42.83
CMC BCL TC . 15.19 1.71 44.04
CAC BCL TC . 11.72 2.39 44.58
CBC BCL TC . 11.41 0.92 44.81
ND BCL TC . 12.11 5.97 41.15
C1D BCL TC . 11.23 4.96 41.16
C2D BCL TC . 10.06 5.17 40.25
C3D BCL TC . 10.39 6.51 39.75
C4D BCL TC . 11.53 6.89 40.31
CMD BCL TC . 8.83 4.42 39.84
CAD BCL TC . 9.92 7.58 38.83
OBD BCL TC . 8.83 7.55 38.14
CBD BCL TC . 10.89 8.72 38.89
CGD BCL TC . 11.43 9.06 37.53
O1D BCL TC . 11.96 8.22 36.83
O2D BCL TC . 11.29 10.41 37.04
CED BCL TC . 11.90 10.81 35.82
C1 BCL TC . 15.38 14.78 41.07
C2 BCL TC . 15.73 14.54 42.53
C3 BCL TC . 16.98 14.21 42.88
C4 BCL TC . 18.05 14.08 41.84
C5 BCL TC . 17.31 13.98 44.33
C6 BCL TC . 16.28 13.02 44.92
C7 BCL TC . 16.49 11.61 44.37
C8 BCL TC . 15.31 10.70 44.69
C9 BCL TC . 14.00 11.47 44.73
C10 BCL TC . 15.60 10.00 46.00
C11 BCL TC . 16.36 8.70 45.77
C12 BCL TC . 17.53 8.56 46.74
C13 BCL TC . 17.32 7.44 47.74
C14 BCL TC . 16.19 7.75 48.72
C15 BCL TC . 18.62 7.22 48.49
C16 BCL TC . 18.44 6.23 49.64
C17 BCL TC . 19.61 6.32 50.62
C18 BCL TC . 19.15 6.03 52.04
C19 BCL TC . 19.15 4.53 52.33
C20 BCL TC . 17.79 6.64 52.33
MG BCL UC . 22.11 5.71 40.91
CHA BCL UC . 24.39 7.99 39.84
CHB BCL UC . 19.64 7.37 39.42
CHC BCL UC . 20.07 3.05 41.54
CHD BCL UC . 24.68 3.88 42.48
NA BCL UC . 22.00 7.39 39.82
C1A BCL UC . 22.97 8.18 39.48
C2A BCL UC . 22.52 9.35 38.64
C3A BCL UC . 21.03 9.16 38.59
C4A BCL UC . 20.86 7.88 39.33
CMA BCL UC . 20.25 10.27 39.27
CAA BCL UC . 23.11 9.32 37.24
CBA BCL UC . 22.62 10.53 36.44
CGA BCL UC . 23.61 10.95 35.40
O1A BCL UC . 24.60 10.28 35.15
O2A BCL UC . 23.39 12.18 34.64
NB BCL UC . 20.15 5.24 40.53
C1B BCL UC . 19.25 6.04 39.93
C2B BCL UC . 17.87 5.51 39.78
C3B BCL UC . 18.02 4.20 40.41
C4B BCL UC . 19.43 4.16 40.85
CMB BCL UC . 16.71 6.21 39.12
CAB BCL UC . 17.00 3.12 40.64
OBB BCL UC . 17.17 2.31 41.53
CBB BCL UC . 15.79 3.03 39.75
NC BCL UC . 22.25 3.98 41.93
C1C BCL UC . 21.28 3.07 42.09
C2C BCL UC . 21.64 1.92 42.98
C3C BCL UC . 23.00 2.35 43.45
C4C BCL UC . 23.28 3.51 42.56
CMC BCL UC . 20.63 1.81 44.13
CAC BCL UC . 24.06 1.29 43.21
CBC BCL UC . 23.67 -0.07 43.73
ND BCL UC . 24.13 5.77 41.16
C1D BCL UC . 25.10 5.09 41.80
C2D BCL UC . 26.46 5.69 41.65
C3D BCL UC . 26.12 6.87 40.84
C4D BCL UC . 24.79 6.86 40.64
CMD BCL UC . 27.88 5.40 42.07
CAD BCL UC . 26.70 8.06 40.20
OBD BCL UC . 27.94 8.39 40.21
CBD BCL UC . 25.61 8.83 39.53
CGD BCL UC . 25.54 10.20 40.11
O1D BCL UC . 25.48 10.37 41.31
O2D BCL UC . 25.59 11.36 39.23
CED BCL UC . 25.56 12.66 39.80
C1 BCL UC . 24.16 12.46 33.48
C2 BCL UC . 23.24 12.79 32.33
C3 BCL UC . 23.03 14.07 31.96
C4 BCL UC . 23.70 15.18 32.70
C5 BCL UC . 22.10 14.37 30.81
C6 BCL UC . 20.97 13.36 30.79
C7 BCL UC . 19.73 13.87 30.08
C8 BCL UC . 19.24 15.19 30.68
C9 BCL UC . 18.83 15.01 32.14
C10 BCL UC . 18.08 15.73 29.86
C11 BCL UC . 18.49 16.96 29.05
C12 BCL UC . 19.06 18.02 29.97
C13 BCL UC . 18.62 19.42 29.57
C14 BCL UC . 19.56 20.01 28.53
C15 BCL UC . 18.57 20.26 30.83
C16 BCL UC . 18.32 21.74 30.53
C17 BCL UC . 19.27 22.62 31.34
C18 BCL UC . 18.68 23.07 32.67
C19 BCL UC . 19.18 24.45 33.04
C20 BCL UC . 18.98 22.08 33.78
CM1 SPO VC . 31.01 -0.70 30.43
O1 SPO VC . 32.25 -0.16 30.87
C1 SPO VC . 32.38 0.31 32.21
C2 SPO VC . 31.29 1.34 32.48
C3 SPO VC . 32.23 -0.87 33.16
C4 SPO VC . 33.75 0.94 32.36
C5 SPO VC . 33.85 2.14 31.43
C6 SPO VC . 34.23 3.29 31.95
C7 SPO VC . 34.35 4.54 31.15
C8 SPO VC . 34.40 4.48 29.66
C9 SPO VC . 34.40 5.70 31.81
C10 SPO VC . 34.51 7.00 31.16
C11 SPO VC . 34.26 8.05 31.93
C12 SPO VC . 34.31 9.44 31.45
C13 SPO VC . 35.12 9.82 30.25
C14 SPO VC . 33.62 10.36 32.13
C15 SPO VC . 33.58 11.77 31.76
C16 SPO VC . 32.85 12.58 32.53
C17 SPO VC . 32.71 14.03 32.26
C18 SPO VC . 33.62 14.72 31.30
C19 SPO VC . 31.75 14.70 32.91
C20 SPO VC . 31.53 16.12 32.71
C21 SPO VC . 30.42 16.66 33.20
C22 SPO VC . 30.12 18.08 33.05
C23 SPO VC . 28.90 18.54 33.37
C24 SPO VC . 27.86 17.59 33.89
C25 SPO VC . 28.59 19.97 33.22
C26 SPO VC . 27.39 20.43 33.58
C27 SPO VC . 27.08 21.85 33.43
C28 SPO VC . 25.86 22.33 33.76
C29 SPO VC . 24.81 21.40 34.29
C30 SPO VC . 25.56 23.79 33.59
C31 SPO VC . 25.15 24.05 32.15
C32 SPO VC . 24.83 25.51 31.94
C33 SPO VC . 25.67 26.30 31.26
C34 SPO VC . 26.94 25.73 30.71
C35 SPO VC . 25.34 27.77 31.06
C36 SPO VC . 26.56 28.46 30.44
C37 SPO VC . 26.18 29.19 29.17
C38 SPO VC . 26.74 30.38 28.89
C39 SPO VC . 27.72 30.99 29.84
C40 SPO VC . 26.36 31.10 27.63
CM1 SPO WC . 18.82 -2.60 58.20
O1 SPO WC . 19.65 -1.56 57.68
C1 SPO WC . 19.22 -0.20 57.72
C2 SPO WC . 18.25 0.04 56.58
C3 SPO WC . 18.55 0.07 59.07
C4 SPO WC . 20.45 0.69 57.56
C5 SPO WC . 20.97 0.60 56.15
C6 SPO WC . 21.28 1.71 55.49
C7 SPO WC . 21.80 1.65 54.11
C8 SPO WC . 21.98 0.31 53.45
C9 SPO WC . 22.10 2.77 53.45
C10 SPO WC . 22.62 2.76 52.08
C11 SPO WC . 22.65 3.92 51.42
C12 SPO WC . 23.12 4.04 50.03
C13 SPO WC . 24.05 3.04 49.43
C14 SPO WC . 22.72 5.10 49.31
C15 SPO WC . 23.14 5.33 47.93
C16 SPO WC . 22.76 6.48 47.39
C17 SPO WC . 23.09 6.89 46.01
C18 SPO WC . 23.94 6.02 45.14
C19 SPO WC . 22.60 8.06 45.57
C20 SPO WC . 22.85 8.58 44.23
C21 SPO WC . 22.43 9.81 43.96
C22 SPO WC . 22.62 10.43 42.66
C23 SPO WC . 22.15 11.67 42.40
C24 SPO WC . 21.41 12.44 43.46
C25 SPO WC . 22.37 12.24 41.06
C26 SPO WC . 21.80 13.36 40.62
C27 SPO WC . 22.12 13.77 39.25
C28 SPO WC . 21.49 14.76 38.61
C29 SPO WC . 20.37 15.52 39.27
C30 SPO WC . 21.91 15.08 37.19
C31 SPO WC . 21.70 16.55 36.84
C32 SPO WC . 21.71 16.66 35.33
C33 SPO WC . 21.04 17.62 34.68
C34 SPO WC . 20.24 18.63 35.44
C35 SPO WC . 21.08 17.66 33.17
C36 SPO WC . 21.73 18.94 32.67
C37 SPO WC . 23.23 18.74 32.55
C38 SPO WC . 23.85 18.83 31.36
C39 SPO WC . 23.08 19.14 30.11
C40 SPO WC . 25.34 18.62 31.29
MG BCL XC . 31.38 4.52 39.22
CHA BCL XC . 29.21 6.60 37.63
CHB BCL XC . 33.84 5.84 37.38
CHC BCL XC . 33.45 2.65 40.97
CHD BCL XC . 28.79 2.30 39.95
NA BCL XC . 31.57 6.14 38.06
C1A BCL XC . 30.64 6.94 37.68
C2A BCL XC . 31.16 8.23 37.11
C3A BCL XC . 32.61 7.92 36.91
C4A BCL XC . 32.72 6.55 37.50
CMA BCL XC . 32.96 7.86 35.43
CAA BCL XC . 30.91 9.41 38.05
CBA BCL XC . 30.72 10.69 37.24
CGA BCL XC . 32.02 11.46 37.16
O1A BCL XC . 32.07 12.51 36.54
O2A BCL XC . 33.23 10.97 37.79
NB BCL XC . 33.41 4.26 39.16
C1B BCL XC . 34.31 4.87 38.38
C2B BCL XC . 35.73 4.47 38.59
C3B BCL XC . 35.58 3.51 39.70
C4B BCL XC . 34.13 3.46 39.96
CMB BCL XC . 36.95 4.97 37.87
CAB BCL XC . 36.61 2.68 40.43
OBB BCL XC . 36.29 1.63 40.94
CBB BCL XC . 38.02 3.21 40.55
NC BCL XC . 31.22 2.78 40.17
C1C BCL XC . 32.24 2.16 40.79
C2C BCL XC . 31.90 0.81 41.31
C3C BCL XC . 30.48 0.66 40.84
C4C BCL XC . 30.19 2.02 40.28
CMC BCL XC . 32.81 -0.23 40.71
CAC BCL XC . 29.51 0.38 41.97
CBC BCL XC . 29.84 -0.91 42.69
ND BCL XC . 29.39 4.35 38.88
C1D BCL XC . 28.40 3.50 39.22
C2D BCL XC . 27.06 3.94 38.72
C3D BCL XC . 27.44 5.21 38.08
C4D BCL XC . 28.76 5.37 38.24
CMD BCL XC . 25.65 3.43 38.74
CAD BCL XC . 26.89 6.37 37.32
OBD BCL XC . 25.67 6.54 37.00
CBD BCL XC . 28.02 7.31 37.03
CGD BCL XC . 28.15 7.63 35.57
O1D BCL XC . 28.49 6.81 34.75
O2D BCL XC . 27.82 8.98 35.12
CED BCL XC . 28.11 9.37 33.79
C1 BCL XC . 34.41 11.76 37.76
C2 BCL XC . 34.89 12.01 39.17
C3 BCL XC . 35.99 11.41 39.64
C4 BCL XC . 36.76 10.47 38.75
C5 BCL XC . 36.46 11.67 41.05
C6 BCL XC . 36.56 10.37 41.83
C7 BCL XC . 35.17 9.77 42.10
C8 BCL XC . 34.91 8.54 41.23
C9 BCL XC . 33.73 8.78 40.30
C10 BCL XC . 34.65 7.33 42.11
C11 BCL XC . 35.92 6.53 42.33
C12 BCL XC . 35.63 5.32 43.22
C13 BCL XC . 36.63 5.20 44.35
C14 BCL XC . 36.82 6.52 45.08
C15 BCL XC . 37.96 4.69 43.80
C16 BCL XC . 38.88 4.27 44.95
C17 BCL XC . 38.19 3.21 45.81
C18 BCL XC . 39.19 2.38 46.60
C19 BCL XC . 40.34 1.92 45.71
C20 BCL XC . 38.51 1.22 47.30
N1 LDA YC . 29.50 -11.77 33.56
O1 LDA YC . 29.44 -10.82 34.36
CM1 LDA YC . 30.63 -12.64 33.90
CM2 LDA YC . 28.26 -12.55 33.65
C1 LDA YC . 29.64 -11.26 32.18
C2 LDA YC . 31.00 -10.61 31.96
C3 LDA YC . 31.01 -9.72 30.73
C4 LDA YC . 30.40 -10.41 29.53
C5 LDA YC . 30.45 -9.55 28.27
C6 LDA YC . 31.84 -9.52 27.67
C7 LDA YC . 31.85 -8.75 26.36
C8 LDA YC . 33.23 -8.74 25.73
C1 CDL ZC . 33.00 20.23 7.60
O1 CDL ZC . 33.73 19.23 8.34
CA2 CDL ZC . 33.85 20.66 6.41
OA2 CDL ZC . 34.43 19.49 5.86
PA1 CDL ZC . 34.55 19.24 4.28
OA3 CDL ZC . 33.51 20.07 3.56
OA4 CDL ZC . 36.01 19.37 3.88
OA5 CDL ZC . 34.11 17.69 4.19
CA3 CDL ZC . 32.84 17.34 3.66
CA4 CDL ZC . 32.52 15.89 3.98
OA6 CDL ZC . 33.21 15.04 3.07
CA6 CDL ZC . 31.02 15.64 3.85
OA8 CDL ZC . 30.80 14.29 3.44
CA7 CDL ZC . 29.50 13.66 3.55
OA9 CDL ZC . 28.63 14.20 4.22
C31 CDL ZC . 29.24 12.36 2.84
C32 CDL ZC . 27.91 11.75 3.26
C33 CDL ZC . 27.62 10.49 2.46
C34 CDL ZC . 26.75 9.51 3.24
C35 CDL ZC . 26.69 8.15 2.55
C36 CDL ZC . 25.47 8.04 1.64
C37 CDL ZC . 24.23 7.61 2.41
C38 CDL ZC . 23.09 7.25 1.48
C39 CDL ZC . 21.97 6.54 2.23
CB2 CDL ZC . 32.68 21.39 8.52
OB2 CDL ZC . 32.03 20.81 9.66
PB2 CDL ZC . 31.91 21.56 11.07
OB3 CDL ZC . 30.47 21.97 11.28
OB4 CDL ZC . 33.02 22.59 11.17
OB5 CDL ZC . 32.24 20.34 12.07
CB3 CDL ZC . 32.59 20.56 13.44
CB4 CDL ZC . 33.66 19.55 13.81
OB6 CDL ZC . 34.75 19.67 12.90
CB6 CDL ZC . 33.10 18.14 13.73
OB8 CDL ZC . 34.11 17.21 14.08
MG BCL AD . 38.30 2.30 35.52
CHA BCL AD . 40.44 4.11 33.56
CHB BCL AD . 35.80 4.36 34.67
CHC BCL AD . 36.15 -0.08 36.64
CHD BCL AD . 40.77 -0.15 36.00
NA BCL AD . 38.16 4.01 34.49
C1A BCL AD . 39.07 4.61 33.81
C2A BCL AD . 38.64 5.94 33.27
C3A BCL AD . 37.29 6.13 33.91
C4A BCL AD . 37.04 4.74 34.40
CMA BCL AD . 37.33 7.13 35.06
CAA BCL AD . 38.53 5.94 31.76
CBA BCL AD . 38.43 7.37 31.23
CGA BCL AD . 38.73 7.39 29.74
O1A BCL AD . 39.29 6.46 29.20
O2A BCL AD . 38.38 8.56 28.95
NB BCL AD . 36.26 2.15 35.62
C1B BCL AD . 35.36 3.08 35.25
C2B BCL AD . 33.93 2.73 35.45
C3B BCL AD . 34.05 1.39 36.05
C4B BCL AD . 35.51 1.14 36.11
CMB BCL AD . 32.73 3.56 35.10
CAB BCL AD . 32.98 0.45 36.50
OBB BCL AD . 33.10 -0.75 36.31
CBB BCL AD . 31.78 1.01 37.20
NC BCL AD . 38.45 0.56 36.49
C1C BCL AD . 37.43 -0.16 36.99
C2C BCL AD . 37.87 -1.18 37.99
C3C BCL AD . 39.36 -0.93 38.01
C4C BCL AD . 39.51 -0.10 36.77
CMC BCL AD . 37.21 -0.94 39.34
CAC BCL AD . 40.16 -2.22 37.91
CBC BCL AD . 39.54 -3.23 36.97
ND BCL AD . 40.22 1.92 34.94
C1D BCL AD . 41.16 0.98 35.16
C2D BCL AD . 42.46 1.27 34.46
C3D BCL AD . 42.11 2.56 33.82
C4D BCL AD . 40.85 2.85 34.16
CMD BCL AD . 43.82 0.67 34.29
CAD BCL AD . 42.65 3.63 32.97
OBD BCL AD . 43.83 3.67 32.46
CBD BCL AD . 41.58 4.66 32.77
CGD BCL AD . 42.03 5.98 33.32
O1D BCL AD . 42.65 6.05 34.37
O2D BCL AD . 41.72 7.22 32.62
CED BCL AD . 41.76 8.46 33.31
C1 BCL AD . 38.12 8.42 27.55
C2 BCL AD . 36.75 9.01 27.27
C3 BCL AD . 36.60 10.12 26.55
C4 BCL AD . 37.79 10.82 25.97
C5 BCL AD . 35.21 10.67 26.31
C6 BCL AD . 35.29 12.18 26.16
C7 BCL AD . 34.61 12.63 24.87
C8 BCL AD . 33.17 13.09 25.13
C9 BCL AD . 32.66 13.97 23.98
C10 BCL AD . 33.08 13.78 26.49
C11 BCL AD . 32.89 15.29 26.44
C12 BCL AD . 34.24 16.02 26.41
C13 BCL AD . 34.28 17.14 27.44
C14 BCL AD . 33.07 18.05 27.32
C15 BCL AD . 35.58 17.92 27.30
C16 BCL AD . 35.61 19.13 28.23
C17 BCL AD . 37.05 19.51 28.61
C18 BCL AD . 37.37 19.06 30.03
C19 BCL AD . 38.37 20.00 30.69
C20 BCL AD . 37.87 17.62 30.07
P PGV BD . 41.25 14.94 8.25
C01 PGV BD . 39.51 12.74 11.03
C02 PGV BD . 40.72 13.34 11.74
C03 PGV BD . 41.30 14.42 10.84
C04 PGV BD . 40.97 14.48 5.68
C05 PGV BD . 40.74 13.34 4.69
C06 PGV BD . 42.06 12.64 4.38
O01 PGV BD . 41.68 12.32 11.96
O02 PGV BD . 42.36 13.53 13.81
O03 PGV BD . 39.16 11.51 11.66
O04 PGV BD . 38.65 10.48 9.66
O05 PGV BD . 40.18 13.86 3.48
O06 PGV BD . 41.81 11.53 3.51
O11 PGV BD . 41.39 13.93 9.51
O12 PGV BD . 41.26 13.96 6.98
O13 PGV BD . 42.50 15.79 8.21
O14 PGV BD . 39.89 15.59 8.32
C1 PGV BD . 42.35 12.45 13.24
C2 PGV BD . 43.02 11.26 13.87
C3 PGV BD . 44.19 10.80 13.01
C4 PGV BD . 44.31 9.28 13.00
C5 PGV BD . 43.16 8.65 12.22
C6 PGV BD . 43.04 7.16 12.53
C7 PGV BD . 42.58 6.94 13.96
C8 PGV BD . 42.23 5.47 14.20
C9 PGV BD . 41.18 4.99 13.20
C10 PGV BD . 40.02 4.30 13.90
C11 PGV BD . 39.28 5.31 14.74
C12 PGV BD . 37.95 5.38 14.67
C13 PGV BD . 37.20 6.39 15.51
C14 PGV BD . 36.30 7.23 14.61
C19 PGV BD . 38.60 10.43 10.88
C20 PGV BD . 37.93 9.26 11.58
C21 PGV BD . 37.75 8.10 10.61
C22 PGV BD . 39.08 7.38 10.37
C23 PGV BD . 38.87 6.03 9.71
C24 PGV BD . 37.93 5.16 10.54
C25 PGV BD . 37.62 3.86 9.82
C26 PGV BD . 38.75 2.85 9.95
C27 PGV BD . 38.70 2.13 11.29
C28 PGV BD . 37.53 1.17 11.35
C29 PGV BD . 37.63 0.24 12.56
C30 PGV BD . 36.68 -0.94 12.43
CM1 SPO CD . 42.67 -4.39 20.70
O1 SPO CD . 43.96 -3.89 20.97
C1 SPO CD . 44.45 -3.89 22.32
C2 SPO CD . 43.53 -3.01 23.17
C3 SPO CD . 44.44 -5.32 22.84
C4 SPO CD . 45.86 -3.32 22.31
C5 SPO CD . 45.89 -2.03 21.51
C6 SPO CD . 46.21 -0.90 22.14
C7 SPO CD . 46.26 0.38 21.42
C8 SPO CD . 46.09 0.46 19.94
C9 SPO CD . 46.47 1.51 22.13
C10 SPO CD . 46.54 2.82 21.51
C11 SPO CD . 46.65 3.87 22.32
C12 SPO CD . 46.72 5.26 21.83
C13 SPO CD . 47.01 5.57 20.39
C14 SPO CD . 46.50 6.23 22.73
C15 SPO CD . 46.52 7.65 22.43
C16 SPO CD . 46.24 8.47 23.44
C17 SPO CD . 46.23 9.93 23.34
C18 SPO CD . 46.71 10.63 22.10
C19 SPO CD . 45.77 10.64 24.39
C20 SPO CD . 45.73 12.10 24.38
C21 SPO CD . 44.85 12.73 25.14
C22 SPO CD . 44.85 14.19 25.14
C23 SPO CD . 43.86 14.92 25.69
C24 SPO CD . 42.68 14.25 26.34
C25 SPO CD . 43.97 16.38 25.64
C26 SPO CD . 42.95 17.20 25.87
C27 SPO CD . 43.24 18.63 25.79
C28 SPO CD . 42.29 19.57 25.90
C29 SPO CD . 40.85 19.19 26.10
C30 SPO CD . 42.71 21.01 25.81
C31 SPO CD . 42.00 21.74 24.67
C32 SPO CD . 43.03 22.45 23.82
C33 SPO CD . 42.74 23.60 23.20
C34 SPO CD . 41.37 24.21 23.35
C35 SPO CD . 43.77 24.30 22.35
C36 SPO CD . 43.61 25.81 22.47
C37 SPO CD . 44.27 26.45 21.26
C38 SPO CD . 43.65 27.40 20.53
C39 SPO CD . 44.35 27.99 19.35
C40 SPO CD . 42.27 27.86 20.89
MG BCL DD . 46.33 -0.20 30.19
CHA BCL DD . 44.21 2.31 29.34
CHB BCL DD . 48.10 0.53 27.50
CHC BCL DD . 48.52 -2.34 31.33
CHD BCL DD . 43.76 -1.91 31.80
NA BCL DD . 46.42 1.36 28.97
C1A BCL DD . 45.62 2.36 28.91
C2A BCL DD . 46.22 3.54 28.19
C3A BCL DD . 47.40 2.91 27.49
C4A BCL DD . 47.34 1.51 28.01
CMA BCL DD . 47.23 2.91 25.98
CAA BCL DD . 46.59 4.67 29.14
CBA BCL DD . 46.04 5.98 28.62
CGA BCL DD . 47.02 6.68 27.70
O1A BCL DD . 46.95 7.89 27.52
O2A BCL DD . 48.06 5.93 26.99
NB BCL DD . 48.12 -0.87 29.46
C1B BCL DD . 48.77 -0.47 28.36
C2B BCL DD . 50.08 -1.13 28.11
C3B BCL DD . 50.19 -2.01 29.29
C4B BCL DD . 48.95 -1.74 30.06
CMB BCL DD . 51.00 -0.90 26.94
CAB BCL DD . 51.26 -2.96 29.73
OBB BCL DD . 51.34 -3.29 30.90
CBB BCL DD . 52.22 -3.51 28.70
NC BCL DD . 46.19 -1.89 31.22
C1C BCL DD . 47.24 -2.65 31.54
C2C BCL DD . 46.86 -3.96 32.17
C3C BCL DD . 45.36 -3.86 32.12
C4C BCL DD . 45.13 -2.46 31.68
CMC BCL DD . 47.40 -5.10 31.33
CAC BCL DD . 44.71 -4.06 33.50
CBC BCL DD . 45.09 -5.39 34.11
ND BCL DD . 44.35 0.02 30.53
C1D BCL DD . 43.38 -0.64 31.20
C2D BCL DD . 42.06 0.08 31.15
C3D BCL DD . 42.45 1.27 30.37
C4D BCL DD . 43.75 1.16 30.10
CMD BCL DD . 40.65 -0.13 31.63
CAD BCL DD . 41.93 2.54 29.81
OBD BCL DD . 40.72 2.97 29.90
CBD BCL DD . 43.06 3.25 29.12
CGD BCL DD . 42.74 3.52 27.68
O1D BCL DD . 43.34 2.96 26.77
O2D BCL DD . 41.70 4.48 27.35
CED BCL DD . 41.87 5.36 26.24
C1 BCL DD . 48.91 6.60 26.06
C2 BCL DD . 50.07 7.19 26.81
C3 BCL DD . 51.25 6.56 26.93
C4 BCL DD . 51.45 5.21 26.30
C5 BCL DD . 52.37 7.20 27.71
C6 BCL DD . 51.81 7.87 28.97
C7 BCL DD . 51.85 6.94 30.19
C8 BCL DD . 50.80 5.85 30.11
C9 BCL DD . 49.82 5.92 31.29
C10 BCL DD . 51.50 4.49 30.03
C11 BCL DD . 51.97 4.02 31.41
C12 BCL DD . 52.59 2.63 31.33
C13 BCL DD . 51.71 1.67 30.54
C14 BCL DD . 50.46 1.29 31.35
C15 BCL DD . 52.52 0.42 30.19
C16 BCL DD . 52.82 -0.40 31.43
C17 BCL DD . 53.97 -1.37 31.19
C18 BCL DD . 54.43 -2.05 32.47
C19 BCL DD . 54.43 -1.10 33.65
C20 BCL DD . 55.79 -2.70 32.28
MG BCL ED . 50.93 -3.15 24.21
CHA BCL ED . 52.34 -1.46 21.61
CHB BCL ED . 48.57 -0.81 24.48
CHC BCL ED . 48.96 -5.52 25.60
CHD BCL ED . 53.09 -5.86 23.68
NA BCL ED . 50.61 -1.38 23.36
C1A BCL ED . 51.25 -0.82 22.39
C2A BCL ED . 50.80 0.58 22.10
C3A BCL ED . 49.87 0.86 23.25
C4A BCL ED . 49.65 -0.53 23.76
CMA BCL ED . 50.52 1.72 24.32
CAA BCL ED . 50.07 0.68 20.77
CBA BCL ED . 49.88 2.15 20.36
CGA BCL ED . 49.68 2.27 18.88
O1A BCL ED . 49.85 1.30 18.14
O2A BCL ED . 49.28 3.54 18.30
NB BCL ED . 49.02 -3.18 24.93
C1B BCL ED . 48.16 -2.13 24.98
C2B BCL ED . 46.83 -2.41 25.58
C3B BCL ED . 46.96 -3.85 25.92
C4B BCL ED . 48.33 -4.20 25.48
CMB BCL ED . 45.69 -1.44 25.75
CAB BCL ED . 45.97 -4.78 26.56
OBB BCL ED . 46.39 -5.72 27.22
CBB BCL ED . 44.49 -4.56 26.38
NC BCL ED . 51.18 -4.98 24.95
C1C BCL ED . 50.28 -5.68 25.65
C2C BCL ED . 50.93 -6.77 26.45
C3C BCL ED . 52.39 -6.55 26.10
C4C BCL ED . 52.22 -5.71 24.86
CMC BCL ED . 50.64 -6.62 27.94
CAC BCL ED . 53.12 -7.84 25.80
CBC BCL ED . 54.57 -7.76 26.26
ND BCL ED . 52.43 -3.68 22.94
C1D BCL ED . 53.25 -4.73 22.75
C2D BCL ED . 54.21 -4.52 21.62
C3D BCL ED . 53.80 -3.17 21.19
C4D BCL ED . 52.81 -2.78 21.99
CMD BCL ED . 55.32 -5.26 20.91
CAD BCL ED . 54.09 -2.12 20.19
OBD BCL ED . 54.98 -2.17 19.27
CBD BCL ED . 53.15 -0.96 20.44
CGD BCL ED . 53.97 0.25 20.79
O1D BCL ED . 55.02 0.14 21.39
O2D BCL ED . 53.50 1.57 20.41
CED BCL ED . 54.06 2.73 21.03
C1 BCL ED . 49.19 3.69 16.88
C2 BCL ED . 47.80 4.17 16.51
C3 BCL ED . 47.48 5.48 16.57
C4 BCL ED . 48.49 6.49 17.00
C5 BCL ED . 46.08 5.90 16.19
C6 BCL ED . 45.61 7.01 17.13
C7 BCL ED . 45.44 8.34 16.40
C8 BCL ED . 45.58 9.51 17.35
C9 BCL ED . 44.54 9.45 18.46
C10 BCL ED . 45.46 10.82 16.59
C11 BCL ED . 46.82 11.31 16.09
C12 BCL ED . 46.88 12.83 16.08
C13 BCL ED . 48.01 13.33 16.98
C14 BCL ED . 47.86 12.83 18.41
C15 BCL ED . 48.05 14.86 16.92
C16 BCL ED . 49.29 15.38 17.64
C17 BCL ED . 50.55 14.81 16.98
C18 BCL ED . 51.72 14.81 17.95
C19 BCL ED . 53.03 14.63 17.21
C20 BCL ED . 51.53 13.75 19.03
N1 LDA FD . 3.20 -7.34 -40.43
O1 LDA FD . 4.24 -7.99 -40.67
CM1 LDA FD . 2.78 -6.64 -41.65
CM2 LDA FD . 3.48 -6.35 -39.38
C1 LDA FD . 2.14 -8.25 -40.00
C2 LDA FD . 2.51 -8.87 -38.65
C3 LDA FD . 1.40 -9.78 -38.13
C4 LDA FD . 1.68 -10.16 -36.68
C5 LDA FD . 0.66 -11.15 -36.14
C6 LDA FD . 0.94 -11.46 -34.68
C7 LDA FD . 0.03 -12.56 -34.15
C8 LDA FD . 0.30 -12.82 -32.67
C9 LDA FD . -0.32 -14.14 -32.24
#